data_4QPZ
#
_entry.id   4QPZ
#
_cell.length_a   99.878
_cell.length_b   136.564
_cell.length_c   167.062
_cell.angle_alpha   90.00
_cell.angle_beta   95.36
_cell.angle_gamma   90.00
#
_symmetry.space_group_name_H-M   'P 1 21 1'
#
loop_
_entity.id
_entity.type
_entity.pdbx_description
1 polymer Formolase
2 non-polymer 'MAGNESIUM ION'
3 non-polymer 'THIAMINE DIPHOSPHATE'
4 water water
#
_entity_poly.entity_id   1
_entity_poly.type   'polypeptide(L)'
_entity_poly.pdbx_seq_one_letter_code
;AMITGGELVVRTLIKAGVEHLFGLHGIHIDTIFQACLDHDVPIIDTRHEAAAGHAAEGYARAGAKLGVALVTAGGGFTNA
VTPIANAWLDRTPVLFLTGSGALRDDETNTLQAGIDQVAMAAPITKWAHRVMATEHIPRLVMQAIRAALSAPRGPVLLDL
PWDILMNQIDEDSVIIPDLVLSAHGARPDPADLDQALALLRKAERPVIVLGSEASRTARKTALSAFVAATGVPVFADYEG
LSMLSGLPDAMRGGLVQNLYSFAKADAAPDLVLMLGARFGLNTGHGSGQLIPHSAQVIQVDPDACELGRLQGIALGIVAD
VGGTIEALAQATAQDAAWPDRGDWCAKVTDLAQERYASIAAKSSSEHALHPFHASQVIAKHVDAGVTVVADGGLTYLWLS
EVMSRVKPGGFLCHGYLNSMGVGFGTALGAQVADLEAGRRTILVTGDGSVGYSIGEFDTLVRKQLPLIVIIMNNQSWGWT
LHFQQLAVGPNRVTGTRLENGSYHGVAAAFGADGYHVDSVESFSAALAQALAHNRPACINVAVALDPIPPEELILIGMDP
FAGSTENLYFQSGALEHHHHHH
;
_entity_poly.pdbx_strand_id   A,B,C,D,E,F,G,H
#
loop_
_chem_comp.id
_chem_comp.type
_chem_comp.name
_chem_comp.formula
MG non-polymer 'MAGNESIUM ION' 'Mg 2'
TPP non-polymer 'THIAMINE DIPHOSPHATE' 'C12 H19 N4 O7 P2 S 1'
#
# COMPACT_ATOMS: atom_id res chain seq x y z
N ALA A 1 -17.67 -22.56 -70.31
CA ALA A 1 -18.41 -23.15 -69.15
C ALA A 1 -18.30 -22.27 -67.88
N MET A 2 -18.12 -22.91 -66.73
CA MET A 2 -18.32 -22.25 -65.46
C MET A 2 -17.04 -21.98 -64.70
N ILE A 3 -17.01 -20.81 -64.07
CA ILE A 3 -15.86 -20.39 -63.29
C ILE A 3 -16.28 -20.37 -61.83
N THR A 4 -15.29 -20.15 -60.96
CA THR A 4 -15.53 -20.10 -59.53
C THR A 4 -15.61 -18.66 -59.10
N GLY A 5 -16.38 -18.42 -58.03
CA GLY A 5 -16.42 -17.14 -57.36
C GLY A 5 -15.03 -16.59 -57.13
N GLY A 6 -14.10 -17.47 -56.79
CA GLY A 6 -12.68 -17.13 -56.70
C GLY A 6 -12.13 -16.50 -57.97
N GLU A 7 -12.43 -17.16 -59.11
CA GLU A 7 -12.01 -16.66 -60.44
C GLU A 7 -12.58 -15.28 -60.73
N LEU A 8 -13.87 -15.10 -60.43
CA LEU A 8 -14.53 -13.81 -60.63
C LEU A 8 -13.77 -12.67 -59.96
N VAL A 9 -13.16 -12.94 -58.82
CA VAL A 9 -12.47 -11.91 -58.05
C VAL A 9 -11.21 -11.47 -58.78
N VAL A 10 -10.35 -12.44 -59.05
CA VAL A 10 -9.12 -12.24 -59.79
C VAL A 10 -9.33 -11.54 -61.14
N ARG A 11 -10.29 -12.04 -61.92
CA ARG A 11 -10.66 -11.38 -63.17
C ARG A 11 -10.99 -9.91 -62.94
N THR A 12 -11.80 -9.62 -61.90
CA THR A 12 -12.21 -8.24 -61.58
C THR A 12 -11.03 -7.34 -61.19
N LEU A 13 -10.16 -7.83 -60.31
CA LEU A 13 -8.89 -7.16 -60.01
C LEU A 13 -8.03 -6.94 -61.28
N ILE A 14 -8.00 -7.90 -62.21
CA ILE A 14 -7.25 -7.68 -63.46
C ILE A 14 -7.83 -6.52 -64.27
N LYS A 15 -9.16 -6.45 -64.42
CA LYS A 15 -9.74 -5.27 -65.09
C LYS A 15 -9.45 -3.94 -64.36
N ALA A 16 -9.15 -3.99 -63.06
CA ALA A 16 -8.70 -2.81 -62.32
C ALA A 16 -7.24 -2.45 -62.65
N GLY A 17 -6.40 -3.46 -62.85
CA GLY A 17 -4.99 -3.23 -63.11
C GLY A 17 -4.11 -3.64 -61.94
N VAL A 18 -4.53 -4.68 -61.21
CA VAL A 18 -3.80 -5.22 -60.06
C VAL A 18 -2.76 -6.21 -60.57
N GLU A 19 -1.55 -6.15 -60.05
CA GLU A 19 -0.46 -6.95 -60.62
C GLU A 19 0.27 -7.72 -59.55
N HIS A 20 -0.09 -7.41 -58.31
CA HIS A 20 0.47 -8.09 -57.16
C HIS A 20 -0.56 -8.11 -56.04
N LEU A 21 -0.70 -9.27 -55.40
CA LEU A 21 -1.39 -9.35 -54.11
C LEU A 21 -0.46 -9.96 -53.07
N PHE A 22 -0.60 -9.49 -51.84
CA PHE A 22 0.14 -10.07 -50.74
C PHE A 22 -0.90 -10.82 -49.92
N GLY A 23 -0.48 -11.87 -49.22
CA GLY A 23 -1.44 -12.71 -48.54
C GLY A 23 -0.77 -13.91 -47.93
N LEU A 24 -1.57 -14.83 -47.41
CA LEU A 24 -1.02 -16.02 -46.80
C LEU A 24 -2.06 -17.12 -46.90
N HIS A 25 -1.65 -18.29 -47.40
CA HIS A 25 -2.63 -19.28 -47.82
C HIS A 25 -3.41 -19.97 -46.73
N GLY A 26 -4.73 -20.05 -46.97
CA GLY A 26 -5.70 -20.86 -46.23
C GLY A 26 -6.68 -21.46 -47.22
N ILE A 27 -7.27 -22.60 -46.90
CA ILE A 27 -8.10 -23.31 -47.88
C ILE A 27 -9.36 -22.52 -48.27
N HIS A 28 -9.76 -21.63 -47.37
CA HIS A 28 -10.96 -20.80 -47.52
C HIS A 28 -10.85 -19.77 -48.60
N ILE A 29 -9.60 -19.48 -48.98
CA ILE A 29 -9.31 -18.47 -49.98
C ILE A 29 -8.47 -19.07 -51.11
N ASP A 30 -8.45 -20.39 -51.18
CA ASP A 30 -7.61 -21.01 -52.18
C ASP A 30 -8.08 -20.73 -53.59
N THR A 31 -9.37 -20.51 -53.75
CA THR A 31 -9.90 -20.35 -55.09
C THR A 31 -9.37 -19.08 -55.74
N ILE A 32 -9.02 -18.08 -54.92
CA ILE A 32 -8.32 -16.92 -55.43
C ILE A 32 -6.90 -17.32 -55.79
N PHE A 33 -6.30 -18.16 -54.96
CA PHE A 33 -4.94 -18.60 -55.23
C PHE A 33 -4.84 -19.32 -56.56
N GLN A 34 -5.83 -20.16 -56.86
CA GLN A 34 -5.80 -20.92 -58.10
C GLN A 34 -5.91 -20.00 -59.31
N ALA A 35 -6.76 -18.98 -59.17
CA ALA A 35 -6.99 -18.03 -60.25
C ALA A 35 -5.76 -17.17 -60.52
N CYS A 36 -4.93 -16.96 -59.50
CA CYS A 36 -3.73 -16.16 -59.69
C CYS A 36 -2.59 -16.93 -60.33
N LEU A 37 -2.49 -18.20 -59.98
CA LEU A 37 -1.66 -19.17 -60.66
C LEU A 37 -1.93 -19.13 -62.17
N ASP A 38 -3.23 -19.19 -62.52
CA ASP A 38 -3.69 -19.12 -63.92
C ASP A 38 -3.25 -17.87 -64.68
N HIS A 39 -3.37 -16.69 -64.07
CA HIS A 39 -3.06 -15.47 -64.80
C HIS A 39 -1.69 -14.88 -64.45
N ASP A 40 -0.76 -15.76 -64.05
CA ASP A 40 0.59 -15.34 -63.66
C ASP A 40 0.67 -14.02 -62.88
N VAL A 41 -0.37 -13.74 -62.10
CA VAL A 41 -0.35 -12.62 -61.17
C VAL A 41 0.29 -13.11 -59.87
N PRO A 42 1.47 -12.57 -59.52
CA PRO A 42 2.16 -13.09 -58.35
C PRO A 42 1.43 -12.74 -57.05
N ILE A 43 1.35 -13.73 -56.17
CA ILE A 43 0.92 -13.56 -54.81
C ILE A 43 2.15 -13.72 -53.96
N ILE A 44 2.48 -12.69 -53.19
CA ILE A 44 3.61 -12.76 -52.30
C ILE A 44 3.08 -13.17 -50.94
N ASP A 45 3.39 -14.41 -50.57
CA ASP A 45 2.97 -14.97 -49.30
C ASP A 45 4.04 -14.75 -48.28
N THR A 46 3.64 -14.18 -47.16
CA THR A 46 4.54 -13.87 -46.06
C THR A 46 4.51 -14.99 -45.00
N ARG A 47 5.06 -14.72 -43.82
CA ARG A 47 5.06 -15.66 -42.70
C ARG A 47 3.97 -15.41 -41.66
N HIS A 48 3.26 -14.28 -41.81
CA HIS A 48 2.31 -13.77 -40.83
C HIS A 48 1.37 -12.92 -41.63
N GLU A 49 0.05 -13.04 -41.43
CA GLU A 49 -0.83 -12.17 -42.20
C GLU A 49 -0.56 -10.68 -42.05
N ALA A 50 0.02 -10.27 -40.92
CA ALA A 50 0.20 -8.85 -40.63
C ALA A 50 1.26 -8.28 -41.51
N ALA A 51 2.36 -9.01 -41.61
CA ALA A 51 3.44 -8.59 -42.44
C ALA A 51 2.93 -8.48 -43.89
N ALA A 52 1.94 -9.29 -44.24
CA ALA A 52 1.39 -9.20 -45.61
C ALA A 52 0.55 -7.92 -45.77
N GLY A 53 -0.27 -7.63 -44.77
CA GLY A 53 -1.12 -6.44 -44.77
C GLY A 53 -0.30 -5.16 -44.87
N HIS A 54 0.70 -5.04 -44.02
CA HIS A 54 1.61 -3.92 -44.14
C HIS A 54 2.32 -3.85 -45.48
N ALA A 55 2.55 -4.99 -46.12
CA ALA A 55 3.22 -5.02 -47.42
C ALA A 55 2.32 -4.44 -48.48
N ALA A 56 1.03 -4.72 -48.39
CA ALA A 56 0.09 -4.07 -49.28
C ALA A 56 0.08 -2.56 -49.05
N GLU A 57 0.34 -2.10 -47.84
CA GLU A 57 0.37 -0.68 -47.61
C GLU A 57 1.58 -0.09 -48.30
N GLY A 58 2.73 -0.73 -48.10
CA GLY A 58 4.00 -0.24 -48.65
C GLY A 58 3.97 -0.26 -50.16
N TYR A 59 3.33 -1.28 -50.70
CA TYR A 59 3.08 -1.36 -52.14
C TYR A 59 2.25 -0.17 -52.57
N ALA A 60 1.21 0.11 -51.81
CA ALA A 60 0.24 1.11 -52.19
C ALA A 60 0.84 2.50 -52.15
N ARG A 61 1.65 2.72 -51.12
CA ARG A 61 2.15 4.05 -50.77
C ARG A 61 3.26 4.40 -51.71
N ALA A 62 4.28 3.56 -51.75
CA ALA A 62 5.41 3.79 -52.62
C ALA A 62 5.07 3.56 -54.09
N GLY A 63 4.02 2.77 -54.32
CA GLY A 63 3.51 2.54 -55.67
C GLY A 63 2.55 3.60 -56.20
N ALA A 64 1.94 4.36 -55.29
CA ALA A 64 0.91 5.35 -55.61
C ALA A 64 -0.25 4.73 -56.41
N LYS A 65 -0.56 3.49 -56.06
CA LYS A 65 -1.67 2.74 -56.65
C LYS A 65 -2.41 2.09 -55.51
N LEU A 66 -3.37 1.23 -55.85
CA LEU A 66 -4.04 0.41 -54.86
C LEU A 66 -3.20 -0.78 -54.45
N GLY A 67 -3.20 -1.08 -53.16
CA GLY A 67 -2.50 -2.26 -52.66
C GLY A 67 -3.53 -3.29 -52.24
N VAL A 68 -3.27 -4.55 -52.57
CA VAL A 68 -4.24 -5.58 -52.25
C VAL A 68 -3.71 -6.64 -51.32
N ALA A 69 -4.56 -7.00 -50.35
CA ALA A 69 -4.25 -7.97 -49.31
C ALA A 69 -5.30 -9.08 -49.26
N LEU A 70 -4.81 -10.31 -49.11
CA LEU A 70 -5.64 -11.48 -49.13
C LEU A 70 -5.34 -12.37 -47.91
N VAL A 71 -6.31 -12.50 -47.03
CA VAL A 71 -6.08 -13.24 -45.81
C VAL A 71 -7.20 -14.23 -45.66
N THR A 72 -6.88 -15.37 -45.05
CA THR A 72 -7.84 -16.47 -44.87
C THR A 72 -8.90 -16.18 -43.78
N ALA A 73 -9.77 -17.12 -43.49
CA ALA A 73 -10.81 -16.87 -42.52
C ALA A 73 -10.28 -16.91 -41.09
N GLY A 74 -10.94 -16.20 -40.19
CA GLY A 74 -10.70 -16.38 -38.78
C GLY A 74 -9.40 -15.81 -38.26
N GLY A 75 -8.46 -16.69 -37.95
CA GLY A 75 -7.17 -16.20 -37.49
C GLY A 75 -6.51 -15.42 -38.61
N GLY A 76 -6.92 -15.69 -39.84
CA GLY A 76 -6.26 -15.12 -40.99
C GLY A 76 -6.58 -13.66 -41.02
N PHE A 77 -7.85 -13.38 -40.80
CA PHE A 77 -8.35 -12.03 -40.74
C PHE A 77 -7.78 -11.34 -39.53
N THR A 78 -7.88 -11.95 -38.35
CA THR A 78 -7.60 -11.20 -37.11
C THR A 78 -6.13 -10.80 -37.05
N ASN A 79 -5.26 -11.67 -37.56
CA ASN A 79 -3.88 -11.29 -37.79
C ASN A 79 -3.64 -10.08 -38.67
N ALA A 80 -4.66 -9.58 -39.35
CA ALA A 80 -4.48 -8.52 -40.35
C ALA A 80 -5.09 -7.21 -39.89
N VAL A 81 -5.54 -7.18 -38.64
CA VAL A 81 -6.18 -6.00 -38.09
C VAL A 81 -5.20 -4.83 -37.90
N THR A 82 -4.04 -5.07 -37.31
CA THR A 82 -3.03 -3.99 -37.21
C THR A 82 -2.72 -3.23 -38.56
N PRO A 83 -2.56 -3.97 -39.68
CA PRO A 83 -2.40 -3.24 -40.91
C PRO A 83 -3.65 -2.47 -41.30
N ILE A 84 -4.84 -2.97 -41.00
CA ILE A 84 -5.99 -2.17 -41.44
C ILE A 84 -6.05 -0.92 -40.60
N ALA A 85 -5.73 -1.05 -39.32
CA ALA A 85 -5.69 0.11 -38.46
C ALA A 85 -4.68 1.12 -38.99
N ASN A 86 -3.53 0.63 -39.42
CA ASN A 86 -2.49 1.52 -39.89
C ASN A 86 -2.94 2.22 -41.16
N ALA A 87 -3.52 1.43 -42.05
CA ALA A 87 -4.07 1.92 -43.31
C ALA A 87 -5.12 2.97 -43.07
N TRP A 88 -5.89 2.79 -42.00
CA TRP A 88 -7.00 3.64 -41.69
C TRP A 88 -6.56 5.05 -41.40
N LEU A 89 -5.64 5.18 -40.44
CA LEU A 89 -5.13 6.47 -40.04
C LEU A 89 -4.13 7.07 -41.05
N ASP A 90 -3.45 6.23 -41.84
CA ASP A 90 -2.34 6.68 -42.71
C ASP A 90 -2.91 7.28 -43.95
N ARG A 91 -4.21 7.08 -44.12
CA ARG A 91 -4.88 7.30 -45.39
C ARG A 91 -4.17 6.59 -46.56
N THR A 92 -4.15 5.26 -46.50
CA THR A 92 -3.49 4.41 -47.49
C THR A 92 -4.55 3.62 -48.25
N PRO A 93 -4.57 3.72 -49.59
CA PRO A 93 -5.65 3.02 -50.31
C PRO A 93 -5.38 1.53 -50.52
N VAL A 94 -5.94 0.70 -49.63
CA VAL A 94 -5.67 -0.75 -49.64
C VAL A 94 -6.94 -1.59 -49.55
N LEU A 95 -7.12 -2.51 -50.50
CA LEU A 95 -8.23 -3.45 -50.39
C LEU A 95 -7.82 -4.71 -49.68
N PHE A 96 -8.60 -5.06 -48.67
CA PHE A 96 -8.43 -6.30 -47.94
C PHE A 96 -9.51 -7.27 -48.35
N LEU A 97 -9.09 -8.38 -48.93
CA LEU A 97 -9.97 -9.47 -49.24
C LEU A 97 -9.80 -10.55 -48.22
N THR A 98 -10.83 -10.71 -47.40
CA THR A 98 -10.81 -11.79 -46.39
C THR A 98 -11.81 -12.93 -46.70
N GLY A 99 -11.40 -14.14 -46.38
CA GLY A 99 -12.33 -15.26 -46.52
C GLY A 99 -13.06 -15.36 -45.22
N SER A 100 -14.16 -16.09 -45.20
CA SER A 100 -14.83 -16.42 -43.94
C SER A 100 -15.52 -17.75 -44.02
N GLY A 101 -16.20 -18.09 -42.93
CA GLY A 101 -16.99 -19.33 -42.81
C GLY A 101 -17.99 -19.42 -43.93
N ALA A 102 -18.30 -20.63 -44.35
CA ALA A 102 -19.31 -20.82 -45.35
C ALA A 102 -20.68 -20.37 -44.83
N LEU A 103 -21.44 -19.74 -45.71
CA LEU A 103 -22.81 -19.31 -45.39
C LEU A 103 -23.75 -20.42 -44.92
N ARG A 104 -23.73 -21.56 -45.60
CA ARG A 104 -24.58 -22.69 -45.24
C ARG A 104 -24.09 -23.38 -43.97
N ASP A 105 -22.84 -23.13 -43.59
CA ASP A 105 -22.25 -23.72 -42.38
C ASP A 105 -22.36 -22.71 -41.24
N ASP A 106 -23.30 -21.79 -41.41
CA ASP A 106 -23.44 -20.66 -40.52
C ASP A 106 -23.97 -21.12 -39.19
N GLU A 107 -23.31 -20.65 -38.15
CA GLU A 107 -23.76 -20.85 -36.76
C GLU A 107 -23.76 -22.33 -36.41
N THR A 108 -22.63 -22.98 -36.72
CA THR A 108 -22.45 -24.40 -36.43
C THR A 108 -21.12 -24.67 -35.73
N ASN A 109 -20.44 -23.64 -35.25
CA ASN A 109 -19.21 -23.80 -34.48
C ASN A 109 -18.10 -24.55 -35.25
N THR A 110 -18.02 -24.33 -36.58
CA THR A 110 -16.98 -24.94 -37.45
C THR A 110 -15.70 -24.10 -37.39
N LEU A 111 -14.64 -24.62 -38.02
CA LEU A 111 -13.32 -23.99 -37.98
C LEU A 111 -13.26 -22.64 -38.68
N GLN A 112 -12.63 -21.69 -37.98
CA GLN A 112 -12.40 -20.30 -38.44
C GLN A 112 -13.67 -19.41 -38.59
N ALA A 113 -14.85 -19.94 -38.29
CA ALA A 113 -16.11 -19.18 -38.41
C ALA A 113 -16.60 -18.71 -37.04
N GLY A 114 -17.52 -17.74 -37.07
CA GLY A 114 -18.13 -17.23 -35.85
C GLY A 114 -17.54 -15.98 -35.24
N ILE A 115 -16.51 -15.41 -35.84
CA ILE A 115 -16.08 -14.09 -35.40
C ILE A 115 -16.54 -13.10 -36.44
N ASP A 116 -17.29 -12.08 -36.00
CA ASP A 116 -17.96 -11.15 -36.91
C ASP A 116 -16.94 -10.24 -37.56
N GLN A 117 -16.51 -10.62 -38.75
CA GLN A 117 -15.37 -9.97 -39.33
C GLN A 117 -15.65 -8.53 -39.74
N VAL A 118 -16.75 -8.30 -40.45
CA VAL A 118 -17.13 -6.92 -40.82
C VAL A 118 -17.29 -5.97 -39.65
N ALA A 119 -17.96 -6.42 -38.58
CA ALA A 119 -18.23 -5.58 -37.41
C ALA A 119 -16.93 -5.09 -36.82
N MET A 120 -16.01 -6.04 -36.64
CA MET A 120 -14.67 -5.80 -36.13
C MET A 120 -13.88 -4.78 -36.95
N ALA A 121 -14.10 -4.74 -38.26
CA ALA A 121 -13.35 -3.84 -39.10
C ALA A 121 -14.14 -2.56 -39.39
N ALA A 122 -15.36 -2.49 -38.90
CA ALA A 122 -16.23 -1.36 -39.22
C ALA A 122 -15.61 0.01 -38.84
N PRO A 123 -15.08 0.15 -37.61
CA PRO A 123 -14.54 1.46 -37.20
C PRO A 123 -13.18 1.80 -37.81
N ILE A 124 -12.69 0.95 -38.69
CA ILE A 124 -11.32 0.99 -39.17
C ILE A 124 -11.26 1.17 -40.69
N THR A 125 -12.42 1.24 -41.31
CA THR A 125 -12.46 1.10 -42.76
C THR A 125 -13.48 2.03 -43.33
N LYS A 126 -13.17 2.54 -44.52
CA LYS A 126 -14.08 3.35 -45.29
C LYS A 126 -15.36 2.57 -45.55
N TRP A 127 -15.19 1.27 -45.80
CA TRP A 127 -16.28 0.35 -46.10
C TRP A 127 -15.86 -1.05 -45.72
N ALA A 128 -16.77 -1.77 -45.09
CA ALA A 128 -16.54 -3.16 -44.76
C ALA A 128 -17.86 -3.85 -45.05
N HIS A 129 -17.80 -5.06 -45.62
CA HIS A 129 -18.99 -5.73 -46.16
C HIS A 129 -18.79 -7.20 -46.57
N ARG A 130 -19.81 -8.01 -46.26
CA ARG A 130 -19.77 -9.44 -46.51
C ARG A 130 -20.66 -9.72 -47.68
N VAL A 131 -20.08 -10.36 -48.70
CA VAL A 131 -20.73 -10.65 -49.98
C VAL A 131 -21.71 -11.81 -49.79
N MET A 132 -22.90 -11.69 -50.38
CA MET A 132 -23.96 -12.68 -50.17
C MET A 132 -24.21 -13.56 -51.41
N ALA A 133 -24.27 -12.94 -52.59
CA ALA A 133 -24.37 -13.70 -53.83
C ALA A 133 -23.01 -13.83 -54.55
N THR A 134 -22.82 -14.96 -55.21
CA THR A 134 -21.61 -15.16 -56.00
C THR A 134 -21.58 -14.25 -57.24
N GLU A 135 -22.71 -13.68 -57.65
CA GLU A 135 -22.75 -12.81 -58.84
C GLU A 135 -22.56 -11.33 -58.48
N HIS A 136 -22.48 -11.04 -57.19
CA HIS A 136 -22.25 -9.70 -56.71
C HIS A 136 -20.76 -9.41 -56.67
N ILE A 137 -19.99 -10.48 -56.52
CA ILE A 137 -18.53 -10.46 -56.42
C ILE A 137 -17.87 -9.47 -57.38
N PRO A 138 -18.21 -9.56 -58.67
CA PRO A 138 -17.60 -8.72 -59.68
C PRO A 138 -17.86 -7.24 -59.40
N ARG A 139 -19.12 -6.85 -59.23
CA ARG A 139 -19.39 -5.43 -58.97
C ARG A 139 -19.07 -5.00 -57.52
N LEU A 140 -19.22 -5.94 -56.59
CA LEU A 140 -18.84 -5.77 -55.20
C LEU A 140 -17.32 -5.54 -54.98
N VAL A 141 -16.53 -6.20 -55.81
CA VAL A 141 -15.07 -6.01 -55.77
C VAL A 141 -14.79 -4.62 -56.32
N MET A 142 -15.45 -4.25 -57.41
CA MET A 142 -15.19 -2.97 -58.01
C MET A 142 -15.62 -1.82 -57.12
N GLN A 143 -16.77 -1.98 -56.49
CA GLN A 143 -17.27 -0.97 -55.59
C GLN A 143 -16.26 -0.73 -54.50
N ALA A 144 -15.66 -1.83 -54.03
CA ALA A 144 -14.62 -1.81 -52.99
C ALA A 144 -13.40 -1.01 -53.43
N ILE A 145 -12.96 -1.25 -54.68
CA ILE A 145 -11.84 -0.54 -55.28
C ILE A 145 -12.12 0.94 -55.34
N ARG A 146 -13.33 1.33 -55.74
CA ARG A 146 -13.63 2.76 -55.85
C ARG A 146 -13.60 3.44 -54.52
N ALA A 147 -14.21 2.82 -53.51
CA ALA A 147 -14.28 3.46 -52.21
C ALA A 147 -12.87 3.61 -51.61
N ALA A 148 -12.01 2.61 -51.84
CA ALA A 148 -10.63 2.69 -51.34
C ALA A 148 -9.79 3.76 -52.02
N LEU A 149 -9.96 3.90 -53.34
CA LEU A 149 -9.13 4.79 -54.15
C LEU A 149 -9.57 6.24 -54.19
N SER A 150 -10.83 6.54 -53.87
CA SER A 150 -11.31 7.95 -53.78
C SER A 150 -10.80 8.66 -52.52
N ALA A 151 -10.87 9.99 -52.50
CA ALA A 151 -10.25 10.75 -51.42
C ALA A 151 -11.21 10.92 -50.25
N PRO A 152 -10.69 10.82 -49.00
CA PRO A 152 -9.32 10.48 -48.62
C PRO A 152 -9.08 8.98 -48.82
N ARG A 153 -7.93 8.61 -49.34
CA ARG A 153 -7.70 7.21 -49.66
C ARG A 153 -7.59 6.43 -48.36
N GLY A 154 -8.05 5.19 -48.33
CA GLY A 154 -8.06 4.41 -47.10
C GLY A 154 -8.44 2.96 -47.30
N PRO A 155 -8.37 2.16 -46.24
CA PRO A 155 -8.64 0.73 -46.36
C PRO A 155 -10.13 0.35 -46.51
N VAL A 156 -10.37 -0.72 -47.26
CA VAL A 156 -11.70 -1.28 -47.42
C VAL A 156 -11.64 -2.78 -47.16
N LEU A 157 -12.61 -3.33 -46.44
CA LEU A 157 -12.64 -4.76 -46.22
C LEU A 157 -13.79 -5.53 -46.88
N LEU A 158 -13.46 -6.61 -47.57
CA LEU A 158 -14.46 -7.39 -48.30
C LEU A 158 -14.40 -8.84 -47.87
N ASP A 159 -15.41 -9.25 -47.11
CA ASP A 159 -15.57 -10.62 -46.60
C ASP A 159 -16.18 -11.59 -47.61
N LEU A 160 -15.41 -12.55 -48.08
CA LEU A 160 -15.91 -13.47 -49.10
C LEU A 160 -16.08 -14.86 -48.53
N PRO A 161 -17.31 -15.21 -48.11
CA PRO A 161 -17.54 -16.55 -47.56
C PRO A 161 -16.94 -17.67 -48.46
N TRP A 162 -16.32 -18.69 -47.84
CA TRP A 162 -15.76 -19.88 -48.53
C TRP A 162 -16.78 -20.54 -49.46
N ASP A 163 -18.01 -20.40 -49.03
CA ASP A 163 -19.19 -20.95 -49.61
C ASP A 163 -19.44 -20.32 -50.97
N ILE A 164 -19.23 -19.01 -51.01
CA ILE A 164 -19.49 -18.21 -52.19
C ILE A 164 -18.31 -18.30 -53.14
N LEU A 165 -17.14 -18.59 -52.59
CA LEU A 165 -15.93 -18.57 -53.40
C LEU A 165 -15.76 -19.85 -54.17
N MET A 166 -16.03 -20.97 -53.50
CA MET A 166 -15.93 -22.31 -54.09
C MET A 166 -17.01 -22.46 -55.15
N ASN A 167 -18.08 -21.73 -54.92
CA ASN A 167 -19.28 -21.77 -55.73
C ASN A 167 -19.02 -21.57 -57.21
N GLN A 168 -19.88 -22.10 -58.08
CA GLN A 168 -19.63 -22.09 -59.54
C GLN A 168 -20.73 -21.48 -60.37
N ILE A 169 -20.38 -20.60 -61.30
CA ILE A 169 -21.36 -20.06 -62.26
C ILE A 169 -20.79 -19.91 -63.69
N ASP A 170 -21.66 -19.54 -64.64
CA ASP A 170 -21.28 -19.28 -66.02
C ASP A 170 -20.64 -17.91 -66.26
N GLU A 171 -19.55 -17.86 -67.01
CA GLU A 171 -18.84 -16.62 -67.36
C GLU A 171 -19.74 -15.49 -67.85
N ASP A 172 -20.76 -15.85 -68.62
CA ASP A 172 -21.50 -14.86 -69.41
C ASP A 172 -22.76 -14.43 -68.66
N SER A 173 -23.17 -15.26 -67.71
CA SER A 173 -24.29 -14.89 -66.85
C SER A 173 -24.04 -13.57 -66.10
N VAL A 174 -22.78 -13.30 -65.72
CA VAL A 174 -22.42 -12.06 -64.99
C VAL A 174 -21.43 -11.14 -65.74
N ILE A 175 -21.53 -9.83 -65.53
CA ILE A 175 -20.65 -8.86 -66.23
C ILE A 175 -19.48 -8.33 -65.38
N ILE A 176 -18.27 -8.62 -65.84
CA ILE A 176 -17.10 -8.11 -65.16
C ILE A 176 -16.93 -6.66 -65.59
N PRO A 177 -17.21 -5.70 -64.68
CA PRO A 177 -17.25 -4.32 -65.11
C PRO A 177 -15.84 -3.68 -65.09
N ASP A 178 -15.63 -2.66 -65.94
CA ASP A 178 -14.39 -1.87 -65.99
C ASP A 178 -14.29 -0.92 -64.77
N LEU A 179 -13.11 -0.36 -64.53
CA LEU A 179 -12.97 0.60 -63.46
C LEU A 179 -13.20 2.00 -64.05
N VAL A 180 -14.41 2.51 -63.87
CA VAL A 180 -14.79 3.80 -64.46
C VAL A 180 -15.03 4.80 -63.34
N LEU A 181 -13.94 5.49 -62.97
CA LEU A 181 -13.98 6.73 -62.22
C LEU A 181 -12.69 7.48 -62.48
N SER A 182 -12.84 8.75 -62.91
CA SER A 182 -11.77 9.65 -63.30
C SER A 182 -10.57 9.74 -62.33
N ALA A 183 -9.37 9.71 -62.90
CA ALA A 183 -8.16 9.74 -62.11
C ALA A 183 -7.89 11.14 -61.57
N HIS A 184 -8.54 12.14 -62.15
CA HIS A 184 -8.32 13.52 -61.78
C HIS A 184 -9.29 13.95 -60.74
N GLY A 185 -8.81 14.73 -59.79
CA GLY A 185 -9.59 15.12 -58.63
C GLY A 185 -10.50 16.29 -58.86
N ALA A 186 -11.37 16.51 -57.89
CA ALA A 186 -12.28 17.64 -57.93
C ALA A 186 -11.54 18.93 -57.53
N ARG A 187 -11.94 20.04 -58.15
CA ARG A 187 -11.23 21.31 -57.95
C ARG A 187 -12.06 22.34 -57.22
N PRO A 188 -11.40 23.17 -56.40
CA PRO A 188 -12.06 24.29 -55.72
C PRO A 188 -12.85 25.20 -56.70
N ASP A 189 -14.01 25.67 -56.27
CA ASP A 189 -14.67 26.78 -56.93
C ASP A 189 -13.63 27.87 -57.09
N PRO A 190 -13.46 28.36 -58.32
CA PRO A 190 -12.52 29.44 -58.57
C PRO A 190 -12.59 30.60 -57.56
N ALA A 191 -13.76 30.86 -56.98
CA ALA A 191 -13.92 32.02 -56.09
C ALA A 191 -13.13 31.86 -54.77
N ASP A 192 -13.04 30.62 -54.29
CA ASP A 192 -12.21 30.33 -53.13
C ASP A 192 -10.74 30.23 -53.50
N LEU A 193 -10.47 29.70 -54.69
CA LEU A 193 -9.10 29.63 -55.19
C LEU A 193 -8.54 31.04 -55.34
N ASP A 194 -9.39 31.96 -55.74
CA ASP A 194 -9.05 33.35 -55.88
C ASP A 194 -8.78 34.09 -54.57
N GLN A 195 -9.60 33.82 -53.56
CA GLN A 195 -9.36 34.26 -52.18
C GLN A 195 -8.01 33.76 -51.69
N ALA A 196 -7.72 32.50 -52.00
CA ALA A 196 -6.53 31.83 -51.49
C ALA A 196 -5.32 32.37 -52.20
N LEU A 197 -5.49 32.73 -53.46
CA LEU A 197 -4.34 33.20 -54.21
C LEU A 197 -4.06 34.65 -53.89
N ALA A 198 -5.11 35.44 -53.71
CA ALA A 198 -4.97 36.82 -53.29
C ALA A 198 -4.29 36.94 -51.93
N LEU A 199 -4.64 36.02 -51.01
CA LEU A 199 -4.07 36.02 -49.66
C LEU A 199 -2.61 35.63 -49.71
N LEU A 200 -2.29 34.76 -50.65
CA LEU A 200 -0.94 34.30 -50.86
C LEU A 200 -0.05 35.42 -51.34
N ARG A 201 -0.64 36.32 -52.13
CA ARG A 201 0.14 37.43 -52.64
C ARG A 201 0.41 38.43 -51.52
N LYS A 202 -0.58 38.66 -50.66
CA LYS A 202 -0.45 39.63 -49.56
C LYS A 202 0.41 39.08 -48.41
N ALA A 203 0.72 37.79 -48.43
CA ALA A 203 1.55 37.16 -47.40
C ALA A 203 2.97 37.71 -47.42
N GLU A 204 3.53 37.98 -46.24
CA GLU A 204 4.93 38.40 -46.16
C GLU A 204 5.89 37.22 -45.94
N ARG A 205 5.40 36.17 -45.28
CA ARG A 205 6.19 34.98 -44.99
C ARG A 205 5.37 33.72 -45.22
N PRO A 206 4.99 33.43 -46.47
CA PRO A 206 4.09 32.29 -46.78
C PRO A 206 4.77 30.91 -46.80
N VAL A 207 4.01 29.89 -46.41
CA VAL A 207 4.46 28.49 -46.55
C VAL A 207 3.37 27.53 -46.99
N ILE A 208 3.79 26.43 -47.60
CA ILE A 208 2.89 25.37 -48.00
C ILE A 208 3.27 24.06 -47.31
N VAL A 209 2.27 23.34 -46.80
CA VAL A 209 2.45 22.01 -46.19
C VAL A 209 1.68 20.90 -46.93
N LEU A 210 2.37 19.84 -47.34
CA LEU A 210 1.68 18.72 -48.00
C LEU A 210 1.50 17.51 -47.08
N GLY A 211 0.30 16.94 -47.10
CA GLY A 211 -0.02 15.70 -46.37
C GLY A 211 -0.15 14.48 -47.27
N SER A 212 -0.81 13.44 -46.75
CA SER A 212 -0.78 12.16 -47.45
C SER A 212 -1.43 12.25 -48.86
N GLU A 213 -2.42 13.11 -49.01
CA GLU A 213 -3.20 13.16 -50.27
C GLU A 213 -2.48 13.80 -51.47
N ALA A 214 -1.37 14.47 -51.18
CA ALA A 214 -0.49 14.98 -52.21
C ALA A 214 0.30 13.83 -52.90
N SER A 215 0.79 12.88 -52.10
CA SER A 215 1.61 11.77 -52.57
C SER A 215 0.75 10.68 -53.14
N ARG A 216 -0.54 10.75 -52.85
CA ARG A 216 -1.48 9.76 -53.32
C ARG A 216 -1.79 9.97 -54.80
N THR A 217 -2.04 11.23 -55.18
CA THR A 217 -2.27 11.57 -56.59
C THR A 217 -1.00 11.88 -57.38
N ALA A 218 0.01 12.44 -56.70
CA ALA A 218 1.36 12.65 -57.25
C ALA A 218 1.39 13.64 -58.43
N ARG A 219 0.88 14.83 -58.15
CA ARG A 219 0.78 15.87 -59.16
C ARG A 219 1.98 16.79 -59.14
N LYS A 220 3.15 16.18 -59.32
CA LYS A 220 4.46 16.82 -59.24
C LYS A 220 4.64 18.00 -60.20
N THR A 221 4.46 17.75 -61.50
CA THR A 221 4.72 18.81 -62.48
C THR A 221 3.82 20.02 -62.29
N ALA A 222 2.62 19.80 -61.77
CA ALA A 222 1.65 20.86 -61.49
C ALA A 222 2.11 21.68 -60.30
N LEU A 223 2.91 21.05 -59.45
CA LEU A 223 3.40 21.67 -58.24
C LEU A 223 4.60 22.48 -58.56
N SER A 224 5.50 21.95 -59.39
CA SER A 224 6.70 22.65 -59.73
C SER A 224 6.32 23.91 -60.46
N ALA A 225 5.23 23.81 -61.23
CA ALA A 225 4.72 24.92 -62.05
C ALA A 225 4.22 26.05 -61.16
N PHE A 226 3.76 25.65 -59.98
CA PHE A 226 3.07 26.54 -59.07
C PHE A 226 4.06 27.23 -58.15
N VAL A 227 5.10 26.51 -57.72
CA VAL A 227 6.13 27.05 -56.82
C VAL A 227 7.07 27.99 -57.56
N ALA A 228 7.59 27.50 -58.69
CA ALA A 228 8.46 28.31 -59.52
C ALA A 228 7.73 29.50 -60.15
N ALA A 229 6.49 29.76 -59.72
CA ALA A 229 5.72 30.90 -60.20
C ALA A 229 5.31 31.91 -59.10
N THR A 230 4.95 31.39 -57.91
CA THR A 230 4.66 32.21 -56.72
C THR A 230 5.90 32.35 -55.83
N GLY A 231 6.77 31.34 -55.91
CA GLY A 231 8.06 31.34 -55.24
C GLY A 231 8.01 31.17 -53.74
N VAL A 232 7.02 30.39 -53.28
CA VAL A 232 6.77 30.12 -51.86
C VAL A 232 7.33 28.76 -51.41
N PRO A 233 7.96 28.71 -50.22
CA PRO A 233 8.59 27.47 -49.68
C PRO A 233 7.61 26.30 -49.53
N VAL A 234 8.11 25.09 -49.32
CA VAL A 234 7.23 23.91 -49.17
C VAL A 234 7.72 22.89 -48.15
N PHE A 235 6.86 22.68 -47.18
CA PHE A 235 7.05 21.66 -46.17
C PHE A 235 6.12 20.47 -46.38
N ALA A 236 6.46 19.38 -45.69
CA ALA A 236 5.64 18.16 -45.62
C ALA A 236 5.69 17.43 -44.26
N ASP A 237 4.55 16.83 -43.89
CA ASP A 237 4.53 15.70 -42.96
C ASP A 237 5.25 14.49 -43.65
N TYR A 238 5.48 13.41 -42.90
CA TYR A 238 6.28 12.29 -43.38
C TYR A 238 5.88 11.74 -44.74
N GLU A 239 4.61 11.37 -44.87
CA GLU A 239 4.10 10.83 -46.12
C GLU A 239 4.26 11.80 -47.27
N GLY A 240 4.38 13.08 -46.92
CA GLY A 240 4.51 14.14 -47.91
C GLY A 240 5.90 14.40 -48.46
N LEU A 241 6.93 14.05 -47.71
CA LEU A 241 8.30 14.37 -48.12
C LEU A 241 8.74 13.86 -49.51
N SER A 242 8.20 12.70 -49.93
CA SER A 242 8.40 12.15 -51.28
C SER A 242 8.08 13.17 -52.37
N MET A 243 7.05 14.00 -52.10
CA MET A 243 6.55 15.00 -53.05
C MET A 243 7.46 16.21 -53.21
N LEU A 244 8.38 16.43 -52.27
CA LEU A 244 9.27 17.58 -52.35
C LEU A 244 10.57 17.25 -53.03
N SER A 245 10.59 16.26 -53.91
CA SER A 245 11.87 15.79 -54.43
C SER A 245 12.19 16.23 -55.86
N GLY A 246 11.24 16.85 -56.54
CA GLY A 246 11.55 17.55 -57.79
C GLY A 246 11.48 19.05 -57.61
N LEU A 247 11.97 19.56 -56.48
CA LEU A 247 11.86 21.00 -56.22
C LEU A 247 13.21 21.69 -56.09
N PRO A 248 13.33 22.89 -56.70
CA PRO A 248 14.41 23.84 -56.49
C PRO A 248 14.79 23.95 -55.02
N ASP A 249 16.09 24.03 -54.75
CA ASP A 249 16.53 23.81 -53.39
C ASP A 249 16.22 24.89 -52.35
N ALA A 250 16.00 26.11 -52.83
CA ALA A 250 15.62 27.26 -52.00
C ALA A 250 14.18 27.16 -51.54
N MET A 251 13.36 26.49 -52.36
CA MET A 251 11.93 26.41 -52.11
C MET A 251 11.61 25.17 -51.29
N ARG A 252 12.62 24.35 -50.99
CA ARG A 252 12.46 23.18 -50.10
C ARG A 252 12.74 23.53 -48.66
N GLY A 253 11.69 23.40 -47.86
CA GLY A 253 11.71 23.71 -46.43
C GLY A 253 11.80 22.46 -45.56
N GLY A 254 11.51 21.31 -46.14
CA GLY A 254 11.75 20.05 -45.46
C GLY A 254 10.54 19.46 -44.80
N LEU A 255 10.79 18.73 -43.73
CA LEU A 255 9.74 18.15 -42.92
C LEU A 255 9.13 19.24 -42.08
N VAL A 256 7.81 19.28 -41.99
CA VAL A 256 7.11 20.39 -41.33
C VAL A 256 7.58 20.63 -39.87
N GLN A 257 8.29 19.67 -39.29
CA GLN A 257 8.84 19.77 -37.94
C GLN A 257 10.03 20.74 -37.83
N ASN A 258 10.26 21.51 -38.89
CA ASN A 258 11.31 22.51 -38.93
C ASN A 258 10.81 23.88 -38.53
N LEU A 259 9.51 24.09 -38.71
CA LEU A 259 8.86 25.35 -38.38
C LEU A 259 8.86 25.63 -36.89
N TYR A 260 9.69 24.89 -36.15
CA TYR A 260 9.71 24.98 -34.70
C TYR A 260 10.41 26.24 -34.20
N SER A 261 11.74 26.27 -34.27
CA SER A 261 12.47 27.45 -33.78
C SER A 261 12.27 28.66 -34.69
N PHE A 262 11.24 28.60 -35.54
CA PHE A 262 10.78 29.74 -36.32
C PHE A 262 10.12 30.84 -35.49
N ALA A 263 9.68 30.48 -34.29
CA ALA A 263 9.12 31.39 -33.30
C ALA A 263 10.24 32.25 -32.66
N LYS A 264 11.14 31.56 -31.94
CA LYS A 264 12.34 32.12 -31.30
C LYS A 264 13.21 32.93 -32.27
N ALA A 265 12.92 32.84 -33.56
CA ALA A 265 13.66 33.61 -34.56
C ALA A 265 12.82 34.75 -35.13
N ASP A 266 11.74 35.11 -34.43
CA ASP A 266 10.86 36.18 -34.88
C ASP A 266 10.54 36.03 -36.37
N ALA A 267 10.34 34.79 -36.84
CA ALA A 267 10.16 34.52 -38.25
C ALA A 267 8.98 33.59 -38.51
N ALA A 268 8.06 33.51 -37.55
CA ALA A 268 6.93 32.61 -37.69
C ALA A 268 6.13 32.96 -38.95
N PRO A 269 5.86 31.95 -39.80
CA PRO A 269 4.98 32.02 -40.94
C PRO A 269 3.78 32.94 -40.76
N ASP A 270 3.68 33.91 -41.66
CA ASP A 270 2.60 34.85 -41.79
C ASP A 270 1.31 34.14 -42.25
N LEU A 271 1.48 33.13 -43.12
CA LEU A 271 0.36 32.44 -43.79
C LEU A 271 0.78 31.01 -44.10
N VAL A 272 -0.16 30.08 -43.93
CA VAL A 272 0.12 28.67 -44.10
C VAL A 272 -0.94 28.04 -45.01
N LEU A 273 -0.48 27.33 -46.03
CA LEU A 273 -1.33 26.57 -46.94
C LEU A 273 -1.20 25.06 -46.69
N MET A 274 -2.26 24.47 -46.18
CA MET A 274 -2.22 23.05 -45.86
C MET A 274 -2.97 22.30 -46.93
N LEU A 275 -2.27 21.48 -47.70
CA LEU A 275 -2.89 20.72 -48.78
C LEU A 275 -2.89 19.25 -48.37
N GLY A 276 -3.89 18.88 -47.57
CA GLY A 276 -3.99 17.51 -47.08
C GLY A 276 -3.27 17.22 -45.78
N ALA A 277 -2.47 18.14 -45.29
CA ALA A 277 -1.94 18.00 -43.94
C ALA A 277 -3.10 18.22 -42.98
N ARG A 278 -3.22 17.35 -41.99
CA ARG A 278 -4.25 17.53 -40.97
C ARG A 278 -3.67 18.18 -39.72
N PHE A 279 -4.53 18.84 -38.93
CA PHE A 279 -4.14 19.25 -37.58
C PHE A 279 -4.12 18.00 -36.71
N GLY A 280 -3.00 17.75 -36.08
CA GLY A 280 -2.83 16.49 -35.42
C GLY A 280 -1.37 16.27 -35.16
N LEU A 281 -1.03 15.01 -34.92
CA LEU A 281 0.25 14.69 -34.33
C LEU A 281 1.41 15.26 -35.13
N ASN A 282 1.34 15.15 -36.45
CA ASN A 282 2.38 15.61 -37.38
C ASN A 282 2.69 17.09 -37.38
N THR A 283 1.67 17.90 -37.14
CA THR A 283 1.76 19.35 -37.29
C THR A 283 1.64 20.09 -35.96
N GLY A 284 2.12 19.44 -34.90
CA GLY A 284 2.06 19.95 -33.54
C GLY A 284 0.65 20.24 -33.04
N HIS A 285 -0.33 19.41 -33.38
CA HIS A 285 -1.71 19.52 -32.82
C HIS A 285 -2.32 20.94 -32.90
N GLY A 286 -3.11 21.30 -31.89
CA GLY A 286 -3.73 22.64 -31.83
C GLY A 286 -2.87 23.69 -31.15
N SER A 287 -1.64 23.29 -30.83
CA SER A 287 -0.73 24.05 -29.98
C SER A 287 -0.21 25.34 -30.61
N GLY A 288 -0.06 25.35 -31.92
CA GLY A 288 0.40 26.54 -32.65
C GLY A 288 1.90 26.76 -32.58
N GLN A 289 2.65 25.67 -32.36
CA GLN A 289 4.13 25.70 -32.36
C GLN A 289 4.76 25.43 -33.75
N LEU A 290 4.02 24.72 -34.60
CA LEU A 290 4.40 24.60 -36.00
C LEU A 290 3.64 25.64 -36.83
N ILE A 291 2.30 25.60 -36.75
CA ILE A 291 1.43 26.56 -37.44
C ILE A 291 0.93 27.58 -36.42
N PRO A 292 1.55 28.78 -36.39
CA PRO A 292 1.25 29.75 -35.32
C PRO A 292 -0.18 30.31 -35.34
N HIS A 293 -0.71 30.62 -34.15
CA HIS A 293 -2.07 31.15 -34.03
C HIS A 293 -2.21 32.52 -34.73
N SER A 294 -1.09 33.25 -34.79
CA SER A 294 -1.05 34.56 -35.45
C SER A 294 -1.27 34.47 -36.95
N ALA A 295 -0.74 33.41 -37.55
CA ALA A 295 -0.80 33.19 -38.99
C ALA A 295 -2.21 32.88 -39.48
N GLN A 296 -2.50 33.36 -40.69
CA GLN A 296 -3.75 33.08 -41.38
C GLN A 296 -3.63 31.76 -42.09
N VAL A 297 -4.53 30.84 -41.78
CA VAL A 297 -4.40 29.47 -42.24
C VAL A 297 -5.41 29.11 -43.32
N ILE A 298 -4.91 28.48 -44.39
CA ILE A 298 -5.77 28.05 -45.46
C ILE A 298 -5.60 26.56 -45.55
N GLN A 299 -6.67 25.82 -45.31
CA GLN A 299 -6.53 24.36 -45.33
C GLN A 299 -7.45 23.62 -46.33
N VAL A 300 -6.85 22.70 -47.09
CA VAL A 300 -7.59 21.94 -48.09
C VAL A 300 -7.55 20.48 -47.68
N ASP A 301 -8.70 19.82 -47.73
CA ASP A 301 -8.80 18.41 -47.37
C ASP A 301 -10.06 17.79 -47.96
N PRO A 302 -10.00 16.51 -48.39
CA PRO A 302 -11.22 15.90 -48.94
C PRO A 302 -12.28 15.69 -47.87
N ASP A 303 -11.87 15.56 -46.62
CA ASP A 303 -12.76 15.32 -45.50
C ASP A 303 -13.02 16.63 -44.70
N ALA A 304 -14.28 17.05 -44.58
CA ALA A 304 -14.59 18.29 -43.90
C ALA A 304 -14.43 18.35 -42.37
N CYS A 305 -14.50 17.23 -41.64
CA CYS A 305 -14.18 17.27 -40.19
C CYS A 305 -12.87 18.00 -39.96
N GLU A 306 -11.91 17.70 -40.85
CA GLU A 306 -10.50 17.98 -40.64
C GLU A 306 -10.20 19.44 -40.75
N LEU A 307 -11.15 20.16 -41.34
CA LEU A 307 -11.01 21.57 -41.61
C LEU A 307 -10.97 22.39 -40.34
N GLY A 308 -9.75 22.69 -39.93
CA GLY A 308 -9.52 23.40 -38.68
C GLY A 308 -10.14 22.72 -37.48
N ARG A 309 -9.91 21.41 -37.34
CA ARG A 309 -10.44 20.69 -36.20
C ARG A 309 -9.86 21.21 -34.89
N LEU A 310 -8.65 21.79 -34.94
CA LEU A 310 -7.91 22.19 -33.73
C LEU A 310 -7.67 23.69 -33.60
N GLN A 311 -7.25 24.33 -34.70
CA GLN A 311 -7.12 25.78 -34.77
C GLN A 311 -8.23 26.35 -35.64
N GLY A 312 -8.38 27.68 -35.60
CA GLY A 312 -9.29 28.39 -36.49
C GLY A 312 -8.58 28.73 -37.79
N ILE A 313 -9.16 28.33 -38.91
CA ILE A 313 -8.53 28.63 -40.19
C ILE A 313 -9.34 29.73 -40.85
N ALA A 314 -8.72 30.51 -41.74
CA ALA A 314 -9.38 31.62 -42.44
C ALA A 314 -10.12 31.16 -43.70
N LEU A 315 -9.63 30.10 -44.32
CA LEU A 315 -10.28 29.52 -45.48
C LEU A 315 -10.13 28.01 -45.47
N GLY A 316 -11.24 27.31 -45.65
CA GLY A 316 -11.22 25.83 -45.79
C GLY A 316 -11.94 25.31 -47.04
N ILE A 317 -11.26 24.52 -47.85
CA ILE A 317 -11.87 24.02 -49.06
C ILE A 317 -11.95 22.50 -49.03
N VAL A 318 -13.13 21.98 -49.38
CA VAL A 318 -13.33 20.52 -49.55
C VAL A 318 -13.15 20.23 -51.05
N ALA A 319 -12.10 19.48 -51.39
CA ALA A 319 -11.78 19.08 -52.79
C ALA A 319 -10.59 18.14 -52.74
N ASP A 320 -10.25 17.47 -53.85
CA ASP A 320 -9.05 16.60 -53.88
C ASP A 320 -7.78 17.44 -53.84
N VAL A 321 -6.86 17.06 -52.96
CA VAL A 321 -5.60 17.78 -52.79
C VAL A 321 -4.78 17.85 -54.08
N GLY A 322 -4.60 16.71 -54.73
CA GLY A 322 -3.82 16.68 -55.96
C GLY A 322 -4.42 17.55 -57.05
N GLY A 323 -5.75 17.46 -57.17
CA GLY A 323 -6.50 18.19 -58.17
C GLY A 323 -6.48 19.66 -57.85
N THR A 324 -6.43 19.98 -56.57
CA THR A 324 -6.32 21.39 -56.12
C THR A 324 -5.02 22.02 -56.63
N ILE A 325 -3.91 21.30 -56.52
CA ILE A 325 -2.63 21.73 -57.12
C ILE A 325 -2.72 22.03 -58.63
N GLU A 326 -3.43 21.19 -59.39
CA GLU A 326 -3.62 21.45 -60.79
C GLU A 326 -4.26 22.84 -61.03
N ALA A 327 -5.29 23.17 -60.21
CA ALA A 327 -6.01 24.45 -60.26
C ALA A 327 -5.13 25.59 -59.82
N LEU A 328 -4.23 25.31 -58.88
CA LEU A 328 -3.23 26.27 -58.44
C LEU A 328 -2.20 26.62 -59.53
N ALA A 329 -1.75 25.65 -60.31
CA ALA A 329 -0.85 25.91 -61.45
C ALA A 329 -1.53 26.79 -62.50
N GLN A 330 -2.75 26.34 -62.82
CA GLN A 330 -3.64 26.95 -63.81
C GLN A 330 -3.86 28.43 -63.62
N ALA A 331 -4.27 28.78 -62.40
CA ALA A 331 -4.53 30.16 -62.08
C ALA A 331 -3.24 30.92 -61.74
N THR A 332 -2.07 30.26 -61.84
CA THR A 332 -0.81 30.95 -61.56
C THR A 332 0.00 31.33 -62.79
N ALA A 333 -0.06 30.49 -63.83
CA ALA A 333 0.87 30.57 -64.95
C ALA A 333 0.94 31.91 -65.74
N GLN A 334 -0.14 32.68 -65.70
CA GLN A 334 -0.26 33.98 -66.39
C GLN A 334 0.15 35.11 -65.46
N ASP A 335 -0.30 35.07 -64.21
CA ASP A 335 -0.01 36.05 -63.15
C ASP A 335 1.45 36.43 -63.13
N ALA A 336 1.77 37.66 -63.51
CA ALA A 336 3.16 38.05 -63.63
C ALA A 336 3.69 38.53 -62.30
N ALA A 337 2.80 39.12 -61.51
CA ALA A 337 3.26 39.96 -60.42
C ALA A 337 3.39 39.24 -59.07
N TRP A 338 4.04 38.06 -59.04
CA TRP A 338 4.30 37.42 -57.74
C TRP A 338 5.50 38.01 -57.03
N PRO A 339 5.33 38.43 -55.77
CA PRO A 339 6.46 39.04 -55.08
C PRO A 339 7.65 38.09 -55.04
N ASP A 340 8.84 38.68 -54.96
CA ASP A 340 10.07 37.92 -54.76
C ASP A 340 10.11 37.36 -53.34
N ARG A 341 10.41 36.07 -53.24
CA ARG A 341 10.49 35.46 -51.93
C ARG A 341 11.93 35.11 -51.58
N GLY A 342 12.86 35.51 -52.45
CA GLY A 342 14.28 35.17 -52.28
C GLY A 342 14.83 35.33 -50.86
N ASP A 343 14.45 36.45 -50.23
CA ASP A 343 14.90 36.77 -48.86
C ASP A 343 14.24 35.86 -47.85
N TRP A 344 12.95 35.64 -48.04
CA TRP A 344 12.19 34.74 -47.21
C TRP A 344 12.66 33.32 -47.43
N CYS A 345 12.96 32.95 -48.68
CA CYS A 345 13.41 31.59 -48.99
C CYS A 345 14.81 31.29 -48.46
N ALA A 346 15.69 32.28 -48.50
CA ALA A 346 17.03 32.11 -47.92
C ALA A 346 16.95 31.88 -46.41
N LYS A 347 16.03 32.61 -45.75
CA LYS A 347 15.82 32.50 -44.33
C LYS A 347 15.41 31.11 -43.86
N VAL A 348 14.53 30.45 -44.62
CA VAL A 348 13.97 29.15 -44.24
C VAL A 348 15.07 28.13 -44.22
N THR A 349 15.85 28.13 -45.28
CA THR A 349 16.87 27.14 -45.43
C THR A 349 18.01 27.40 -44.43
N ASP A 350 18.19 28.67 -44.04
CA ASP A 350 19.14 29.10 -42.98
C ASP A 350 18.82 28.43 -41.66
N LEU A 351 17.57 28.60 -41.25
CA LEU A 351 17.00 28.06 -40.00
C LEU A 351 17.07 26.54 -39.93
N ALA A 352 16.78 25.89 -41.06
CA ALA A 352 16.87 24.43 -41.17
C ALA A 352 18.31 23.93 -41.13
N GLN A 353 19.23 24.67 -41.74
CA GLN A 353 20.66 24.35 -41.66
C GLN A 353 21.30 24.65 -40.27
N GLU A 354 20.81 25.67 -39.55
CA GLU A 354 21.25 25.92 -38.17
C GLU A 354 20.93 24.75 -37.29
N ARG A 355 19.72 24.20 -37.48
CA ARG A 355 19.20 23.03 -36.76
C ARG A 355 20.08 21.82 -36.97
N TYR A 356 20.45 21.55 -38.22
CA TYR A 356 21.40 20.49 -38.54
C TYR A 356 22.75 20.73 -37.88
N ALA A 357 23.27 21.95 -37.95
CA ALA A 357 24.56 22.31 -37.36
C ALA A 357 24.47 22.22 -35.85
N SER A 358 23.29 22.54 -35.30
CA SER A 358 23.06 22.52 -33.86
C SER A 358 23.14 21.11 -33.24
N ILE A 359 22.67 20.10 -34.00
CA ILE A 359 22.68 18.68 -33.58
C ILE A 359 24.08 18.09 -33.76
N ALA A 360 24.70 18.39 -34.91
CA ALA A 360 26.06 17.92 -35.27
C ALA A 360 27.12 18.31 -34.25
N ALA A 361 27.01 19.53 -33.75
CA ALA A 361 27.89 20.12 -32.76
C ALA A 361 27.68 19.47 -31.40
N LYS A 362 26.45 19.01 -31.20
CA LYS A 362 26.01 18.45 -29.94
C LYS A 362 26.29 16.93 -29.87
N SER A 363 26.66 16.34 -31.00
CA SER A 363 26.84 14.89 -31.12
C SER A 363 28.29 14.46 -30.92
N SER A 364 28.49 13.41 -30.14
CA SER A 364 29.83 12.85 -30.00
C SER A 364 29.74 11.35 -30.12
N SER A 365 30.45 10.80 -31.09
CA SER A 365 30.41 9.39 -31.36
C SER A 365 31.75 8.74 -31.00
N GLU A 366 32.27 9.05 -29.82
CA GLU A 366 33.59 8.51 -29.46
C GLU A 366 33.53 7.25 -28.62
N HIS A 367 32.64 7.22 -27.64
CA HIS A 367 32.57 6.10 -26.72
C HIS A 367 31.67 5.02 -27.28
N ALA A 368 30.63 5.46 -28.00
CA ALA A 368 29.69 4.58 -28.72
C ALA A 368 29.10 5.40 -29.87
N LEU A 369 28.92 4.79 -31.04
CA LEU A 369 28.44 5.51 -32.22
C LEU A 369 27.08 6.15 -31.97
N HIS A 370 27.04 7.48 -32.19
CA HIS A 370 25.85 8.30 -32.00
C HIS A 370 24.81 7.93 -33.06
N PRO A 371 23.52 7.86 -32.63
CA PRO A 371 22.46 7.46 -33.56
C PRO A 371 22.38 8.47 -34.72
N PHE A 372 22.75 9.72 -34.47
CA PHE A 372 22.76 10.78 -35.51
C PHE A 372 23.87 10.61 -36.53
N HIS A 373 25.12 10.52 -36.05
CA HIS A 373 26.27 10.16 -36.90
C HIS A 373 25.98 8.89 -37.72
N ALA A 374 25.31 7.91 -37.10
CA ALA A 374 24.85 6.70 -37.79
C ALA A 374 23.78 6.99 -38.85
N SER A 375 22.86 7.90 -38.55
CA SER A 375 21.85 8.30 -39.51
C SER A 375 22.46 8.98 -40.75
N GLN A 376 23.54 9.74 -40.55
CA GLN A 376 24.22 10.47 -41.65
C GLN A 376 24.82 9.50 -42.65
N VAL A 377 25.28 8.37 -42.14
CA VAL A 377 25.84 7.31 -42.96
C VAL A 377 24.82 6.74 -43.95
N ILE A 378 23.57 6.56 -43.50
CA ILE A 378 22.44 6.21 -44.38
C ILE A 378 22.07 7.37 -45.31
N ALA A 379 22.15 8.61 -44.82
CA ALA A 379 21.70 9.79 -45.58
C ALA A 379 22.42 10.00 -46.91
N LYS A 380 23.74 9.77 -46.91
CA LYS A 380 24.58 10.06 -48.06
C LYS A 380 24.22 9.18 -49.27
N HIS A 381 23.48 8.08 -49.05
CA HIS A 381 23.03 7.17 -50.13
C HIS A 381 21.60 7.41 -50.65
N VAL A 382 20.86 8.34 -50.04
CA VAL A 382 19.46 8.56 -50.40
C VAL A 382 19.28 9.57 -51.53
N ASP A 383 18.86 9.08 -52.69
CA ASP A 383 18.42 9.92 -53.81
C ASP A 383 17.07 9.43 -54.35
N ALA A 384 16.70 9.87 -55.54
CA ALA A 384 15.44 9.44 -56.16
C ALA A 384 15.38 7.93 -56.51
N GLY A 385 16.53 7.26 -56.38
CA GLY A 385 16.60 5.83 -56.58
C GLY A 385 16.50 5.01 -55.31
N VAL A 386 16.08 5.62 -54.21
CA VAL A 386 16.02 4.92 -52.92
C VAL A 386 14.73 5.21 -52.21
N THR A 387 13.98 4.18 -51.85
CA THR A 387 12.82 4.33 -50.96
C THR A 387 13.27 3.96 -49.55
N VAL A 388 13.30 4.95 -48.66
CA VAL A 388 13.68 4.69 -47.27
C VAL A 388 12.45 4.54 -46.38
N VAL A 389 12.45 3.46 -45.62
CA VAL A 389 11.38 3.17 -44.67
C VAL A 389 11.89 3.22 -43.25
N ALA A 390 11.12 3.86 -42.38
CA ALA A 390 11.52 4.04 -40.97
C ALA A 390 10.47 3.52 -40.02
N ASP A 391 10.95 3.07 -38.86
CA ASP A 391 10.21 2.29 -37.89
C ASP A 391 11.06 2.39 -36.65
N GLY A 392 10.55 1.96 -35.50
CA GLY A 392 11.34 2.08 -34.27
C GLY A 392 11.14 3.38 -33.52
N GLY A 393 11.99 3.66 -32.55
CA GLY A 393 11.61 4.62 -31.52
C GLY A 393 12.41 5.88 -31.60
N LEU A 394 13.55 5.84 -30.95
CA LEU A 394 14.45 6.93 -31.05
C LEU A 394 15.01 6.89 -32.48
N THR A 395 15.05 5.69 -33.07
CA THR A 395 15.74 5.54 -34.36
C THR A 395 15.12 6.34 -35.50
N TYR A 396 13.77 6.42 -35.57
CA TYR A 396 13.10 7.23 -36.61
C TYR A 396 13.12 8.70 -36.27
N LEU A 397 13.15 9.03 -34.98
CA LEU A 397 13.26 10.40 -34.53
C LEU A 397 14.62 10.98 -34.91
N TRP A 398 15.60 10.10 -35.09
CA TRP A 398 16.94 10.53 -35.49
C TRP A 398 17.02 10.80 -36.98
N LEU A 399 16.39 9.96 -37.80
CA LEU A 399 16.40 10.16 -39.27
C LEU A 399 15.74 11.42 -39.72
N SER A 400 14.62 11.74 -39.07
CA SER A 400 13.87 12.95 -39.36
C SER A 400 14.78 14.19 -39.42
N GLU A 401 15.82 14.19 -38.58
CA GLU A 401 16.73 15.30 -38.50
C GLU A 401 17.62 15.40 -39.75
N VAL A 402 17.78 14.28 -40.44
CA VAL A 402 18.70 14.15 -41.58
C VAL A 402 17.98 14.22 -42.93
N MET A 403 16.66 14.10 -42.90
CA MET A 403 15.92 13.78 -44.13
C MET A 403 15.39 14.99 -44.90
N SER A 404 15.53 16.18 -44.33
CA SER A 404 15.07 17.35 -45.05
C SER A 404 16.06 17.73 -46.15
N ARG A 405 17.35 17.44 -45.93
CA ARG A 405 18.43 17.71 -46.90
C ARG A 405 18.52 16.81 -48.12
N VAL A 406 18.11 15.56 -48.00
CA VAL A 406 18.19 14.64 -49.13
C VAL A 406 16.82 14.51 -49.84
N LYS A 407 16.81 14.12 -51.10
CA LYS A 407 15.54 13.96 -51.81
C LYS A 407 15.29 12.51 -52.22
N PRO A 408 14.45 11.80 -51.44
CA PRO A 408 14.18 10.37 -51.62
C PRO A 408 13.06 10.09 -52.61
N GLY A 409 13.17 8.97 -53.34
CA GLY A 409 12.11 8.51 -54.25
C GLY A 409 10.88 8.13 -53.47
N GLY A 410 11.07 7.77 -52.21
CA GLY A 410 9.96 7.40 -51.35
C GLY A 410 10.38 7.49 -49.90
N PHE A 411 9.43 7.82 -49.04
CA PHE A 411 9.73 7.89 -47.62
C PHE A 411 8.51 7.53 -46.82
N LEU A 412 8.51 6.29 -46.36
CA LEU A 412 7.39 5.78 -45.63
C LEU A 412 7.72 5.86 -44.15
N CYS A 413 6.93 6.60 -43.40
CA CYS A 413 7.25 6.62 -41.99
C CYS A 413 6.02 6.22 -41.21
N HIS A 414 6.07 6.43 -39.90
CA HIS A 414 4.95 6.16 -39.01
C HIS A 414 3.80 7.14 -39.33
N GLY A 415 2.58 6.61 -39.40
CA GLY A 415 1.36 7.44 -39.44
C GLY A 415 0.96 7.67 -37.99
N TYR A 416 -0.30 8.03 -37.77
CA TYR A 416 -0.74 8.46 -36.42
C TYR A 416 -0.71 7.31 -35.39
N LEU A 417 -0.88 6.07 -35.85
CA LEU A 417 -0.98 4.91 -34.99
C LEU A 417 0.32 4.67 -34.24
N ASN A 418 1.41 4.99 -34.91
CA ASN A 418 2.73 4.86 -34.36
C ASN A 418 3.00 3.47 -33.79
N SER A 419 2.67 2.45 -34.56
CA SER A 419 2.78 1.07 -34.10
C SER A 419 4.16 0.57 -34.42
N MET A 420 4.92 0.18 -33.39
CA MET A 420 6.26 -0.36 -33.58
C MET A 420 6.25 -1.71 -34.29
N GLY A 421 7.06 -1.90 -35.33
CA GLY A 421 7.21 -3.21 -35.97
C GLY A 421 6.57 -3.39 -37.33
N VAL A 422 5.62 -2.53 -37.71
CA VAL A 422 4.99 -2.59 -39.06
C VAL A 422 5.99 -2.34 -40.20
N GLY A 423 7.25 -2.11 -39.81
CA GLY A 423 8.34 -1.72 -40.69
C GLY A 423 8.70 -2.71 -41.76
N PHE A 424 8.95 -3.96 -41.36
CA PHE A 424 9.14 -5.05 -42.31
C PHE A 424 8.05 -5.16 -43.36
N GLY A 425 6.82 -5.26 -42.90
CA GLY A 425 5.74 -5.49 -43.83
C GLY A 425 5.74 -4.40 -44.88
N THR A 426 5.57 -3.17 -44.41
CA THR A 426 5.56 -2.02 -45.30
C THR A 426 6.81 -2.03 -46.16
N ALA A 427 7.97 -2.35 -45.60
CA ALA A 427 9.21 -2.18 -46.37
C ALA A 427 9.35 -3.25 -47.45
N LEU A 428 8.75 -4.42 -47.18
CA LEU A 428 8.78 -5.55 -48.10
C LEU A 428 7.95 -5.21 -49.34
N GLY A 429 6.68 -4.89 -49.12
CA GLY A 429 5.78 -4.52 -50.20
C GLY A 429 6.23 -3.30 -50.98
N ALA A 430 6.94 -2.41 -50.30
CA ALA A 430 7.49 -1.28 -51.00
C ALA A 430 8.61 -1.74 -51.95
N GLN A 431 9.41 -2.73 -51.56
CA GLN A 431 10.46 -3.25 -52.45
C GLN A 431 9.91 -3.94 -53.71
N VAL A 432 8.76 -4.58 -53.57
CA VAL A 432 8.06 -5.19 -54.70
C VAL A 432 7.61 -4.13 -55.70
N ALA A 433 7.07 -3.04 -55.18
CA ALA A 433 6.60 -1.95 -56.04
C ALA A 433 7.78 -1.20 -56.62
N ASP A 434 8.93 -1.28 -55.96
CA ASP A 434 10.12 -0.55 -56.37
C ASP A 434 10.86 -1.26 -57.47
N LEU A 435 10.54 -2.52 -57.66
CA LEU A 435 11.24 -3.35 -58.61
C LEU A 435 11.03 -2.80 -59.99
N GLU A 436 9.84 -2.29 -60.22
CA GLU A 436 9.43 -1.90 -61.55
C GLU A 436 10.18 -0.65 -61.94
N ALA A 437 10.31 0.26 -60.98
CA ALA A 437 11.08 1.49 -61.12
C ALA A 437 12.60 1.30 -61.05
N GLY A 438 13.05 0.16 -60.53
CA GLY A 438 14.47 -0.06 -60.28
C GLY A 438 14.98 0.59 -59.00
N ARG A 439 14.09 1.24 -58.25
CA ARG A 439 14.46 1.79 -56.93
C ARG A 439 14.73 0.62 -55.99
N ARG A 440 15.57 0.85 -54.99
CA ARG A 440 15.87 -0.16 -54.01
C ARG A 440 15.41 0.33 -52.65
N THR A 441 14.94 -0.58 -51.80
CA THR A 441 14.40 -0.16 -50.51
C THR A 441 15.41 -0.40 -49.38
N ILE A 442 15.50 0.57 -48.47
CA ILE A 442 16.22 0.41 -47.23
C ILE A 442 15.23 0.59 -46.12
N LEU A 443 15.15 -0.37 -45.20
CA LEU A 443 14.34 -0.18 -43.98
C LEU A 443 15.24 0.19 -42.79
N VAL A 444 14.93 1.30 -42.12
CA VAL A 444 15.71 1.65 -40.91
C VAL A 444 14.84 1.46 -39.68
N THR A 445 15.16 0.43 -38.90
CA THR A 445 14.31 0.01 -37.80
C THR A 445 15.10 -0.11 -36.50
N GLY A 446 14.42 -0.14 -35.36
CA GLY A 446 15.11 -0.41 -34.10
C GLY A 446 15.12 -1.89 -33.80
N ASP A 447 15.87 -2.26 -32.77
CA ASP A 447 16.03 -3.66 -32.37
C ASP A 447 14.78 -4.26 -31.77
N GLY A 448 13.85 -3.41 -31.32
CA GLY A 448 12.60 -3.88 -30.74
C GLY A 448 11.69 -4.18 -31.90
N SER A 449 11.64 -3.24 -32.84
CA SER A 449 10.70 -3.28 -33.94
C SER A 449 11.00 -4.34 -34.97
N VAL A 450 12.24 -4.79 -35.03
CA VAL A 450 12.57 -5.84 -35.99
C VAL A 450 11.98 -7.13 -35.46
N GLY A 451 11.90 -7.21 -34.12
CA GLY A 451 11.46 -8.39 -33.39
C GLY A 451 10.07 -8.84 -33.78
N TYR A 452 9.30 -7.91 -34.32
CA TYR A 452 7.89 -8.18 -34.57
C TYR A 452 7.71 -9.09 -35.77
N SER A 453 8.41 -8.79 -36.86
CA SER A 453 8.20 -9.53 -38.09
C SER A 453 9.48 -10.21 -38.54
N ILE A 454 10.32 -10.68 -37.60
CA ILE A 454 11.70 -11.05 -37.96
C ILE A 454 11.84 -12.26 -38.86
N GLY A 455 10.94 -13.21 -38.71
CA GLY A 455 10.87 -14.32 -39.63
C GLY A 455 10.60 -13.93 -41.07
N GLU A 456 10.52 -12.65 -41.39
CA GLU A 456 10.18 -12.25 -42.77
C GLU A 456 11.39 -12.23 -43.66
N PHE A 457 12.57 -12.28 -43.04
CA PHE A 457 13.80 -12.58 -43.76
C PHE A 457 13.61 -13.80 -44.64
N ASP A 458 12.83 -14.74 -44.15
CA ASP A 458 12.44 -15.90 -44.94
C ASP A 458 11.70 -15.50 -46.21
N THR A 459 10.78 -14.56 -46.10
CA THR A 459 10.01 -14.13 -47.25
C THR A 459 10.94 -13.33 -48.14
N LEU A 460 11.84 -12.56 -47.54
CA LEU A 460 12.83 -11.82 -48.31
C LEU A 460 13.66 -12.73 -49.19
N VAL A 461 13.97 -13.92 -48.69
CA VAL A 461 14.86 -14.84 -49.37
C VAL A 461 14.12 -15.68 -50.40
N ARG A 462 13.05 -16.35 -49.98
CA ARG A 462 12.23 -17.17 -50.88
C ARG A 462 11.75 -16.35 -52.07
N LYS A 463 11.51 -15.07 -51.83
CA LYS A 463 10.91 -14.23 -52.83
C LYS A 463 11.92 -13.33 -53.50
N GLN A 464 13.18 -13.41 -53.09
CA GLN A 464 14.25 -12.80 -53.87
C GLN A 464 14.18 -11.27 -53.82
N LEU A 465 13.91 -10.69 -52.66
CA LEU A 465 13.71 -9.23 -52.56
C LEU A 465 14.87 -8.55 -51.84
N PRO A 466 15.65 -7.74 -52.57
CA PRO A 466 16.94 -7.19 -52.11
C PRO A 466 16.84 -6.03 -51.08
N LEU A 467 15.91 -6.15 -50.13
CA LEU A 467 15.68 -5.12 -49.13
C LEU A 467 16.81 -5.12 -48.12
N ILE A 468 17.43 -3.97 -47.90
CA ILE A 468 18.44 -3.90 -46.87
C ILE A 468 17.79 -3.47 -45.58
N VAL A 469 18.08 -4.23 -44.54
CA VAL A 469 17.44 -4.00 -43.27
C VAL A 469 18.50 -3.49 -42.29
N ILE A 470 18.42 -2.22 -41.94
CA ILE A 470 19.31 -1.69 -40.91
C ILE A 470 18.60 -1.70 -39.54
N ILE A 471 19.24 -2.33 -38.58
CA ILE A 471 18.72 -2.33 -37.21
C ILE A 471 19.59 -1.43 -36.35
N MET A 472 19.03 -0.30 -35.93
CA MET A 472 19.68 0.61 -35.00
C MET A 472 19.46 0.08 -33.60
N ASN A 473 20.42 -0.74 -33.21
CA ASN A 473 20.34 -1.56 -32.02
C ASN A 473 20.96 -0.82 -30.83
N ASN A 474 20.10 -0.39 -29.92
CA ASN A 474 20.53 0.14 -28.62
C ASN A 474 20.18 -0.77 -27.43
N GLN A 475 20.05 -2.06 -27.69
CA GLN A 475 19.81 -3.08 -26.66
C GLN A 475 18.58 -2.79 -25.76
N SER A 476 17.61 -2.07 -26.32
CA SER A 476 16.38 -1.70 -25.59
C SER A 476 15.26 -1.12 -26.46
N TRP A 477 14.05 -1.18 -25.90
CA TRP A 477 12.96 -0.34 -26.35
C TRP A 477 13.27 1.12 -25.98
N GLY A 478 14.06 1.77 -26.84
CA GLY A 478 14.58 3.11 -26.61
C GLY A 478 13.60 4.18 -26.22
N TRP A 479 12.55 4.39 -27.01
CA TRP A 479 11.65 5.52 -26.74
C TRP A 479 10.89 5.46 -25.39
N THR A 480 10.47 4.26 -24.99
CA THR A 480 9.81 4.10 -23.70
C THR A 480 10.79 4.08 -22.53
N LEU A 481 11.96 3.48 -22.73
CA LEU A 481 12.93 3.38 -21.65
C LEU A 481 13.39 4.76 -21.25
N HIS A 482 13.42 5.67 -22.23
CA HIS A 482 13.79 7.05 -22.03
C HIS A 482 12.71 7.73 -21.20
N PHE A 483 11.45 7.36 -21.46
CA PHE A 483 10.32 7.93 -20.72
C PHE A 483 10.47 7.54 -19.28
N GLN A 484 10.84 6.28 -19.06
CA GLN A 484 10.91 5.73 -17.72
C GLN A 484 12.01 6.38 -16.91
N GLN A 485 13.13 6.72 -17.53
CA GLN A 485 14.26 7.22 -16.72
C GLN A 485 14.28 8.73 -16.66
N LEU A 486 13.83 9.36 -17.72
CA LEU A 486 13.82 10.80 -17.77
C LEU A 486 12.51 11.41 -17.23
N ALA A 487 11.46 10.63 -17.06
CA ALA A 487 10.15 11.20 -16.70
C ALA A 487 9.49 10.54 -15.50
N VAL A 488 9.97 9.35 -15.14
CA VAL A 488 9.46 8.63 -13.99
C VAL A 488 10.54 8.66 -12.91
N GLY A 489 11.78 8.33 -13.30
CA GLY A 489 12.92 8.27 -12.39
C GLY A 489 13.98 7.26 -12.82
N PRO A 490 15.25 7.67 -12.75
CA PRO A 490 16.36 6.86 -13.24
C PRO A 490 16.42 5.45 -12.64
N ASN A 491 15.94 5.28 -11.41
CA ASN A 491 16.08 4.02 -10.71
C ASN A 491 14.99 3.03 -11.05
N ARG A 492 13.97 3.48 -11.79
CA ARG A 492 12.83 2.62 -12.11
C ARG A 492 12.61 2.40 -13.61
N VAL A 493 13.58 1.70 -14.23
CA VAL A 493 13.45 1.21 -15.59
C VAL A 493 13.05 -0.26 -15.47
N THR A 494 11.95 -0.64 -16.14
CA THR A 494 11.49 -2.04 -16.12
C THR A 494 10.83 -2.51 -17.41
N GLY A 495 11.14 -3.73 -17.81
CA GLY A 495 10.58 -4.37 -19.01
C GLY A 495 10.81 -3.67 -20.35
N THR A 496 11.80 -2.77 -20.40
CA THR A 496 12.08 -2.02 -21.63
C THR A 496 13.47 -2.34 -22.19
N ARG A 497 14.28 -3.05 -21.40
CA ARG A 497 15.63 -3.48 -21.81
C ARG A 497 15.55 -4.76 -22.66
N LEU A 498 16.35 -4.82 -23.72
CA LEU A 498 16.37 -5.98 -24.60
C LEU A 498 17.80 -6.29 -24.91
N GLU A 499 18.53 -6.72 -23.86
CA GLU A 499 19.97 -6.95 -23.98
C GLU A 499 20.29 -8.42 -24.28
N ASN A 500 19.80 -8.89 -25.43
CA ASN A 500 20.05 -10.25 -25.85
C ASN A 500 19.80 -10.42 -27.33
N GLY A 501 20.61 -11.26 -27.97
CA GLY A 501 20.28 -11.75 -29.31
C GLY A 501 21.07 -11.12 -30.44
N SER A 502 21.66 -11.98 -31.26
CA SER A 502 22.36 -11.53 -32.44
C SER A 502 21.42 -11.62 -33.65
N TYR A 503 20.82 -10.48 -33.95
CA TYR A 503 19.95 -10.31 -35.09
C TYR A 503 20.61 -10.68 -36.44
N HIS A 504 21.77 -10.11 -36.70
CA HIS A 504 22.51 -10.44 -37.92
C HIS A 504 22.68 -11.95 -38.05
N GLY A 505 22.66 -12.64 -36.91
CA GLY A 505 22.71 -14.09 -36.88
C GLY A 505 21.42 -14.71 -37.39
N VAL A 506 20.29 -14.13 -37.01
CA VAL A 506 18.96 -14.61 -37.42
C VAL A 506 18.80 -14.56 -38.92
N ALA A 507 19.23 -13.44 -39.51
CA ALA A 507 19.16 -13.28 -40.95
C ALA A 507 19.99 -14.34 -41.68
N ALA A 508 21.15 -14.67 -41.13
CA ALA A 508 22.01 -15.69 -41.73
C ALA A 508 21.36 -17.08 -41.65
N ALA A 509 20.61 -17.33 -40.58
CA ALA A 509 19.98 -18.62 -40.40
C ALA A 509 18.77 -18.77 -41.32
N PHE A 510 18.29 -17.64 -41.85
CA PHE A 510 17.18 -17.65 -42.79
C PHE A 510 17.66 -17.57 -44.24
N GLY A 511 18.94 -17.27 -44.42
CA GLY A 511 19.55 -17.11 -45.73
C GLY A 511 19.59 -15.67 -46.17
N ALA A 512 20.26 -14.83 -45.39
CA ALA A 512 20.38 -13.41 -45.76
C ALA A 512 21.73 -12.91 -45.27
N ASP A 513 22.33 -11.99 -46.02
CA ASP A 513 23.66 -11.51 -45.68
C ASP A 513 23.68 -10.89 -44.28
N GLY A 514 24.54 -11.43 -43.42
CA GLY A 514 24.73 -10.89 -42.08
C GLY A 514 25.86 -9.87 -42.03
N TYR A 515 25.59 -8.72 -41.42
CA TYR A 515 26.61 -7.70 -41.16
C TYR A 515 26.57 -7.23 -39.70
N HIS A 516 27.74 -7.20 -39.07
CA HIS A 516 27.85 -6.80 -37.67
C HIS A 516 28.81 -5.63 -37.47
N VAL A 517 28.24 -4.46 -37.22
CA VAL A 517 29.01 -3.22 -37.18
C VAL A 517 28.65 -2.27 -36.06
N ASP A 518 29.64 -1.53 -35.59
CA ASP A 518 29.46 -0.62 -34.49
C ASP A 518 30.08 0.75 -34.77
N SER A 519 31.23 0.75 -35.43
CA SER A 519 31.90 2.00 -35.78
C SER A 519 31.23 2.62 -36.99
N VAL A 520 31.41 3.93 -37.12
CA VAL A 520 30.97 4.69 -38.28
C VAL A 520 31.44 4.09 -39.64
N GLU A 521 32.74 3.79 -39.75
CA GLU A 521 33.26 3.22 -40.99
C GLU A 521 32.75 1.81 -41.20
N SER A 522 32.73 1.04 -40.12
CA SER A 522 32.21 -0.32 -40.13
C SER A 522 30.85 -0.34 -40.79
N PHE A 523 30.06 0.68 -40.47
CA PHE A 523 28.71 0.78 -40.94
C PHE A 523 28.68 1.18 -42.42
N SER A 524 29.46 2.20 -42.77
CA SER A 524 29.44 2.71 -44.13
C SER A 524 30.01 1.70 -45.07
N ALA A 525 30.97 0.90 -44.59
CA ALA A 525 31.54 -0.18 -45.38
C ALA A 525 30.47 -1.25 -45.63
N ALA A 526 29.69 -1.55 -44.59
CA ALA A 526 28.64 -2.59 -44.65
C ALA A 526 27.45 -2.16 -45.52
N LEU A 527 27.04 -0.91 -45.36
CA LEU A 527 25.93 -0.39 -46.14
C LEU A 527 26.23 -0.38 -47.64
N ALA A 528 27.40 0.16 -47.99
CA ALA A 528 27.79 0.33 -49.38
C ALA A 528 27.97 -1.03 -50.01
N GLN A 529 28.36 -1.98 -49.18
CA GLN A 529 28.61 -3.33 -49.63
C GLN A 529 27.31 -4.00 -50.05
N ALA A 530 26.32 -3.93 -49.16
CA ALA A 530 25.07 -4.62 -49.37
C ALA A 530 24.27 -3.96 -50.49
N LEU A 531 24.54 -2.67 -50.76
CA LEU A 531 23.91 -1.95 -51.89
C LEU A 531 24.45 -2.43 -53.23
N ALA A 532 25.74 -2.75 -53.26
CA ALA A 532 26.36 -3.25 -54.47
C ALA A 532 25.80 -4.63 -54.81
N HIS A 533 25.53 -5.43 -53.78
CA HIS A 533 25.01 -6.78 -53.98
C HIS A 533 23.50 -6.74 -54.13
N ASN A 534 22.98 -7.48 -55.10
CA ASN A 534 21.52 -7.49 -55.30
C ASN A 534 20.78 -8.55 -54.49
N ARG A 535 21.11 -8.64 -53.21
CA ARG A 535 20.57 -9.70 -52.38
C ARG A 535 20.08 -9.07 -51.11
N PRO A 536 18.99 -9.62 -50.56
CA PRO A 536 18.45 -9.31 -49.23
C PRO A 536 19.55 -9.36 -48.16
N ALA A 537 19.63 -8.34 -47.31
CA ALA A 537 20.73 -8.23 -46.32
C ALA A 537 20.38 -7.50 -45.03
N CYS A 538 21.11 -7.78 -43.96
CA CYS A 538 20.75 -7.30 -42.64
C CYS A 538 21.93 -6.73 -41.90
N ILE A 539 21.83 -5.46 -41.53
CA ILE A 539 22.91 -4.76 -40.84
C ILE A 539 22.55 -4.40 -39.40
N ASN A 540 23.18 -5.12 -38.45
CA ASN A 540 22.95 -4.93 -37.02
C ASN A 540 23.90 -3.88 -36.50
N VAL A 541 23.37 -2.66 -36.35
CA VAL A 541 24.17 -1.47 -36.02
C VAL A 541 24.15 -1.06 -34.53
N ALA A 542 25.28 -1.20 -33.87
CA ALA A 542 25.37 -0.86 -32.45
C ALA A 542 25.45 0.66 -32.24
N VAL A 543 24.41 1.18 -31.57
CA VAL A 543 24.29 2.60 -31.33
C VAL A 543 24.15 2.95 -29.84
N ALA A 544 24.51 4.18 -29.52
CA ALA A 544 24.25 4.75 -28.21
C ALA A 544 22.76 4.90 -27.91
N LEU A 545 22.47 4.92 -26.62
CA LEU A 545 21.14 4.96 -26.07
C LEU A 545 20.80 6.33 -25.47
N ASP A 546 21.77 6.91 -24.77
CA ASP A 546 21.60 8.14 -23.99
C ASP A 546 21.12 9.36 -24.74
N PRO A 547 21.49 9.48 -26.05
CA PRO A 547 21.20 10.73 -26.74
C PRO A 547 19.71 10.92 -26.90
N ILE A 548 19.28 12.11 -26.49
CA ILE A 548 17.89 12.56 -26.54
C ILE A 548 17.72 13.30 -27.86
N PRO A 549 16.92 12.73 -28.80
CA PRO A 549 16.59 13.40 -30.06
C PRO A 549 15.88 14.74 -29.79
N PRO A 550 16.14 15.76 -30.62
CA PRO A 550 15.42 17.02 -30.44
C PRO A 550 13.90 16.85 -30.56
N GLU A 551 13.47 15.83 -31.28
CA GLU A 551 12.04 15.59 -31.42
C GLU A 551 11.43 14.96 -30.17
N GLU A 552 12.24 14.28 -29.38
CA GLU A 552 11.75 13.66 -28.16
C GLU A 552 11.42 14.74 -27.14
N LEU A 553 12.25 15.79 -27.08
CA LEU A 553 11.99 16.94 -26.21
C LEU A 553 10.94 17.91 -26.75
N ILE A 554 10.70 17.89 -28.05
CA ILE A 554 9.60 18.70 -28.64
C ILE A 554 8.25 18.07 -28.34
N LEU A 555 8.11 16.79 -28.65
CA LEU A 555 6.88 16.01 -28.48
C LEU A 555 6.38 15.91 -27.04
N ILE A 556 7.30 15.99 -26.09
CA ILE A 556 6.90 16.11 -24.68
C ILE A 556 6.53 17.56 -24.32
N GLY A 557 7.03 18.54 -25.07
CA GLY A 557 6.57 19.94 -24.95
C GLY A 557 7.57 20.97 -24.43
N MET A 558 8.86 20.64 -24.49
CA MET A 558 9.93 21.53 -24.01
C MET A 558 10.81 21.97 -25.18
N ASP A 559 11.65 22.98 -24.96
CA ASP A 559 12.55 23.49 -26.00
C ASP A 559 13.87 22.68 -25.98
N PRO A 560 14.25 22.05 -27.12
CA PRO A 560 15.50 21.29 -27.08
C PRO A 560 16.69 22.12 -27.53
N PHE A 561 16.53 23.44 -27.65
CA PHE A 561 17.65 24.31 -27.98
C PHE A 561 17.76 25.48 -26.99
N ALA A 562 17.26 25.24 -25.77
CA ALA A 562 17.34 26.19 -24.67
C ALA A 562 18.46 25.82 -23.67
N GLY A 563 19.36 26.77 -23.41
CA GLY A 563 20.48 26.54 -22.49
C GLY A 563 21.83 26.50 -23.20
N ALA B 1 -1.45 8.47 1.29
CA ALA B 1 -0.96 9.40 0.23
C ALA B 1 -1.87 9.31 -0.97
N MET B 2 -1.41 9.90 -2.06
CA MET B 2 -2.14 9.86 -3.33
C MET B 2 -1.49 8.90 -4.29
N ILE B 3 -2.27 8.01 -4.86
CA ILE B 3 -1.75 6.98 -5.77
C ILE B 3 -2.22 7.26 -7.19
N THR B 4 -1.75 6.47 -8.16
CA THR B 4 -2.18 6.68 -9.54
C THR B 4 -3.20 5.68 -9.96
N GLY B 5 -4.07 6.10 -10.89
CA GLY B 5 -4.95 5.16 -11.58
C GLY B 5 -4.28 3.86 -11.99
N GLY B 6 -2.99 3.88 -12.32
CA GLY B 6 -2.26 2.64 -12.54
C GLY B 6 -2.15 1.76 -11.29
N GLU B 7 -1.72 2.36 -10.18
CA GLU B 7 -1.74 1.73 -8.88
C GLU B 7 -3.11 1.14 -8.52
N LEU B 8 -4.18 1.88 -8.83
CA LEU B 8 -5.52 1.43 -8.47
C LEU B 8 -5.87 0.09 -9.14
N VAL B 9 -5.39 -0.06 -10.38
CA VAL B 9 -5.49 -1.31 -11.16
C VAL B 9 -4.76 -2.42 -10.42
N VAL B 10 -3.45 -2.22 -10.20
CA VAL B 10 -2.61 -3.28 -9.63
C VAL B 10 -3.09 -3.77 -8.22
N ARG B 11 -3.40 -2.82 -7.35
CA ARG B 11 -4.04 -3.11 -6.09
C ARG B 11 -5.29 -3.99 -6.28
N THR B 12 -6.15 -3.65 -7.23
CA THR B 12 -7.31 -4.49 -7.49
C THR B 12 -6.99 -5.90 -8.05
N LEU B 13 -6.05 -6.01 -8.98
CA LEU B 13 -5.66 -7.32 -9.48
C LEU B 13 -5.04 -8.15 -8.38
N ILE B 14 -4.25 -7.49 -7.53
CA ILE B 14 -3.61 -8.14 -6.42
C ILE B 14 -4.66 -8.78 -5.52
N LYS B 15 -5.74 -8.06 -5.25
CA LYS B 15 -6.82 -8.60 -4.41
C LYS B 15 -7.55 -9.78 -5.04
N ALA B 16 -7.64 -9.79 -6.37
CA ALA B 16 -8.10 -10.97 -7.06
C ALA B 16 -7.12 -12.18 -6.91
N GLY B 17 -5.84 -11.90 -6.70
CA GLY B 17 -4.86 -12.96 -6.56
C GLY B 17 -4.07 -13.17 -7.82
N VAL B 18 -3.87 -12.12 -8.60
CA VAL B 18 -3.16 -12.23 -9.88
C VAL B 18 -1.65 -12.19 -9.60
N GLU B 19 -0.89 -13.19 -10.03
CA GLU B 19 0.51 -13.24 -9.61
C GLU B 19 1.54 -13.08 -10.73
N HIS B 20 1.05 -12.79 -11.93
CA HIS B 20 1.85 -12.63 -13.13
C HIS B 20 1.00 -11.88 -14.12
N LEU B 21 1.62 -10.97 -14.86
CA LEU B 21 1.03 -10.34 -16.05
C LEU B 21 1.83 -10.72 -17.31
N PHE B 22 1.19 -10.61 -18.49
CA PHE B 22 1.89 -10.79 -19.77
C PHE B 22 1.65 -9.53 -20.56
N GLY B 23 2.68 -8.95 -21.13
CA GLY B 23 2.49 -7.65 -21.72
C GLY B 23 3.64 -7.18 -22.57
N LEU B 24 3.59 -5.91 -22.94
CA LEU B 24 4.66 -5.29 -23.67
C LEU B 24 4.50 -3.78 -23.50
N HIS B 25 5.56 -3.18 -22.96
CA HIS B 25 5.51 -1.83 -22.44
C HIS B 25 5.30 -0.79 -23.52
N GLY B 26 4.33 0.10 -23.27
CA GLY B 26 4.22 1.42 -23.93
C GLY B 26 4.10 2.54 -22.90
N ILE B 27 4.40 3.78 -23.27
CA ILE B 27 4.28 4.89 -22.30
C ILE B 27 2.88 5.12 -21.72
N HIS B 28 1.86 4.72 -22.46
CA HIS B 28 0.44 4.82 -22.03
C HIS B 28 0.06 3.97 -20.89
N ILE B 29 0.82 2.91 -20.70
CA ILE B 29 0.48 1.89 -19.71
C ILE B 29 1.58 1.77 -18.70
N ASP B 30 2.49 2.74 -18.72
CA ASP B 30 3.59 2.75 -17.77
C ASP B 30 3.20 2.78 -16.30
N THR B 31 2.17 3.54 -15.92
CA THR B 31 1.72 3.56 -14.53
C THR B 31 1.34 2.18 -13.95
N ILE B 32 0.86 1.24 -14.79
CA ILE B 32 0.67 -0.14 -14.34
C ILE B 32 2.02 -0.81 -14.12
N PHE B 33 2.97 -0.54 -15.00
CA PHE B 33 4.29 -1.13 -14.89
C PHE B 33 4.95 -0.71 -13.61
N GLN B 34 4.84 0.58 -13.30
CA GLN B 34 5.41 1.13 -12.09
C GLN B 34 4.79 0.49 -10.85
N ALA B 35 3.46 0.35 -10.86
CA ALA B 35 2.76 -0.29 -9.78
C ALA B 35 3.03 -1.79 -9.64
N CYS B 36 3.30 -2.50 -10.73
CA CYS B 36 3.73 -3.89 -10.63
C CYS B 36 5.15 -4.09 -10.08
N LEU B 37 6.05 -3.21 -10.54
CA LEU B 37 7.42 -3.22 -10.11
C LEU B 37 7.45 -2.90 -8.61
N ASP B 38 6.74 -1.85 -8.20
CA ASP B 38 6.51 -1.55 -6.78
C ASP B 38 6.03 -2.73 -5.91
N HIS B 39 5.06 -3.50 -6.40
CA HIS B 39 4.51 -4.64 -5.66
C HIS B 39 5.00 -6.03 -6.07
N ASP B 40 6.11 -6.13 -6.79
CA ASP B 40 6.68 -7.43 -7.09
C ASP B 40 5.74 -8.41 -7.77
N VAL B 41 4.83 -7.93 -8.60
CA VAL B 41 4.16 -8.87 -9.49
C VAL B 41 4.83 -8.81 -10.85
N PRO B 42 5.31 -9.98 -11.33
CA PRO B 42 6.08 -10.12 -12.57
C PRO B 42 5.24 -9.77 -13.79
N ILE B 43 5.81 -9.04 -14.74
CA ILE B 43 5.17 -8.81 -16.04
C ILE B 43 6.08 -9.45 -17.06
N ILE B 44 5.60 -10.50 -17.69
CA ILE B 44 6.42 -11.14 -18.67
C ILE B 44 6.23 -10.38 -19.97
N ASP B 45 7.30 -9.75 -20.43
CA ASP B 45 7.26 -8.87 -21.60
C ASP B 45 7.84 -9.56 -22.82
N THR B 46 6.99 -9.77 -23.81
CA THR B 46 7.35 -10.56 -24.98
C THR B 46 7.78 -9.64 -26.13
N ARG B 47 7.87 -10.19 -27.35
CA ARG B 47 8.35 -9.43 -28.48
C ARG B 47 7.22 -8.93 -29.36
N HIS B 48 6.02 -9.44 -29.10
CA HIS B 48 4.83 -9.09 -29.90
C HIS B 48 3.69 -9.09 -28.92
N GLU B 49 2.74 -8.18 -29.05
CA GLU B 49 1.60 -8.24 -28.14
C GLU B 49 0.76 -9.53 -28.29
N ALA B 50 0.73 -10.12 -29.47
CA ALA B 50 -0.03 -11.34 -29.71
C ALA B 50 0.57 -12.50 -28.90
N ALA B 51 1.90 -12.59 -28.88
CA ALA B 51 2.55 -13.56 -28.04
C ALA B 51 2.21 -13.35 -26.55
N ALA B 52 2.09 -12.07 -26.15
CA ALA B 52 1.74 -11.74 -24.77
C ALA B 52 0.29 -12.10 -24.50
N GLY B 53 -0.60 -11.79 -25.44
CA GLY B 53 -1.98 -12.22 -25.41
C GLY B 53 -2.15 -13.72 -25.32
N HIS B 54 -1.54 -14.47 -26.24
CA HIS B 54 -1.66 -15.92 -26.18
C HIS B 54 -1.04 -16.49 -24.91
N ALA B 55 0.00 -15.83 -24.37
CA ALA B 55 0.76 -16.38 -23.21
C ALA B 55 -0.12 -16.33 -21.99
N ALA B 56 -0.94 -15.28 -21.95
CA ALA B 56 -1.98 -15.15 -20.98
C ALA B 56 -3.02 -16.25 -21.14
N GLU B 57 -3.41 -16.62 -22.36
CA GLU B 57 -4.31 -17.76 -22.52
C GLU B 57 -3.75 -19.07 -21.91
N GLY B 58 -2.49 -19.34 -22.23
CA GLY B 58 -1.83 -20.55 -21.78
C GLY B 58 -1.69 -20.57 -20.27
N TYR B 59 -1.37 -19.41 -19.73
CA TYR B 59 -1.31 -19.29 -18.27
C TYR B 59 -2.67 -19.62 -17.65
N ALA B 60 -3.77 -19.16 -18.26
CA ALA B 60 -5.11 -19.36 -17.75
C ALA B 60 -5.54 -20.80 -17.84
N ARG B 61 -5.27 -21.41 -18.99
CA ARG B 61 -5.71 -22.75 -19.27
C ARG B 61 -4.86 -23.70 -18.49
N ALA B 62 -3.54 -23.55 -18.54
CA ALA B 62 -2.62 -24.42 -17.79
C ALA B 62 -2.66 -24.27 -16.27
N GLY B 63 -2.92 -23.07 -15.76
CA GLY B 63 -2.95 -22.85 -14.33
C GLY B 63 -4.33 -23.06 -13.75
N ALA B 64 -5.31 -23.28 -14.64
CA ALA B 64 -6.76 -23.23 -14.33
C ALA B 64 -7.13 -22.01 -13.47
N LYS B 65 -6.52 -20.87 -13.78
CA LYS B 65 -6.84 -19.62 -13.11
C LYS B 65 -7.12 -18.55 -14.17
N LEU B 66 -7.27 -17.29 -13.69
CA LEU B 66 -7.40 -16.11 -14.56
C LEU B 66 -6.04 -15.69 -15.12
N GLY B 67 -6.01 -15.24 -16.37
CA GLY B 67 -4.78 -14.78 -16.97
C GLY B 67 -4.93 -13.32 -17.31
N VAL B 68 -3.86 -12.55 -17.13
CA VAL B 68 -3.95 -11.14 -17.50
C VAL B 68 -2.89 -10.64 -18.45
N ALA B 69 -3.40 -10.12 -19.58
CA ALA B 69 -2.64 -9.49 -20.66
C ALA B 69 -2.76 -7.98 -20.63
N LEU B 70 -1.61 -7.33 -20.84
CA LEU B 70 -1.50 -5.91 -20.72
C LEU B 70 -0.78 -5.29 -21.94
N VAL B 71 -1.54 -4.58 -22.77
CA VAL B 71 -1.03 -4.02 -23.99
C VAL B 71 -1.31 -2.55 -24.03
N THR B 72 -0.39 -1.80 -24.65
CA THR B 72 -0.53 -0.33 -24.79
C THR B 72 -1.61 0.11 -25.81
N ALA B 73 -1.70 1.41 -26.05
CA ALA B 73 -2.77 1.98 -26.88
C ALA B 73 -2.48 1.74 -28.31
N GLY B 74 -3.54 1.71 -29.12
CA GLY B 74 -3.39 1.69 -30.56
C GLY B 74 -2.86 0.39 -31.08
N GLY B 75 -1.60 0.41 -31.51
CA GLY B 75 -0.98 -0.79 -32.05
C GLY B 75 -0.97 -1.92 -31.03
N GLY B 76 -0.96 -1.54 -29.75
CA GLY B 76 -0.90 -2.50 -28.66
C GLY B 76 -2.20 -3.26 -28.66
N PHE B 77 -3.31 -2.53 -28.74
CA PHE B 77 -4.58 -3.21 -28.74
C PHE B 77 -4.78 -4.00 -30.02
N THR B 78 -4.46 -3.42 -31.15
CA THR B 78 -4.76 -4.13 -32.39
C THR B 78 -3.93 -5.39 -32.55
N ASN B 79 -2.68 -5.39 -32.07
CA ASN B 79 -1.83 -6.59 -32.08
C ASN B 79 -2.39 -7.71 -31.20
N ALA B 80 -3.27 -7.31 -30.30
CA ALA B 80 -3.82 -8.21 -29.31
C ALA B 80 -5.08 -8.89 -29.80
N VAL B 81 -5.53 -8.61 -31.03
CA VAL B 81 -6.83 -9.11 -31.48
C VAL B 81 -6.90 -10.63 -31.63
N THR B 82 -5.90 -11.22 -32.28
CA THR B 82 -5.97 -12.67 -32.45
C THR B 82 -6.06 -13.50 -31.12
N PRO B 83 -5.31 -13.10 -30.07
CA PRO B 83 -5.50 -13.78 -28.80
C PRO B 83 -6.88 -13.56 -28.21
N ILE B 84 -7.43 -12.36 -28.31
CA ILE B 84 -8.74 -12.14 -27.73
C ILE B 84 -9.70 -13.00 -28.49
N ALA B 85 -9.51 -13.13 -29.79
CA ALA B 85 -10.46 -13.87 -30.61
C ALA B 85 -10.38 -15.33 -30.22
N ASN B 86 -9.15 -15.81 -30.08
CA ASN B 86 -8.96 -17.18 -29.72
C ASN B 86 -9.57 -17.50 -28.35
N ALA B 87 -9.35 -16.63 -27.37
CA ALA B 87 -9.91 -16.83 -26.03
C ALA B 87 -11.44 -16.86 -26.07
N TRP B 88 -12.04 -16.15 -27.03
CA TRP B 88 -13.48 -16.04 -27.13
C TRP B 88 -14.04 -17.39 -27.47
N LEU B 89 -13.43 -18.06 -28.46
CA LEU B 89 -13.97 -19.33 -28.92
C LEU B 89 -13.49 -20.49 -28.06
N ASP B 90 -12.34 -20.34 -27.42
CA ASP B 90 -11.81 -21.44 -26.61
C ASP B 90 -12.49 -21.45 -25.25
N ARG B 91 -13.32 -20.43 -25.01
CA ARG B 91 -13.84 -20.10 -23.68
C ARG B 91 -12.73 -20.06 -22.60
N THR B 92 -11.83 -19.10 -22.72
CA THR B 92 -10.67 -19.00 -21.84
C THR B 92 -10.83 -17.76 -20.98
N PRO B 93 -10.75 -17.85 -19.62
CA PRO B 93 -10.92 -16.64 -18.81
C PRO B 93 -9.69 -15.72 -18.81
N VAL B 94 -9.74 -14.63 -19.58
CA VAL B 94 -8.57 -13.76 -19.76
C VAL B 94 -9.02 -12.33 -19.63
N LEU B 95 -8.39 -11.58 -18.74
CA LEU B 95 -8.60 -10.14 -18.70
C LEU B 95 -7.60 -9.49 -19.63
N PHE B 96 -8.11 -8.70 -20.58
CA PHE B 96 -7.24 -7.90 -21.46
C PHE B 96 -7.29 -6.48 -20.96
N LEU B 97 -6.16 -6.00 -20.44
CA LEU B 97 -6.04 -4.60 -20.04
C LEU B 97 -5.34 -3.81 -21.13
N THR B 98 -6.00 -2.79 -21.66
CA THR B 98 -5.43 -2.02 -22.76
C THR B 98 -5.42 -0.52 -22.43
N GLY B 99 -4.36 0.15 -22.89
CA GLY B 99 -4.33 1.59 -22.79
C GLY B 99 -5.04 2.15 -24.00
N SER B 100 -5.45 3.41 -23.93
CA SER B 100 -5.91 4.11 -25.11
C SER B 100 -5.59 5.55 -24.88
N GLY B 101 -5.96 6.36 -25.89
CA GLY B 101 -5.75 7.79 -25.92
C GLY B 101 -6.32 8.45 -24.69
N ALA B 102 -5.70 9.56 -24.28
CA ALA B 102 -6.22 10.39 -23.19
C ALA B 102 -7.60 10.90 -23.55
N LEU B 103 -8.53 10.82 -22.61
CA LEU B 103 -9.86 11.40 -22.76
C LEU B 103 -9.84 12.85 -23.18
N ARG B 104 -8.95 13.62 -22.56
CA ARG B 104 -8.89 15.03 -22.85
C ARG B 104 -8.14 15.29 -24.14
N ASP B 105 -7.42 14.30 -24.66
CA ASP B 105 -6.81 14.44 -26.00
C ASP B 105 -7.74 13.83 -27.06
N ASP B 106 -9.02 13.75 -26.73
CA ASP B 106 -10.01 13.19 -27.62
C ASP B 106 -10.18 13.91 -28.95
N GLU B 107 -10.17 13.10 -30.00
CA GLU B 107 -10.36 13.53 -31.37
C GLU B 107 -9.40 14.63 -31.73
N THR B 108 -8.13 14.50 -31.32
CA THR B 108 -7.13 15.50 -31.70
C THR B 108 -6.04 14.94 -32.59
N ASN B 109 -6.32 13.80 -33.24
CA ASN B 109 -5.32 13.10 -34.09
C ASN B 109 -3.95 12.84 -33.44
N THR B 110 -3.92 12.37 -32.18
CA THR B 110 -2.65 12.17 -31.46
C THR B 110 -2.08 10.80 -31.66
N LEU B 111 -0.94 10.62 -31.00
CA LEU B 111 -0.12 9.44 -31.00
C LEU B 111 -0.91 8.26 -30.49
N GLN B 112 -0.99 7.19 -31.28
CA GLN B 112 -1.69 5.95 -30.90
C GLN B 112 -3.21 6.07 -30.58
N ALA B 113 -3.81 7.25 -30.80
CA ALA B 113 -5.24 7.45 -30.48
C ALA B 113 -6.14 7.40 -31.73
N GLY B 114 -7.44 7.20 -31.53
CA GLY B 114 -8.39 7.25 -32.64
C GLY B 114 -9.08 5.96 -33.04
N ILE B 115 -8.55 4.83 -32.66
CA ILE B 115 -9.19 3.59 -33.06
C ILE B 115 -10.16 3.15 -31.94
N ASP B 116 -11.43 2.86 -32.30
CA ASP B 116 -12.51 2.53 -31.34
C ASP B 116 -12.30 1.14 -30.78
N GLN B 117 -11.42 1.06 -29.80
CA GLN B 117 -10.98 -0.20 -29.31
C GLN B 117 -12.11 -1.01 -28.70
N VAL B 118 -13.00 -0.44 -27.90
CA VAL B 118 -14.13 -1.33 -27.46
C VAL B 118 -15.03 -1.79 -28.62
N ALA B 119 -15.22 -0.97 -29.65
CA ALA B 119 -16.05 -1.41 -30.76
C ALA B 119 -15.52 -2.67 -31.44
N MET B 120 -14.20 -2.70 -31.65
CA MET B 120 -13.51 -3.78 -32.31
C MET B 120 -13.55 -5.04 -31.47
N ALA B 121 -13.58 -4.87 -30.14
CA ALA B 121 -13.59 -6.03 -29.25
C ALA B 121 -14.98 -6.51 -28.84
N ALA B 122 -16.01 -5.72 -29.10
CA ALA B 122 -17.38 -6.06 -28.73
C ALA B 122 -17.81 -7.47 -29.17
N PRO B 123 -17.58 -7.83 -30.46
CA PRO B 123 -18.07 -9.14 -30.88
C PRO B 123 -17.14 -10.27 -30.54
N ILE B 124 -16.05 -9.98 -29.87
CA ILE B 124 -15.03 -10.97 -29.52
C ILE B 124 -14.98 -11.24 -28.01
N THR B 125 -15.75 -10.51 -27.20
CA THR B 125 -15.62 -10.52 -25.72
C THR B 125 -16.96 -10.63 -24.99
N LYS B 126 -16.95 -11.18 -23.77
CA LYS B 126 -18.15 -11.15 -22.91
C LYS B 126 -18.51 -9.70 -22.60
N TRP B 127 -17.48 -8.90 -22.37
CA TRP B 127 -17.68 -7.52 -21.98
C TRP B 127 -16.50 -6.74 -22.47
N ALA B 128 -16.77 -5.59 -23.07
CA ALA B 128 -15.71 -4.63 -23.45
C ALA B 128 -16.14 -3.28 -22.96
N HIS B 129 -15.22 -2.53 -22.38
CA HIS B 129 -15.66 -1.29 -21.77
C HIS B 129 -14.56 -0.28 -21.58
N ARG B 130 -14.89 0.98 -21.86
CA ARG B 130 -13.95 2.08 -21.62
C ARG B 130 -14.21 2.76 -20.30
N VAL B 131 -13.17 2.76 -19.46
CA VAL B 131 -13.21 3.39 -18.15
C VAL B 131 -13.25 4.88 -18.30
N MET B 132 -14.19 5.50 -17.62
CA MET B 132 -14.45 6.91 -17.82
C MET B 132 -13.96 7.84 -16.68
N ALA B 133 -13.50 7.26 -15.57
CA ALA B 133 -13.16 8.02 -14.34
C ALA B 133 -12.10 7.30 -13.52
N THR B 134 -11.20 8.03 -12.89
CA THR B 134 -10.12 7.35 -12.18
C THR B 134 -10.65 6.68 -10.91
N GLU B 135 -11.71 7.25 -10.31
CA GLU B 135 -12.44 6.69 -9.16
C GLU B 135 -13.02 5.31 -9.43
N HIS B 136 -13.19 5.01 -10.72
CA HIS B 136 -13.95 3.88 -11.18
C HIS B 136 -13.10 2.65 -11.30
N ILE B 137 -11.79 2.86 -11.42
CA ILE B 137 -10.87 1.77 -11.73
C ILE B 137 -11.03 0.52 -10.86
N PRO B 138 -11.06 0.66 -9.51
CA PRO B 138 -11.12 -0.56 -8.72
C PRO B 138 -12.37 -1.35 -8.92
N ARG B 139 -13.54 -0.71 -8.93
CA ARG B 139 -14.79 -1.50 -9.10
C ARG B 139 -15.02 -2.04 -10.54
N LEU B 140 -14.50 -1.32 -11.53
CA LEU B 140 -14.64 -1.77 -12.89
C LEU B 140 -13.71 -2.93 -13.22
N VAL B 141 -12.59 -3.00 -12.54
CA VAL B 141 -11.64 -4.04 -12.83
C VAL B 141 -12.21 -5.31 -12.21
N MET B 142 -12.73 -5.20 -11.01
CA MET B 142 -13.29 -6.37 -10.38
C MET B 142 -14.54 -6.80 -11.12
N GLN B 143 -15.32 -5.85 -11.63
CA GLN B 143 -16.47 -6.26 -12.44
C GLN B 143 -16.03 -7.07 -13.67
N ALA B 144 -14.98 -6.58 -14.33
CA ALA B 144 -14.31 -7.28 -15.45
C ALA B 144 -13.87 -8.71 -15.11
N ILE B 145 -13.18 -8.88 -13.95
CA ILE B 145 -12.74 -10.21 -13.49
C ILE B 145 -13.92 -11.14 -13.24
N ARG B 146 -14.93 -10.66 -12.52
CA ARG B 146 -16.13 -11.46 -12.39
C ARG B 146 -16.70 -11.94 -13.77
N ALA B 147 -16.61 -11.09 -14.79
CA ALA B 147 -17.32 -11.43 -16.02
C ALA B 147 -16.48 -12.44 -16.77
N ALA B 148 -15.17 -12.27 -16.71
CA ALA B 148 -14.31 -13.25 -17.32
C ALA B 148 -14.42 -14.67 -16.67
N LEU B 149 -14.63 -14.71 -15.36
CA LEU B 149 -14.48 -15.91 -14.60
C LEU B 149 -15.77 -16.61 -14.41
N SER B 150 -16.88 -15.93 -14.59
CA SER B 150 -18.15 -16.67 -14.58
C SER B 150 -18.31 -17.60 -15.79
N ALA B 151 -19.08 -18.67 -15.57
CA ALA B 151 -19.45 -19.63 -16.61
C ALA B 151 -20.42 -19.05 -17.64
N PRO B 152 -20.11 -19.20 -18.94
CA PRO B 152 -18.92 -19.81 -19.50
C PRO B 152 -17.75 -18.83 -19.55
N ARG B 153 -16.57 -19.33 -19.21
CA ARG B 153 -15.43 -18.44 -19.10
C ARG B 153 -15.04 -17.87 -20.44
N GLY B 154 -14.65 -16.61 -20.48
CA GLY B 154 -14.37 -15.96 -21.77
C GLY B 154 -13.54 -14.70 -21.57
N PRO B 155 -13.03 -14.09 -22.66
CA PRO B 155 -12.18 -12.92 -22.49
C PRO B 155 -12.98 -11.65 -22.25
N VAL B 156 -12.44 -10.74 -21.43
CA VAL B 156 -12.99 -9.39 -21.20
C VAL B 156 -12.00 -8.29 -21.56
N LEU B 157 -12.48 -7.18 -22.11
CA LEU B 157 -11.58 -6.06 -22.43
C LEU B 157 -11.87 -4.80 -21.63
N LEU B 158 -10.85 -4.31 -20.93
CA LEU B 158 -10.95 -3.07 -20.19
C LEU B 158 -10.04 -1.97 -20.80
N ASP B 159 -10.65 -0.90 -21.31
CA ASP B 159 -9.90 0.21 -21.93
C ASP B 159 -9.59 1.30 -20.92
N LEU B 160 -8.32 1.51 -20.68
CA LEU B 160 -7.93 2.47 -19.68
C LEU B 160 -7.17 3.66 -20.29
N PRO B 161 -7.89 4.74 -20.62
CA PRO B 161 -7.27 5.89 -21.26
C PRO B 161 -6.05 6.33 -20.46
N TRP B 162 -4.96 6.64 -21.17
CA TRP B 162 -3.67 7.07 -20.54
C TRP B 162 -3.82 8.21 -19.55
N ASP B 163 -4.83 9.00 -19.80
CA ASP B 163 -5.21 10.19 -19.08
C ASP B 163 -5.67 9.86 -17.67
N ILE B 164 -6.54 8.87 -17.58
CA ILE B 164 -7.14 8.38 -16.35
C ILE B 164 -6.15 7.55 -15.56
N LEU B 165 -5.27 6.86 -16.27
CA LEU B 165 -4.23 6.08 -15.62
C LEU B 165 -3.17 6.95 -14.96
N MET B 166 -2.80 8.05 -15.62
CA MET B 166 -1.78 8.95 -15.06
C MET B 166 -2.33 9.75 -13.89
N ASN B 167 -3.65 9.89 -13.89
CA ASN B 167 -4.35 10.65 -12.88
C ASN B 167 -4.01 10.17 -11.46
N GLN B 168 -4.20 11.05 -10.48
CA GLN B 168 -3.76 10.76 -9.11
C GLN B 168 -4.80 11.13 -8.09
N ILE B 169 -5.34 10.13 -7.41
CA ILE B 169 -6.28 10.44 -6.38
C ILE B 169 -5.75 10.04 -5.02
N ASP B 170 -6.53 10.39 -4.01
CA ASP B 170 -6.27 10.04 -2.65
C ASP B 170 -6.65 8.58 -2.36
N GLU B 171 -5.72 7.82 -1.76
CA GLU B 171 -5.88 6.39 -1.45
C GLU B 171 -7.16 6.02 -0.79
N ASP B 172 -7.61 6.90 0.10
CA ASP B 172 -8.68 6.59 1.02
C ASP B 172 -10.03 6.92 0.44
N SER B 173 -10.01 7.79 -0.57
CA SER B 173 -11.25 8.20 -1.22
C SER B 173 -11.95 7.02 -1.91
N VAL B 174 -11.16 6.09 -2.47
CA VAL B 174 -11.73 4.95 -3.17
C VAL B 174 -11.40 3.60 -2.45
N ILE B 175 -12.34 2.64 -2.49
CA ILE B 175 -12.24 1.36 -1.80
C ILE B 175 -11.81 0.27 -2.76
N ILE B 176 -10.68 -0.38 -2.54
CA ILE B 176 -10.26 -1.52 -3.40
C ILE B 176 -11.05 -2.75 -2.94
N PRO B 177 -11.99 -3.25 -3.75
CA PRO B 177 -12.92 -4.26 -3.24
C PRO B 177 -12.41 -5.71 -3.38
N ASP B 178 -12.95 -6.65 -2.61
CA ASP B 178 -12.49 -8.04 -2.65
C ASP B 178 -13.12 -8.76 -3.84
N LEU B 179 -12.57 -9.93 -4.17
CA LEU B 179 -13.28 -10.82 -5.08
C LEU B 179 -14.24 -11.71 -4.27
N VAL B 180 -15.50 -11.29 -4.19
CA VAL B 180 -16.54 -12.04 -3.49
C VAL B 180 -17.42 -12.70 -4.54
N LEU B 181 -17.06 -13.91 -4.92
CA LEU B 181 -17.73 -14.70 -5.95
C LEU B 181 -17.32 -16.16 -5.69
N SER B 182 -18.29 -16.96 -5.26
CA SER B 182 -18.05 -18.36 -4.89
C SER B 182 -17.29 -19.13 -5.98
N ALA B 183 -16.24 -19.83 -5.57
CA ALA B 183 -15.52 -20.75 -6.46
C ALA B 183 -16.34 -21.99 -6.95
N HIS B 184 -17.35 -22.43 -6.20
CA HIS B 184 -18.23 -23.50 -6.71
C HIS B 184 -19.32 -22.98 -7.62
N GLY B 185 -19.49 -23.60 -8.78
CA GLY B 185 -20.52 -23.23 -9.74
C GLY B 185 -21.89 -23.76 -9.37
N ALA B 186 -22.92 -23.22 -10.03
CA ALA B 186 -24.31 -23.61 -9.78
C ALA B 186 -24.59 -25.03 -10.22
N ARG B 187 -25.43 -25.74 -9.48
CA ARG B 187 -25.76 -27.15 -9.79
C ARG B 187 -27.14 -27.34 -10.46
N PRO B 188 -27.34 -28.45 -11.22
CA PRO B 188 -28.64 -28.77 -11.84
C PRO B 188 -29.76 -28.90 -10.81
N ASP B 189 -31.02 -28.74 -11.21
CA ASP B 189 -32.15 -29.10 -10.33
C ASP B 189 -31.96 -30.55 -9.87
N PRO B 190 -32.67 -30.99 -8.83
CA PRO B 190 -32.60 -32.39 -8.39
C PRO B 190 -33.69 -33.26 -8.99
N ALA B 191 -34.63 -32.61 -9.68
CA ALA B 191 -35.57 -33.34 -10.52
C ALA B 191 -34.84 -33.82 -11.78
N ASP B 192 -34.01 -32.95 -12.31
CA ASP B 192 -33.35 -33.19 -13.57
C ASP B 192 -32.13 -34.05 -13.40
N LEU B 193 -31.45 -33.86 -12.28
CA LEU B 193 -30.26 -34.61 -11.95
C LEU B 193 -30.61 -36.09 -11.83
N ASP B 194 -31.72 -36.36 -11.18
CA ASP B 194 -32.18 -37.73 -10.99
C ASP B 194 -32.66 -38.37 -12.31
N GLN B 195 -33.29 -37.56 -13.17
CA GLN B 195 -33.78 -38.01 -14.47
C GLN B 195 -32.61 -38.43 -15.34
N ALA B 196 -31.54 -37.66 -15.28
CA ALA B 196 -30.32 -37.96 -16.02
C ALA B 196 -29.67 -39.25 -15.53
N LEU B 197 -29.75 -39.48 -14.23
CA LEU B 197 -29.09 -40.62 -13.65
C LEU B 197 -29.89 -41.87 -13.93
N ALA B 198 -31.22 -41.78 -13.87
CA ALA B 198 -32.10 -42.93 -14.18
C ALA B 198 -31.94 -43.33 -15.65
N LEU B 199 -31.82 -42.32 -16.52
CA LEU B 199 -31.52 -42.49 -17.95
C LEU B 199 -30.14 -43.13 -18.18
N LEU B 200 -29.13 -42.67 -17.43
CA LEU B 200 -27.80 -43.27 -17.43
C LEU B 200 -27.81 -44.71 -16.92
N ARG B 201 -28.69 -45.02 -15.97
CA ARG B 201 -28.79 -46.37 -15.45
C ARG B 201 -29.40 -47.31 -16.48
N LYS B 202 -30.46 -46.87 -17.16
CA LYS B 202 -31.15 -47.64 -18.23
C LYS B 202 -30.29 -47.87 -19.48
N ALA B 203 -29.19 -47.11 -19.56
CA ALA B 203 -28.36 -47.08 -20.76
C ALA B 203 -27.57 -48.36 -20.87
N GLU B 204 -27.39 -48.82 -22.11
CA GLU B 204 -26.65 -50.04 -22.38
C GLU B 204 -25.20 -49.75 -22.78
N ARG B 205 -25.00 -48.65 -23.52
CA ARG B 205 -23.66 -48.26 -23.96
C ARG B 205 -23.44 -46.78 -23.76
N PRO B 206 -23.45 -46.33 -22.49
CA PRO B 206 -23.32 -44.93 -22.18
C PRO B 206 -21.88 -44.42 -22.24
N VAL B 207 -21.71 -43.19 -22.68
CA VAL B 207 -20.42 -42.50 -22.71
C VAL B 207 -20.54 -41.09 -22.14
N ILE B 208 -19.43 -40.56 -21.64
CA ILE B 208 -19.36 -39.17 -21.16
C ILE B 208 -18.34 -38.37 -21.94
N VAL B 209 -18.73 -37.16 -22.35
CA VAL B 209 -17.83 -36.29 -23.07
C VAL B 209 -17.61 -34.98 -22.30
N LEU B 210 -16.37 -34.71 -21.92
CA LEU B 210 -16.01 -33.44 -21.30
C LEU B 210 -15.52 -32.44 -22.32
N GLY B 211 -15.99 -31.21 -22.21
CA GLY B 211 -15.61 -30.11 -23.08
C GLY B 211 -14.77 -29.13 -22.30
N SER B 212 -14.54 -27.96 -22.89
CA SER B 212 -13.60 -26.98 -22.35
C SER B 212 -13.85 -26.60 -20.87
N GLU B 213 -15.10 -26.47 -20.48
CA GLU B 213 -15.48 -25.92 -19.17
C GLU B 213 -15.16 -26.87 -18.00
N ALA B 214 -14.85 -28.13 -18.31
CA ALA B 214 -14.61 -29.11 -17.27
C ALA B 214 -13.23 -28.90 -16.70
N SER B 215 -12.31 -28.50 -17.58
CA SER B 215 -10.95 -28.14 -17.23
C SER B 215 -10.83 -26.81 -16.56
N ARG B 216 -11.81 -25.94 -16.76
CA ARG B 216 -11.76 -24.61 -16.18
C ARG B 216 -12.02 -24.68 -14.70
N THR B 217 -13.01 -25.46 -14.29
CA THR B 217 -13.40 -25.54 -12.90
C THR B 217 -12.58 -26.63 -12.17
N ALA B 218 -12.10 -27.61 -12.95
CA ALA B 218 -11.17 -28.68 -12.53
C ALA B 218 -11.59 -29.49 -11.30
N ARG B 219 -12.74 -30.15 -11.39
CA ARG B 219 -13.30 -30.83 -10.24
C ARG B 219 -12.92 -32.30 -10.26
N LYS B 220 -11.65 -32.57 -9.95
CA LYS B 220 -11.10 -33.91 -10.17
C LYS B 220 -11.61 -34.93 -9.19
N THR B 221 -11.48 -34.64 -7.89
CA THR B 221 -11.87 -35.57 -6.83
C THR B 221 -13.30 -36.03 -7.02
N ALA B 222 -14.11 -35.15 -7.59
CA ALA B 222 -15.52 -35.41 -7.75
C ALA B 222 -15.79 -36.31 -8.97
N LEU B 223 -14.85 -36.32 -9.91
CA LEU B 223 -15.00 -37.08 -11.12
C LEU B 223 -14.55 -38.51 -10.90
N SER B 224 -13.44 -38.64 -10.18
CA SER B 224 -12.92 -39.94 -9.77
C SER B 224 -13.97 -40.77 -9.04
N ALA B 225 -14.66 -40.13 -8.10
CA ALA B 225 -15.67 -40.78 -7.30
C ALA B 225 -16.89 -41.11 -8.14
N PHE B 226 -17.09 -40.35 -9.23
CA PHE B 226 -18.28 -40.53 -10.05
C PHE B 226 -18.13 -41.59 -11.12
N VAL B 227 -17.00 -41.65 -11.80
CA VAL B 227 -16.76 -42.75 -12.75
C VAL B 227 -16.56 -44.06 -12.02
N ALA B 228 -15.84 -44.01 -10.91
CA ALA B 228 -15.55 -45.18 -10.12
C ALA B 228 -16.79 -45.71 -9.41
N ALA B 229 -17.91 -44.99 -9.57
CA ALA B 229 -19.17 -45.44 -8.97
C ALA B 229 -20.21 -45.98 -9.97
N THR B 230 -20.32 -45.36 -11.14
CA THR B 230 -21.25 -45.78 -12.19
C THR B 230 -20.51 -46.61 -13.21
N GLY B 231 -19.23 -46.32 -13.32
CA GLY B 231 -18.35 -47.08 -14.19
C GLY B 231 -18.50 -46.82 -15.67
N VAL B 232 -18.90 -45.61 -16.06
CA VAL B 232 -19.07 -45.28 -17.49
C VAL B 232 -17.82 -44.66 -18.09
N PRO B 233 -17.44 -45.07 -19.32
CA PRO B 233 -16.23 -44.52 -19.95
C PRO B 233 -16.36 -43.02 -20.19
N VAL B 234 -15.26 -42.36 -20.51
CA VAL B 234 -15.23 -40.90 -20.55
C VAL B 234 -14.30 -40.36 -21.61
N PHE B 235 -14.85 -39.54 -22.49
CA PHE B 235 -14.10 -38.95 -23.58
C PHE B 235 -14.01 -37.45 -23.37
N ALA B 236 -13.25 -36.79 -24.22
CA ALA B 236 -13.12 -35.36 -24.16
C ALA B 236 -12.62 -34.85 -25.49
N ASP B 237 -12.96 -33.59 -25.76
CA ASP B 237 -12.34 -32.84 -26.82
C ASP B 237 -10.96 -32.40 -26.32
N TYR B 238 -10.23 -31.66 -27.14
CA TYR B 238 -8.84 -31.33 -26.79
C TYR B 238 -8.67 -30.72 -25.39
N GLU B 239 -9.46 -29.68 -25.07
CA GLU B 239 -9.39 -28.99 -23.77
C GLU B 239 -9.70 -29.89 -22.58
N GLY B 240 -10.57 -30.86 -22.79
CA GLY B 240 -11.03 -31.73 -21.73
C GLY B 240 -10.09 -32.85 -21.35
N LEU B 241 -9.13 -33.16 -22.21
CA LEU B 241 -8.21 -34.28 -21.97
C LEU B 241 -7.43 -34.25 -20.63
N SER B 242 -7.14 -33.06 -20.11
CA SER B 242 -6.35 -32.97 -18.87
C SER B 242 -6.99 -33.70 -17.69
N MET B 243 -8.32 -33.81 -17.71
CA MET B 243 -9.09 -34.28 -16.57
C MET B 243 -9.12 -35.80 -16.58
N LEU B 244 -8.87 -36.37 -17.75
CA LEU B 244 -8.94 -37.81 -17.93
C LEU B 244 -7.65 -38.48 -17.44
N SER B 245 -6.87 -37.75 -16.67
CA SER B 245 -5.57 -38.23 -16.28
C SER B 245 -5.62 -38.66 -14.83
N GLY B 246 -6.77 -38.40 -14.20
CA GLY B 246 -7.04 -38.97 -12.88
C GLY B 246 -8.10 -40.06 -12.96
N LEU B 247 -7.95 -41.00 -13.91
CA LEU B 247 -8.95 -42.05 -14.12
C LEU B 247 -8.33 -43.39 -14.45
N PRO B 248 -8.83 -44.47 -13.80
CA PRO B 248 -8.52 -45.86 -14.14
C PRO B 248 -8.60 -46.03 -15.68
N ASP B 249 -7.63 -46.74 -16.24
CA ASP B 249 -7.40 -46.70 -17.68
C ASP B 249 -8.45 -47.32 -18.61
N ALA B 250 -9.23 -48.26 -18.08
CA ALA B 250 -10.26 -48.92 -18.89
C ALA B 250 -11.46 -47.99 -18.94
N MET B 251 -11.57 -47.15 -17.93
CA MET B 251 -12.66 -46.20 -17.86
C MET B 251 -12.31 -44.95 -18.68
N ARG B 252 -11.15 -44.97 -19.34
CA ARG B 252 -10.73 -43.88 -20.24
C ARG B 252 -10.99 -44.19 -21.69
N GLY B 253 -11.93 -43.49 -22.30
CA GLY B 253 -12.18 -43.62 -23.72
C GLY B 253 -11.24 -42.80 -24.55
N GLY B 254 -10.68 -41.75 -23.94
CA GLY B 254 -9.70 -40.87 -24.62
C GLY B 254 -10.32 -39.69 -25.33
N LEU B 255 -9.76 -39.33 -26.49
CA LEU B 255 -10.28 -38.21 -27.27
C LEU B 255 -11.59 -38.55 -27.94
N VAL B 256 -12.53 -37.63 -27.85
CA VAL B 256 -13.87 -37.79 -28.40
C VAL B 256 -13.88 -38.34 -29.84
N GLN B 257 -12.74 -38.26 -30.50
CA GLN B 257 -12.63 -38.52 -31.95
C GLN B 257 -12.40 -39.98 -32.23
N ASN B 258 -12.69 -40.80 -31.25
CA ASN B 258 -12.49 -42.20 -31.39
C ASN B 258 -13.83 -42.78 -31.78
N LEU B 259 -14.88 -42.08 -31.34
CA LEU B 259 -16.24 -42.56 -31.48
C LEU B 259 -16.71 -42.54 -32.91
N TYR B 260 -15.74 -42.45 -33.82
CA TYR B 260 -16.04 -42.33 -35.23
C TYR B 260 -16.39 -43.72 -35.76
N SER B 261 -15.39 -44.58 -35.85
CA SER B 261 -15.61 -45.91 -36.39
C SER B 261 -16.42 -46.82 -35.44
N PHE B 262 -17.05 -46.25 -34.42
CA PHE B 262 -17.91 -46.97 -33.48
C PHE B 262 -19.24 -47.43 -34.06
N ALA B 263 -19.68 -46.79 -35.15
CA ALA B 263 -20.95 -47.13 -35.78
C ALA B 263 -20.88 -48.43 -36.61
N LYS B 264 -19.92 -48.46 -37.55
CA LYS B 264 -19.73 -49.59 -38.46
C LYS B 264 -19.34 -50.83 -37.67
N ALA B 265 -19.24 -50.67 -36.35
CA ALA B 265 -18.96 -51.78 -35.43
C ALA B 265 -20.22 -52.31 -34.71
N ASP B 266 -21.39 -51.74 -35.02
CA ASP B 266 -22.61 -51.91 -34.20
C ASP B 266 -22.29 -51.75 -32.73
N ALA B 267 -21.61 -50.65 -32.43
CA ALA B 267 -21.20 -50.35 -31.08
C ALA B 267 -21.48 -48.89 -30.80
N ALA B 268 -22.25 -48.25 -31.67
CA ALA B 268 -22.56 -46.83 -31.48
C ALA B 268 -23.21 -46.62 -30.12
N PRO B 269 -22.63 -45.73 -29.31
CA PRO B 269 -23.11 -45.46 -27.96
C PRO B 269 -24.62 -45.22 -27.88
N ASP B 270 -25.23 -45.86 -26.89
CA ASP B 270 -26.65 -45.82 -26.59
C ASP B 270 -27.16 -44.46 -26.07
N LEU B 271 -26.36 -43.88 -25.18
CA LEU B 271 -26.65 -42.62 -24.48
C LEU B 271 -25.36 -41.80 -24.28
N VAL B 272 -25.42 -40.50 -24.52
CA VAL B 272 -24.24 -39.63 -24.45
C VAL B 272 -24.43 -38.50 -23.45
N LEU B 273 -23.51 -38.43 -22.48
CA LEU B 273 -23.50 -37.36 -21.48
C LEU B 273 -22.48 -36.28 -21.81
N MET B 274 -23.00 -35.12 -22.16
CA MET B 274 -22.19 -34.01 -22.60
C MET B 274 -22.04 -32.95 -21.53
N LEU B 275 -20.85 -32.90 -20.94
CA LEU B 275 -20.52 -31.90 -19.91
C LEU B 275 -19.65 -30.78 -20.47
N GLY B 276 -20.31 -29.81 -21.11
CA GLY B 276 -19.61 -28.64 -21.59
C GLY B 276 -18.97 -28.76 -22.97
N ALA B 277 -19.01 -29.95 -23.57
CA ALA B 277 -18.69 -30.11 -24.98
C ALA B 277 -19.85 -29.52 -25.73
N ARG B 278 -19.56 -28.79 -26.81
CA ARG B 278 -20.58 -28.25 -27.70
C ARG B 278 -20.60 -29.02 -29.00
N PHE B 279 -21.79 -29.10 -29.58
CA PHE B 279 -21.96 -29.56 -30.95
C PHE B 279 -21.18 -28.68 -31.93
N GLY B 280 -20.01 -29.13 -32.36
CA GLY B 280 -19.21 -28.32 -33.24
C GLY B 280 -18.02 -29.05 -33.80
N LEU B 281 -16.96 -28.30 -34.10
CA LEU B 281 -15.81 -28.82 -34.83
C LEU B 281 -15.24 -30.10 -34.23
N ASN B 282 -15.06 -30.13 -32.92
CA ASN B 282 -14.41 -31.25 -32.23
C ASN B 282 -15.27 -32.50 -32.15
N THR B 283 -16.58 -32.30 -32.18
CA THR B 283 -17.55 -33.34 -31.98
C THR B 283 -18.33 -33.75 -33.25
N GLY B 284 -17.74 -33.54 -34.43
CA GLY B 284 -18.38 -33.87 -35.71
C GLY B 284 -19.73 -33.21 -35.93
N HIS B 285 -19.86 -31.97 -35.46
CA HIS B 285 -21.00 -31.09 -35.75
C HIS B 285 -22.35 -31.70 -35.49
N GLY B 286 -23.29 -31.33 -36.33
CA GLY B 286 -24.63 -31.89 -36.26
C GLY B 286 -24.76 -33.17 -37.04
N SER B 287 -23.64 -33.71 -37.50
CA SER B 287 -23.65 -34.82 -38.46
C SER B 287 -24.01 -36.16 -37.80
N GLY B 288 -23.68 -36.33 -36.54
CA GLY B 288 -24.02 -37.56 -35.83
C GLY B 288 -23.08 -38.71 -36.09
N GLN B 289 -21.88 -38.42 -36.60
CA GLN B 289 -20.85 -39.42 -36.75
C GLN B 289 -20.26 -39.77 -35.41
N LEU B 290 -19.96 -38.76 -34.61
CA LEU B 290 -19.32 -39.00 -33.33
C LEU B 290 -20.38 -39.14 -32.27
N ILE B 291 -21.41 -38.33 -32.40
CA ILE B 291 -22.46 -38.29 -31.39
C ILE B 291 -23.74 -38.67 -32.11
N PRO B 292 -24.14 -39.96 -32.06
CA PRO B 292 -25.15 -40.48 -32.99
C PRO B 292 -26.58 -39.94 -32.81
N HIS B 293 -27.33 -39.86 -33.92
CA HIS B 293 -28.73 -39.41 -33.87
C HIS B 293 -29.65 -40.38 -33.16
N SER B 294 -29.36 -41.67 -33.28
CA SER B 294 -30.16 -42.70 -32.64
C SER B 294 -30.08 -42.61 -31.11
N ALA B 295 -28.92 -42.20 -30.63
CA ALA B 295 -28.59 -42.18 -29.19
C ALA B 295 -29.30 -41.05 -28.46
N GLN B 296 -29.62 -41.28 -27.19
CA GLN B 296 -30.23 -40.24 -26.38
C GLN B 296 -29.16 -39.35 -25.74
N VAL B 297 -29.26 -38.05 -25.97
CA VAL B 297 -28.21 -37.13 -25.53
C VAL B 297 -28.66 -36.35 -24.31
N ILE B 298 -27.80 -36.28 -23.29
CA ILE B 298 -28.00 -35.43 -22.11
C ILE B 298 -26.88 -34.40 -22.09
N GLN B 299 -27.25 -33.13 -22.24
CA GLN B 299 -26.29 -32.05 -22.41
C GLN B 299 -26.41 -30.96 -21.36
N VAL B 300 -25.29 -30.67 -20.71
CA VAL B 300 -25.20 -29.62 -19.69
C VAL B 300 -24.20 -28.55 -20.13
N ASP B 301 -24.70 -27.31 -20.17
CA ASP B 301 -23.89 -26.16 -20.60
C ASP B 301 -24.35 -24.88 -19.89
N PRO B 302 -23.37 -24.01 -19.54
CA PRO B 302 -23.69 -22.74 -18.90
C PRO B 302 -24.48 -21.83 -19.83
N ASP B 303 -24.24 -21.96 -21.12
CA ASP B 303 -24.83 -21.11 -22.17
C ASP B 303 -25.91 -21.93 -22.90
N ALA B 304 -27.16 -21.51 -22.79
CA ALA B 304 -28.28 -22.29 -23.34
C ALA B 304 -28.36 -22.35 -24.87
N CYS B 305 -27.71 -21.40 -25.57
CA CYS B 305 -27.56 -21.48 -27.04
C CYS B 305 -27.13 -22.87 -27.43
N GLU B 306 -26.20 -23.41 -26.66
CA GLU B 306 -25.45 -24.60 -27.03
C GLU B 306 -26.24 -25.90 -26.93
N LEU B 307 -27.29 -25.85 -26.13
CA LEU B 307 -28.10 -26.99 -25.83
C LEU B 307 -28.87 -27.48 -27.04
N GLY B 308 -28.32 -28.52 -27.65
CA GLY B 308 -28.92 -29.10 -28.83
C GLY B 308 -29.00 -28.11 -29.97
N ARG B 309 -27.90 -27.41 -30.23
CA ARG B 309 -27.97 -26.39 -31.26
C ARG B 309 -27.94 -27.03 -32.63
N LEU B 310 -27.30 -28.17 -32.74
CA LEU B 310 -27.12 -28.76 -34.05
C LEU B 310 -27.77 -30.13 -34.18
N GLN B 311 -28.06 -30.78 -33.06
CA GLN B 311 -28.91 -31.98 -33.06
C GLN B 311 -30.11 -31.72 -32.16
N GLY B 312 -31.12 -32.56 -32.27
CA GLY B 312 -32.14 -32.63 -31.22
C GLY B 312 -31.59 -33.41 -30.02
N ILE B 313 -31.80 -32.91 -28.81
CA ILE B 313 -31.34 -33.65 -27.62
C ILE B 313 -32.52 -34.28 -26.87
N ALA B 314 -32.23 -35.14 -25.89
CA ALA B 314 -33.30 -35.70 -25.05
C ALA B 314 -33.45 -34.91 -23.74
N LEU B 315 -32.35 -34.35 -23.23
CA LEU B 315 -32.36 -33.53 -22.00
C LEU B 315 -31.34 -32.40 -22.05
N GLY B 316 -31.66 -31.22 -21.54
CA GLY B 316 -30.72 -30.12 -21.67
C GLY B 316 -30.76 -29.21 -20.48
N ILE B 317 -29.69 -29.25 -19.68
CA ILE B 317 -29.62 -28.51 -18.42
C ILE B 317 -28.67 -27.27 -18.41
N VAL B 318 -29.16 -26.10 -17.98
CA VAL B 318 -28.29 -24.91 -17.82
C VAL B 318 -27.66 -25.03 -16.46
N ALA B 319 -26.33 -25.14 -16.37
CA ALA B 319 -25.65 -25.26 -15.06
C ALA B 319 -24.16 -25.14 -15.27
N ASP B 320 -23.39 -24.85 -14.21
CA ASP B 320 -21.92 -24.90 -14.32
C ASP B 320 -21.46 -26.36 -14.37
N VAL B 321 -20.52 -26.62 -15.27
CA VAL B 321 -20.05 -27.97 -15.50
C VAL B 321 -19.37 -28.54 -14.23
N GLY B 322 -18.51 -27.74 -13.60
CA GLY B 322 -17.84 -28.13 -12.38
C GLY B 322 -18.81 -28.46 -11.27
N GLY B 323 -19.80 -27.61 -11.10
CA GLY B 323 -20.86 -27.86 -10.14
C GLY B 323 -21.67 -29.10 -10.45
N THR B 324 -21.82 -29.44 -11.73
CA THR B 324 -22.66 -30.59 -12.08
C THR B 324 -21.97 -31.91 -11.76
N ILE B 325 -20.68 -32.02 -12.10
CA ILE B 325 -19.86 -33.15 -11.64
C ILE B 325 -19.92 -33.39 -10.14
N GLU B 326 -19.99 -32.31 -9.36
CA GLU B 326 -20.08 -32.42 -7.90
C GLU B 326 -21.39 -33.07 -7.51
N ALA B 327 -22.48 -32.55 -8.08
CA ALA B 327 -23.85 -33.01 -7.82
C ALA B 327 -24.03 -34.47 -8.22
N LEU B 328 -23.24 -34.86 -9.20
CA LEU B 328 -23.27 -36.19 -9.74
C LEU B 328 -22.59 -37.20 -8.82
N ALA B 329 -21.45 -36.84 -8.23
CA ALA B 329 -20.75 -37.77 -7.33
C ALA B 329 -21.60 -37.96 -6.09
N GLN B 330 -22.16 -36.83 -5.67
CA GLN B 330 -23.04 -36.67 -4.54
C GLN B 330 -24.17 -37.64 -4.57
N ALA B 331 -24.87 -37.61 -5.71
CA ALA B 331 -26.09 -38.35 -5.91
C ALA B 331 -25.74 -39.82 -6.15
N THR B 332 -24.45 -40.08 -6.31
CA THR B 332 -23.98 -41.41 -6.58
C THR B 332 -23.42 -42.07 -5.32
N ALA B 333 -23.13 -41.26 -4.31
CA ALA B 333 -22.71 -41.78 -3.00
C ALA B 333 -23.79 -42.63 -2.27
N GLN B 334 -25.08 -42.42 -2.57
CA GLN B 334 -26.18 -43.23 -1.99
C GLN B 334 -26.62 -44.32 -2.94
N ASP B 335 -26.51 -44.03 -4.24
CA ASP B 335 -26.91 -44.96 -5.31
C ASP B 335 -26.03 -46.22 -5.39
N ALA B 336 -26.34 -47.22 -4.58
CA ALA B 336 -25.46 -48.38 -4.47
C ALA B 336 -25.50 -49.32 -5.67
N ALA B 337 -26.54 -49.24 -6.48
CA ALA B 337 -26.79 -50.31 -7.43
C ALA B 337 -26.36 -50.03 -8.88
N TRP B 338 -25.16 -49.48 -9.10
CA TRP B 338 -24.72 -49.20 -10.47
C TRP B 338 -24.22 -50.42 -11.20
N PRO B 339 -24.85 -50.78 -12.34
CA PRO B 339 -24.51 -52.02 -13.06
C PRO B 339 -23.04 -52.11 -13.44
N ASP B 340 -22.53 -53.33 -13.61
CA ASP B 340 -21.17 -53.52 -14.07
C ASP B 340 -21.08 -53.16 -15.55
N ARG B 341 -20.10 -52.32 -15.87
CA ARG B 341 -19.93 -51.86 -17.25
C ARG B 341 -18.68 -52.48 -17.88
N GLY B 342 -18.23 -53.59 -17.31
CA GLY B 342 -17.03 -54.29 -17.79
C GLY B 342 -17.07 -54.58 -19.27
N ASP B 343 -18.22 -55.06 -19.74
CA ASP B 343 -18.37 -55.49 -21.12
C ASP B 343 -18.29 -54.35 -22.08
N TRP B 344 -18.86 -53.23 -21.68
CA TRP B 344 -18.83 -52.05 -22.51
C TRP B 344 -17.48 -51.35 -22.47
N CYS B 345 -16.90 -51.18 -21.27
CA CYS B 345 -15.60 -50.52 -21.05
C CYS B 345 -14.48 -51.21 -21.81
N ALA B 346 -14.54 -52.53 -21.86
CA ALA B 346 -13.50 -53.32 -22.50
C ALA B 346 -13.55 -53.12 -23.98
N LYS B 347 -14.77 -53.12 -24.54
CA LYS B 347 -15.00 -52.93 -25.97
C LYS B 347 -14.45 -51.60 -26.44
N VAL B 348 -14.63 -50.59 -25.58
CA VAL B 348 -14.22 -49.21 -25.85
C VAL B 348 -12.70 -49.10 -25.98
N THR B 349 -11.97 -49.60 -25.00
CA THR B 349 -10.51 -49.50 -25.02
C THR B 349 -9.92 -50.37 -26.10
N ASP B 350 -10.63 -51.46 -26.38
CA ASP B 350 -10.32 -52.33 -27.48
C ASP B 350 -10.39 -51.62 -28.83
N LEU B 351 -11.49 -50.94 -29.11
CA LEU B 351 -11.66 -50.22 -30.39
C LEU B 351 -10.70 -49.06 -30.60
N ALA B 352 -10.39 -48.33 -29.51
CA ALA B 352 -9.43 -47.23 -29.53
C ALA B 352 -8.02 -47.76 -29.77
N GLN B 353 -7.76 -48.96 -29.23
CA GLN B 353 -6.48 -49.64 -29.33
C GLN B 353 -6.27 -50.29 -30.71
N GLU B 354 -7.34 -50.85 -31.27
CA GLU B 354 -7.35 -51.35 -32.65
C GLU B 354 -7.06 -50.26 -33.68
N ARG B 355 -7.71 -49.10 -33.54
CA ARG B 355 -7.48 -47.93 -34.40
C ARG B 355 -6.02 -47.53 -34.36
N TYR B 356 -5.44 -47.59 -33.15
CA TYR B 356 -4.03 -47.23 -32.93
C TYR B 356 -3.08 -48.13 -33.69
N ALA B 357 -3.26 -49.45 -33.56
CA ALA B 357 -2.40 -50.38 -34.28
C ALA B 357 -2.66 -50.28 -35.77
N SER B 358 -3.89 -49.93 -36.15
CA SER B 358 -4.24 -49.72 -37.56
C SER B 358 -3.41 -48.60 -38.22
N ILE B 359 -2.99 -47.60 -37.45
CA ILE B 359 -2.13 -46.54 -37.99
C ILE B 359 -0.64 -46.88 -37.99
N ALA B 360 -0.13 -47.47 -36.90
CA ALA B 360 1.27 -47.94 -36.82
C ALA B 360 1.56 -48.96 -37.91
N ALA B 361 0.54 -49.75 -38.25
CA ALA B 361 0.56 -50.75 -39.32
C ALA B 361 0.72 -50.18 -40.73
N LYS B 362 0.22 -48.98 -40.95
CA LYS B 362 0.32 -48.33 -42.26
C LYS B 362 1.31 -47.17 -42.21
N SER B 363 2.27 -47.22 -41.30
CA SER B 363 3.24 -46.14 -41.14
C SER B 363 4.61 -46.66 -41.49
N SER B 364 5.32 -45.94 -42.35
CA SER B 364 6.68 -46.36 -42.70
C SER B 364 7.63 -45.20 -42.62
N SER B 365 8.64 -45.35 -41.77
CA SER B 365 9.58 -44.27 -41.53
C SER B 365 10.93 -44.55 -42.16
N GLU B 366 10.93 -45.04 -43.41
CA GLU B 366 12.18 -45.46 -44.06
C GLU B 366 12.81 -44.33 -44.85
N HIS B 367 12.06 -43.75 -45.76
CA HIS B 367 12.67 -42.72 -46.59
C HIS B 367 12.67 -41.35 -45.96
N ALA B 368 11.83 -41.15 -44.96
CA ALA B 368 11.86 -39.93 -44.13
C ALA B 368 11.09 -40.28 -42.89
N LEU B 369 11.44 -39.68 -41.76
CA LEU B 369 10.72 -39.99 -40.51
C LEU B 369 9.23 -39.69 -40.59
N HIS B 370 8.41 -40.70 -40.29
CA HIS B 370 6.98 -40.58 -40.37
C HIS B 370 6.45 -39.70 -39.23
N PRO B 371 5.48 -38.84 -39.53
CA PRO B 371 4.97 -37.92 -38.49
C PRO B 371 4.31 -38.63 -37.33
N PHE B 372 3.69 -39.78 -37.56
CA PHE B 372 3.12 -40.54 -36.47
C PHE B 372 4.21 -41.21 -35.64
N HIS B 373 5.20 -41.85 -36.30
CA HIS B 373 6.35 -42.44 -35.60
C HIS B 373 7.04 -41.36 -34.73
N ALA B 374 7.13 -40.14 -35.26
CA ALA B 374 7.68 -39.01 -34.53
C ALA B 374 6.83 -38.60 -33.34
N SER B 375 5.52 -38.64 -33.51
CA SER B 375 4.59 -38.39 -32.45
C SER B 375 4.75 -39.39 -31.31
N GLN B 376 5.12 -40.63 -31.65
CA GLN B 376 5.25 -41.70 -30.65
C GLN B 376 6.43 -41.44 -29.74
N VAL B 377 7.47 -40.84 -30.32
CA VAL B 377 8.70 -40.46 -29.61
C VAL B 377 8.36 -39.51 -28.48
N ILE B 378 7.47 -38.57 -28.76
CA ILE B 378 7.08 -37.56 -27.81
C ILE B 378 6.16 -38.18 -26.76
N ALA B 379 5.36 -39.17 -27.17
CA ALA B 379 4.36 -39.74 -26.29
C ALA B 379 5.06 -40.45 -25.15
N LYS B 380 6.25 -40.95 -25.43
CA LYS B 380 7.04 -41.69 -24.46
C LYS B 380 7.47 -40.84 -23.25
N HIS B 381 7.42 -39.51 -23.38
CA HIS B 381 7.76 -38.63 -22.26
C HIS B 381 6.59 -37.91 -21.62
N VAL B 382 5.39 -38.17 -22.10
CA VAL B 382 4.24 -37.44 -21.61
C VAL B 382 3.63 -38.07 -20.36
N ASP B 383 3.70 -37.35 -19.24
CA ASP B 383 2.98 -37.77 -18.04
C ASP B 383 2.31 -36.62 -17.26
N ALA B 384 1.92 -36.88 -16.02
CA ALA B 384 1.36 -35.87 -15.12
C ALA B 384 2.32 -34.67 -14.88
N GLY B 385 3.54 -34.76 -15.39
CA GLY B 385 4.52 -33.73 -15.09
C GLY B 385 4.89 -32.93 -16.30
N VAL B 386 4.03 -32.95 -17.30
CA VAL B 386 4.34 -32.34 -18.58
C VAL B 386 3.08 -31.67 -19.09
N THR B 387 3.19 -30.40 -19.50
CA THR B 387 2.15 -29.74 -20.29
C THR B 387 2.53 -29.80 -21.76
N VAL B 388 1.69 -30.45 -22.56
CA VAL B 388 1.89 -30.49 -23.99
C VAL B 388 1.02 -29.49 -24.70
N VAL B 389 1.68 -28.68 -25.53
CA VAL B 389 1.05 -27.66 -26.34
C VAL B 389 1.24 -27.99 -27.82
N ALA B 390 0.12 -28.11 -28.57
CA ALA B 390 0.13 -28.40 -30.02
C ALA B 390 -0.24 -27.18 -30.88
N ASP B 391 0.37 -27.10 -32.05
CA ASP B 391 0.19 -25.98 -33.00
C ASP B 391 0.53 -26.53 -34.37
N GLY B 392 0.21 -25.82 -35.43
CA GLY B 392 0.53 -26.38 -36.73
C GLY B 392 -0.64 -27.10 -37.37
N GLY B 393 -0.38 -27.76 -38.50
CA GLY B 393 -1.47 -28.20 -39.34
C GLY B 393 -1.63 -29.68 -39.24
N LEU B 394 -0.77 -30.38 -39.95
CA LEU B 394 -0.85 -31.81 -39.93
C LEU B 394 -0.26 -32.34 -38.63
N THR B 395 0.75 -31.64 -38.13
CA THR B 395 1.58 -32.15 -37.04
C THR B 395 0.77 -32.47 -35.82
N TYR B 396 -0.22 -31.62 -35.51
CA TYR B 396 -1.08 -31.84 -34.35
C TYR B 396 -2.17 -32.89 -34.59
N LEU B 397 -2.58 -33.06 -35.85
CA LEU B 397 -3.55 -34.09 -36.22
C LEU B 397 -2.98 -35.49 -36.05
N TRP B 398 -1.66 -35.55 -36.15
CA TRP B 398 -0.89 -36.73 -35.84
C TRP B 398 -0.82 -37.00 -34.31
N LEU B 399 -0.51 -36.00 -33.48
CA LEU B 399 -0.46 -36.19 -32.02
C LEU B 399 -1.71 -36.72 -31.38
N SER B 400 -2.86 -36.21 -31.83
CA SER B 400 -4.14 -36.64 -31.30
C SER B 400 -4.24 -38.17 -31.31
N GLU B 401 -3.59 -38.80 -32.28
CA GLU B 401 -3.71 -40.25 -32.44
C GLU B 401 -2.89 -41.00 -31.41
N VAL B 402 -1.88 -40.30 -30.88
CA VAL B 402 -1.00 -40.82 -29.86
C VAL B 402 -1.35 -40.32 -28.47
N MET B 403 -2.19 -39.29 -28.39
CA MET B 403 -2.44 -38.61 -27.15
C MET B 403 -3.48 -39.24 -26.24
N SER B 404 -4.34 -40.10 -26.78
CA SER B 404 -5.40 -40.66 -25.96
C SER B 404 -4.85 -41.62 -24.91
N ARG B 405 -3.73 -42.25 -25.24
CA ARG B 405 -3.23 -43.35 -24.40
C ARG B 405 -2.43 -42.89 -23.20
N VAL B 406 -1.83 -41.71 -23.32
CA VAL B 406 -0.95 -41.21 -22.27
C VAL B 406 -1.77 -40.20 -21.49
N LYS B 407 -1.42 -40.01 -20.22
CA LYS B 407 -2.17 -39.14 -19.32
C LYS B 407 -1.28 -37.94 -18.96
N PRO B 408 -1.52 -36.78 -19.60
CA PRO B 408 -0.66 -35.62 -19.45
C PRO B 408 -1.16 -34.69 -18.34
N GLY B 409 -0.28 -33.85 -17.83
CA GLY B 409 -0.68 -32.86 -16.81
C GLY B 409 -1.51 -31.74 -17.42
N GLY B 410 -1.24 -31.47 -18.68
CA GLY B 410 -1.97 -30.47 -19.41
C GLY B 410 -1.89 -30.76 -20.89
N PHE B 411 -2.94 -30.38 -21.61
CA PHE B 411 -2.91 -30.50 -23.07
C PHE B 411 -3.75 -29.42 -23.70
N LEU B 412 -3.05 -28.56 -24.44
CA LEU B 412 -3.64 -27.36 -24.99
C LEU B 412 -3.49 -27.42 -26.48
N CYS B 413 -4.61 -27.56 -27.15
CA CYS B 413 -4.58 -27.59 -28.58
C CYS B 413 -5.40 -26.43 -29.11
N HIS B 414 -5.60 -26.43 -30.44
CA HIS B 414 -6.36 -25.42 -31.15
C HIS B 414 -7.83 -25.41 -30.80
N GLY B 415 -8.39 -24.19 -30.71
CA GLY B 415 -9.83 -23.97 -30.51
C GLY B 415 -10.52 -23.94 -31.85
N TYR B 416 -11.75 -23.44 -31.88
CA TYR B 416 -12.49 -23.36 -33.14
C TYR B 416 -11.83 -22.40 -34.14
N LEU B 417 -11.06 -21.43 -33.64
CA LEU B 417 -10.44 -20.42 -34.48
C LEU B 417 -9.37 -21.03 -35.36
N ASN B 418 -8.72 -22.06 -34.85
CA ASN B 418 -7.75 -22.87 -35.60
C ASN B 418 -6.68 -21.98 -36.25
N SER B 419 -6.15 -21.07 -35.46
CA SER B 419 -5.23 -20.08 -35.98
C SER B 419 -3.82 -20.57 -35.72
N MET B 420 -3.07 -20.80 -36.80
CA MET B 420 -1.66 -21.25 -36.75
C MET B 420 -0.71 -20.23 -36.12
N GLY B 421 0.25 -20.73 -35.34
CA GLY B 421 1.30 -19.87 -34.74
C GLY B 421 1.09 -19.37 -33.31
N VAL B 422 -0.14 -19.54 -32.82
CA VAL B 422 -0.55 -19.16 -31.48
C VAL B 422 0.10 -20.05 -30.44
N GLY B 423 0.81 -21.07 -30.92
CA GLY B 423 1.64 -21.97 -30.10
C GLY B 423 2.64 -21.36 -29.13
N PHE B 424 3.61 -20.56 -29.60
CA PHE B 424 4.57 -19.98 -28.66
C PHE B 424 3.88 -19.22 -27.56
N GLY B 425 2.88 -18.42 -27.93
CA GLY B 425 2.26 -17.55 -26.95
C GLY B 425 1.73 -18.41 -25.83
N THR B 426 0.75 -19.23 -26.21
CA THR B 426 0.06 -20.10 -25.28
C THR B 426 1.06 -20.94 -24.52
N ALA B 427 2.09 -21.41 -25.20
CA ALA B 427 3.04 -22.35 -24.59
C ALA B 427 3.94 -21.69 -23.55
N LEU B 428 4.32 -20.46 -23.84
CA LEU B 428 5.22 -19.71 -22.99
C LEU B 428 4.50 -19.44 -21.70
N GLY B 429 3.29 -18.89 -21.79
CA GLY B 429 2.43 -18.66 -20.65
C GLY B 429 2.11 -19.91 -19.87
N ALA B 430 2.01 -21.02 -20.60
CA ALA B 430 1.84 -22.32 -19.99
C ALA B 430 3.02 -22.67 -19.08
N GLN B 431 4.23 -22.37 -19.54
CA GLN B 431 5.44 -22.69 -18.76
C GLN B 431 5.53 -21.86 -17.49
N VAL B 432 5.01 -20.63 -17.50
CA VAL B 432 5.05 -19.78 -16.33
C VAL B 432 4.12 -20.35 -15.27
N ALA B 433 2.97 -20.86 -15.71
CA ALA B 433 1.99 -21.41 -14.79
C ALA B 433 2.50 -22.74 -14.26
N ASP B 434 3.34 -23.36 -15.08
CA ASP B 434 3.86 -24.68 -14.79
C ASP B 434 5.00 -24.69 -13.81
N LEU B 435 5.56 -23.51 -13.57
CA LEU B 435 6.71 -23.43 -12.67
C LEU B 435 6.27 -23.75 -11.25
N GLU B 436 5.09 -23.27 -10.86
CA GLU B 436 4.52 -23.54 -9.53
C GLU B 436 4.28 -25.04 -9.33
N ALA B 437 3.68 -25.68 -10.33
CA ALA B 437 3.41 -27.13 -10.34
C ALA B 437 4.64 -28.05 -10.52
N GLY B 438 5.77 -27.49 -10.96
CA GLY B 438 6.97 -28.27 -11.25
C GLY B 438 6.93 -28.95 -12.60
N ARG B 439 5.85 -28.78 -13.34
CA ARG B 439 5.70 -29.42 -14.65
C ARG B 439 6.56 -28.69 -15.63
N ARG B 440 6.97 -29.39 -16.69
CA ARG B 440 7.68 -28.78 -17.80
C ARG B 440 6.83 -28.76 -19.05
N THR B 441 6.97 -27.71 -19.85
CA THR B 441 6.17 -27.52 -21.05
C THR B 441 6.91 -27.86 -22.31
N ILE B 442 6.20 -28.51 -23.22
CA ILE B 442 6.75 -28.92 -24.48
C ILE B 442 5.77 -28.54 -25.57
N LEU B 443 6.23 -27.69 -26.51
CA LEU B 443 5.39 -27.21 -27.61
C LEU B 443 5.67 -27.99 -28.87
N VAL B 444 4.62 -28.56 -29.47
CA VAL B 444 4.75 -29.28 -30.74
C VAL B 444 4.07 -28.44 -31.83
N THR B 445 4.88 -27.84 -32.69
CA THR B 445 4.41 -26.86 -33.65
C THR B 445 4.87 -27.30 -35.04
N GLY B 446 4.30 -26.75 -36.12
CA GLY B 446 4.81 -27.03 -37.48
C GLY B 446 5.85 -26.00 -37.95
N ASP B 447 6.42 -26.18 -39.13
CA ASP B 447 7.41 -25.23 -39.64
C ASP B 447 6.81 -23.88 -40.02
N GLY B 448 5.53 -23.89 -40.41
CA GLY B 448 4.84 -22.66 -40.78
C GLY B 448 4.49 -21.85 -39.56
N SER B 449 4.07 -22.57 -38.52
CA SER B 449 3.50 -21.95 -37.33
C SER B 449 4.51 -21.34 -36.36
N VAL B 450 5.69 -21.93 -36.29
CA VAL B 450 6.74 -21.43 -35.41
C VAL B 450 7.13 -20.06 -35.96
N GLY B 451 6.89 -19.92 -37.26
CA GLY B 451 7.31 -18.76 -38.04
C GLY B 451 6.58 -17.50 -37.67
N TYR B 452 5.38 -17.65 -37.13
CA TYR B 452 4.54 -16.53 -36.70
C TYR B 452 5.17 -15.77 -35.57
N SER B 453 5.57 -16.51 -34.54
CA SER B 453 6.11 -15.86 -33.36
C SER B 453 7.54 -16.27 -33.06
N ILE B 454 8.36 -16.46 -34.08
CA ILE B 454 9.69 -17.05 -33.89
C ILE B 454 10.62 -16.28 -32.96
N GLY B 455 10.42 -14.98 -32.90
CA GLY B 455 11.25 -14.12 -32.07
C GLY B 455 11.09 -14.38 -30.59
N GLU B 456 10.18 -15.30 -30.23
CA GLU B 456 9.83 -15.50 -28.81
C GLU B 456 10.82 -16.38 -28.07
N PHE B 457 11.64 -17.11 -28.83
CA PHE B 457 12.87 -17.69 -28.32
C PHE B 457 13.66 -16.66 -27.51
N ASP B 458 13.67 -15.42 -27.99
CA ASP B 458 14.24 -14.31 -27.24
C ASP B 458 13.62 -14.12 -25.84
N THR B 459 12.29 -14.21 -25.72
CA THR B 459 11.64 -14.09 -24.41
C THR B 459 11.95 -15.30 -23.54
N LEU B 460 11.94 -16.49 -24.15
CA LEU B 460 12.32 -17.73 -23.44
C LEU B 460 13.70 -17.60 -22.81
N VAL B 461 14.61 -16.92 -23.50
CA VAL B 461 15.96 -16.75 -23.01
C VAL B 461 16.15 -15.66 -21.95
N ARG B 462 15.69 -14.44 -22.22
CA ARG B 462 15.75 -13.35 -21.24
C ARG B 462 15.07 -13.74 -19.94
N LYS B 463 14.04 -14.58 -20.04
CA LYS B 463 13.18 -14.84 -18.90
C LYS B 463 13.33 -16.22 -18.25
N GLN B 464 14.31 -17.01 -18.71
CA GLN B 464 14.71 -18.22 -17.99
C GLN B 464 13.61 -19.28 -18.02
N LEU B 465 13.02 -19.47 -19.19
CA LEU B 465 11.82 -20.29 -19.30
C LEU B 465 12.12 -21.53 -20.08
N PRO B 466 12.21 -22.69 -19.39
CA PRO B 466 12.82 -23.87 -20.02
C PRO B 466 11.90 -24.65 -20.98
N LEU B 467 11.20 -23.92 -21.86
CA LEU B 467 10.20 -24.48 -22.77
C LEU B 467 10.88 -25.14 -23.93
N ILE B 468 10.47 -26.37 -24.24
CA ILE B 468 11.09 -27.11 -25.34
C ILE B 468 10.17 -27.09 -26.55
N VAL B 469 10.70 -26.61 -27.68
CA VAL B 469 9.91 -26.36 -28.87
C VAL B 469 10.26 -27.33 -29.94
N ILE B 470 9.36 -28.27 -30.22
CA ILE B 470 9.60 -29.22 -31.28
C ILE B 470 8.90 -28.75 -32.56
N ILE B 471 9.69 -28.51 -33.60
CA ILE B 471 9.17 -28.15 -34.91
C ILE B 471 9.10 -29.39 -35.84
N MET B 472 7.88 -29.80 -36.19
CA MET B 472 7.71 -30.86 -37.21
C MET B 472 7.78 -30.17 -38.57
N ASN B 473 9.00 -30.10 -39.08
CA ASN B 473 9.35 -29.42 -40.32
C ASN B 473 9.16 -30.32 -41.55
N ASN B 474 8.11 -30.06 -42.32
CA ASN B 474 7.96 -30.72 -43.62
C ASN B 474 8.12 -29.76 -44.79
N GLN B 475 8.89 -28.70 -44.53
CA GLN B 475 9.25 -27.66 -45.50
C GLN B 475 8.07 -27.12 -46.28
N SER B 476 6.92 -27.07 -45.59
CA SER B 476 5.70 -26.49 -46.13
C SER B 476 4.57 -26.22 -45.11
N TRP B 477 3.64 -25.35 -45.51
CA TRP B 477 2.32 -25.26 -44.91
C TRP B 477 1.59 -26.57 -45.25
N GLY B 478 1.73 -27.57 -44.38
CA GLY B 478 1.29 -28.94 -44.68
C GLY B 478 -0.17 -29.12 -45.00
N TRP B 479 -1.04 -28.67 -44.11
CA TRP B 479 -2.49 -28.86 -44.25
C TRP B 479 -3.02 -28.26 -45.54
N THR B 480 -2.54 -27.08 -45.90
CA THR B 480 -3.04 -26.41 -47.10
C THR B 480 -2.45 -27.00 -48.39
N LEU B 481 -1.20 -27.44 -48.36
CA LEU B 481 -0.60 -28.14 -49.49
C LEU B 481 -1.37 -29.44 -49.80
N HIS B 482 -1.81 -30.14 -48.76
CA HIS B 482 -2.61 -31.36 -48.93
C HIS B 482 -4.00 -31.09 -49.49
N PHE B 483 -4.66 -30.03 -49.05
CA PHE B 483 -5.94 -29.66 -49.63
C PHE B 483 -5.78 -29.38 -51.13
N GLN B 484 -4.67 -28.75 -51.50
CA GLN B 484 -4.39 -28.37 -52.90
C GLN B 484 -4.30 -29.56 -53.86
N GLN B 485 -3.69 -30.65 -53.45
CA GLN B 485 -3.56 -31.79 -54.37
C GLN B 485 -4.69 -32.79 -54.23
N LEU B 486 -5.21 -32.89 -53.02
CA LEU B 486 -6.28 -33.83 -52.69
C LEU B 486 -7.70 -33.33 -52.98
N ALA B 487 -7.87 -32.03 -53.08
CA ALA B 487 -9.19 -31.52 -53.40
C ALA B 487 -9.20 -30.66 -54.66
N VAL B 488 -8.03 -30.18 -55.09
CA VAL B 488 -7.94 -29.28 -56.24
C VAL B 488 -7.27 -29.93 -57.44
N GLY B 489 -6.10 -30.52 -57.22
CA GLY B 489 -5.43 -31.28 -58.28
C GLY B 489 -3.94 -31.41 -58.08
N PRO B 490 -3.36 -32.55 -58.52
CA PRO B 490 -1.96 -32.97 -58.32
C PRO B 490 -0.92 -31.92 -58.68
N ASN B 491 -1.09 -31.27 -59.82
CA ASN B 491 -0.02 -30.45 -60.36
C ASN B 491 -0.20 -28.99 -60.01
N ARG B 492 -1.27 -28.67 -59.28
CA ARG B 492 -1.54 -27.26 -58.92
C ARG B 492 -1.49 -26.89 -57.44
N VAL B 493 -0.25 -26.74 -56.98
CA VAL B 493 0.12 -26.34 -55.61
C VAL B 493 0.82 -24.98 -55.69
N THR B 494 0.21 -23.94 -55.12
CA THR B 494 0.85 -22.61 -55.09
C THR B 494 0.85 -21.94 -53.73
N GLY B 495 1.93 -21.20 -53.44
CA GLY B 495 2.08 -20.43 -52.20
C GLY B 495 2.05 -21.18 -50.87
N THR B 496 2.36 -22.47 -50.90
CA THR B 496 2.31 -23.35 -49.71
C THR B 496 3.64 -24.03 -49.36
N ARG B 497 4.63 -23.96 -50.25
CA ARG B 497 5.97 -24.50 -49.92
C ARG B 497 6.77 -23.49 -49.09
N LEU B 498 7.45 -24.02 -48.07
CA LEU B 498 8.37 -23.27 -47.22
C LEU B 498 9.72 -23.98 -47.21
N GLU B 499 10.38 -23.99 -48.36
CA GLU B 499 11.59 -24.77 -48.48
C GLU B 499 12.82 -23.89 -48.22
N ASN B 500 13.01 -23.53 -46.95
CA ASN B 500 14.03 -22.55 -46.55
C ASN B 500 14.20 -22.33 -45.04
N GLY B 501 15.44 -22.08 -44.62
CA GLY B 501 15.74 -21.67 -43.24
C GLY B 501 16.17 -22.73 -42.24
N SER B 502 17.15 -22.39 -41.42
CA SER B 502 17.50 -23.17 -40.24
C SER B 502 16.71 -22.63 -39.08
N TYR B 503 15.70 -23.35 -38.65
CA TYR B 503 15.00 -22.98 -37.44
C TYR B 503 15.87 -23.16 -36.19
N HIS B 504 16.66 -24.22 -36.16
CA HIS B 504 17.59 -24.40 -35.07
C HIS B 504 18.65 -23.27 -35.05
N GLY B 505 19.08 -22.81 -36.23
CA GLY B 505 20.03 -21.68 -36.31
C GLY B 505 19.47 -20.38 -35.73
N VAL B 506 18.17 -20.20 -35.86
CA VAL B 506 17.48 -19.03 -35.33
C VAL B 506 17.46 -19.07 -33.82
N ALA B 507 17.07 -20.22 -33.27
CA ALA B 507 16.98 -20.36 -31.84
C ALA B 507 18.34 -20.17 -31.18
N ALA B 508 19.39 -20.67 -31.82
CA ALA B 508 20.73 -20.57 -31.29
C ALA B 508 21.24 -19.12 -31.35
N ALA B 509 20.84 -18.40 -32.40
CA ALA B 509 21.22 -17.00 -32.56
C ALA B 509 20.50 -16.11 -31.56
N PHE B 510 19.44 -16.66 -30.96
CA PHE B 510 18.70 -16.00 -29.88
C PHE B 510 19.12 -16.45 -28.48
N GLY B 511 19.91 -17.51 -28.37
CA GLY B 511 20.45 -17.92 -27.08
C GLY B 511 20.11 -19.33 -26.58
N ALA B 512 19.10 -19.93 -27.20
CA ALA B 512 18.58 -21.24 -26.82
C ALA B 512 19.28 -22.42 -27.48
N ASP B 513 19.12 -23.58 -26.85
CA ASP B 513 19.70 -24.84 -27.30
C ASP B 513 19.12 -25.26 -28.66
N GLY B 514 20.03 -25.44 -29.61
CA GLY B 514 19.65 -25.74 -30.98
C GLY B 514 19.89 -27.20 -31.25
N TYR B 515 18.84 -27.88 -31.73
CA TYR B 515 18.93 -29.29 -32.12
C TYR B 515 18.36 -29.58 -33.53
N HIS B 516 19.09 -30.36 -34.32
CA HIS B 516 18.58 -30.80 -35.62
C HIS B 516 18.56 -32.29 -35.72
N VAL B 517 17.39 -32.84 -36.02
CA VAL B 517 17.15 -34.28 -36.02
C VAL B 517 16.26 -34.73 -37.19
N ASP B 518 16.55 -35.88 -37.80
CA ASP B 518 15.70 -36.37 -38.91
C ASP B 518 15.20 -37.81 -38.76
N SER B 519 15.87 -38.60 -37.96
CA SER B 519 15.44 -39.96 -37.79
C SER B 519 14.83 -40.14 -36.43
N VAL B 520 14.26 -41.33 -36.24
CA VAL B 520 13.68 -41.77 -34.98
C VAL B 520 14.66 -41.71 -33.82
N GLU B 521 15.86 -42.27 -33.99
CA GLU B 521 16.84 -42.29 -32.91
C GLU B 521 17.41 -40.90 -32.58
N SER B 522 17.80 -40.12 -33.61
CA SER B 522 18.30 -38.74 -33.45
C SER B 522 17.35 -37.92 -32.63
N PHE B 523 16.07 -38.06 -32.94
CA PHE B 523 15.04 -37.25 -32.34
C PHE B 523 14.79 -37.63 -30.88
N SER B 524 14.69 -38.92 -30.60
CA SER B 524 14.46 -39.39 -29.27
C SER B 524 15.63 -39.07 -28.36
N ALA B 525 16.82 -39.07 -28.93
CA ALA B 525 18.06 -38.85 -28.20
C ALA B 525 18.16 -37.39 -27.79
N ALA B 526 17.90 -36.48 -28.72
CA ALA B 526 17.98 -35.06 -28.47
C ALA B 526 16.83 -34.58 -27.57
N LEU B 527 15.62 -35.10 -27.81
CA LEU B 527 14.48 -34.76 -26.97
C LEU B 527 14.75 -35.14 -25.52
N ALA B 528 15.32 -36.33 -25.34
CA ALA B 528 15.68 -36.78 -24.00
C ALA B 528 16.82 -35.92 -23.45
N GLN B 529 17.68 -35.40 -24.33
CA GLN B 529 18.80 -34.57 -23.92
C GLN B 529 18.35 -33.20 -23.39
N ALA B 530 17.54 -32.48 -24.17
CA ALA B 530 17.08 -31.13 -23.77
C ALA B 530 16.23 -31.15 -22.51
N LEU B 531 15.61 -32.30 -22.25
CA LEU B 531 14.78 -32.51 -21.08
C LEU B 531 15.62 -32.66 -19.82
N ALA B 532 16.78 -33.30 -19.94
CA ALA B 532 17.65 -33.42 -18.80
C ALA B 532 18.14 -32.03 -18.41
N HIS B 533 18.24 -31.13 -19.39
CA HIS B 533 18.78 -29.78 -19.13
C HIS B 533 17.68 -28.83 -18.74
N ASN B 534 17.96 -27.93 -17.82
CA ASN B 534 16.94 -27.01 -17.34
C ASN B 534 17.04 -25.67 -18.08
N ARG B 535 16.99 -25.75 -19.41
CA ARG B 535 17.06 -24.56 -20.25
C ARG B 535 16.01 -24.58 -21.36
N PRO B 536 15.94 -23.51 -22.14
CA PRO B 536 14.98 -23.41 -23.22
C PRO B 536 15.64 -24.11 -24.41
N ALA B 537 14.89 -24.96 -25.11
CA ALA B 537 15.41 -25.69 -26.27
C ALA B 537 14.55 -25.67 -27.57
N CYS B 538 15.24 -25.81 -28.70
CA CYS B 538 14.57 -25.93 -29.99
C CYS B 538 15.01 -27.18 -30.71
N ILE B 539 14.04 -27.97 -31.18
CA ILE B 539 14.31 -29.22 -31.90
C ILE B 539 13.64 -29.20 -33.27
N ASN B 540 14.46 -29.08 -34.32
CA ASN B 540 13.98 -29.03 -35.69
C ASN B 540 13.95 -30.41 -36.30
N VAL B 541 12.74 -30.96 -36.42
CA VAL B 541 12.57 -32.34 -36.90
C VAL B 541 12.18 -32.41 -38.37
N ALA B 542 13.01 -32.99 -39.23
CA ALA B 542 12.59 -33.28 -40.62
C ALA B 542 11.58 -34.44 -40.64
N VAL B 543 10.34 -34.14 -41.00
CA VAL B 543 9.28 -35.16 -41.07
C VAL B 543 8.69 -35.27 -42.49
N ALA B 544 8.12 -36.44 -42.80
CA ALA B 544 7.54 -36.70 -44.12
C ALA B 544 6.31 -35.85 -44.41
N LEU B 545 6.12 -35.53 -45.69
CA LEU B 545 5.04 -34.67 -46.09
C LEU B 545 3.87 -35.48 -46.61
N ASP B 546 4.19 -36.56 -47.32
CA ASP B 546 3.20 -37.35 -48.07
C ASP B 546 2.13 -38.08 -47.24
N PRO B 547 2.46 -38.48 -45.99
CA PRO B 547 1.51 -39.12 -45.08
C PRO B 547 0.15 -38.42 -45.08
N ILE B 548 -0.82 -38.95 -44.34
CA ILE B 548 -2.18 -38.37 -44.34
C ILE B 548 -2.86 -38.73 -43.04
N PRO B 549 -2.97 -37.76 -42.14
CA PRO B 549 -3.65 -37.93 -40.86
C PRO B 549 -5.06 -38.43 -41.08
N PRO B 550 -5.43 -39.53 -40.41
CA PRO B 550 -6.77 -40.09 -40.55
C PRO B 550 -7.82 -38.99 -40.37
N GLU B 551 -7.55 -38.07 -39.44
CA GLU B 551 -8.43 -36.93 -39.14
C GLU B 551 -8.63 -36.01 -40.35
N GLU B 552 -7.54 -35.72 -41.04
CA GLU B 552 -7.61 -34.99 -42.30
C GLU B 552 -8.66 -35.58 -43.26
N LEU B 553 -8.86 -36.90 -43.18
CA LEU B 553 -9.85 -37.60 -44.01
C LEU B 553 -11.21 -37.76 -43.34
N ILE B 554 -11.26 -37.57 -42.03
CA ILE B 554 -12.50 -37.66 -41.31
C ILE B 554 -13.24 -36.32 -41.33
N LEU B 555 -12.64 -35.30 -41.95
CA LEU B 555 -13.21 -33.93 -41.90
C LEU B 555 -13.71 -33.37 -43.23
N ILE B 556 -13.21 -33.87 -44.33
CA ILE B 556 -13.87 -33.63 -45.61
C ILE B 556 -15.17 -34.47 -45.72
N GLY B 557 -15.30 -35.48 -44.83
CA GLY B 557 -16.44 -36.38 -44.81
C GLY B 557 -16.13 -37.80 -45.27
N MET B 558 -14.89 -38.06 -45.66
CA MET B 558 -14.49 -39.38 -46.18
C MET B 558 -13.99 -40.35 -45.09
N ASP B 559 -13.62 -41.57 -45.48
CA ASP B 559 -13.22 -42.59 -44.47
C ASP B 559 -11.78 -43.15 -44.57
N PRO B 560 -10.97 -42.88 -43.53
CA PRO B 560 -9.60 -43.40 -43.40
C PRO B 560 -9.50 -44.83 -42.77
N PHE B 561 -10.37 -45.76 -43.15
CA PHE B 561 -10.38 -47.11 -42.52
C PHE B 561 -11.00 -48.17 -43.41
N ALA B 562 -12.30 -48.37 -43.26
CA ALA B 562 -13.02 -49.50 -43.87
C ALA B 562 -12.60 -49.80 -45.31
N ALA C 1 -45.12 -32.21 -49.50
CA ALA C 1 -45.45 -30.84 -49.99
C ALA C 1 -44.23 -29.94 -49.87
N MET C 2 -44.39 -28.69 -50.32
CA MET C 2 -43.34 -27.68 -50.20
C MET C 2 -43.72 -26.47 -49.34
N ILE C 3 -42.78 -26.01 -48.54
CA ILE C 3 -43.03 -24.99 -47.55
C ILE C 3 -42.20 -23.77 -47.87
N THR C 4 -42.54 -22.64 -47.25
CA THR C 4 -41.74 -21.43 -47.35
C THR C 4 -41.11 -21.07 -46.01
N GLY C 5 -40.00 -20.34 -46.09
CA GLY C 5 -39.27 -19.86 -44.91
C GLY C 5 -40.18 -19.29 -43.83
N GLY C 6 -41.24 -18.62 -44.27
CA GLY C 6 -42.24 -18.07 -43.36
C GLY C 6 -42.97 -19.15 -42.56
N GLU C 7 -43.43 -20.18 -43.26
CA GLU C 7 -44.11 -21.31 -42.64
C GLU C 7 -43.21 -21.98 -41.60
N LEU C 8 -41.94 -22.11 -41.95
CA LEU C 8 -40.97 -22.75 -41.08
C LEU C 8 -40.88 -22.08 -39.71
N VAL C 9 -40.94 -20.75 -39.71
CA VAL C 9 -40.86 -19.96 -38.51
C VAL C 9 -42.07 -20.28 -37.64
N VAL C 10 -43.26 -20.12 -38.24
CA VAL C 10 -44.56 -20.36 -37.59
C VAL C 10 -44.67 -21.77 -36.99
N ARG C 11 -44.35 -22.81 -37.76
CA ARG C 11 -44.22 -24.15 -37.17
C ARG C 11 -43.25 -24.17 -35.97
N THR C 12 -42.05 -23.60 -36.12
CA THR C 12 -41.08 -23.60 -35.01
C THR C 12 -41.59 -22.85 -33.75
N LEU C 13 -42.24 -21.69 -33.91
CA LEU C 13 -42.83 -21.00 -32.74
C LEU C 13 -43.94 -21.82 -32.09
N ILE C 14 -44.72 -22.55 -32.90
CA ILE C 14 -45.80 -23.37 -32.36
C ILE C 14 -45.23 -24.52 -31.54
N LYS C 15 -44.19 -25.20 -32.04
CA LYS C 15 -43.50 -26.21 -31.23
C LYS C 15 -42.91 -25.64 -29.94
N ALA C 16 -42.68 -24.32 -29.89
CA ALA C 16 -42.25 -23.68 -28.64
C ALA C 16 -43.42 -23.49 -27.68
N GLY C 17 -44.60 -23.18 -28.22
CA GLY C 17 -45.82 -23.04 -27.43
C GLY C 17 -46.39 -21.63 -27.47
N VAL C 18 -46.07 -20.91 -28.53
CA VAL C 18 -46.43 -19.51 -28.62
C VAL C 18 -47.80 -19.36 -29.21
N GLU C 19 -48.60 -18.49 -28.61
CA GLU C 19 -49.98 -18.42 -28.94
C GLU C 19 -50.46 -17.07 -29.39
N HIS C 20 -49.57 -16.09 -29.32
CA HIS C 20 -49.84 -14.78 -29.91
C HIS C 20 -48.52 -14.20 -30.41
N LEU C 21 -48.59 -13.39 -31.45
CA LEU C 21 -47.49 -12.52 -31.78
C LEU C 21 -48.05 -11.10 -31.85
N PHE C 22 -47.19 -10.11 -31.63
CA PHE C 22 -47.56 -8.72 -31.90
C PHE C 22 -46.67 -8.23 -33.04
N GLY C 23 -47.29 -7.57 -34.02
CA GLY C 23 -46.56 -7.11 -35.21
C GLY C 23 -47.18 -5.95 -35.94
N LEU C 24 -46.55 -5.57 -37.05
CA LEU C 24 -47.15 -4.62 -37.96
C LEU C 24 -46.79 -4.99 -39.40
N HIS C 25 -47.81 -5.15 -40.24
CA HIS C 25 -47.60 -5.81 -41.52
C HIS C 25 -46.82 -5.00 -42.52
N GLY C 26 -45.84 -5.67 -43.16
CA GLY C 26 -45.15 -5.21 -44.37
C GLY C 26 -44.88 -6.41 -45.26
N ILE C 27 -44.67 -6.17 -46.55
CA ILE C 27 -44.64 -7.26 -47.54
C ILE C 27 -43.45 -8.21 -47.32
N HIS C 28 -42.42 -7.69 -46.65
CA HIS C 28 -41.18 -8.40 -46.42
C HIS C 28 -41.31 -9.54 -45.45
N ILE C 29 -42.42 -9.50 -44.71
CA ILE C 29 -42.67 -10.48 -43.67
C ILE C 29 -44.06 -11.03 -43.85
N ASP C 30 -44.61 -10.93 -45.05
CA ASP C 30 -45.98 -11.32 -45.20
C ASP C 30 -46.09 -12.82 -45.10
N THR C 31 -44.98 -13.50 -45.37
CA THR C 31 -44.92 -14.95 -45.35
C THR C 31 -45.31 -15.54 -44.02
N ILE C 32 -44.92 -14.86 -42.95
CA ILE C 32 -45.26 -15.29 -41.62
C ILE C 32 -46.75 -15.00 -41.39
N PHE C 33 -47.21 -13.86 -41.89
CA PHE C 33 -48.58 -13.43 -41.71
C PHE C 33 -49.52 -14.46 -42.29
N GLN C 34 -49.14 -14.97 -43.45
CA GLN C 34 -49.92 -15.99 -44.12
C GLN C 34 -49.90 -17.31 -43.37
N ALA C 35 -48.73 -17.72 -42.89
CA ALA C 35 -48.62 -19.00 -42.17
C ALA C 35 -49.35 -18.99 -40.82
N CYS C 36 -49.47 -17.80 -40.22
CA CYS C 36 -50.17 -17.62 -38.95
C CYS C 36 -51.66 -17.73 -39.11
N LEU C 37 -52.14 -17.16 -40.21
CA LEU C 37 -53.51 -17.25 -40.58
C LEU C 37 -53.93 -18.72 -40.69
N ASP C 38 -53.09 -19.53 -41.36
CA ASP C 38 -53.31 -20.97 -41.53
C ASP C 38 -53.43 -21.70 -40.19
N HIS C 39 -52.65 -21.30 -39.21
CA HIS C 39 -52.58 -22.01 -37.95
C HIS C 39 -53.37 -21.33 -36.82
N ASP C 40 -54.45 -20.63 -37.16
CA ASP C 40 -55.22 -19.87 -36.16
C ASP C 40 -54.38 -19.19 -35.05
N VAL C 41 -53.11 -18.82 -35.32
CA VAL C 41 -52.37 -18.05 -34.33
C VAL C 41 -52.54 -16.57 -34.58
N PRO C 42 -53.09 -15.85 -33.59
CA PRO C 42 -53.42 -14.45 -33.72
C PRO C 42 -52.17 -13.56 -33.81
N ILE C 43 -52.25 -12.56 -34.68
CA ILE C 43 -51.26 -11.51 -34.71
C ILE C 43 -52.03 -10.26 -34.37
N ILE C 44 -51.61 -9.64 -33.27
CA ILE C 44 -52.17 -8.38 -32.84
C ILE C 44 -51.34 -7.30 -33.54
N ASP C 45 -51.98 -6.62 -34.47
CA ASP C 45 -51.33 -5.60 -35.27
C ASP C 45 -51.74 -4.26 -34.72
N THR C 46 -50.74 -3.45 -34.40
CA THR C 46 -50.94 -2.17 -33.74
C THR C 46 -50.86 -1.05 -34.77
N ARG C 47 -50.66 0.18 -34.32
CA ARG C 47 -50.57 1.34 -35.23
C ARG C 47 -49.15 1.82 -35.43
N HIS C 48 -48.25 1.39 -34.55
CA HIS C 48 -46.84 1.80 -34.56
C HIS C 48 -46.06 0.53 -34.24
N GLU C 49 -44.91 0.29 -34.86
CA GLU C 49 -44.16 -0.91 -34.52
C GLU C 49 -43.71 -0.94 -33.06
N ALA C 50 -43.50 0.24 -32.47
CA ALA C 50 -43.02 0.39 -31.10
C ALA C 50 -44.03 -0.17 -30.14
N ALA C 51 -45.26 0.25 -30.36
CA ALA C 51 -46.36 -0.19 -29.55
C ALA C 51 -46.49 -1.70 -29.61
N ALA C 52 -46.17 -2.29 -30.76
CA ALA C 52 -46.24 -3.74 -30.91
C ALA C 52 -45.16 -4.40 -30.07
N GLY C 53 -43.98 -3.81 -30.10
CA GLY C 53 -42.85 -4.41 -29.42
C GLY C 53 -43.08 -4.37 -27.93
N HIS C 54 -43.52 -3.21 -27.44
CA HIS C 54 -43.79 -3.08 -26.02
C HIS C 54 -44.93 -4.00 -25.67
N ALA C 55 -45.81 -4.31 -26.62
CA ALA C 55 -46.95 -5.18 -26.35
C ALA C 55 -46.44 -6.58 -26.13
N ALA C 56 -45.39 -6.96 -26.84
CA ALA C 56 -44.72 -8.23 -26.62
C ALA C 56 -44.05 -8.24 -25.23
N GLU C 57 -43.43 -7.14 -24.83
CA GLU C 57 -42.90 -7.03 -23.48
C GLU C 57 -43.97 -7.29 -22.43
N GLY C 58 -45.14 -6.69 -22.62
CA GLY C 58 -46.22 -6.71 -21.64
C GLY C 58 -46.81 -8.10 -21.57
N TYR C 59 -46.94 -8.70 -22.76
CA TYR C 59 -47.31 -10.10 -22.92
C TYR C 59 -46.34 -10.95 -22.12
N ALA C 60 -45.06 -10.69 -22.28
CA ALA C 60 -44.06 -11.53 -21.68
C ALA C 60 -44.04 -11.44 -20.15
N ARG C 61 -44.21 -10.22 -19.65
CA ARG C 61 -43.94 -9.96 -18.25
C ARG C 61 -45.16 -10.42 -17.47
N ALA C 62 -46.32 -9.98 -17.92
CA ALA C 62 -47.57 -10.35 -17.29
C ALA C 62 -47.89 -11.83 -17.46
N GLY C 63 -47.34 -12.42 -18.52
CA GLY C 63 -47.62 -13.79 -18.91
C GLY C 63 -46.63 -14.79 -18.34
N ALA C 64 -45.49 -14.30 -17.84
CA ALA C 64 -44.40 -15.16 -17.37
C ALA C 64 -43.94 -16.16 -18.44
N LYS C 65 -43.98 -15.70 -19.69
CA LYS C 65 -43.64 -16.51 -20.86
C LYS C 65 -42.91 -15.61 -21.83
N LEU C 66 -42.53 -16.19 -22.96
CA LEU C 66 -41.88 -15.48 -24.05
C LEU C 66 -42.88 -14.64 -24.81
N GLY C 67 -42.49 -13.40 -25.09
CA GLY C 67 -43.32 -12.50 -25.88
C GLY C 67 -42.74 -12.43 -27.26
N VAL C 68 -43.58 -12.47 -28.28
CA VAL C 68 -43.02 -12.47 -29.61
C VAL C 68 -43.44 -11.24 -30.38
N ALA C 69 -42.48 -10.65 -31.08
CA ALA C 69 -42.67 -9.40 -31.75
C ALA C 69 -42.21 -9.49 -33.20
N LEU C 70 -43.01 -8.95 -34.11
CA LEU C 70 -42.76 -9.19 -35.51
C LEU C 70 -42.78 -7.88 -36.26
N VAL C 71 -41.66 -7.45 -36.82
CA VAL C 71 -41.68 -6.19 -37.55
C VAL C 71 -41.05 -6.27 -38.92
N THR C 72 -41.47 -5.38 -39.84
CA THR C 72 -41.08 -5.43 -41.26
C THR C 72 -39.66 -4.88 -41.47
N ALA C 73 -39.19 -4.81 -42.70
CA ALA C 73 -37.80 -4.42 -42.89
C ALA C 73 -37.65 -2.93 -42.77
N GLY C 74 -36.46 -2.49 -42.38
CA GLY C 74 -36.14 -1.06 -42.40
C GLY C 74 -36.81 -0.19 -41.35
N GLY C 75 -37.74 0.66 -41.77
CA GLY C 75 -38.53 1.40 -40.80
C GLY C 75 -39.23 0.51 -39.79
N GLY C 76 -39.48 -0.73 -40.16
CA GLY C 76 -40.20 -1.64 -39.30
C GLY C 76 -39.33 -1.94 -38.10
N PHE C 77 -38.08 -2.24 -38.39
CA PHE C 77 -37.11 -2.56 -37.38
C PHE C 77 -36.79 -1.33 -36.52
N THR C 78 -36.39 -0.24 -37.17
CA THR C 78 -35.94 0.91 -36.42
C THR C 78 -37.04 1.45 -35.49
N ASN C 79 -38.29 1.37 -35.93
CA ASN C 79 -39.41 1.71 -35.05
C ASN C 79 -39.57 0.81 -33.83
N ALA C 80 -38.97 -0.38 -33.89
CA ALA C 80 -39.10 -1.36 -32.80
C ALA C 80 -37.95 -1.29 -31.80
N VAL C 81 -37.02 -0.37 -32.02
CA VAL C 81 -35.82 -0.26 -31.18
C VAL C 81 -36.10 0.14 -29.71
N THR C 82 -36.92 1.16 -29.47
CA THR C 82 -37.29 1.50 -28.06
C THR C 82 -37.80 0.25 -27.22
N PRO C 83 -38.64 -0.60 -27.79
CA PRO C 83 -38.99 -1.85 -27.10
C PRO C 83 -37.79 -2.75 -26.86
N ILE C 84 -36.89 -2.88 -27.83
CA ILE C 84 -35.72 -3.75 -27.61
C ILE C 84 -34.87 -3.19 -26.48
N ALA C 85 -34.71 -1.87 -26.42
CA ALA C 85 -33.80 -1.31 -25.46
C ALA C 85 -34.40 -1.49 -24.10
N ASN C 86 -35.72 -1.28 -24.01
CA ASN C 86 -36.42 -1.42 -22.76
C ASN C 86 -36.35 -2.86 -22.25
N ALA C 87 -36.65 -3.80 -23.15
CA ALA C 87 -36.53 -5.22 -22.84
C ALA C 87 -35.15 -5.62 -22.34
N TRP C 88 -34.12 -4.98 -22.90
CA TRP C 88 -32.75 -5.27 -22.55
C TRP C 88 -32.45 -5.04 -21.06
N LEU C 89 -32.76 -3.81 -20.62
CA LEU C 89 -32.57 -3.36 -19.25
C LEU C 89 -33.58 -3.94 -18.24
N ASP C 90 -34.82 -4.17 -18.65
CA ASP C 90 -35.84 -4.73 -17.77
C ASP C 90 -35.60 -6.21 -17.52
N ARG C 91 -34.68 -6.80 -18.29
CA ARG C 91 -34.51 -8.26 -18.40
C ARG C 91 -35.82 -8.99 -18.74
N THR C 92 -36.35 -8.72 -19.94
CA THR C 92 -37.65 -9.24 -20.38
C THR C 92 -37.51 -10.19 -21.59
N PRO C 93 -37.94 -11.46 -21.45
CA PRO C 93 -37.69 -12.43 -22.51
C PRO C 93 -38.63 -12.22 -23.71
N VAL C 94 -38.14 -11.49 -24.71
CA VAL C 94 -38.91 -11.18 -25.93
C VAL C 94 -38.14 -11.57 -27.20
N LEU C 95 -38.72 -12.41 -28.04
CA LEU C 95 -38.13 -12.70 -29.36
C LEU C 95 -38.63 -11.71 -30.40
N PHE C 96 -37.66 -11.07 -31.06
CA PHE C 96 -37.90 -10.03 -32.03
C PHE C 96 -37.60 -10.55 -33.39
N LEU C 97 -38.67 -10.75 -34.16
CA LEU C 97 -38.58 -11.25 -35.54
C LEU C 97 -38.71 -10.11 -36.53
N THR C 98 -37.59 -9.78 -37.19
CA THR C 98 -37.56 -8.69 -38.18
C THR C 98 -37.25 -9.16 -39.60
N GLY C 99 -37.89 -8.54 -40.56
CA GLY C 99 -37.58 -8.79 -41.95
C GLY C 99 -36.45 -7.88 -42.32
N SER C 100 -35.76 -8.19 -43.40
CA SER C 100 -34.81 -7.25 -43.95
C SER C 100 -34.79 -7.42 -45.46
N GLY C 101 -33.91 -6.67 -46.12
CA GLY C 101 -33.76 -6.73 -47.57
C GLY C 101 -33.43 -8.14 -48.01
N ALA C 102 -33.79 -8.47 -49.24
CA ALA C 102 -33.50 -9.76 -49.78
C ALA C 102 -32.02 -9.97 -49.95
N LEU C 103 -31.57 -11.17 -49.66
CA LEU C 103 -30.17 -11.53 -49.88
C LEU C 103 -29.66 -11.32 -51.31
N ARG C 104 -30.48 -11.62 -52.31
CA ARG C 104 -30.06 -11.48 -53.71
C ARG C 104 -30.05 -10.01 -54.19
N ASP C 105 -30.74 -9.14 -53.46
CA ASP C 105 -30.73 -7.70 -53.78
C ASP C 105 -29.89 -6.90 -52.80
N ASP C 106 -28.81 -7.54 -52.34
CA ASP C 106 -27.89 -6.95 -51.41
C ASP C 106 -27.10 -5.84 -52.07
N GLU C 107 -26.94 -4.73 -51.35
CA GLU C 107 -26.08 -3.61 -51.76
C GLU C 107 -26.52 -3.02 -53.11
N THR C 108 -27.82 -2.75 -53.23
CA THR C 108 -28.38 -2.23 -54.48
C THR C 108 -29.34 -1.07 -54.30
N ASN C 109 -29.41 -0.49 -53.10
CA ASN C 109 -30.26 0.68 -52.85
C ASN C 109 -31.73 0.44 -53.11
N THR C 110 -32.20 -0.75 -52.74
CA THR C 110 -33.62 -1.08 -52.87
C THR C 110 -34.35 -0.52 -51.66
N LEU C 111 -35.54 -1.08 -51.41
CA LEU C 111 -36.56 -0.44 -50.59
C LEU C 111 -36.53 -0.99 -49.19
N GLN C 112 -36.67 -0.12 -48.20
CA GLN C 112 -36.59 -0.53 -46.79
C GLN C 112 -35.32 -1.36 -46.50
N ALA C 113 -34.21 -1.08 -47.17
CA ALA C 113 -33.03 -1.95 -47.04
C ALA C 113 -31.70 -1.24 -47.15
N GLY C 114 -30.78 -1.59 -46.26
CA GLY C 114 -29.42 -1.08 -46.33
C GLY C 114 -28.93 -0.66 -44.98
N ILE C 115 -29.77 -0.81 -43.96
CA ILE C 115 -29.39 -0.46 -42.61
C ILE C 115 -29.06 -1.74 -41.91
N ASP C 116 -27.91 -1.75 -41.23
CA ASP C 116 -27.38 -2.95 -40.62
C ASP C 116 -28.17 -3.20 -39.33
N GLN C 117 -29.25 -3.94 -39.50
CA GLN C 117 -30.14 -4.18 -38.41
C GLN C 117 -29.50 -4.97 -37.28
N VAL C 118 -28.76 -6.03 -37.57
CA VAL C 118 -28.13 -6.77 -36.47
C VAL C 118 -27.10 -5.96 -35.71
N ALA C 119 -26.28 -5.18 -36.42
CA ALA C 119 -25.31 -4.28 -35.77
C ALA C 119 -26.00 -3.32 -34.78
N MET C 120 -27.09 -2.72 -35.23
CA MET C 120 -27.84 -1.77 -34.44
C MET C 120 -28.48 -2.33 -33.17
N ALA C 121 -28.83 -3.60 -33.18
CA ALA C 121 -29.42 -4.19 -32.00
C ALA C 121 -28.37 -4.88 -31.11
N ALA C 122 -27.12 -4.87 -31.56
CA ALA C 122 -26.08 -5.68 -30.91
C ALA C 122 -25.89 -5.28 -29.45
N PRO C 123 -25.73 -3.97 -29.17
CA PRO C 123 -25.49 -3.49 -27.82
C PRO C 123 -26.70 -3.55 -26.90
N ILE C 124 -27.84 -4.03 -27.41
CA ILE C 124 -29.10 -4.00 -26.70
C ILE C 124 -29.71 -5.40 -26.52
N THR C 125 -29.01 -6.43 -26.98
CA THR C 125 -29.59 -7.79 -27.04
C THR C 125 -28.64 -8.86 -26.59
N LYS C 126 -29.20 -9.87 -25.94
CA LYS C 126 -28.46 -11.09 -25.68
C LYS C 126 -27.92 -11.70 -26.99
N TRP C 127 -28.66 -11.56 -28.08
CA TRP C 127 -28.23 -12.18 -29.33
C TRP C 127 -28.92 -11.49 -30.48
N ALA C 128 -28.13 -11.24 -31.53
CA ALA C 128 -28.66 -10.68 -32.77
C ALA C 128 -27.97 -11.43 -33.90
N HIS C 129 -28.69 -11.67 -34.99
CA HIS C 129 -28.24 -12.58 -36.04
C HIS C 129 -29.14 -12.56 -37.26
N ARG C 130 -28.50 -12.48 -38.42
CA ARG C 130 -29.20 -12.51 -39.69
C ARG C 130 -29.04 -13.87 -40.30
N VAL C 131 -30.19 -14.45 -40.66
CA VAL C 131 -30.29 -15.82 -41.15
C VAL C 131 -29.78 -15.90 -42.60
N MET C 132 -28.99 -16.93 -42.90
CA MET C 132 -28.29 -16.98 -44.17
C MET C 132 -28.79 -18.07 -45.14
N ALA C 133 -29.58 -19.02 -44.64
CA ALA C 133 -30.14 -20.05 -45.51
C ALA C 133 -31.50 -20.45 -44.96
N THR C 134 -32.43 -20.78 -45.83
CA THR C 134 -33.80 -21.06 -45.42
C THR C 134 -33.91 -22.28 -44.49
N GLU C 135 -33.03 -23.26 -44.69
CA GLU C 135 -33.04 -24.48 -43.88
C GLU C 135 -32.48 -24.22 -42.47
N HIS C 136 -31.85 -23.08 -42.27
CA HIS C 136 -31.35 -22.74 -40.95
C HIS C 136 -32.44 -22.21 -40.02
N ILE C 137 -33.57 -21.81 -40.62
CA ILE C 137 -34.59 -21.11 -39.86
C ILE C 137 -35.07 -21.89 -38.66
N PRO C 138 -35.40 -23.19 -38.81
CA PRO C 138 -35.98 -23.81 -37.64
C PRO C 138 -35.03 -23.86 -36.45
N ARG C 139 -33.76 -24.19 -36.68
CA ARG C 139 -32.77 -24.27 -35.60
C ARG C 139 -32.29 -22.90 -35.11
N LEU C 140 -32.12 -21.94 -36.01
CA LEU C 140 -31.87 -20.55 -35.63
C LEU C 140 -33.00 -19.84 -34.83
N VAL C 141 -34.25 -20.18 -35.12
CA VAL C 141 -35.36 -19.68 -34.32
C VAL C 141 -35.32 -20.29 -32.92
N MET C 142 -35.13 -21.60 -32.83
CA MET C 142 -35.10 -22.22 -31.52
C MET C 142 -33.91 -21.76 -30.68
N GLN C 143 -32.76 -21.67 -31.32
CA GLN C 143 -31.61 -21.15 -30.64
C GLN C 143 -31.91 -19.73 -30.10
N ALA C 144 -32.70 -18.93 -30.82
CA ALA C 144 -33.10 -17.59 -30.33
C ALA C 144 -33.99 -17.65 -29.09
N ILE C 145 -34.97 -18.57 -29.11
CA ILE C 145 -35.88 -18.79 -27.99
C ILE C 145 -35.11 -19.21 -26.75
N ARG C 146 -34.14 -20.10 -26.91
CA ARG C 146 -33.44 -20.59 -25.75
C ARG C 146 -32.63 -19.45 -25.18
N ALA C 147 -32.09 -18.62 -26.08
CA ALA C 147 -31.27 -17.49 -25.70
C ALA C 147 -32.12 -16.52 -24.92
N ALA C 148 -33.35 -16.31 -25.37
CA ALA C 148 -34.22 -15.32 -24.74
C ALA C 148 -34.63 -15.75 -23.36
N LEU C 149 -34.87 -17.04 -23.20
CA LEU C 149 -35.51 -17.56 -22.00
C LEU C 149 -34.59 -17.88 -20.84
N SER C 150 -33.31 -18.11 -21.15
CA SER C 150 -32.32 -18.43 -20.12
C SER C 150 -32.01 -17.18 -19.32
N ALA C 151 -31.62 -17.38 -18.07
CA ALA C 151 -31.36 -16.30 -17.12
C ALA C 151 -29.98 -15.68 -17.38
N PRO C 152 -29.88 -14.34 -17.39
CA PRO C 152 -30.96 -13.38 -17.17
C PRO C 152 -31.79 -13.25 -18.41
N ARG C 153 -33.11 -13.27 -18.27
CA ARG C 153 -34.00 -13.18 -19.44
C ARG C 153 -33.81 -11.83 -20.18
N GLY C 154 -33.90 -11.83 -21.51
CA GLY C 154 -33.62 -10.60 -22.27
C GLY C 154 -34.07 -10.73 -23.71
N PRO C 155 -33.97 -9.64 -24.49
CA PRO C 155 -34.39 -9.66 -25.89
C PRO C 155 -33.36 -10.29 -26.83
N VAL C 156 -33.88 -10.80 -27.95
CA VAL C 156 -33.12 -11.50 -28.98
C VAL C 156 -33.71 -11.15 -30.33
N LEU C 157 -32.84 -10.75 -31.24
CA LEU C 157 -33.25 -10.29 -32.55
C LEU C 157 -32.84 -11.21 -33.71
N LEU C 158 -33.81 -11.55 -34.55
CA LEU C 158 -33.59 -12.51 -35.60
C LEU C 158 -34.05 -11.96 -36.92
N ASP C 159 -33.06 -11.63 -37.76
CA ASP C 159 -33.26 -10.93 -39.00
C ASP C 159 -33.49 -11.94 -40.13
N LEU C 160 -34.70 -11.91 -40.69
CA LEU C 160 -35.02 -12.83 -41.78
C LEU C 160 -35.11 -12.11 -43.13
N PRO C 161 -34.07 -12.25 -43.99
CA PRO C 161 -34.14 -11.69 -45.34
C PRO C 161 -35.44 -12.08 -46.03
N TRP C 162 -36.02 -11.16 -46.81
CA TRP C 162 -37.29 -11.41 -47.56
C TRP C 162 -37.19 -12.57 -48.59
N ASP C 163 -36.03 -12.59 -49.23
CA ASP C 163 -35.45 -13.65 -50.03
C ASP C 163 -35.61 -15.01 -49.36
N ILE C 164 -35.36 -15.08 -48.06
CA ILE C 164 -35.29 -16.35 -47.38
C ILE C 164 -36.65 -16.74 -46.86
N LEU C 165 -37.49 -15.74 -46.65
CA LEU C 165 -38.84 -15.96 -46.12
C LEU C 165 -39.80 -16.49 -47.17
N MET C 166 -39.76 -15.86 -48.34
CA MET C 166 -40.60 -16.18 -49.49
C MET C 166 -40.17 -17.50 -50.07
N ASN C 167 -38.86 -17.70 -49.99
CA ASN C 167 -38.19 -18.90 -50.46
C ASN C 167 -38.85 -20.21 -50.02
N GLN C 168 -38.63 -21.26 -50.81
CA GLN C 168 -39.46 -22.46 -50.77
C GLN C 168 -38.65 -23.73 -50.70
N ILE C 169 -39.19 -24.73 -50.00
CA ILE C 169 -38.47 -25.98 -49.69
C ILE C 169 -39.38 -27.18 -49.33
N ASP C 170 -38.75 -28.36 -49.19
CA ASP C 170 -39.41 -29.61 -48.85
C ASP C 170 -39.63 -29.80 -47.34
N GLU C 171 -40.82 -30.26 -46.95
CA GLU C 171 -41.17 -30.50 -45.54
C GLU C 171 -40.23 -31.45 -44.81
N ASP C 172 -39.81 -32.52 -45.48
CA ASP C 172 -39.09 -33.60 -44.81
C ASP C 172 -37.61 -33.38 -44.93
N SER C 173 -37.22 -32.51 -45.85
CA SER C 173 -35.83 -32.13 -45.96
C SER C 173 -35.26 -31.51 -44.67
N VAL C 174 -36.07 -30.73 -43.93
CA VAL C 174 -35.62 -30.04 -42.70
C VAL C 174 -36.45 -30.44 -41.46
N ILE C 175 -35.91 -30.24 -40.25
CA ILE C 175 -36.58 -30.69 -39.01
C ILE C 175 -37.00 -29.56 -38.05
N ILE C 176 -38.31 -29.40 -37.86
CA ILE C 176 -38.88 -28.61 -36.75
C ILE C 176 -38.50 -29.22 -35.40
N PRO C 177 -37.45 -28.71 -34.75
CA PRO C 177 -37.01 -29.44 -33.57
C PRO C 177 -37.69 -28.94 -32.27
N ASP C 178 -37.60 -29.74 -31.20
CA ASP C 178 -38.35 -29.49 -29.98
C ASP C 178 -37.70 -28.47 -29.05
N LEU C 179 -38.46 -27.95 -28.09
CA LEU C 179 -37.88 -26.98 -27.15
C LEU C 179 -37.32 -27.76 -26.00
N VAL C 180 -36.03 -28.06 -26.09
CA VAL C 180 -35.43 -28.86 -25.05
C VAL C 180 -34.56 -27.95 -24.19
N LEU C 181 -35.18 -27.35 -23.16
CA LEU C 181 -34.51 -26.54 -22.13
C LEU C 181 -35.29 -26.59 -20.80
N SER C 182 -34.70 -27.23 -19.78
CA SER C 182 -35.31 -27.43 -18.46
C SER C 182 -35.85 -26.14 -17.89
N ALA C 183 -37.12 -26.18 -17.46
CA ALA C 183 -37.80 -25.03 -16.85
C ALA C 183 -37.22 -24.64 -15.48
N HIS C 184 -36.56 -25.58 -14.82
CA HIS C 184 -36.07 -25.37 -13.47
C HIS C 184 -34.68 -24.86 -13.54
N GLY C 185 -34.42 -23.82 -12.75
CA GLY C 185 -33.16 -23.09 -12.79
C GLY C 185 -32.09 -23.74 -11.95
N ALA C 186 -30.86 -23.24 -12.08
CA ALA C 186 -29.76 -23.86 -11.39
C ALA C 186 -29.65 -23.40 -9.93
N ARG C 187 -29.16 -24.27 -9.07
CA ARG C 187 -29.17 -24.01 -7.62
C ARG C 187 -27.80 -23.73 -7.06
N PRO C 188 -27.74 -22.90 -6.01
CA PRO C 188 -26.47 -22.65 -5.37
C PRO C 188 -25.87 -23.95 -4.85
N ASP C 189 -24.56 -24.03 -4.85
CA ASP C 189 -23.86 -25.13 -4.22
C ASP C 189 -24.23 -25.15 -2.75
N PRO C 190 -24.47 -26.34 -2.20
CA PRO C 190 -24.98 -26.41 -0.82
C PRO C 190 -24.13 -25.70 0.23
N ALA C 191 -22.82 -25.62 0.03
CA ALA C 191 -21.96 -24.96 1.02
C ALA C 191 -22.24 -23.45 1.07
N ASP C 192 -22.63 -22.89 -0.07
CA ASP C 192 -22.97 -21.50 -0.13
C ASP C 192 -24.38 -21.23 0.34
N LEU C 193 -25.27 -22.18 0.08
CA LEU C 193 -26.64 -22.05 0.53
C LEU C 193 -26.64 -22.17 2.04
N ASP C 194 -25.75 -22.98 2.59
CA ASP C 194 -25.62 -23.12 4.02
C ASP C 194 -24.99 -21.91 4.77
N GLN C 195 -23.94 -21.36 4.21
CA GLN C 195 -23.39 -20.06 4.61
C GLN C 195 -24.48 -19.02 4.75
N ALA C 196 -25.41 -19.07 3.81
CA ALA C 196 -26.38 -18.02 3.74
C ALA C 196 -27.44 -18.23 4.80
N LEU C 197 -27.71 -19.49 5.12
CA LEU C 197 -28.84 -19.70 5.99
C LEU C 197 -28.36 -19.50 7.38
N ALA C 198 -27.08 -19.81 7.57
CA ALA C 198 -26.39 -19.59 8.84
C ALA C 198 -26.40 -18.10 9.17
N LEU C 199 -26.18 -17.28 8.13
CA LEU C 199 -26.09 -15.83 8.26
C LEU C 199 -27.46 -15.26 8.59
N LEU C 200 -28.45 -15.81 7.91
CA LEU C 200 -29.84 -15.42 8.08
C LEU C 200 -30.37 -15.71 9.50
N ARG C 201 -29.89 -16.79 10.11
CA ARG C 201 -30.34 -17.16 11.44
C ARG C 201 -29.79 -16.17 12.45
N LYS C 202 -28.55 -15.74 12.22
CA LYS C 202 -27.84 -14.88 13.18
C LYS C 202 -28.28 -13.46 13.06
N ALA C 203 -29.06 -13.15 12.02
CA ALA C 203 -29.53 -11.79 11.76
C ALA C 203 -30.55 -11.33 12.80
N GLU C 204 -30.50 -10.04 13.14
CA GLU C 204 -31.47 -9.45 14.09
C GLU C 204 -32.59 -8.78 13.29
N ARG C 205 -32.25 -8.16 12.17
CA ARG C 205 -33.29 -7.52 11.38
C ARG C 205 -33.09 -7.84 9.93
N PRO C 206 -33.43 -9.07 9.53
CA PRO C 206 -33.11 -9.50 8.18
C PRO C 206 -34.18 -9.04 7.19
N VAL C 207 -33.79 -8.71 5.96
CA VAL C 207 -34.76 -8.54 4.90
C VAL C 207 -34.44 -9.35 3.66
N ILE C 208 -35.46 -9.53 2.83
CA ILE C 208 -35.30 -10.05 1.48
C ILE C 208 -35.80 -9.02 0.48
N VAL C 209 -35.02 -8.81 -0.57
CA VAL C 209 -35.40 -7.95 -1.69
C VAL C 209 -35.42 -8.78 -2.98
N LEU C 210 -36.58 -8.87 -3.64
CA LEU C 210 -36.69 -9.52 -4.98
C LEU C 210 -36.59 -8.59 -6.21
N GLY C 211 -35.87 -9.06 -7.23
CA GLY C 211 -35.80 -8.38 -8.53
C GLY C 211 -36.65 -9.03 -9.62
N SER C 212 -36.41 -8.60 -10.86
CA SER C 212 -37.15 -9.08 -12.03
C SER C 212 -37.22 -10.61 -12.13
N GLU C 213 -36.13 -11.25 -11.78
CA GLU C 213 -35.92 -12.64 -12.09
C GLU C 213 -36.73 -13.57 -11.19
N ALA C 214 -37.26 -13.00 -10.12
CA ALA C 214 -38.08 -13.75 -9.18
C ALA C 214 -39.47 -13.97 -9.81
N SER C 215 -39.91 -12.94 -10.52
CA SER C 215 -41.18 -12.86 -11.24
C SER C 215 -41.17 -13.66 -12.51
N ARG C 216 -39.98 -13.85 -13.06
CA ARG C 216 -39.80 -14.54 -14.35
C ARG C 216 -40.08 -16.07 -14.25
N THR C 217 -39.47 -16.72 -13.27
CA THR C 217 -39.76 -18.13 -12.97
C THR C 217 -41.01 -18.30 -12.07
N ALA C 218 -41.32 -17.30 -11.25
CA ALA C 218 -42.56 -17.25 -10.44
C ALA C 218 -42.76 -18.44 -9.49
N ARG C 219 -41.75 -18.71 -8.69
CA ARG C 219 -41.84 -19.79 -7.72
C ARG C 219 -42.53 -19.33 -6.42
N LYS C 220 -43.80 -19.01 -6.55
CA LYS C 220 -44.58 -18.56 -5.40
C LYS C 220 -44.65 -19.56 -4.22
N THR C 221 -44.97 -20.81 -4.48
CA THR C 221 -45.17 -21.72 -3.36
C THR C 221 -43.87 -22.00 -2.67
N ALA C 222 -42.78 -21.89 -3.39
CA ALA C 222 -41.46 -22.09 -2.76
C ALA C 222 -40.97 -20.88 -1.94
N LEU C 223 -41.49 -19.69 -2.25
CA LEU C 223 -41.30 -18.50 -1.42
C LEU C 223 -42.16 -18.59 -0.18
N SER C 224 -43.41 -19.02 -0.31
CA SER C 224 -44.25 -19.03 0.87
C SER C 224 -43.70 -20.03 1.86
N ALA C 225 -43.07 -21.08 1.35
CA ALA C 225 -42.55 -22.16 2.19
C ALA C 225 -41.34 -21.69 2.98
N PHE C 226 -40.63 -20.75 2.37
CA PHE C 226 -39.40 -20.22 2.90
C PHE C 226 -39.64 -19.07 3.88
N VAL C 227 -40.60 -18.19 3.58
CA VAL C 227 -40.96 -17.08 4.45
C VAL C 227 -41.69 -17.56 5.70
N ALA C 228 -42.68 -18.40 5.50
CA ALA C 228 -43.45 -18.94 6.62
C ALA C 228 -42.62 -19.92 7.47
N ALA C 229 -41.34 -20.09 7.14
CA ALA C 229 -40.46 -20.94 7.95
C ALA C 229 -39.37 -20.17 8.71
N THR C 230 -38.70 -19.22 8.04
CA THR C 230 -37.70 -18.33 8.65
C THR C 230 -38.40 -17.10 9.24
N GLY C 231 -39.52 -16.74 8.64
CA GLY C 231 -40.31 -15.67 9.15
C GLY C 231 -39.74 -14.29 8.83
N VAL C 232 -38.94 -14.19 7.77
CA VAL C 232 -38.30 -12.92 7.38
C VAL C 232 -39.14 -12.03 6.41
N PRO C 233 -39.13 -10.69 6.60
CA PRO C 233 -39.93 -9.83 5.70
C PRO C 233 -39.45 -9.88 4.27
N VAL C 234 -40.23 -9.35 3.33
CA VAL C 234 -39.85 -9.44 1.93
C VAL C 234 -40.21 -8.15 1.22
N PHE C 235 -39.20 -7.54 0.63
CA PHE C 235 -39.38 -6.38 -0.19
C PHE C 235 -39.18 -6.74 -1.65
N ALA C 236 -39.56 -5.82 -2.53
CA ALA C 236 -39.33 -5.98 -3.95
C ALA C 236 -39.22 -4.63 -4.65
N ASP C 237 -38.33 -4.58 -5.65
CA ASP C 237 -38.31 -3.52 -6.69
C ASP C 237 -39.56 -3.64 -7.59
N TYR C 238 -39.80 -2.68 -8.49
CA TYR C 238 -41.03 -2.71 -9.30
C TYR C 238 -41.44 -4.05 -9.92
N GLU C 239 -40.51 -4.69 -10.65
CA GLU C 239 -40.81 -5.96 -11.35
C GLU C 239 -41.16 -7.12 -10.41
N GLY C 240 -40.63 -7.05 -9.21
CA GLY C 240 -40.77 -8.10 -8.25
C GLY C 240 -42.03 -8.07 -7.44
N LEU C 241 -42.73 -6.93 -7.39
CA LEU C 241 -43.90 -6.80 -6.50
C LEU C 241 -45.02 -7.84 -6.69
N SER C 242 -45.18 -8.32 -7.93
CA SER C 242 -46.20 -9.30 -8.27
C SER C 242 -46.04 -10.56 -7.41
N MET C 243 -44.80 -10.83 -6.99
CA MET C 243 -44.42 -12.06 -6.28
C MET C 243 -44.82 -12.04 -4.82
N LEU C 244 -45.02 -10.85 -4.27
CA LEU C 244 -45.41 -10.70 -2.87
C LEU C 244 -46.89 -10.80 -2.63
N SER C 245 -47.65 -11.42 -3.51
CA SER C 245 -49.08 -11.27 -3.40
C SER C 245 -49.79 -12.50 -2.81
N GLY C 246 -49.14 -13.65 -2.85
CA GLY C 246 -49.61 -14.83 -2.14
C GLY C 246 -48.88 -15.02 -0.81
N LEU C 247 -48.38 -13.92 -0.23
CA LEU C 247 -47.62 -14.01 1.01
C LEU C 247 -48.40 -13.45 2.16
N PRO C 248 -48.28 -14.09 3.34
CA PRO C 248 -48.86 -13.61 4.59
C PRO C 248 -48.56 -12.14 4.83
N ASP C 249 -49.53 -11.46 5.40
CA ASP C 249 -49.56 -10.01 5.38
C ASP C 249 -48.47 -9.28 6.19
N ALA C 250 -48.09 -9.93 7.29
CA ALA C 250 -47.15 -9.36 8.24
C ALA C 250 -45.73 -9.46 7.73
N MET C 251 -45.48 -10.45 6.89
CA MET C 251 -44.16 -10.70 6.39
C MET C 251 -43.99 -10.10 4.99
N ARG C 252 -44.97 -9.30 4.57
CA ARG C 252 -44.82 -8.44 3.38
C ARG C 252 -44.34 -7.07 3.80
N GLY C 253 -43.24 -6.65 3.20
CA GLY C 253 -42.66 -5.32 3.44
C GLY C 253 -43.05 -4.25 2.45
N GLY C 254 -43.42 -4.65 1.24
CA GLY C 254 -43.82 -3.68 0.23
C GLY C 254 -42.70 -3.44 -0.76
N LEU C 255 -42.72 -2.27 -1.40
CA LEU C 255 -41.71 -1.89 -2.38
C LEU C 255 -40.42 -1.54 -1.70
N VAL C 256 -39.32 -2.03 -2.26
CA VAL C 256 -37.96 -1.84 -1.68
C VAL C 256 -37.65 -0.39 -1.24
N GLN C 257 -38.42 0.57 -1.73
CA GLN C 257 -38.23 1.99 -1.43
C GLN C 257 -38.76 2.46 -0.06
N ASN C 258 -39.05 1.52 0.83
CA ASN C 258 -39.67 1.81 2.12
C ASN C 258 -38.58 1.70 3.12
N LEU C 259 -37.48 1.10 2.66
CA LEU C 259 -36.28 0.96 3.43
C LEU C 259 -35.50 2.27 3.57
N TYR C 260 -36.11 3.41 3.17
CA TYR C 260 -35.42 4.69 3.19
C TYR C 260 -35.45 5.14 4.61
N SER C 261 -36.66 5.38 5.05
CA SER C 261 -36.95 5.91 6.36
C SER C 261 -36.56 4.93 7.46
N PHE C 262 -35.81 3.88 7.13
CA PHE C 262 -35.44 2.86 8.13
C PHE C 262 -34.24 3.20 9.00
N ALA C 263 -33.33 4.04 8.49
CA ALA C 263 -32.19 4.51 9.27
C ALA C 263 -32.58 5.48 10.41
N LYS C 264 -33.29 6.56 10.06
CA LYS C 264 -33.73 7.58 11.00
C LYS C 264 -34.58 7.01 12.15
N ALA C 265 -34.84 5.70 12.12
CA ALA C 265 -35.58 5.06 13.20
C ALA C 265 -34.70 4.01 13.88
N ASP C 266 -33.41 4.06 13.59
CA ASP C 266 -32.46 3.07 14.09
C ASP C 266 -32.96 1.65 13.88
N ALA C 267 -33.48 1.36 12.70
CA ALA C 267 -34.01 0.04 12.44
C ALA C 267 -33.57 -0.43 11.06
N ALA C 268 -32.41 0.04 10.62
CA ALA C 268 -31.88 -0.36 9.33
C ALA C 268 -31.60 -1.86 9.32
N PRO C 269 -31.92 -2.55 8.22
CA PRO C 269 -31.69 -3.98 8.09
C PRO C 269 -30.28 -4.42 8.40
N ASP C 270 -30.20 -5.56 9.04
CA ASP C 270 -28.98 -6.05 9.63
C ASP C 270 -28.29 -6.86 8.55
N LEU C 271 -29.12 -7.46 7.71
CA LEU C 271 -28.73 -8.42 6.68
C LEU C 271 -29.71 -8.24 5.56
N VAL C 272 -29.22 -8.32 4.33
CA VAL C 272 -30.06 -8.16 3.17
C VAL C 272 -29.85 -9.29 2.18
N LEU C 273 -30.90 -10.07 1.95
CA LEU C 273 -30.80 -11.07 0.90
C LEU C 273 -31.42 -10.58 -0.41
N MET C 274 -30.58 -10.44 -1.42
CA MET C 274 -30.99 -9.90 -2.71
C MET C 274 -31.13 -10.99 -3.75
N LEU C 275 -32.38 -11.30 -4.12
CA LEU C 275 -32.65 -12.35 -5.08
C LEU C 275 -33.08 -11.70 -6.40
N GLY C 276 -32.07 -11.47 -7.25
CA GLY C 276 -32.30 -10.81 -8.53
C GLY C 276 -32.31 -9.29 -8.52
N ALA C 277 -32.33 -8.68 -7.34
CA ALA C 277 -32.20 -7.23 -7.26
C ALA C 277 -30.78 -6.88 -7.66
N ARG C 278 -30.64 -5.96 -8.60
CA ARG C 278 -29.32 -5.41 -8.92
C ARG C 278 -29.11 -4.12 -8.16
N PHE C 279 -27.86 -3.77 -7.86
CA PHE C 279 -27.57 -2.46 -7.31
C PHE C 279 -27.67 -1.43 -8.41
N GLY C 280 -28.53 -0.44 -8.23
CA GLY C 280 -28.74 0.58 -9.25
C GLY C 280 -30.00 1.33 -8.93
N LEU C 281 -30.69 1.84 -9.95
CA LEU C 281 -31.73 2.87 -9.71
C LEU C 281 -32.79 2.48 -8.68
N ASN C 282 -33.29 1.24 -8.79
CA ASN C 282 -34.32 0.72 -7.91
C ASN C 282 -33.94 0.52 -6.45
N THR C 283 -32.66 0.23 -6.21
CA THR C 283 -32.15 -0.11 -4.89
C THR C 283 -31.21 0.93 -4.29
N GLY C 284 -31.41 2.21 -4.63
CA GLY C 284 -30.53 3.29 -4.17
C GLY C 284 -29.02 3.22 -4.44
N HIS C 285 -28.68 2.85 -5.67
CA HIS C 285 -27.31 2.73 -6.21
C HIS C 285 -26.34 2.15 -5.22
N GLY C 286 -25.17 2.76 -5.09
CA GLY C 286 -24.23 2.39 -4.04
C GLY C 286 -24.32 3.21 -2.76
N SER C 287 -25.34 4.06 -2.63
CA SER C 287 -25.41 5.05 -1.55
C SER C 287 -25.67 4.43 -0.18
N GLY C 288 -26.34 3.29 -0.17
CA GLY C 288 -26.72 2.62 1.07
C GLY C 288 -27.86 3.30 1.77
N GLN C 289 -28.60 4.16 1.06
CA GLN C 289 -29.88 4.73 1.53
C GLN C 289 -30.94 3.63 1.66
N LEU C 290 -30.92 2.67 0.75
CA LEU C 290 -31.83 1.53 0.89
C LEU C 290 -31.12 0.32 1.54
N ILE C 291 -30.00 -0.11 0.94
CA ILE C 291 -29.20 -1.23 1.45
C ILE C 291 -27.94 -0.74 2.19
N PRO C 292 -27.97 -0.74 3.53
CA PRO C 292 -26.97 -0.05 4.33
C PRO C 292 -25.63 -0.72 4.21
N HIS C 293 -24.59 0.10 4.25
CA HIS C 293 -23.27 -0.44 4.04
C HIS C 293 -22.91 -1.35 5.24
N SER C 294 -23.63 -1.17 6.35
CA SER C 294 -23.25 -1.86 7.58
C SER C 294 -23.70 -3.29 7.50
N ALA C 295 -24.82 -3.49 6.83
CA ALA C 295 -25.46 -4.79 6.69
C ALA C 295 -24.64 -5.69 5.82
N GLN C 296 -24.69 -6.95 6.25
CA GLN C 296 -24.22 -8.13 5.54
C GLN C 296 -25.11 -8.40 4.34
N VAL C 297 -24.55 -8.28 3.14
CA VAL C 297 -25.37 -8.46 1.98
C VAL C 297 -25.04 -9.78 1.32
N ILE C 298 -26.12 -10.49 0.94
CA ILE C 298 -26.01 -11.74 0.21
C ILE C 298 -26.72 -11.53 -1.09
N GLN C 299 -26.02 -11.63 -2.20
CA GLN C 299 -26.68 -11.36 -3.45
C GLN C 299 -26.66 -12.55 -4.40
N VAL C 300 -27.78 -12.77 -5.11
CA VAL C 300 -27.93 -13.88 -6.03
C VAL C 300 -28.39 -13.29 -7.35
N ASP C 301 -27.61 -13.53 -8.39
CA ASP C 301 -27.90 -13.04 -9.73
C ASP C 301 -27.33 -14.01 -10.77
N PRO C 302 -28.03 -14.21 -11.90
CA PRO C 302 -27.52 -15.09 -12.93
C PRO C 302 -26.27 -14.53 -13.53
N ASP C 303 -26.21 -13.21 -13.61
CA ASP C 303 -25.13 -12.51 -14.27
C ASP C 303 -24.09 -12.01 -13.23
N ALA C 304 -22.84 -12.44 -13.38
CA ALA C 304 -21.84 -12.23 -12.32
C ALA C 304 -21.31 -10.80 -12.17
N CYS C 305 -21.36 -9.98 -13.23
CA CYS C 305 -20.93 -8.57 -13.14
C CYS C 305 -21.66 -7.99 -11.97
N GLU C 306 -22.91 -8.40 -11.83
CA GLU C 306 -23.88 -7.71 -11.02
C GLU C 306 -23.62 -7.88 -9.52
N LEU C 307 -22.81 -8.86 -9.19
CA LEU C 307 -22.61 -9.27 -7.83
C LEU C 307 -21.72 -8.27 -7.10
N GLY C 308 -22.37 -7.52 -6.21
CA GLY C 308 -21.72 -6.45 -5.48
C GLY C 308 -21.11 -5.45 -6.41
N ARG C 309 -21.86 -5.00 -7.42
CA ARG C 309 -21.24 -4.12 -8.41
C ARG C 309 -20.97 -2.72 -7.90
N LEU C 310 -21.82 -2.22 -7.01
CA LEU C 310 -21.66 -0.88 -6.47
C LEU C 310 -21.40 -0.89 -4.98
N GLN C 311 -21.72 -1.98 -4.29
CA GLN C 311 -21.37 -2.15 -2.87
C GLN C 311 -20.52 -3.40 -2.59
N GLY C 312 -20.06 -3.59 -1.38
CA GLY C 312 -19.44 -4.87 -1.05
C GLY C 312 -20.45 -5.81 -0.43
N ILE C 313 -20.55 -7.02 -0.97
CA ILE C 313 -21.41 -8.05 -0.41
C ILE C 313 -20.61 -9.05 0.44
N ALA C 314 -21.27 -9.84 1.31
CA ALA C 314 -20.57 -10.88 2.07
C ALA C 314 -20.54 -12.21 1.33
N LEU C 315 -21.52 -12.41 0.48
CA LEU C 315 -21.67 -13.66 -0.26
C LEU C 315 -22.28 -13.29 -1.58
N GLY C 316 -21.65 -13.71 -2.69
CA GLY C 316 -22.24 -13.54 -4.01
C GLY C 316 -22.34 -14.88 -4.73
N ILE C 317 -23.57 -15.30 -5.01
CA ILE C 317 -23.85 -16.58 -5.71
C ILE C 317 -24.29 -16.39 -7.17
N VAL C 318 -23.69 -17.13 -8.11
CA VAL C 318 -24.23 -17.16 -9.48
C VAL C 318 -25.16 -18.33 -9.56
N ALA C 319 -26.45 -18.05 -9.73
CA ALA C 319 -27.50 -19.11 -9.77
C ALA C 319 -28.81 -18.56 -10.31
N ASP C 320 -29.78 -19.43 -10.63
CA ASP C 320 -31.06 -18.84 -11.02
C ASP C 320 -31.79 -18.44 -9.77
N VAL C 321 -32.42 -17.27 -9.85
CA VAL C 321 -33.16 -16.75 -8.74
C VAL C 321 -34.29 -17.70 -8.37
N GLY C 322 -35.01 -18.18 -9.38
CA GLY C 322 -36.09 -19.15 -9.21
C GLY C 322 -35.65 -20.44 -8.54
N GLY C 323 -34.61 -21.05 -9.09
CA GLY C 323 -34.00 -22.23 -8.49
C GLY C 323 -33.39 -21.99 -7.11
N THR C 324 -32.87 -20.80 -6.87
CA THR C 324 -32.34 -20.47 -5.55
C THR C 324 -33.44 -20.46 -4.51
N ILE C 325 -34.61 -19.94 -4.86
CA ILE C 325 -35.72 -20.03 -3.94
C ILE C 325 -36.13 -21.47 -3.67
N GLU C 326 -35.98 -22.33 -4.66
CA GLU C 326 -36.43 -23.70 -4.47
C GLU C 326 -35.51 -24.36 -3.46
N ALA C 327 -34.22 -24.04 -3.55
CA ALA C 327 -33.20 -24.52 -2.62
C ALA C 327 -33.34 -23.90 -1.26
N LEU C 328 -33.77 -22.64 -1.21
CA LEU C 328 -34.06 -21.97 0.06
C LEU C 328 -35.22 -22.62 0.85
N ALA C 329 -36.23 -23.09 0.12
CA ALA C 329 -37.32 -23.85 0.74
C ALA C 329 -36.83 -25.22 1.18
N GLN C 330 -36.10 -25.90 0.29
CA GLN C 330 -35.53 -27.24 0.54
C GLN C 330 -34.74 -27.33 1.83
N ALA C 331 -33.87 -26.34 1.99
CA ALA C 331 -32.92 -26.31 3.08
C ALA C 331 -33.57 -25.83 4.38
N THR C 332 -34.79 -25.29 4.27
CA THR C 332 -35.51 -24.73 5.40
C THR C 332 -36.57 -25.68 5.95
N ALA C 333 -36.92 -26.69 5.17
CA ALA C 333 -37.93 -27.67 5.60
C ALA C 333 -37.66 -28.54 6.86
N GLN C 334 -36.39 -28.82 7.19
CA GLN C 334 -36.07 -29.64 8.39
C GLN C 334 -35.76 -28.71 9.55
N ASP C 335 -34.99 -27.65 9.23
CA ASP C 335 -34.61 -26.58 10.15
C ASP C 335 -35.72 -26.16 11.10
N ALA C 336 -35.59 -26.55 12.36
CA ALA C 336 -36.64 -26.29 13.32
C ALA C 336 -36.40 -24.93 13.95
N ALA C 337 -35.14 -24.61 14.18
CA ALA C 337 -34.86 -23.54 15.08
C ALA C 337 -34.74 -22.16 14.41
N TRP C 338 -35.77 -21.70 13.71
CA TRP C 338 -35.70 -20.32 13.24
C TRP C 338 -36.19 -19.33 14.29
N PRO C 339 -35.44 -18.25 14.52
CA PRO C 339 -35.89 -17.33 15.57
C PRO C 339 -37.25 -16.74 15.22
N ASP C 340 -37.98 -16.27 16.24
CA ASP C 340 -39.20 -15.48 16.03
C ASP C 340 -38.85 -14.11 15.44
N ARG C 341 -39.58 -13.74 14.40
CA ARG C 341 -39.35 -12.44 13.81
C ARG C 341 -40.54 -11.51 14.01
N GLY C 342 -41.46 -11.93 14.88
CA GLY C 342 -42.69 -11.19 15.11
C GLY C 342 -42.50 -9.69 15.35
N ASP C 343 -41.53 -9.33 16.20
CA ASP C 343 -41.32 -7.92 16.58
C ASP C 343 -40.72 -7.10 15.47
N TRP C 344 -39.75 -7.68 14.79
CA TRP C 344 -39.17 -7.08 13.61
C TRP C 344 -40.19 -6.94 12.51
N CYS C 345 -41.05 -7.94 12.31
CA CYS C 345 -42.03 -7.86 11.23
C CYS C 345 -43.08 -6.85 11.55
N ALA C 346 -43.37 -6.70 12.84
CA ALA C 346 -44.24 -5.67 13.33
C ALA C 346 -43.58 -4.33 13.05
N LYS C 347 -42.27 -4.25 13.23
CA LYS C 347 -41.55 -3.00 13.02
C LYS C 347 -41.55 -2.54 11.54
N VAL C 348 -41.32 -3.49 10.64
CA VAL C 348 -41.40 -3.28 9.19
C VAL C 348 -42.73 -2.73 8.73
N THR C 349 -43.85 -3.35 9.13
CA THR C 349 -45.16 -2.89 8.71
C THR C 349 -45.47 -1.54 9.35
N ASP C 350 -44.95 -1.34 10.56
CA ASP C 350 -45.14 -0.10 11.29
C ASP C 350 -44.47 1.08 10.57
N LEU C 351 -43.24 0.88 10.09
CA LEU C 351 -42.47 1.95 9.45
C LEU C 351 -43.05 2.34 8.09
N ALA C 352 -43.54 1.32 7.38
CA ALA C 352 -44.16 1.46 6.06
C ALA C 352 -45.50 2.17 6.17
N GLN C 353 -46.18 1.92 7.28
CA GLN C 353 -47.51 2.47 7.46
C GLN C 353 -47.48 3.92 7.96
N GLU C 354 -46.45 4.26 8.74
CA GLU C 354 -46.21 5.65 9.14
C GLU C 354 -45.96 6.56 7.95
N ARG C 355 -45.22 6.04 6.97
CA ARG C 355 -45.04 6.66 5.66
C ARG C 355 -46.34 7.00 4.96
N TYR C 356 -47.26 6.04 4.88
CA TYR C 356 -48.56 6.24 4.22
C TYR C 356 -49.38 7.31 4.94
N ALA C 357 -49.46 7.21 6.27
CA ALA C 357 -50.23 8.18 7.04
C ALA C 357 -49.57 9.55 6.98
N SER C 358 -48.24 9.59 6.84
CA SER C 358 -47.50 10.83 6.72
C SER C 358 -47.81 11.60 5.44
N ILE C 359 -48.06 10.86 4.34
CA ILE C 359 -48.40 11.41 3.00
C ILE C 359 -49.85 11.94 2.94
N ALA C 360 -50.78 11.13 3.46
CA ALA C 360 -52.21 11.46 3.48
C ALA C 360 -52.47 12.70 4.31
N ALA C 361 -51.71 12.83 5.39
CA ALA C 361 -51.79 13.96 6.32
C ALA C 361 -51.30 15.25 5.68
N LYS C 362 -50.48 15.12 4.63
CA LYS C 362 -49.94 16.30 3.98
C LYS C 362 -50.62 16.52 2.62
N SER C 363 -51.79 15.90 2.41
CA SER C 363 -52.43 15.88 1.08
C SER C 363 -53.83 16.52 1.07
N SER C 364 -53.93 17.75 0.53
CA SER C 364 -55.23 18.43 0.34
C SER C 364 -55.74 18.31 -1.09
N SER C 365 -56.99 17.94 -1.23
CA SER C 365 -57.59 17.81 -2.55
C SER C 365 -58.83 18.69 -2.63
N GLU C 366 -58.72 19.92 -2.15
CA GLU C 366 -59.87 20.77 -2.15
C GLU C 366 -59.98 21.66 -3.37
N HIS C 367 -58.86 22.18 -3.83
CA HIS C 367 -58.88 23.09 -4.98
C HIS C 367 -58.78 22.34 -6.30
N ALA C 368 -57.97 21.30 -6.31
CA ALA C 368 -57.79 20.39 -7.45
C ALA C 368 -57.33 19.07 -6.88
N LEU C 369 -57.72 17.99 -7.55
CA LEU C 369 -57.49 16.61 -7.08
C LEU C 369 -56.03 16.36 -6.85
N HIS C 370 -55.67 15.95 -5.64
CA HIS C 370 -54.30 15.60 -5.33
C HIS C 370 -53.94 14.29 -6.03
N PRO C 371 -52.70 14.22 -6.57
CA PRO C 371 -52.35 13.02 -7.30
C PRO C 371 -52.33 11.82 -6.36
N PHE C 372 -52.12 12.05 -5.06
CA PHE C 372 -52.13 10.93 -4.12
C PHE C 372 -53.53 10.39 -3.85
N HIS C 373 -54.44 11.31 -3.56
CA HIS C 373 -55.87 10.99 -3.41
C HIS C 373 -56.37 10.22 -4.64
N ALA C 374 -55.88 10.62 -5.81
CA ALA C 374 -56.25 9.97 -7.06
C ALA C 374 -55.68 8.56 -7.12
N SER C 375 -54.48 8.38 -6.61
CA SER C 375 -53.86 7.07 -6.57
C SER C 375 -54.58 6.10 -5.64
N GLN C 376 -55.10 6.60 -4.51
CA GLN C 376 -55.89 5.80 -3.57
C GLN C 376 -57.16 5.26 -4.21
N VAL C 377 -57.78 6.09 -5.05
CA VAL C 377 -59.02 5.74 -5.72
C VAL C 377 -58.83 4.50 -6.60
N ILE C 378 -57.64 4.41 -7.18
CA ILE C 378 -57.23 3.25 -7.98
C ILE C 378 -56.94 2.06 -7.10
N ALA C 379 -56.28 2.29 -5.96
CA ALA C 379 -55.81 1.17 -5.14
C ALA C 379 -56.94 0.33 -4.56
N LYS C 380 -58.07 0.95 -4.24
CA LYS C 380 -59.18 0.21 -3.69
C LYS C 380 -59.77 -0.83 -4.67
N HIS C 381 -59.37 -0.77 -5.94
CA HIS C 381 -59.77 -1.74 -6.98
C HIS C 381 -58.70 -2.78 -7.35
N VAL C 382 -57.56 -2.75 -6.67
CA VAL C 382 -56.45 -3.64 -7.01
C VAL C 382 -56.38 -4.91 -6.15
N ASP C 383 -56.64 -6.05 -6.77
CA ASP C 383 -56.42 -7.34 -6.12
C ASP C 383 -55.69 -8.24 -7.10
N ALA C 384 -55.67 -9.54 -6.83
CA ALA C 384 -54.92 -10.46 -7.69
C ALA C 384 -55.65 -10.69 -9.02
N GLY C 385 -56.86 -10.15 -9.13
CA GLY C 385 -57.60 -10.19 -10.40
C GLY C 385 -57.29 -9.02 -11.32
N VAL C 386 -56.25 -8.25 -11.00
CA VAL C 386 -55.94 -7.05 -11.78
C VAL C 386 -54.47 -6.92 -12.08
N THR C 387 -54.10 -6.66 -13.35
CA THR C 387 -52.74 -6.20 -13.68
C THR C 387 -52.73 -4.68 -13.87
N VAL C 388 -52.09 -3.97 -12.94
CA VAL C 388 -51.89 -2.51 -13.04
C VAL C 388 -50.56 -2.15 -13.74
N VAL C 389 -50.64 -1.30 -14.77
CA VAL C 389 -49.49 -0.90 -15.58
C VAL C 389 -49.25 0.60 -15.42
N ALA C 390 -47.99 0.99 -15.16
CA ALA C 390 -47.69 2.40 -14.87
C ALA C 390 -46.68 3.04 -15.80
N ASP C 391 -46.92 4.32 -16.06
CA ASP C 391 -46.22 5.12 -17.06
C ASP C 391 -46.36 6.56 -16.61
N GLY C 392 -45.61 7.46 -17.26
CA GLY C 392 -45.64 8.90 -16.93
C GLY C 392 -44.53 9.23 -15.96
N GLY C 393 -44.49 10.47 -15.50
CA GLY C 393 -43.37 10.91 -14.66
C GLY C 393 -43.70 10.97 -13.20
N LEU C 394 -44.39 12.02 -12.78
CA LEU C 394 -44.74 12.22 -11.41
C LEU C 394 -45.82 11.21 -11.08
N THR C 395 -46.67 10.90 -12.05
CA THR C 395 -47.87 10.11 -11.75
C THR C 395 -47.54 8.74 -11.18
N TYR C 396 -46.45 8.11 -11.64
CA TYR C 396 -46.11 6.76 -11.20
C TYR C 396 -45.40 6.77 -9.87
N LEU C 397 -44.75 7.90 -9.60
CA LEU C 397 -44.01 8.09 -8.37
C LEU C 397 -44.98 8.24 -7.21
N TRP C 398 -46.14 8.76 -7.53
CA TRP C 398 -47.21 8.91 -6.57
C TRP C 398 -47.86 7.56 -6.34
N LEU C 399 -48.05 6.81 -7.42
CA LEU C 399 -48.79 5.55 -7.35
C LEU C 399 -48.04 4.49 -6.52
N SER C 400 -46.71 4.45 -6.69
CA SER C 400 -45.85 3.65 -5.85
C SER C 400 -46.20 3.79 -4.34
N GLU C 401 -46.65 4.96 -3.91
CA GLU C 401 -46.86 5.16 -2.50
C GLU C 401 -48.08 4.40 -1.95
N VAL C 402 -48.92 3.89 -2.87
CA VAL C 402 -50.14 3.15 -2.50
C VAL C 402 -50.06 1.69 -2.91
N MET C 403 -48.98 1.30 -3.56
CA MET C 403 -48.94 -0.01 -4.18
C MET C 403 -48.43 -1.09 -3.25
N SER C 404 -47.88 -0.68 -2.11
CA SER C 404 -47.30 -1.64 -1.21
C SER C 404 -48.38 -2.33 -0.42
N ARG C 405 -49.45 -1.58 -0.14
CA ARG C 405 -50.61 -2.06 0.60
C ARG C 405 -51.51 -3.04 -0.12
N VAL C 406 -51.57 -2.98 -1.45
CA VAL C 406 -52.50 -3.81 -2.21
C VAL C 406 -51.74 -5.00 -2.81
N LYS C 407 -52.43 -6.11 -3.09
CA LYS C 407 -51.73 -7.28 -3.62
C LYS C 407 -52.19 -7.51 -5.05
N PRO C 408 -51.41 -7.01 -6.03
CA PRO C 408 -51.78 -7.02 -7.46
C PRO C 408 -51.40 -8.31 -8.17
N GLY C 409 -52.15 -8.68 -9.19
CA GLY C 409 -51.83 -9.90 -9.95
C GLY C 409 -50.64 -9.61 -10.84
N GLY C 410 -50.43 -8.34 -11.15
CA GLY C 410 -49.32 -7.92 -11.96
C GLY C 410 -49.10 -6.45 -11.71
N PHE C 411 -47.84 -6.03 -11.79
CA PHE C 411 -47.47 -4.63 -11.69
C PHE C 411 -46.26 -4.36 -12.57
N LEU C 412 -46.53 -3.72 -13.69
CA LEU C 412 -45.55 -3.48 -14.70
C LEU C 412 -45.28 -2.00 -14.66
N CYS C 413 -44.07 -1.66 -14.27
CA CYS C 413 -43.71 -0.27 -14.15
C CYS C 413 -42.52 0.03 -15.02
N HIS C 414 -42.05 1.27 -14.96
CA HIS C 414 -40.79 1.66 -15.57
C HIS C 414 -39.57 0.90 -15.08
N GLY C 415 -38.72 0.47 -16.01
CA GLY C 415 -37.45 -0.12 -15.67
C GLY C 415 -36.42 0.97 -15.68
N TYR C 416 -35.17 0.59 -15.87
CA TYR C 416 -34.09 1.54 -15.86
C TYR C 416 -34.17 2.54 -17.04
N LEU C 417 -34.78 2.20 -18.15
CA LEU C 417 -34.63 3.12 -19.29
C LEU C 417 -35.46 4.37 -19.08
N ASN C 418 -36.47 4.23 -18.23
CA ASN C 418 -37.42 5.28 -17.91
C ASN C 418 -37.94 5.98 -19.17
N SER C 419 -38.32 5.23 -20.21
CA SER C 419 -38.84 5.86 -21.42
C SER C 419 -40.33 6.11 -21.23
N MET C 420 -40.72 7.39 -21.20
CA MET C 420 -42.12 7.80 -21.14
C MET C 420 -42.95 7.34 -22.35
N GLY C 421 -44.10 6.74 -22.09
CA GLY C 421 -44.98 6.38 -23.20
C GLY C 421 -45.07 4.91 -23.60
N VAL C 422 -44.11 4.10 -23.12
CA VAL C 422 -44.11 2.62 -23.29
C VAL C 422 -45.32 1.94 -22.64
N GLY C 423 -46.09 2.71 -21.87
CA GLY C 423 -47.25 2.25 -21.13
C GLY C 423 -48.35 1.61 -21.98
N PHE C 424 -48.80 2.30 -23.03
CA PHE C 424 -49.75 1.70 -23.99
C PHE C 424 -49.35 0.33 -24.55
N GLY C 425 -48.19 0.26 -25.16
CA GLY C 425 -47.75 -1.01 -25.72
C GLY C 425 -47.80 -2.14 -24.72
N THR C 426 -47.00 -2.01 -23.64
CA THR C 426 -46.98 -2.99 -22.56
C THR C 426 -48.39 -3.26 -22.06
N ALA C 427 -49.19 -2.20 -21.84
CA ALA C 427 -50.52 -2.36 -21.20
C ALA C 427 -51.47 -3.15 -22.07
N LEU C 428 -51.30 -3.00 -23.37
CA LEU C 428 -52.10 -3.65 -24.36
C LEU C 428 -51.79 -5.15 -24.34
N GLY C 429 -50.52 -5.48 -24.59
CA GLY C 429 -50.08 -6.86 -24.60
C GLY C 429 -50.28 -7.55 -23.27
N ALA C 430 -50.24 -6.79 -22.18
CA ALA C 430 -50.54 -7.32 -20.87
C ALA C 430 -51.99 -7.79 -20.83
N GLN C 431 -52.89 -6.99 -21.41
CA GLN C 431 -54.31 -7.34 -21.47
C GLN C 431 -54.54 -8.58 -22.31
N VAL C 432 -53.68 -8.82 -23.30
CA VAL C 432 -53.77 -10.04 -24.09
C VAL C 432 -53.41 -11.30 -23.28
N ALA C 433 -52.35 -11.20 -22.49
CA ALA C 433 -51.93 -12.32 -21.66
C ALA C 433 -52.90 -12.51 -20.51
N ASP C 434 -53.57 -11.42 -20.15
CA ASP C 434 -54.55 -11.41 -19.07
C ASP C 434 -55.90 -11.97 -19.45
N LEU C 435 -56.22 -11.98 -20.74
CA LEU C 435 -57.53 -12.44 -21.20
C LEU C 435 -57.70 -13.92 -20.92
N GLU C 436 -56.66 -14.69 -21.21
CA GLU C 436 -56.68 -16.13 -21.03
C GLU C 436 -56.84 -16.46 -19.55
N ALA C 437 -56.09 -15.74 -18.73
CA ALA C 437 -56.23 -15.87 -17.29
C ALA C 437 -57.50 -15.20 -16.68
N GLY C 438 -58.33 -14.53 -17.49
CA GLY C 438 -59.51 -13.80 -16.97
C GLY C 438 -59.28 -12.48 -16.24
N ARG C 439 -58.05 -12.18 -15.81
CA ARG C 439 -57.65 -10.90 -15.15
C ARG C 439 -57.86 -9.66 -16.00
N ARG C 440 -58.11 -8.50 -15.37
CA ARG C 440 -58.31 -7.24 -16.12
C ARG C 440 -57.16 -6.26 -15.97
N THR C 441 -56.88 -5.48 -17.02
CA THR C 441 -55.71 -4.62 -17.03
C THR C 441 -56.08 -3.15 -16.93
N ILE C 442 -55.38 -2.42 -16.08
CA ILE C 442 -55.51 -0.98 -16.02
C ILE C 442 -54.18 -0.34 -16.32
N LEU C 443 -54.18 0.65 -17.20
CA LEU C 443 -52.98 1.50 -17.41
C LEU C 443 -53.12 2.84 -16.70
N VAL C 444 -52.18 3.16 -15.81
CA VAL C 444 -52.17 4.47 -15.12
C VAL C 444 -51.03 5.31 -15.67
N THR C 445 -51.38 6.29 -16.49
CA THR C 445 -50.42 7.07 -17.29
C THR C 445 -50.55 8.60 -17.10
N GLY C 446 -49.47 9.32 -17.40
CA GLY C 446 -49.56 10.79 -17.43
C GLY C 446 -50.01 11.39 -18.75
N ASP C 447 -50.23 12.69 -18.73
CA ASP C 447 -50.73 13.38 -19.90
C ASP C 447 -49.71 13.49 -20.99
N GLY C 448 -48.44 13.38 -20.65
CA GLY C 448 -47.38 13.46 -21.65
C GLY C 448 -47.16 12.13 -22.34
N SER C 449 -47.06 11.08 -21.53
CA SER C 449 -46.76 9.72 -22.01
C SER C 449 -47.83 9.10 -22.90
N VAL C 450 -49.04 9.57 -22.71
CA VAL C 450 -50.16 9.01 -23.45
C VAL C 450 -50.11 9.52 -24.88
N GLY C 451 -49.60 10.73 -25.08
CA GLY C 451 -49.50 11.36 -26.40
C GLY C 451 -48.60 10.62 -27.38
N TYR C 452 -47.63 9.88 -26.83
CA TYR C 452 -46.77 8.96 -27.57
C TYR C 452 -47.50 7.91 -28.43
N SER C 453 -48.42 7.16 -27.82
CA SER C 453 -49.09 6.05 -28.51
C SER C 453 -50.60 6.22 -28.60
N ILE C 454 -51.07 7.44 -28.89
CA ILE C 454 -52.47 7.67 -28.65
C ILE C 454 -53.36 7.07 -29.71
N GLY C 455 -52.80 6.81 -30.89
CA GLY C 455 -53.52 6.06 -31.90
C GLY C 455 -53.84 4.62 -31.50
N GLU C 456 -53.43 4.18 -30.31
CA GLU C 456 -53.56 2.76 -29.99
C GLU C 456 -54.93 2.40 -29.45
N PHE C 457 -55.68 3.43 -29.07
CA PHE C 457 -57.10 3.27 -28.89
C PHE C 457 -57.70 2.59 -30.12
N ASP C 458 -57.11 2.83 -31.30
CA ASP C 458 -57.56 2.13 -32.51
C ASP C 458 -57.37 0.61 -32.38
N THR C 459 -56.27 0.20 -31.77
CA THR C 459 -56.00 -1.21 -31.65
C THR C 459 -56.90 -1.73 -30.54
N LEU C 460 -57.12 -0.90 -29.52
CA LEU C 460 -57.96 -1.31 -28.41
C LEU C 460 -59.37 -1.63 -28.89
N VAL C 461 -59.85 -0.90 -29.89
CA VAL C 461 -61.22 -1.13 -30.34
C VAL C 461 -61.31 -2.22 -31.42
N ARG C 462 -60.52 -2.11 -32.50
CA ARG C 462 -60.40 -3.17 -33.54
C ARG C 462 -60.24 -4.57 -32.98
N LYS C 463 -59.46 -4.70 -31.90
CA LYS C 463 -59.05 -5.98 -31.37
C LYS C 463 -59.80 -6.39 -30.12
N GLN C 464 -60.76 -5.55 -29.72
CA GLN C 464 -61.71 -5.86 -28.65
C GLN C 464 -61.04 -6.05 -27.28
N LEU C 465 -60.17 -5.11 -26.87
CA LEU C 465 -59.43 -5.22 -25.63
C LEU C 465 -59.90 -4.27 -24.54
N PRO C 466 -60.45 -4.83 -23.46
CA PRO C 466 -61.10 -4.07 -22.39
C PRO C 466 -60.12 -3.36 -21.44
N LEU C 467 -59.06 -2.80 -22.03
CA LEU C 467 -58.04 -2.07 -21.29
C LEU C 467 -58.57 -0.70 -20.90
N ILE C 468 -58.43 -0.37 -19.62
CA ILE C 468 -58.80 0.96 -19.14
C ILE C 468 -57.54 1.78 -19.01
N VAL C 469 -57.58 2.98 -19.57
CA VAL C 469 -56.46 3.88 -19.52
C VAL C 469 -56.81 5.10 -18.67
N ILE C 470 -56.22 5.19 -17.49
CA ILE C 470 -56.31 6.41 -16.69
C ILE C 470 -55.20 7.38 -17.07
N ILE C 471 -55.55 8.60 -17.44
CA ILE C 471 -54.56 9.63 -17.68
C ILE C 471 -54.57 10.60 -16.53
N MET C 472 -53.47 10.64 -15.79
CA MET C 472 -53.31 11.62 -14.73
C MET C 472 -52.73 12.87 -15.37
N ASN C 473 -53.67 13.74 -15.72
CA ASN C 473 -53.44 14.91 -16.53
C ASN C 473 -53.21 16.12 -15.65
N ASN C 474 -51.95 16.53 -15.55
CA ASN C 474 -51.61 17.79 -14.90
C ASN C 474 -51.16 18.87 -15.89
N GLN C 475 -51.61 18.71 -17.14
CA GLN C 475 -51.37 19.66 -18.24
C GLN C 475 -49.92 20.04 -18.40
N SER C 476 -49.04 19.11 -18.06
CA SER C 476 -47.61 19.31 -18.26
C SER C 476 -46.81 18.01 -18.24
N TRP C 477 -45.65 18.05 -18.89
CA TRP C 477 -44.62 17.06 -18.70
C TRP C 477 -44.13 17.30 -17.27
N GLY C 478 -44.85 16.72 -16.31
CA GLY C 478 -44.66 16.95 -14.89
C GLY C 478 -43.28 16.84 -14.31
N TRP C 479 -42.66 15.67 -14.43
CA TRP C 479 -41.39 15.44 -13.76
C TRP C 479 -40.25 16.36 -14.18
N THR C 480 -40.15 16.68 -15.47
CA THR C 480 -39.14 17.62 -15.95
C THR C 480 -39.45 19.08 -15.57
N LEU C 481 -40.72 19.48 -15.63
CA LEU C 481 -41.13 20.81 -15.22
C LEU C 481 -40.79 21.03 -13.74
N HIS C 482 -40.91 19.99 -12.92
CA HIS C 482 -40.53 20.08 -11.51
C HIS C 482 -39.02 20.27 -11.35
N PHE C 483 -38.25 19.64 -12.23
CA PHE C 483 -36.81 19.87 -12.24
C PHE C 483 -36.49 21.32 -12.60
N GLN C 484 -37.21 21.87 -13.58
CA GLN C 484 -36.93 23.21 -14.06
C GLN C 484 -37.29 24.26 -13.02
N GLN C 485 -38.38 24.06 -12.29
CA GLN C 485 -38.82 25.10 -11.35
C GLN C 485 -38.13 25.01 -10.00
N LEU C 486 -37.74 23.78 -9.65
CA LEU C 486 -37.06 23.49 -8.39
C LEU C 486 -35.53 23.59 -8.40
N ALA C 487 -34.90 23.31 -9.53
CA ALA C 487 -33.45 23.26 -9.54
C ALA C 487 -32.79 24.26 -10.48
N VAL C 488 -33.57 24.89 -11.36
CA VAL C 488 -33.01 25.94 -12.21
C VAL C 488 -33.57 27.29 -11.83
N GLY C 489 -34.89 27.38 -11.65
CA GLY C 489 -35.56 28.60 -11.20
C GLY C 489 -37.03 28.72 -11.62
N PRO C 490 -37.89 29.28 -10.73
CA PRO C 490 -39.33 29.43 -11.00
C PRO C 490 -39.71 30.12 -12.32
N ASN C 491 -38.99 31.15 -12.74
CA ASN C 491 -39.30 31.81 -14.02
C ASN C 491 -38.63 31.16 -15.26
N ARG C 492 -37.77 30.16 -15.03
CA ARG C 492 -37.12 29.45 -16.15
C ARG C 492 -37.64 28.06 -16.50
N VAL C 493 -38.91 28.04 -16.91
CA VAL C 493 -39.64 26.85 -17.36
C VAL C 493 -39.92 26.93 -18.86
N THR C 494 -39.36 26.02 -19.65
CA THR C 494 -39.70 25.97 -21.08
C THR C 494 -39.78 24.59 -21.59
N GLY C 495 -40.69 24.40 -22.54
CA GLY C 495 -40.76 23.17 -23.30
C GLY C 495 -41.29 21.96 -22.56
N THR C 496 -42.02 22.23 -21.48
CA THR C 496 -42.56 21.20 -20.58
C THR C 496 -44.07 21.38 -20.31
N ARG C 497 -44.63 22.54 -20.68
CA ARG C 497 -46.06 22.76 -20.46
C ARG C 497 -46.88 22.19 -21.63
N LEU C 498 -47.97 21.47 -21.31
CA LEU C 498 -48.85 20.85 -22.30
C LEU C 498 -50.28 21.32 -22.10
N GLU C 499 -50.51 22.57 -22.46
CA GLU C 499 -51.76 23.22 -22.08
C GLU C 499 -52.90 23.04 -23.12
N ASN C 500 -52.95 21.86 -23.76
CA ASN C 500 -53.89 21.62 -24.90
C ASN C 500 -54.47 20.20 -25.10
N GLY C 501 -55.78 20.11 -25.34
CA GLY C 501 -56.34 18.91 -25.97
C GLY C 501 -57.09 17.92 -25.12
N SER C 502 -58.28 17.53 -25.61
CA SER C 502 -59.13 16.54 -24.99
C SER C 502 -58.65 15.15 -25.30
N TYR C 503 -58.01 14.51 -24.34
CA TYR C 503 -57.64 13.11 -24.51
C TYR C 503 -58.87 12.16 -24.51
N HIS C 504 -59.86 12.45 -23.66
CA HIS C 504 -61.06 11.64 -23.66
C HIS C 504 -61.84 11.80 -24.97
N GLY C 505 -61.80 12.99 -25.55
CA GLY C 505 -62.27 13.17 -26.93
C GLY C 505 -61.53 12.32 -27.98
N VAL C 506 -60.23 12.13 -27.80
CA VAL C 506 -59.43 11.35 -28.76
C VAL C 506 -59.83 9.89 -28.71
N ALA C 507 -59.99 9.37 -27.51
CA ALA C 507 -60.48 8.02 -27.33
C ALA C 507 -61.90 7.87 -27.89
N ALA C 508 -62.74 8.87 -27.66
CA ALA C 508 -64.10 8.83 -28.19
C ALA C 508 -64.12 8.83 -29.74
N ALA C 509 -63.07 9.38 -30.35
CA ALA C 509 -62.94 9.45 -31.81
C ALA C 509 -62.55 8.12 -32.40
N PHE C 510 -61.86 7.30 -31.60
CA PHE C 510 -61.41 6.00 -32.08
C PHE C 510 -62.37 4.93 -31.66
N GLY C 511 -63.33 5.29 -30.81
CA GLY C 511 -64.41 4.41 -30.44
C GLY C 511 -64.35 3.85 -29.03
N ALA C 512 -63.45 4.39 -28.22
CA ALA C 512 -63.41 4.03 -26.80
C ALA C 512 -64.35 4.90 -25.98
N ASP C 513 -64.73 4.39 -24.81
CA ASP C 513 -65.50 5.15 -23.85
C ASP C 513 -64.68 6.35 -23.32
N GLY C 514 -65.28 7.54 -23.39
CA GLY C 514 -64.64 8.73 -22.85
C GLY C 514 -65.21 9.14 -21.50
N TYR C 515 -64.32 9.49 -20.57
CA TYR C 515 -64.69 10.03 -19.27
C TYR C 515 -63.80 11.25 -18.97
N HIS C 516 -64.40 12.38 -18.60
CA HIS C 516 -63.63 13.49 -18.05
C HIS C 516 -64.01 13.81 -16.61
N VAL C 517 -63.11 13.51 -15.69
CA VAL C 517 -63.37 13.67 -14.27
C VAL C 517 -62.30 14.48 -13.58
N ASP C 518 -62.67 15.13 -12.49
CA ASP C 518 -61.75 16.02 -11.82
C ASP C 518 -61.75 15.90 -10.31
N SER C 519 -62.89 15.50 -9.71
CA SER C 519 -62.95 15.33 -8.26
C SER C 519 -62.83 13.87 -7.89
N VAL C 520 -62.60 13.64 -6.61
CA VAL C 520 -62.40 12.31 -6.08
C VAL C 520 -63.61 11.41 -6.34
N GLU C 521 -64.80 11.97 -6.14
CA GLU C 521 -66.08 11.31 -6.40
C GLU C 521 -66.24 10.94 -7.87
N SER C 522 -66.00 11.93 -8.73
CA SER C 522 -66.23 11.80 -10.16
C SER C 522 -65.44 10.66 -10.73
N PHE C 523 -64.19 10.60 -10.28
CA PHE C 523 -63.22 9.65 -10.78
C PHE C 523 -63.58 8.26 -10.31
N SER C 524 -63.96 8.14 -9.04
CA SER C 524 -64.26 6.81 -8.53
C SER C 524 -65.53 6.28 -9.18
N ALA C 525 -66.39 7.21 -9.59
CA ALA C 525 -67.60 6.87 -10.28
C ALA C 525 -67.19 6.39 -11.65
N ALA C 526 -66.23 7.09 -12.24
CA ALA C 526 -65.82 6.79 -13.60
C ALA C 526 -65.05 5.47 -13.66
N LEU C 527 -64.25 5.23 -12.64
CA LEU C 527 -63.44 4.02 -12.63
C LEU C 527 -64.33 2.79 -12.48
N ALA C 528 -65.26 2.84 -11.52
CA ALA C 528 -66.14 1.71 -11.22
C ALA C 528 -67.04 1.45 -12.41
N GLN C 529 -67.35 2.53 -13.14
CA GLN C 529 -68.21 2.46 -14.31
C GLN C 529 -67.54 1.65 -15.41
N ALA C 530 -66.29 2.00 -15.71
CA ALA C 530 -65.57 1.43 -16.85
C ALA C 530 -65.21 -0.02 -16.57
N LEU C 531 -65.09 -0.34 -15.28
CA LEU C 531 -64.74 -1.67 -14.85
C LEU C 531 -65.91 -2.63 -14.97
N ALA C 532 -67.13 -2.10 -14.79
CA ALA C 532 -68.34 -2.88 -14.96
C ALA C 532 -68.49 -3.32 -16.41
N HIS C 533 -68.16 -2.43 -17.34
CA HIS C 533 -68.25 -2.70 -18.76
C HIS C 533 -67.03 -3.46 -19.26
N ASN C 534 -67.26 -4.48 -20.08
CA ASN C 534 -66.21 -5.21 -20.75
C ASN C 534 -65.69 -4.43 -21.97
N ARG C 535 -65.28 -3.20 -21.74
CA ARG C 535 -64.98 -2.35 -22.88
C ARG C 535 -63.84 -1.43 -22.57
N PRO C 536 -62.96 -1.24 -23.56
CA PRO C 536 -61.88 -0.26 -23.63
C PRO C 536 -62.37 1.09 -23.20
N ALA C 537 -61.69 1.71 -22.25
CA ALA C 537 -62.10 3.02 -21.73
C ALA C 537 -60.90 3.93 -21.47
N CYS C 538 -61.18 5.23 -21.44
CA CYS C 538 -60.19 6.24 -21.16
C CYS C 538 -60.76 7.22 -20.16
N ILE C 539 -60.06 7.37 -19.05
CA ILE C 539 -60.47 8.28 -18.00
C ILE C 539 -59.47 9.42 -17.89
N ASN C 540 -59.87 10.63 -18.30
CA ASN C 540 -59.00 11.80 -18.27
C ASN C 540 -59.12 12.51 -16.93
N VAL C 541 -58.14 12.31 -16.07
CA VAL C 541 -58.28 12.78 -14.68
C VAL C 541 -57.49 14.06 -14.42
N ALA C 542 -58.19 15.12 -14.04
CA ALA C 542 -57.55 16.40 -13.81
C ALA C 542 -56.93 16.39 -12.44
N VAL C 543 -55.61 16.53 -12.40
CA VAL C 543 -54.85 16.43 -11.14
C VAL C 543 -53.91 17.60 -10.92
N ALA C 544 -53.51 17.82 -9.68
CA ALA C 544 -52.67 18.96 -9.33
C ALA C 544 -51.22 18.82 -9.85
N LEU C 545 -50.60 19.99 -10.02
CA LEU C 545 -49.25 20.10 -10.52
C LEU C 545 -48.21 20.22 -9.40
N ASP C 546 -48.56 21.08 -8.45
CA ASP C 546 -47.67 21.55 -7.39
C ASP C 546 -47.07 20.51 -6.45
N PRO C 547 -47.78 19.40 -6.15
CA PRO C 547 -47.25 18.51 -5.13
C PRO C 547 -46.07 17.69 -5.61
N ILE C 548 -45.15 17.49 -4.67
CA ILE C 548 -43.87 16.82 -4.86
C ILE C 548 -43.99 15.43 -4.24
N PRO C 549 -43.97 14.37 -5.06
CA PRO C 549 -43.94 12.97 -4.55
C PRO C 549 -42.70 12.73 -3.70
N PRO C 550 -42.83 11.93 -2.64
CA PRO C 550 -41.69 11.73 -1.76
C PRO C 550 -40.53 11.09 -2.48
N GLU C 551 -40.80 10.37 -3.57
CA GLU C 551 -39.75 9.70 -4.32
C GLU C 551 -38.92 10.66 -5.17
N GLU C 552 -39.50 11.81 -5.53
CA GLU C 552 -38.82 12.81 -6.34
C GLU C 552 -37.67 13.39 -5.55
N LEU C 553 -37.92 13.57 -4.25
CA LEU C 553 -36.95 14.16 -3.35
C LEU C 553 -35.95 13.14 -2.85
N ILE C 554 -36.32 11.87 -2.90
CA ILE C 554 -35.40 10.80 -2.50
C ILE C 554 -34.39 10.58 -3.61
N LEU C 555 -34.88 10.44 -4.85
CA LEU C 555 -34.07 10.16 -6.04
C LEU C 555 -33.09 11.27 -6.38
N ILE C 556 -33.41 12.48 -5.98
CA ILE C 556 -32.48 13.58 -6.17
C ILE C 556 -31.44 13.63 -5.06
N GLY C 557 -31.71 12.96 -3.94
CA GLY C 557 -30.78 12.89 -2.81
C GLY C 557 -31.05 13.84 -1.66
N MET C 558 -32.32 13.99 -1.30
CA MET C 558 -32.78 14.80 -0.17
C MET C 558 -33.74 14.00 0.69
N ASP C 559 -34.02 14.50 1.90
CA ASP C 559 -35.01 13.91 2.80
C ASP C 559 -36.36 14.57 2.52
N PRO C 560 -37.45 13.77 2.33
CA PRO C 560 -38.75 14.41 2.10
C PRO C 560 -39.59 14.42 3.37
N PHE C 561 -38.97 14.14 4.50
CA PHE C 561 -39.72 14.03 5.74
C PHE C 561 -39.08 14.92 6.79
N ALA C 562 -38.46 16.00 6.31
CA ALA C 562 -37.49 16.81 7.07
C ALA C 562 -38.07 18.10 7.67
N ALA D 1 -17.49 35.10 -17.69
CA ALA D 1 -18.25 34.38 -16.62
C ALA D 1 -18.00 32.92 -16.73
N MET D 2 -18.77 32.15 -15.99
CA MET D 2 -18.69 30.71 -16.02
C MET D 2 -19.95 30.13 -16.59
N ILE D 3 -19.83 29.51 -17.76
CA ILE D 3 -20.98 28.90 -18.42
C ILE D 3 -20.93 27.37 -18.45
N THR D 4 -22.10 26.78 -18.59
CA THR D 4 -22.20 25.35 -18.57
C THR D 4 -22.07 24.78 -19.98
N GLY D 5 -21.65 23.53 -20.07
CA GLY D 5 -21.49 22.85 -21.35
C GLY D 5 -22.71 23.01 -22.24
N GLY D 6 -23.89 23.08 -21.63
CA GLY D 6 -25.17 23.37 -22.32
C GLY D 6 -25.17 24.68 -23.09
N GLU D 7 -24.78 25.75 -22.41
CA GLU D 7 -24.51 27.05 -23.03
C GLU D 7 -23.49 26.92 -24.17
N LEU D 8 -22.42 26.14 -23.99
CA LEU D 8 -21.37 26.01 -25.01
C LEU D 8 -21.90 25.44 -26.34
N VAL D 9 -22.75 24.42 -26.24
CA VAL D 9 -23.52 23.93 -27.38
C VAL D 9 -24.25 25.06 -28.09
N VAL D 10 -25.04 25.83 -27.35
CA VAL D 10 -25.90 26.82 -27.98
C VAL D 10 -25.12 27.96 -28.70
N ARG D 11 -24.11 28.52 -28.03
CA ARG D 11 -23.25 29.50 -28.67
C ARG D 11 -22.73 28.99 -30.03
N THR D 12 -22.29 27.74 -30.05
CA THR D 12 -21.71 27.16 -31.23
C THR D 12 -22.74 27.04 -32.38
N LEU D 13 -23.96 26.60 -32.06
CA LEU D 13 -25.03 26.58 -33.06
C LEU D 13 -25.45 27.94 -33.58
N ILE D 14 -25.59 28.93 -32.69
CA ILE D 14 -25.87 30.32 -33.08
C ILE D 14 -24.77 30.77 -34.02
N LYS D 15 -23.50 30.48 -33.67
CA LYS D 15 -22.33 30.81 -34.52
C LYS D 15 -22.33 30.22 -35.89
N ALA D 16 -22.87 29.01 -36.02
CA ALA D 16 -23.13 28.35 -37.30
C ALA D 16 -24.20 29.03 -38.16
N GLY D 17 -25.29 29.44 -37.54
CA GLY D 17 -26.40 30.02 -38.27
C GLY D 17 -27.68 29.22 -38.06
N VAL D 18 -27.79 28.64 -36.87
CA VAL D 18 -28.90 27.80 -36.47
C VAL D 18 -29.96 28.65 -35.77
N GLU D 19 -31.23 28.43 -36.11
CA GLU D 19 -32.30 29.33 -35.65
C GLU D 19 -33.57 28.64 -35.18
N HIS D 20 -33.54 27.30 -35.16
CA HIS D 20 -34.65 26.48 -34.74
C HIS D 20 -34.01 25.17 -34.40
N LEU D 21 -34.49 24.52 -33.35
CA LEU D 21 -34.11 23.16 -33.03
C LEU D 21 -35.42 22.46 -32.82
N PHE D 22 -35.46 21.14 -33.01
CA PHE D 22 -36.69 20.37 -32.84
C PHE D 22 -36.34 19.28 -31.88
N GLY D 23 -37.18 19.07 -30.88
CA GLY D 23 -36.75 18.30 -29.73
C GLY D 23 -37.89 17.95 -28.83
N LEU D 24 -37.58 17.35 -27.69
CA LEU D 24 -38.58 17.03 -26.69
C LEU D 24 -37.81 16.97 -25.38
N HIS D 25 -38.34 17.61 -24.34
CA HIS D 25 -37.51 17.89 -23.19
C HIS D 25 -37.27 16.71 -22.29
N GLY D 26 -36.04 16.64 -21.77
CA GLY D 26 -35.65 15.79 -20.64
C GLY D 26 -34.73 16.50 -19.65
N ILE D 27 -34.67 16.03 -18.41
CA ILE D 27 -33.79 16.61 -17.39
C ILE D 27 -32.34 16.57 -17.83
N HIS D 28 -32.02 15.65 -18.70
CA HIS D 28 -30.63 15.41 -19.05
C HIS D 28 -30.04 16.39 -20.00
N ILE D 29 -30.93 17.07 -20.72
CA ILE D 29 -30.54 18.01 -21.76
C ILE D 29 -31.11 19.34 -21.42
N ASP D 30 -31.50 19.53 -20.17
CA ASP D 30 -32.10 20.79 -19.80
C ASP D 30 -31.15 21.99 -19.92
N THR D 31 -29.85 21.80 -19.73
CA THR D 31 -28.90 22.91 -19.88
C THR D 31 -28.89 23.52 -21.30
N ILE D 32 -29.17 22.70 -22.30
CA ILE D 32 -29.37 23.22 -23.66
C ILE D 32 -30.69 23.99 -23.74
N PHE D 33 -31.72 23.48 -23.06
CA PHE D 33 -33.03 24.14 -23.08
C PHE D 33 -32.96 25.52 -22.47
N GLN D 34 -32.29 25.58 -21.33
CA GLN D 34 -32.00 26.82 -20.64
C GLN D 34 -31.25 27.84 -21.50
N ALA D 35 -30.21 27.38 -22.20
CA ALA D 35 -29.37 28.25 -23.03
C ALA D 35 -30.12 28.79 -24.25
N CYS D 36 -31.05 28.01 -24.78
CA CYS D 36 -31.88 28.41 -25.92
C CYS D 36 -32.90 29.45 -25.54
N LEU D 37 -33.45 29.25 -24.34
CA LEU D 37 -34.33 30.21 -23.73
C LEU D 37 -33.60 31.53 -23.60
N ASP D 38 -32.38 31.47 -23.06
CA ASP D 38 -31.54 32.67 -22.89
C ASP D 38 -31.20 33.36 -24.22
N HIS D 39 -30.83 32.57 -25.23
CA HIS D 39 -30.45 33.18 -26.50
C HIS D 39 -31.60 33.26 -27.48
N ASP D 40 -32.82 33.25 -26.97
CA ASP D 40 -34.02 33.42 -27.78
C ASP D 40 -34.10 32.49 -29.00
N VAL D 41 -33.62 31.27 -28.83
CA VAL D 41 -33.74 30.23 -29.87
C VAL D 41 -34.98 29.36 -29.67
N PRO D 42 -35.88 29.35 -30.69
CA PRO D 42 -37.04 28.45 -30.74
C PRO D 42 -36.65 26.98 -30.60
N ILE D 43 -37.31 26.24 -29.70
CA ILE D 43 -37.14 24.76 -29.64
C ILE D 43 -38.49 24.06 -29.78
N ILE D 44 -38.87 23.81 -31.03
CA ILE D 44 -40.17 23.26 -31.32
C ILE D 44 -40.24 21.90 -30.70
N ASP D 45 -41.08 21.75 -29.68
CA ASP D 45 -41.14 20.50 -28.92
C ASP D 45 -42.40 19.71 -29.22
N THR D 46 -42.19 18.54 -29.80
CA THR D 46 -43.23 17.65 -30.28
C THR D 46 -43.70 16.64 -29.18
N ARG D 47 -44.61 15.73 -29.54
CA ARG D 47 -45.16 14.76 -28.60
C ARG D 47 -44.43 13.42 -28.58
N HIS D 48 -43.63 13.16 -29.61
CA HIS D 48 -42.84 11.93 -29.74
C HIS D 48 -41.46 12.35 -30.21
N GLU D 49 -40.40 11.68 -29.77
CA GLU D 49 -39.04 12.11 -30.17
C GLU D 49 -38.77 11.94 -31.68
N ALA D 50 -39.32 10.86 -32.25
CA ALA D 50 -39.20 10.53 -33.67
C ALA D 50 -39.79 11.63 -34.53
N ALA D 51 -40.97 12.10 -34.15
CA ALA D 51 -41.60 13.22 -34.86
C ALA D 51 -40.72 14.48 -34.82
N ALA D 52 -40.03 14.72 -33.72
CA ALA D 52 -39.13 15.84 -33.63
C ALA D 52 -37.95 15.62 -34.55
N GLY D 53 -37.48 14.38 -34.63
CA GLY D 53 -36.35 14.03 -35.49
C GLY D 53 -36.71 14.27 -36.94
N HIS D 54 -37.84 13.73 -37.38
CA HIS D 54 -38.25 13.96 -38.77
C HIS D 54 -38.52 15.44 -39.02
N ALA D 55 -38.93 16.17 -37.98
CA ALA D 55 -39.23 17.61 -38.13
C ALA D 55 -37.96 18.33 -38.48
N ALA D 56 -36.84 17.84 -37.98
CA ALA D 56 -35.59 18.42 -38.34
C ALA D 56 -35.27 18.11 -39.80
N GLU D 57 -35.65 16.93 -40.30
CA GLU D 57 -35.38 16.55 -41.68
C GLU D 57 -36.10 17.45 -42.65
N GLY D 58 -37.39 17.60 -42.42
CA GLY D 58 -38.21 18.44 -43.26
C GLY D 58 -37.76 19.89 -43.28
N TYR D 59 -37.32 20.39 -42.14
CA TYR D 59 -36.79 21.73 -42.08
C TYR D 59 -35.56 21.78 -42.99
N ALA D 60 -34.73 20.74 -42.91
CA ALA D 60 -33.45 20.72 -43.61
C ALA D 60 -33.67 20.64 -45.13
N ARG D 61 -34.68 19.86 -45.51
CA ARG D 61 -34.98 19.61 -46.90
C ARG D 61 -35.69 20.82 -47.47
N ALA D 62 -36.79 21.21 -46.85
CA ALA D 62 -37.57 22.35 -47.32
C ALA D 62 -36.83 23.66 -47.18
N GLY D 63 -35.84 23.69 -46.29
CA GLY D 63 -35.09 24.92 -46.00
C GLY D 63 -33.79 25.03 -46.76
N ALA D 64 -33.38 23.92 -47.36
CA ALA D 64 -32.06 23.76 -47.96
C ALA D 64 -30.94 24.11 -46.98
N LYS D 65 -31.13 23.79 -45.71
CA LYS D 65 -30.10 24.09 -44.72
C LYS D 65 -29.92 22.89 -43.80
N LEU D 66 -29.16 23.10 -42.71
CA LEU D 66 -28.95 22.11 -41.64
C LEU D 66 -30.19 22.06 -40.75
N GLY D 67 -30.65 20.87 -40.37
CA GLY D 67 -31.70 20.75 -39.38
C GLY D 67 -31.05 20.32 -38.08
N VAL D 68 -31.53 20.83 -36.95
CA VAL D 68 -31.04 20.29 -35.68
C VAL D 68 -32.11 19.61 -34.83
N ALA D 69 -31.76 18.46 -34.28
CA ALA D 69 -32.66 17.70 -33.42
C ALA D 69 -32.04 17.46 -32.06
N LEU D 70 -32.88 17.54 -31.04
CA LEU D 70 -32.41 17.47 -29.67
C LEU D 70 -33.26 16.46 -28.92
N VAL D 71 -32.66 15.37 -28.47
CA VAL D 71 -33.38 14.35 -27.73
C VAL D 71 -32.63 14.00 -26.46
N THR D 72 -33.37 13.57 -25.45
CA THR D 72 -32.81 13.28 -24.13
C THR D 72 -32.16 11.90 -24.11
N ALA D 73 -31.66 11.47 -22.96
CA ALA D 73 -30.83 10.26 -22.85
C ALA D 73 -31.68 9.00 -22.94
N GLY D 74 -31.12 7.89 -23.41
CA GLY D 74 -31.82 6.60 -23.45
C GLY D 74 -33.04 6.48 -24.36
N GLY D 75 -34.23 6.47 -23.76
CA GLY D 75 -35.49 6.48 -24.51
C GLY D 75 -35.56 7.64 -25.50
N GLY D 76 -34.92 8.75 -25.15
CA GLY D 76 -34.91 9.91 -26.02
C GLY D 76 -34.18 9.56 -27.29
N PHE D 77 -33.03 8.93 -27.11
CA PHE D 77 -32.27 8.52 -28.25
C PHE D 77 -32.94 7.39 -28.99
N THR D 78 -33.39 6.36 -28.31
CA THR D 78 -33.88 5.22 -29.08
C THR D 78 -35.14 5.57 -29.89
N ASN D 79 -35.99 6.42 -29.35
CA ASN D 79 -37.13 6.91 -30.11
C ASN D 79 -36.68 7.70 -31.36
N ALA D 80 -35.38 8.04 -31.40
CA ALA D 80 -34.83 8.94 -32.41
C ALA D 80 -34.20 8.16 -33.57
N VAL D 81 -34.11 6.84 -33.43
CA VAL D 81 -33.43 6.01 -34.41
C VAL D 81 -34.03 6.06 -35.84
N THR D 82 -35.35 5.99 -35.97
CA THR D 82 -35.93 6.01 -37.30
C THR D 82 -35.62 7.29 -38.13
N PRO D 83 -35.72 8.48 -37.51
CA PRO D 83 -35.32 9.68 -38.28
C PRO D 83 -33.85 9.65 -38.70
N ILE D 84 -32.99 9.12 -37.84
CA ILE D 84 -31.57 9.03 -38.21
C ILE D 84 -31.41 8.09 -39.39
N ALA D 85 -32.07 6.92 -39.31
CA ALA D 85 -32.00 5.94 -40.37
C ALA D 85 -32.53 6.54 -41.64
N ASN D 86 -33.62 7.29 -41.53
CA ASN D 86 -34.18 7.95 -42.69
C ASN D 86 -33.24 9.00 -43.31
N ALA D 87 -32.73 9.91 -42.50
CA ALA D 87 -31.84 10.92 -43.02
C ALA D 87 -30.56 10.32 -43.59
N TRP D 88 -30.13 9.18 -43.07
CA TRP D 88 -28.96 8.48 -43.60
C TRP D 88 -29.10 8.15 -45.08
N LEU D 89 -30.24 7.56 -45.46
CA LEU D 89 -30.46 7.14 -46.84
C LEU D 89 -30.93 8.29 -47.73
N ASP D 90 -31.64 9.25 -47.18
CA ASP D 90 -32.21 10.34 -48.02
C ASP D 90 -31.12 11.35 -48.35
N ARG D 91 -29.98 11.15 -47.68
CA ARG D 91 -28.86 12.06 -47.68
C ARG D 91 -29.35 13.43 -47.20
N THR D 92 -29.84 13.49 -45.97
CA THR D 92 -30.39 14.71 -45.41
C THR D 92 -29.47 15.27 -44.32
N PRO D 93 -28.96 16.51 -44.46
CA PRO D 93 -28.04 17.05 -43.46
C PRO D 93 -28.71 17.47 -42.11
N VAL D 94 -28.65 16.60 -41.11
CA VAL D 94 -29.29 16.84 -39.82
C VAL D 94 -28.30 16.55 -38.70
N LEU D 95 -28.12 17.51 -37.80
CA LEU D 95 -27.37 17.25 -36.57
C LEU D 95 -28.32 16.76 -35.49
N PHE D 96 -27.99 15.58 -34.96
CA PHE D 96 -28.74 14.95 -33.86
C PHE D 96 -27.94 15.08 -32.57
N LEU D 97 -28.44 15.90 -31.66
CA LEU D 97 -27.78 16.07 -30.39
C LEU D 97 -28.53 15.26 -29.35
N THR D 98 -27.83 14.34 -28.73
CA THR D 98 -28.47 13.51 -27.71
C THR D 98 -27.80 13.63 -26.35
N GLY D 99 -28.58 13.56 -25.28
CA GLY D 99 -28.02 13.42 -23.96
C GLY D 99 -27.74 11.95 -23.73
N SER D 100 -26.89 11.65 -22.76
CA SER D 100 -26.76 10.27 -22.26
C SER D 100 -26.38 10.35 -20.80
N GLY D 101 -26.16 9.17 -20.20
CA GLY D 101 -25.74 9.04 -18.82
C GLY D 101 -24.49 9.85 -18.50
N ALA D 102 -24.37 10.24 -17.24
CA ALA D 102 -23.27 11.02 -16.75
C ALA D 102 -22.04 10.14 -16.81
N LEU D 103 -20.91 10.68 -17.26
CA LEU D 103 -19.63 9.97 -17.28
C LEU D 103 -19.29 9.35 -15.94
N ARG D 104 -19.57 10.09 -14.89
CA ARG D 104 -19.18 9.66 -13.58
C ARG D 104 -20.20 8.74 -12.98
N ASP D 105 -21.42 8.66 -13.54
CA ASP D 105 -22.43 7.68 -13.11
C ASP D 105 -22.35 6.47 -14.02
N ASP D 106 -21.17 6.23 -14.60
CA ASP D 106 -20.93 5.21 -15.63
C ASP D 106 -21.07 3.85 -15.00
N GLU D 107 -21.88 2.98 -15.65
CA GLU D 107 -21.97 1.58 -15.25
C GLU D 107 -22.52 1.43 -13.81
N THR D 108 -23.56 2.18 -13.48
CA THR D 108 -24.17 2.09 -12.17
C THR D 108 -25.66 1.84 -12.25
N ASN D 109 -26.18 1.44 -13.41
CA ASN D 109 -27.63 1.14 -13.57
C ASN D 109 -28.60 2.29 -13.22
N THR D 110 -28.28 3.50 -13.66
CA THR D 110 -29.10 4.69 -13.38
C THR D 110 -30.10 4.87 -14.50
N LEU D 111 -30.93 5.91 -14.34
CA LEU D 111 -32.10 6.10 -15.19
C LEU D 111 -31.68 6.62 -16.53
N GLN D 112 -32.34 6.11 -17.57
CA GLN D 112 -32.10 6.45 -18.97
C GLN D 112 -30.69 6.13 -19.44
N ALA D 113 -29.85 5.54 -18.58
CA ALA D 113 -28.43 5.29 -18.89
C ALA D 113 -28.12 3.85 -19.22
N GLY D 114 -26.92 3.63 -19.76
CA GLY D 114 -26.42 2.29 -19.98
C GLY D 114 -26.57 1.71 -21.38
N ILE D 115 -27.25 2.38 -22.30
CA ILE D 115 -27.28 1.84 -23.67
C ILE D 115 -26.22 2.55 -24.54
N ASP D 116 -25.55 1.82 -25.45
CA ASP D 116 -24.45 2.42 -26.22
C ASP D 116 -24.95 3.18 -27.42
N GLN D 117 -25.16 4.47 -27.25
CA GLN D 117 -25.85 5.21 -28.25
C GLN D 117 -24.98 5.37 -29.46
N VAL D 118 -23.69 5.68 -29.30
CA VAL D 118 -22.86 5.78 -30.52
C VAL D 118 -22.77 4.46 -31.24
N ALA D 119 -22.66 3.33 -30.55
CA ALA D 119 -22.65 2.01 -31.24
C ALA D 119 -23.85 1.77 -32.16
N MET D 120 -25.01 2.06 -31.61
CA MET D 120 -26.25 2.05 -32.31
C MET D 120 -26.32 2.98 -33.51
N ALA D 121 -25.67 4.13 -33.40
CA ALA D 121 -25.85 5.16 -34.37
C ALA D 121 -24.80 5.07 -35.46
N ALA D 122 -23.74 4.31 -35.19
CA ALA D 122 -22.63 4.16 -36.12
C ALA D 122 -23.01 3.75 -37.56
N PRO D 123 -23.81 2.67 -37.76
CA PRO D 123 -24.10 2.21 -39.14
C PRO D 123 -25.20 2.97 -39.87
N ILE D 124 -25.61 4.09 -39.29
CA ILE D 124 -26.72 4.88 -39.73
C ILE D 124 -26.27 6.32 -39.90
N THR D 125 -25.02 6.64 -39.61
CA THR D 125 -24.58 8.05 -39.60
C THR D 125 -23.23 8.30 -40.27
N LYS D 126 -23.12 9.42 -41.00
CA LYS D 126 -21.81 9.90 -41.43
C LYS D 126 -20.79 9.99 -40.27
N TRP D 127 -21.25 10.26 -39.04
CA TRP D 127 -20.34 10.38 -37.89
C TRP D 127 -21.11 10.29 -36.61
N ALA D 128 -20.58 9.56 -35.63
CA ALA D 128 -21.21 9.47 -34.33
C ALA D 128 -20.14 9.41 -33.25
N HIS D 129 -20.34 10.16 -32.18
CA HIS D 129 -19.29 10.37 -31.20
C HIS D 129 -19.84 10.86 -29.86
N ARG D 130 -19.24 10.38 -28.77
CA ARG D 130 -19.66 10.82 -27.44
C ARG D 130 -18.61 11.75 -26.90
N VAL D 131 -19.01 12.96 -26.55
CA VAL D 131 -18.12 13.98 -25.96
C VAL D 131 -17.58 13.59 -24.57
N MET D 132 -16.28 13.68 -24.41
CA MET D 132 -15.63 13.21 -23.18
C MET D 132 -15.21 14.32 -22.20
N ALA D 133 -15.30 15.59 -22.61
CA ALA D 133 -14.78 16.73 -21.84
C ALA D 133 -15.50 17.95 -22.29
N THR D 134 -15.88 18.83 -21.36
CA THR D 134 -16.64 20.05 -21.66
C THR D 134 -15.93 20.96 -22.63
N GLU D 135 -14.60 21.02 -22.57
CA GLU D 135 -13.80 21.96 -23.38
C GLU D 135 -13.80 21.57 -24.83
N HIS D 136 -14.29 20.37 -25.07
CA HIS D 136 -14.26 19.87 -26.41
C HIS D 136 -15.55 20.25 -27.09
N ILE D 137 -16.53 20.65 -26.30
CA ILE D 137 -17.89 20.85 -26.79
C ILE D 137 -17.98 21.79 -27.98
N PRO D 138 -17.42 23.03 -27.90
CA PRO D 138 -17.49 23.93 -29.06
C PRO D 138 -16.91 23.34 -30.34
N ARG D 139 -15.68 22.81 -30.31
CA ARG D 139 -15.05 22.30 -31.56
C ARG D 139 -15.65 20.96 -32.10
N LEU D 140 -16.06 20.09 -31.19
CA LEU D 140 -16.73 18.85 -31.54
C LEU D 140 -18.14 19.11 -32.15
N VAL D 141 -18.75 20.21 -31.73
CA VAL D 141 -20.06 20.56 -32.25
C VAL D 141 -19.89 21.06 -33.68
N MET D 142 -18.96 21.97 -33.86
CA MET D 142 -18.69 22.50 -35.20
C MET D 142 -18.28 21.37 -36.15
N GLN D 143 -17.48 20.44 -35.63
CA GLN D 143 -16.97 19.32 -36.42
C GLN D 143 -18.14 18.50 -36.92
N ALA D 144 -19.03 18.15 -35.98
CA ALA D 144 -20.28 17.43 -36.26
C ALA D 144 -21.10 18.14 -37.36
N ILE D 145 -21.19 19.48 -37.28
CA ILE D 145 -21.92 20.28 -38.26
C ILE D 145 -21.28 20.20 -39.66
N ARG D 146 -19.97 20.43 -39.72
CA ARG D 146 -19.23 20.33 -40.97
C ARG D 146 -19.47 18.99 -41.61
N ALA D 147 -19.49 17.94 -40.80
CA ALA D 147 -19.55 16.61 -41.39
C ALA D 147 -20.90 16.35 -42.03
N ALA D 148 -21.95 16.83 -41.36
CA ALA D 148 -23.29 16.63 -41.84
C ALA D 148 -23.55 17.41 -43.16
N LEU D 149 -23.04 18.64 -43.25
CA LEU D 149 -23.32 19.53 -44.36
C LEU D 149 -22.48 19.31 -45.61
N SER D 150 -21.32 18.68 -45.48
CA SER D 150 -20.48 18.42 -46.65
C SER D 150 -21.03 17.25 -47.51
N ALA D 151 -20.61 17.18 -48.76
CA ALA D 151 -21.20 16.25 -49.73
C ALA D 151 -20.56 14.87 -49.59
N PRO D 152 -21.37 13.81 -49.62
CA PRO D 152 -22.82 13.85 -49.70
C PRO D 152 -23.41 14.18 -48.33
N ARG D 153 -24.43 15.02 -48.31
CA ARG D 153 -25.06 15.39 -47.05
C ARG D 153 -25.70 14.20 -46.33
N GLY D 154 -25.66 14.20 -45.00
CA GLY D 154 -26.20 13.08 -44.22
C GLY D 154 -26.30 13.32 -42.71
N PRO D 155 -26.88 12.36 -41.94
CA PRO D 155 -27.12 12.66 -40.53
C PRO D 155 -25.90 12.43 -39.65
N VAL D 156 -25.75 13.21 -38.59
CA VAL D 156 -24.63 13.07 -37.63
C VAL D 156 -25.09 13.09 -36.15
N LEU D 157 -24.56 12.20 -35.30
CA LEU D 157 -24.89 12.14 -33.85
C LEU D 157 -23.80 12.63 -32.89
N LEU D 158 -24.16 13.52 -31.98
CA LEU D 158 -23.25 13.97 -30.93
C LEU D 158 -23.84 13.70 -29.54
N ASP D 159 -23.16 12.83 -28.80
CA ASP D 159 -23.68 12.32 -27.55
C ASP D 159 -23.07 13.13 -26.43
N LEU D 160 -23.91 13.90 -25.73
CA LEU D 160 -23.50 14.84 -24.70
C LEU D 160 -23.88 14.34 -23.32
N PRO D 161 -22.96 13.64 -22.65
CA PRO D 161 -23.31 13.12 -21.34
C PRO D 161 -23.83 14.27 -20.46
N TRP D 162 -24.92 14.04 -19.73
CA TRP D 162 -25.46 14.96 -18.70
C TRP D 162 -24.42 15.64 -17.84
N ASP D 163 -23.36 14.89 -17.60
CA ASP D 163 -22.31 15.21 -16.68
C ASP D 163 -21.48 16.39 -17.20
N ILE D 164 -21.33 16.40 -18.51
CA ILE D 164 -20.47 17.32 -19.23
C ILE D 164 -21.24 18.59 -19.55
N LEU D 165 -22.54 18.41 -19.75
CA LEU D 165 -23.44 19.51 -20.06
C LEU D 165 -23.67 20.49 -18.91
N MET D 166 -23.95 19.93 -17.74
CA MET D 166 -24.28 20.67 -16.52
C MET D 166 -23.05 21.36 -16.03
N ASN D 167 -21.95 20.70 -16.30
CA ASN D 167 -20.68 21.10 -15.80
C ASN D 167 -20.34 22.54 -16.24
N GLN D 168 -19.46 23.20 -15.50
CA GLN D 168 -19.21 24.59 -15.83
C GLN D 168 -17.76 24.97 -15.92
N ILE D 169 -17.46 25.69 -16.99
CA ILE D 169 -16.15 26.31 -17.10
C ILE D 169 -16.21 27.82 -17.27
N ASP D 170 -15.03 28.38 -17.42
CA ASP D 170 -14.81 29.77 -17.57
C ASP D 170 -14.96 30.06 -19.06
N GLU D 171 -15.73 31.08 -19.42
CA GLU D 171 -15.93 31.43 -20.84
C GLU D 171 -14.64 31.59 -21.63
N ASP D 172 -13.56 31.96 -20.95
CA ASP D 172 -12.26 32.25 -21.56
C ASP D 172 -11.40 31.02 -21.74
N SER D 173 -11.65 29.99 -20.95
CA SER D 173 -11.02 28.69 -21.19
C SER D 173 -11.18 28.22 -22.62
N VAL D 174 -12.30 28.55 -23.26
CA VAL D 174 -12.66 27.93 -24.53
C VAL D 174 -12.97 28.96 -25.62
N ILE D 175 -12.76 28.55 -26.87
CA ILE D 175 -13.01 29.35 -28.08
C ILE D 175 -14.20 28.74 -28.85
N ILE D 176 -15.26 29.51 -29.01
CA ILE D 176 -16.38 29.12 -29.87
C ILE D 176 -15.92 29.45 -31.31
N PRO D 177 -15.74 28.43 -32.17
CA PRO D 177 -15.20 28.72 -33.50
C PRO D 177 -16.28 29.12 -34.50
N ASP D 178 -15.90 29.80 -35.59
CA ASP D 178 -16.89 30.01 -36.64
C ASP D 178 -17.05 28.72 -37.43
N LEU D 179 -18.15 28.65 -38.16
CA LEU D 179 -18.27 27.73 -39.27
C LEU D 179 -17.41 28.29 -40.40
N VAL D 180 -16.20 27.74 -40.59
CA VAL D 180 -15.33 28.16 -41.70
C VAL D 180 -15.23 27.09 -42.80
N LEU D 181 -16.36 26.80 -43.43
CA LEU D 181 -16.48 25.82 -44.52
C LEU D 181 -17.17 26.54 -45.67
N SER D 182 -16.48 26.63 -46.80
CA SER D 182 -17.00 27.28 -48.00
C SER D 182 -18.36 26.76 -48.44
N ALA D 183 -19.26 27.68 -48.77
CA ALA D 183 -20.59 27.37 -49.26
C ALA D 183 -20.54 26.80 -50.66
N HIS D 184 -19.47 27.09 -51.41
CA HIS D 184 -19.27 26.56 -52.77
C HIS D 184 -18.70 25.14 -52.78
N GLY D 185 -19.27 24.25 -53.60
CA GLY D 185 -18.82 22.85 -53.64
C GLY D 185 -17.66 22.60 -54.58
N ALA D 186 -17.11 21.38 -54.55
CA ALA D 186 -16.00 20.99 -55.44
C ALA D 186 -16.44 20.76 -56.90
N ARG D 187 -15.64 21.18 -57.88
CA ARG D 187 -16.00 21.07 -59.31
C ARG D 187 -15.16 20.05 -60.06
N PRO D 188 -15.71 19.45 -61.13
CA PRO D 188 -14.91 18.48 -61.87
C PRO D 188 -13.67 19.08 -62.54
N ASP D 189 -12.65 18.25 -62.73
CA ASP D 189 -11.45 18.59 -63.49
C ASP D 189 -11.85 19.08 -64.88
N PRO D 190 -11.26 20.21 -65.33
CA PRO D 190 -11.58 20.80 -66.62
C PRO D 190 -11.54 19.80 -67.76
N ALA D 191 -10.66 18.81 -67.67
CA ALA D 191 -10.52 17.76 -68.69
C ALA D 191 -11.82 16.94 -68.90
N ASP D 192 -12.47 16.62 -67.78
CA ASP D 192 -13.68 15.80 -67.83
C ASP D 192 -14.94 16.60 -68.14
N LEU D 193 -15.02 17.80 -67.57
CA LEU D 193 -16.10 18.74 -67.82
C LEU D 193 -16.22 18.96 -69.34
N ASP D 194 -15.08 19.01 -70.03
CA ASP D 194 -15.06 19.16 -71.49
C ASP D 194 -15.48 17.87 -72.21
N GLN D 195 -15.02 16.72 -71.69
CA GLN D 195 -15.37 15.43 -72.26
C GLN D 195 -16.86 15.17 -72.11
N ALA D 196 -17.41 15.59 -70.98
CA ALA D 196 -18.84 15.38 -70.77
C ALA D 196 -19.68 16.33 -71.62
N LEU D 197 -19.18 17.53 -71.87
CA LEU D 197 -19.91 18.43 -72.75
C LEU D 197 -19.82 17.96 -74.19
N ALA D 198 -18.64 17.44 -74.58
CA ALA D 198 -18.41 16.94 -75.94
C ALA D 198 -19.37 15.80 -76.27
N LEU D 199 -19.62 14.98 -75.25
CA LEU D 199 -20.51 13.81 -75.33
C LEU D 199 -21.98 14.21 -75.46
N LEU D 200 -22.38 15.17 -74.62
CA LEU D 200 -23.70 15.78 -74.69
C LEU D 200 -24.07 16.44 -76.03
N ARG D 201 -23.10 17.03 -76.72
CA ARG D 201 -23.36 17.61 -78.04
C ARG D 201 -23.57 16.53 -79.09
N LYS D 202 -22.84 15.43 -78.99
CA LYS D 202 -22.93 14.31 -79.93
C LYS D 202 -24.24 13.55 -79.71
N ALA D 203 -24.90 13.83 -78.61
CA ALA D 203 -26.08 13.06 -78.24
C ALA D 203 -27.26 13.44 -79.12
N GLU D 204 -28.08 12.48 -79.49
CA GLU D 204 -29.29 12.82 -80.23
C GLU D 204 -30.53 12.91 -79.33
N ARG D 205 -30.57 12.12 -78.27
CA ARG D 205 -31.71 12.13 -77.34
C ARG D 205 -31.22 12.26 -75.89
N PRO D 206 -30.56 13.39 -75.55
CA PRO D 206 -29.94 13.50 -74.23
C PRO D 206 -30.89 13.97 -73.13
N VAL D 207 -30.65 13.50 -71.91
CA VAL D 207 -31.46 13.84 -70.74
C VAL D 207 -30.59 14.01 -69.51
N ILE D 208 -31.10 14.78 -68.55
CA ILE D 208 -30.44 15.00 -67.27
C ILE D 208 -31.38 14.57 -66.18
N VAL D 209 -30.83 13.88 -65.18
CA VAL D 209 -31.61 13.40 -64.04
C VAL D 209 -30.97 13.92 -62.76
N LEU D 210 -31.72 14.73 -62.01
CA LEU D 210 -31.24 15.36 -60.79
C LEU D 210 -31.58 14.52 -59.59
N GLY D 211 -30.63 14.42 -58.66
CA GLY D 211 -30.84 13.67 -57.44
C GLY D 211 -30.95 14.58 -56.24
N SER D 212 -30.86 13.96 -55.05
CA SER D 212 -31.07 14.66 -53.80
C SER D 212 -30.07 15.80 -53.64
N GLU D 213 -28.86 15.61 -54.14
CA GLU D 213 -27.79 16.55 -53.87
C GLU D 213 -27.90 17.82 -54.69
N ALA D 214 -28.81 17.81 -55.67
CA ALA D 214 -29.10 18.97 -56.52
C ALA D 214 -29.88 19.97 -55.70
N SER D 215 -30.80 19.43 -54.89
CA SER D 215 -31.64 20.17 -53.93
C SER D 215 -30.92 20.67 -52.66
N ARG D 216 -29.90 19.97 -52.20
CA ARG D 216 -29.23 20.42 -51.00
C ARG D 216 -28.35 21.64 -51.25
N THR D 217 -27.74 21.75 -52.43
CA THR D 217 -26.85 22.89 -52.73
C THR D 217 -27.66 23.99 -53.42
N ALA D 218 -28.66 23.53 -54.19
CA ALA D 218 -29.75 24.33 -54.70
C ALA D 218 -29.29 25.42 -55.65
N ARG D 219 -28.56 25.03 -56.70
CA ARG D 219 -27.85 26.02 -57.50
C ARG D 219 -28.62 26.45 -58.75
N LYS D 220 -29.85 26.91 -58.52
CA LYS D 220 -30.81 27.22 -59.58
C LYS D 220 -30.31 28.19 -60.62
N THR D 221 -29.74 29.32 -60.24
CA THR D 221 -29.33 30.31 -61.23
C THR D 221 -28.33 29.75 -62.23
N ALA D 222 -27.50 28.82 -61.77
CA ALA D 222 -26.52 28.22 -62.67
C ALA D 222 -27.14 27.13 -63.56
N LEU D 223 -28.25 26.56 -63.12
CA LEU D 223 -28.90 25.44 -63.80
C LEU D 223 -29.75 25.99 -64.92
N SER D 224 -30.37 27.13 -64.64
CA SER D 224 -31.14 27.81 -65.64
C SER D 224 -30.28 28.29 -66.81
N ALA D 225 -29.09 28.84 -66.52
CA ALA D 225 -28.16 29.30 -67.55
C ALA D 225 -27.65 28.15 -68.41
N PHE D 226 -27.68 26.95 -67.85
CA PHE D 226 -27.19 25.75 -68.52
C PHE D 226 -28.21 25.09 -69.44
N VAL D 227 -29.45 24.95 -68.97
CA VAL D 227 -30.54 24.44 -69.77
C VAL D 227 -30.85 25.42 -70.87
N ALA D 228 -30.78 26.70 -70.55
CA ALA D 228 -30.93 27.80 -71.49
C ALA D 228 -29.88 27.83 -72.59
N ALA D 229 -28.83 27.03 -72.45
CA ALA D 229 -27.78 27.02 -73.46
C ALA D 229 -27.75 25.75 -74.31
N THR D 230 -28.07 24.61 -73.71
CA THR D 230 -28.03 23.33 -74.39
C THR D 230 -29.43 22.91 -74.80
N GLY D 231 -30.42 23.29 -73.99
CA GLY D 231 -31.84 23.07 -74.30
C GLY D 231 -32.29 21.63 -74.15
N VAL D 232 -31.67 20.91 -73.20
CA VAL D 232 -31.94 19.49 -72.93
C VAL D 232 -32.95 19.30 -71.81
N PRO D 233 -33.82 18.28 -71.92
CA PRO D 233 -34.87 18.04 -70.92
C PRO D 233 -34.22 17.68 -69.60
N VAL D 234 -35.00 17.70 -68.53
CA VAL D 234 -34.45 17.48 -67.19
C VAL D 234 -35.43 16.71 -66.31
N PHE D 235 -34.98 15.58 -65.82
CA PHE D 235 -35.78 14.80 -64.91
C PHE D 235 -35.18 14.82 -63.51
N ALA D 236 -35.93 14.32 -62.54
CA ALA D 236 -35.45 14.15 -61.17
C ALA D 236 -36.17 12.99 -60.49
N ASP D 237 -35.48 12.37 -59.53
CA ASP D 237 -36.09 11.54 -58.50
C ASP D 237 -36.91 12.47 -57.58
N TYR D 238 -37.64 11.88 -56.63
CA TYR D 238 -38.53 12.68 -55.76
C TYR D 238 -37.86 13.93 -55.17
N GLU D 239 -36.66 13.77 -54.63
CA GLU D 239 -35.99 14.88 -53.95
C GLU D 239 -35.61 16.00 -54.87
N GLY D 240 -35.47 15.65 -56.15
CA GLY D 240 -34.95 16.57 -57.15
C GLY D 240 -35.95 17.55 -57.73
N LEU D 241 -37.22 17.22 -57.62
CA LEU D 241 -38.29 18.00 -58.24
C LEU D 241 -38.31 19.53 -57.96
N SER D 242 -37.95 19.93 -56.74
CA SER D 242 -37.99 21.34 -56.32
C SER D 242 -37.19 22.23 -57.27
N MET D 243 -36.17 21.63 -57.88
CA MET D 243 -35.20 22.30 -58.78
C MET D 243 -35.74 22.58 -60.17
N LEU D 244 -36.72 21.78 -60.58
CA LEU D 244 -37.29 21.87 -61.91
C LEU D 244 -38.36 22.96 -61.99
N SER D 245 -38.35 23.87 -61.03
CA SER D 245 -39.45 24.80 -60.94
C SER D 245 -39.03 26.18 -61.41
N GLY D 246 -37.73 26.31 -61.72
CA GLY D 246 -37.22 27.51 -62.40
C GLY D 246 -36.95 27.31 -63.89
N LEU D 247 -37.56 26.28 -64.49
CA LEU D 247 -37.23 25.87 -65.86
C LEU D 247 -38.38 26.03 -66.84
N PRO D 248 -38.08 26.42 -68.11
CA PRO D 248 -39.14 26.51 -69.10
C PRO D 248 -39.85 25.17 -69.27
N ASP D 249 -41.12 25.24 -69.61
CA ASP D 249 -42.01 24.11 -69.45
C ASP D 249 -41.76 22.92 -70.40
N ALA D 250 -41.23 23.18 -71.59
CA ALA D 250 -40.96 22.10 -72.55
C ALA D 250 -39.67 21.37 -72.19
N MET D 251 -38.82 22.08 -71.46
CA MET D 251 -37.55 21.56 -70.98
C MET D 251 -37.76 20.77 -69.67
N ARG D 252 -39.02 20.68 -69.21
CA ARG D 252 -39.35 19.93 -67.99
C ARG D 252 -39.90 18.56 -68.31
N GLY D 253 -39.11 17.52 -68.06
CA GLY D 253 -39.52 16.15 -68.29
C GLY D 253 -40.22 15.53 -67.10
N GLY D 254 -39.95 16.09 -65.91
CA GLY D 254 -40.73 15.76 -64.72
C GLY D 254 -40.04 14.72 -63.89
N LEU D 255 -40.84 13.81 -63.33
CA LEU D 255 -40.30 12.73 -62.50
C LEU D 255 -39.63 11.66 -63.33
N VAL D 256 -38.45 11.27 -62.90
CA VAL D 256 -37.64 10.27 -63.57
C VAL D 256 -38.44 9.02 -63.97
N GLN D 257 -39.59 8.86 -63.32
CA GLN D 257 -40.41 7.65 -63.47
C GLN D 257 -41.21 7.65 -64.79
N ASN D 258 -40.87 8.61 -65.63
CA ASN D 258 -41.56 8.80 -66.87
C ASN D 258 -40.78 8.11 -67.98
N LEU D 259 -39.47 8.01 -67.79
CA LEU D 259 -38.55 7.44 -68.78
C LEU D 259 -38.77 5.94 -68.95
N TYR D 260 -39.97 5.49 -68.61
CA TYR D 260 -40.27 4.08 -68.58
C TYR D 260 -40.60 3.58 -69.98
N SER D 261 -41.75 3.99 -70.49
CA SER D 261 -42.16 3.61 -71.84
C SER D 261 -41.48 4.45 -72.93
N PHE D 262 -40.28 4.96 -72.64
CA PHE D 262 -39.47 5.66 -73.64
C PHE D 262 -38.78 4.64 -74.55
N ALA D 263 -38.69 3.40 -74.08
CA ALA D 263 -38.19 2.29 -74.87
C ALA D 263 -39.26 1.82 -75.87
N LYS D 264 -40.41 1.38 -75.33
CA LYS D 264 -41.58 0.96 -76.08
C LYS D 264 -42.00 2.04 -77.07
N ALA D 265 -41.25 3.13 -77.12
CA ALA D 265 -41.57 4.22 -78.04
C ALA D 265 -40.54 4.40 -79.18
N ASP D 266 -39.58 3.48 -79.29
CA ASP D 266 -38.41 3.64 -80.17
C ASP D 266 -37.81 5.04 -79.97
N ALA D 267 -37.66 5.47 -78.71
CA ALA D 267 -37.22 6.82 -78.41
C ALA D 267 -36.31 6.92 -77.18
N ALA D 268 -35.75 5.78 -76.79
CA ALA D 268 -34.99 5.67 -75.55
C ALA D 268 -33.77 6.59 -75.51
N PRO D 269 -33.53 7.27 -74.37
CA PRO D 269 -32.48 8.25 -74.34
C PRO D 269 -31.12 7.75 -74.78
N ASP D 270 -30.49 8.60 -75.57
CA ASP D 270 -29.25 8.34 -76.24
C ASP D 270 -28.10 8.47 -75.27
N LEU D 271 -28.28 9.38 -74.33
CA LEU D 271 -27.30 9.70 -73.30
C LEU D 271 -28.01 10.12 -72.00
N VAL D 272 -27.47 9.73 -70.85
CA VAL D 272 -28.04 10.15 -69.57
C VAL D 272 -27.02 10.86 -68.69
N LEU D 273 -27.38 12.04 -68.22
CA LEU D 273 -26.57 12.79 -67.29
C LEU D 273 -27.17 12.71 -65.88
N MET D 274 -26.46 12.01 -64.99
CA MET D 274 -26.94 11.82 -63.62
C MET D 274 -26.18 12.71 -62.67
N LEU D 275 -26.87 13.70 -62.13
CA LEU D 275 -26.22 14.63 -61.20
C LEU D 275 -26.82 14.42 -59.83
N GLY D 276 -26.22 13.51 -59.06
CA GLY D 276 -26.67 13.22 -57.71
C GLY D 276 -27.69 12.10 -57.60
N ALA D 277 -28.21 11.65 -58.74
CA ALA D 277 -29.15 10.55 -58.72
C ALA D 277 -28.43 9.22 -58.77
N ARG D 278 -28.70 8.37 -57.79
CA ARG D 278 -28.08 7.05 -57.70
C ARG D 278 -28.87 5.95 -58.35
N PHE D 279 -28.19 4.84 -58.66
CA PHE D 279 -28.83 3.73 -59.38
C PHE D 279 -29.67 2.97 -58.36
N GLY D 280 -30.39 3.68 -57.51
CA GLY D 280 -31.22 3.03 -56.54
C GLY D 280 -32.60 2.69 -57.06
N LEU D 281 -33.56 2.86 -56.17
CA LEU D 281 -34.94 2.49 -56.38
C LEU D 281 -35.65 3.52 -57.23
N ASN D 282 -35.24 4.78 -57.10
CA ASN D 282 -35.92 5.86 -57.79
C ASN D 282 -35.56 5.88 -59.27
N THR D 283 -34.43 5.27 -59.63
CA THR D 283 -33.90 5.22 -61.00
C THR D 283 -34.09 3.85 -61.67
N GLY D 284 -34.93 3.03 -61.05
CA GLY D 284 -35.22 1.69 -61.56
C GLY D 284 -34.01 0.75 -61.59
N HIS D 285 -33.14 0.88 -60.59
CA HIS D 285 -32.02 -0.05 -60.36
C HIS D 285 -31.11 -0.25 -61.56
N GLY D 286 -30.45 -1.40 -61.58
CA GLY D 286 -29.57 -1.76 -62.68
C GLY D 286 -30.31 -2.47 -63.79
N SER D 287 -31.64 -2.41 -63.74
CA SER D 287 -32.50 -3.16 -64.62
C SER D 287 -32.51 -2.60 -66.04
N GLY D 288 -32.54 -1.28 -66.17
CA GLY D 288 -32.58 -0.67 -67.50
C GLY D 288 -33.86 0.08 -67.86
N GLN D 289 -34.84 0.03 -66.97
CA GLN D 289 -36.14 0.69 -67.13
C GLN D 289 -36.01 2.15 -67.50
N LEU D 290 -35.74 2.98 -66.50
CA LEU D 290 -35.63 4.41 -66.69
C LEU D 290 -34.30 4.80 -67.35
N ILE D 291 -33.26 4.04 -67.10
CA ILE D 291 -31.95 4.31 -67.70
C ILE D 291 -31.56 3.09 -68.55
N PRO D 292 -31.25 3.31 -69.83
CA PRO D 292 -31.03 2.15 -70.72
C PRO D 292 -29.57 1.74 -70.92
N HIS D 293 -29.27 0.45 -70.79
CA HIS D 293 -27.91 -0.05 -70.95
C HIS D 293 -27.21 0.53 -72.15
N SER D 294 -27.87 0.42 -73.30
CA SER D 294 -27.43 1.01 -74.57
C SER D 294 -26.98 2.47 -74.46
N ALA D 295 -27.59 3.23 -73.55
CA ALA D 295 -27.29 4.65 -73.40
C ALA D 295 -25.93 4.89 -72.77
N GLN D 296 -25.27 5.95 -73.21
CA GLN D 296 -24.02 6.29 -72.60
C GLN D 296 -24.27 7.21 -71.43
N VAL D 297 -23.86 6.75 -70.24
CA VAL D 297 -24.24 7.39 -69.00
C VAL D 297 -23.05 8.14 -68.40
N ILE D 298 -23.29 9.40 -68.03
CA ILE D 298 -22.33 10.26 -67.33
C ILE D 298 -22.92 10.48 -65.96
N GLN D 299 -22.25 9.97 -64.94
CA GLN D 299 -22.74 10.07 -63.56
C GLN D 299 -21.82 10.89 -62.67
N VAL D 300 -22.37 11.93 -62.06
CA VAL D 300 -21.71 12.74 -61.00
C VAL D 300 -22.30 12.56 -59.58
N ASP D 301 -21.44 12.27 -58.62
CA ASP D 301 -21.87 11.90 -57.28
C ASP D 301 -20.64 12.12 -56.38
N PRO D 302 -20.84 12.71 -55.20
CA PRO D 302 -19.65 13.01 -54.36
C PRO D 302 -19.07 11.73 -53.81
N ASP D 303 -19.90 10.70 -53.75
CA ASP D 303 -19.61 9.40 -53.18
C ASP D 303 -19.24 8.37 -54.29
N ALA D 304 -17.98 7.98 -54.37
CA ALA D 304 -17.51 7.16 -55.48
C ALA D 304 -18.05 5.74 -55.48
N CYS D 305 -18.64 5.24 -54.36
CA CYS D 305 -19.29 3.93 -54.40
C CYS D 305 -20.35 3.91 -55.49
N GLU D 306 -21.09 5.01 -55.59
CA GLU D 306 -22.31 5.07 -56.36
C GLU D 306 -22.09 5.09 -57.85
N LEU D 307 -20.86 5.41 -58.24
CA LEU D 307 -20.46 5.50 -59.64
C LEU D 307 -20.56 4.17 -60.37
N GLY D 308 -21.68 4.02 -61.07
CA GLY D 308 -22.01 2.81 -61.78
C GLY D 308 -22.00 1.58 -60.90
N ARG D 309 -22.67 1.65 -59.76
CA ARG D 309 -22.71 0.50 -58.84
C ARG D 309 -23.51 -0.66 -59.42
N LEU D 310 -24.53 -0.35 -60.22
CA LEU D 310 -25.48 -1.35 -60.71
C LEU D 310 -25.40 -1.57 -62.20
N GLN D 311 -25.24 -0.48 -62.95
CA GLN D 311 -24.93 -0.50 -64.38
C GLN D 311 -23.48 -0.14 -64.65
N GLY D 312 -22.99 -0.43 -65.84
CA GLY D 312 -21.70 0.11 -66.26
C GLY D 312 -21.95 1.49 -66.81
N ILE D 313 -21.11 2.45 -66.46
CA ILE D 313 -21.21 3.82 -67.00
C ILE D 313 -20.15 4.10 -68.09
N ALA D 314 -20.24 5.28 -68.72
CA ALA D 314 -19.23 5.73 -69.68
C ALA D 314 -18.20 6.66 -69.03
N LEU D 315 -18.69 7.57 -68.19
CA LEU D 315 -17.81 8.44 -67.42
C LEU D 315 -18.36 8.71 -66.02
N GLY D 316 -17.53 8.58 -64.99
CA GLY D 316 -18.00 8.85 -63.63
C GLY D 316 -17.12 9.84 -62.90
N ILE D 317 -17.69 10.98 -62.52
CA ILE D 317 -16.89 12.01 -61.82
C ILE D 317 -17.24 12.18 -60.34
N VAL D 318 -16.20 12.18 -59.49
CA VAL D 318 -16.39 12.49 -58.06
C VAL D 318 -16.40 14.02 -57.99
N ALA D 319 -17.51 14.60 -57.54
CA ALA D 319 -17.62 16.06 -57.24
C ALA D 319 -18.96 16.41 -56.62
N ASP D 320 -19.07 17.63 -56.09
CA ASP D 320 -20.36 18.12 -55.57
C ASP D 320 -21.31 18.43 -56.73
N VAL D 321 -22.54 17.96 -56.64
CA VAL D 321 -23.52 18.26 -57.68
C VAL D 321 -23.76 19.78 -57.91
N GLY D 322 -23.96 20.54 -56.84
CA GLY D 322 -24.21 21.97 -56.92
C GLY D 322 -23.03 22.73 -57.50
N GLY D 323 -21.84 22.42 -56.98
CA GLY D 323 -20.60 22.96 -57.51
C GLY D 323 -20.36 22.55 -58.95
N THR D 324 -20.86 21.38 -59.36
CA THR D 324 -20.73 20.95 -60.76
C THR D 324 -21.59 21.78 -61.72
N ILE D 325 -22.86 21.98 -61.41
CA ILE D 325 -23.75 22.81 -62.24
C ILE D 325 -23.19 24.21 -62.44
N GLU D 326 -22.52 24.76 -61.43
CA GLU D 326 -21.88 26.07 -61.59
C GLU D 326 -20.78 25.99 -62.65
N ALA D 327 -19.95 24.95 -62.57
CA ALA D 327 -18.88 24.73 -63.56
C ALA D 327 -19.44 24.40 -64.96
N LEU D 328 -20.69 23.98 -64.98
CA LEU D 328 -21.37 23.66 -66.21
C LEU D 328 -21.90 24.91 -66.94
N ALA D 329 -22.55 25.83 -66.23
CA ALA D 329 -23.06 27.07 -66.84
C ALA D 329 -21.90 27.92 -67.35
N GLN D 330 -20.83 27.90 -66.57
CA GLN D 330 -19.64 28.68 -66.84
C GLN D 330 -19.00 28.29 -68.15
N ALA D 331 -18.87 26.99 -68.40
CA ALA D 331 -18.23 26.46 -69.61
C ALA D 331 -19.19 26.40 -70.82
N THR D 332 -20.45 26.78 -70.61
CA THR D 332 -21.48 26.76 -71.66
C THR D 332 -21.95 28.17 -71.98
N ALA D 333 -21.21 29.17 -71.50
CA ALA D 333 -21.50 30.55 -71.84
C ALA D 333 -20.55 31.10 -72.93
N GLN D 334 -19.98 30.19 -73.74
CA GLN D 334 -19.19 30.59 -74.92
C GLN D 334 -19.43 29.63 -76.09
N ASP D 335 -19.80 28.40 -75.75
CA ASP D 335 -20.07 27.34 -76.74
C ASP D 335 -20.93 27.83 -77.91
N ALA D 336 -22.22 28.05 -77.62
CA ALA D 336 -23.21 28.55 -78.57
C ALA D 336 -23.51 27.59 -79.72
N ALA D 337 -22.66 26.58 -79.88
CA ALA D 337 -22.84 25.55 -80.93
C ALA D 337 -23.69 24.38 -80.42
N TRP D 338 -24.82 24.66 -79.77
CA TRP D 338 -25.70 23.62 -79.22
C TRP D 338 -26.94 23.39 -80.07
N PRO D 339 -27.12 22.16 -80.57
CA PRO D 339 -28.26 21.84 -81.43
C PRO D 339 -29.63 22.21 -80.85
N ASP D 340 -30.58 22.46 -81.76
CA ASP D 340 -31.97 22.69 -81.40
C ASP D 340 -32.59 21.37 -80.91
N ARG D 341 -33.24 21.39 -79.75
CA ARG D 341 -33.78 20.16 -79.20
C ARG D 341 -35.28 20.02 -79.33
N GLY D 342 -35.88 20.83 -80.19
CA GLY D 342 -37.32 20.82 -80.44
C GLY D 342 -37.91 19.44 -80.60
N ASP D 343 -37.57 18.79 -81.71
CA ASP D 343 -38.09 17.46 -82.02
C ASP D 343 -37.91 16.46 -80.89
N TRP D 344 -36.79 16.58 -80.19
CA TRP D 344 -36.55 15.75 -79.00
C TRP D 344 -37.41 16.14 -77.78
N CYS D 345 -37.34 17.41 -77.41
CA CYS D 345 -38.12 17.96 -76.30
C CYS D 345 -39.60 17.77 -76.51
N ALA D 346 -40.01 17.77 -77.77
CA ALA D 346 -41.40 17.68 -78.19
C ALA D 346 -41.97 16.35 -77.77
N LYS D 347 -41.23 15.29 -78.09
CA LYS D 347 -41.68 13.95 -77.79
C LYS D 347 -41.65 13.73 -76.29
N VAL D 348 -40.62 14.27 -75.63
CA VAL D 348 -40.48 14.19 -74.17
C VAL D 348 -41.74 14.65 -73.47
N THR D 349 -42.29 15.77 -73.90
CA THR D 349 -43.51 16.26 -73.26
C THR D 349 -44.70 15.46 -73.74
N ASP D 350 -44.67 14.99 -74.99
CA ASP D 350 -45.71 14.11 -75.53
C ASP D 350 -45.88 12.80 -74.75
N LEU D 351 -44.78 12.09 -74.51
CA LEU D 351 -44.80 10.81 -73.79
C LEU D 351 -45.30 10.96 -72.36
N ALA D 352 -44.98 12.10 -71.75
CA ALA D 352 -45.45 12.42 -70.41
C ALA D 352 -46.93 12.73 -70.44
N GLN D 353 -47.36 13.34 -71.52
CA GLN D 353 -48.75 13.69 -71.67
C GLN D 353 -49.61 12.45 -71.88
N GLU D 354 -49.13 11.52 -72.71
CA GLU D 354 -49.86 10.27 -73.00
C GLU D 354 -50.15 9.50 -71.73
N ARG D 355 -49.20 9.52 -70.82
CA ARG D 355 -49.34 8.87 -69.54
C ARG D 355 -50.42 9.58 -68.75
N TYR D 356 -50.43 10.92 -68.78
CA TYR D 356 -51.44 11.67 -68.01
C TYR D 356 -52.85 11.37 -68.54
N ALA D 357 -52.98 11.26 -69.87
CA ALA D 357 -54.26 10.92 -70.50
C ALA D 357 -54.66 9.46 -70.25
N SER D 358 -53.70 8.55 -70.39
CA SER D 358 -53.89 7.13 -70.14
C SER D 358 -54.39 6.79 -68.72
N ILE D 359 -53.94 7.55 -67.71
CA ILE D 359 -54.42 7.38 -66.31
C ILE D 359 -55.80 8.03 -66.11
N ALA D 360 -55.99 9.23 -66.67
CA ALA D 360 -57.26 9.95 -66.57
C ALA D 360 -58.35 9.18 -67.29
N ALA D 361 -57.96 8.44 -68.33
CA ALA D 361 -58.86 7.56 -69.09
C ALA D 361 -59.27 6.31 -68.30
N LYS D 362 -58.37 5.85 -67.44
CA LYS D 362 -58.62 4.65 -66.64
C LYS D 362 -59.45 4.94 -65.39
N SER D 363 -59.39 6.19 -64.93
CA SER D 363 -60.00 6.67 -63.67
C SER D 363 -61.53 6.71 -63.64
N SER D 364 -62.18 5.75 -63.01
CA SER D 364 -63.63 5.85 -62.76
C SER D 364 -63.93 6.22 -61.32
N SER D 365 -64.51 7.40 -61.11
CA SER D 365 -64.76 7.86 -59.76
C SER D 365 -66.25 7.83 -59.50
N GLU D 366 -66.88 6.78 -60.01
CA GLU D 366 -68.32 6.66 -60.08
C GLU D 366 -68.95 6.31 -58.75
N HIS D 367 -68.34 5.35 -58.09
CA HIS D 367 -68.91 4.81 -56.86
C HIS D 367 -68.20 5.41 -55.65
N ALA D 368 -66.87 5.34 -55.64
CA ALA D 368 -66.07 6.02 -54.61
C ALA D 368 -65.02 6.93 -55.26
N LEU D 369 -64.72 8.05 -54.61
CA LEU D 369 -63.78 9.04 -55.16
C LEU D 369 -62.48 8.37 -55.55
N HIS D 370 -62.24 8.30 -56.84
CA HIS D 370 -60.99 7.73 -57.33
C HIS D 370 -59.81 8.48 -56.71
N PRO D 371 -58.65 7.80 -56.58
CA PRO D 371 -57.57 8.52 -55.91
C PRO D 371 -56.77 9.36 -56.89
N PHE D 372 -56.80 8.99 -58.16
CA PHE D 372 -56.05 9.73 -59.15
C PHE D 372 -56.72 11.07 -59.32
N HIS D 373 -58.06 11.08 -59.20
CA HIS D 373 -58.86 12.29 -59.32
C HIS D 373 -58.59 13.25 -58.14
N ALA D 374 -58.68 12.76 -56.91
CA ALA D 374 -58.41 13.53 -55.68
C ALA D 374 -57.06 14.25 -55.67
N SER D 375 -56.05 13.60 -56.21
CA SER D 375 -54.76 14.20 -56.39
C SER D 375 -54.83 15.44 -57.30
N GLN D 376 -55.77 15.45 -58.24
CA GLN D 376 -55.91 16.59 -59.16
C GLN D 376 -56.43 17.83 -58.45
N VAL D 377 -57.31 17.63 -57.48
CA VAL D 377 -57.86 18.71 -56.67
C VAL D 377 -56.75 19.42 -55.91
N ILE D 378 -55.82 18.59 -55.43
CA ILE D 378 -54.62 19.02 -54.78
C ILE D 378 -53.67 19.71 -55.77
N ALA D 379 -53.59 19.19 -57.00
CA ALA D 379 -52.72 19.74 -58.04
C ALA D 379 -53.08 21.17 -58.27
N LYS D 380 -54.38 21.45 -58.12
CA LYS D 380 -55.01 22.72 -58.44
C LYS D 380 -54.42 23.88 -57.64
N HIS D 381 -53.88 23.55 -56.47
CA HIS D 381 -53.34 24.56 -55.54
C HIS D 381 -51.82 24.56 -55.38
N VAL D 382 -51.13 23.72 -56.13
CA VAL D 382 -49.66 23.57 -56.03
C VAL D 382 -48.88 24.54 -56.93
N ASP D 383 -48.13 25.43 -56.29
CA ASP D 383 -47.22 26.37 -56.97
C ASP D 383 -45.97 26.61 -56.11
N ALA D 384 -45.20 27.66 -56.41
CA ALA D 384 -43.96 27.91 -55.68
C ALA D 384 -44.20 28.40 -54.22
N GLY D 385 -45.46 28.65 -53.89
CA GLY D 385 -45.81 29.08 -52.54
C GLY D 385 -46.31 27.97 -51.64
N VAL D 386 -45.98 26.72 -52.00
CA VAL D 386 -46.54 25.55 -51.36
C VAL D 386 -45.53 24.43 -51.31
N THR D 387 -45.21 23.94 -50.12
CA THR D 387 -44.38 22.73 -50.00
C THR D 387 -45.27 21.50 -49.82
N VAL D 388 -45.08 20.51 -50.69
CA VAL D 388 -45.87 19.30 -50.57
C VAL D 388 -45.06 18.18 -49.98
N VAL D 389 -45.63 17.54 -48.97
CA VAL D 389 -44.98 16.41 -48.33
C VAL D 389 -45.84 15.18 -48.50
N ALA D 390 -45.23 14.07 -48.92
CA ALA D 390 -45.98 12.86 -49.24
C ALA D 390 -45.60 11.70 -48.33
N ASP D 391 -46.61 10.91 -47.98
CA ASP D 391 -46.51 9.78 -47.06
C ASP D 391 -47.62 8.82 -47.43
N GLY D 392 -47.60 7.62 -46.87
CA GLY D 392 -48.59 6.63 -47.19
C GLY D 392 -48.05 5.68 -48.24
N GLY D 393 -48.91 4.74 -48.65
CA GLY D 393 -48.49 3.68 -49.55
C GLY D 393 -48.91 4.00 -50.97
N LEU D 394 -50.17 3.74 -51.24
CA LEU D 394 -50.69 3.95 -52.56
C LEU D 394 -50.81 5.44 -52.78
N THR D 395 -51.04 6.18 -51.69
CA THR D 395 -51.46 7.59 -51.85
C THR D 395 -50.37 8.45 -52.46
N TYR D 396 -49.11 8.19 -52.12
CA TYR D 396 -48.01 8.95 -52.73
C TYR D 396 -47.65 8.45 -54.14
N LEU D 397 -47.98 7.20 -54.42
CA LEU D 397 -47.85 6.68 -55.79
C LEU D 397 -48.86 7.28 -56.78
N TRP D 398 -50.04 7.63 -56.26
CA TRP D 398 -51.01 8.39 -57.03
C TRP D 398 -50.58 9.85 -57.24
N LEU D 399 -49.99 10.51 -56.25
CA LEU D 399 -49.54 11.91 -56.43
C LEU D 399 -48.49 12.13 -57.46
N SER D 400 -47.54 11.20 -57.52
CA SER D 400 -46.46 11.26 -58.47
C SER D 400 -47.00 11.43 -59.91
N GLU D 401 -48.16 10.85 -60.18
CA GLU D 401 -48.76 10.94 -61.50
C GLU D 401 -49.23 12.35 -61.85
N VAL D 402 -49.39 13.18 -60.82
CA VAL D 402 -49.90 14.53 -60.98
C VAL D 402 -48.82 15.56 -60.68
N MET D 403 -47.65 15.10 -60.25
CA MET D 403 -46.66 16.02 -59.75
C MET D 403 -45.68 16.54 -60.79
N SER D 404 -45.54 15.82 -61.91
CA SER D 404 -44.65 16.28 -62.96
C SER D 404 -45.18 17.56 -63.59
N ARG D 405 -46.50 17.71 -63.55
CA ARG D 405 -47.17 18.80 -64.23
C ARG D 405 -47.19 20.14 -63.50
N VAL D 406 -47.07 20.12 -62.18
CA VAL D 406 -47.02 21.37 -61.46
C VAL D 406 -45.62 21.74 -61.00
N LYS D 407 -45.45 23.02 -60.65
CA LYS D 407 -44.18 23.57 -60.19
C LYS D 407 -44.22 23.91 -58.69
N PRO D 408 -43.76 22.98 -57.82
CA PRO D 408 -43.76 23.13 -56.35
C PRO D 408 -42.60 23.92 -55.75
N GLY D 409 -42.87 24.51 -54.59
CA GLY D 409 -41.87 25.27 -53.85
C GLY D 409 -40.92 24.33 -53.13
N GLY D 410 -41.51 23.22 -52.68
CA GLY D 410 -40.77 22.05 -52.18
C GLY D 410 -41.59 20.78 -52.40
N PHE D 411 -40.90 19.66 -52.62
CA PHE D 411 -41.52 18.34 -52.66
C PHE D 411 -40.69 17.29 -51.95
N LEU D 412 -41.21 16.80 -50.83
CA LEU D 412 -40.51 15.89 -49.92
C LEU D 412 -41.23 14.56 -49.85
N CYS D 413 -40.63 13.53 -50.42
CA CYS D 413 -41.26 12.23 -50.51
C CYS D 413 -40.46 11.11 -49.82
N HIS D 414 -40.83 9.85 -50.00
CA HIS D 414 -40.12 8.77 -49.33
C HIS D 414 -38.77 8.51 -49.90
N GLY D 415 -37.85 8.19 -49.00
CA GLY D 415 -36.50 7.84 -49.37
C GLY D 415 -36.41 6.35 -49.53
N TYR D 416 -35.20 5.84 -49.48
CA TYR D 416 -35.03 4.43 -49.67
C TYR D 416 -35.61 3.64 -48.50
N LEU D 417 -35.77 4.29 -47.33
CA LEU D 417 -36.26 3.61 -46.14
C LEU D 417 -37.73 3.28 -46.26
N ASN D 418 -38.45 4.21 -46.87
CA ASN D 418 -39.85 4.01 -47.18
C ASN D 418 -40.61 3.69 -45.91
N SER D 419 -40.30 4.46 -44.88
CA SER D 419 -40.92 4.30 -43.58
C SER D 419 -42.20 5.14 -43.54
N MET D 420 -43.33 4.44 -43.53
CA MET D 420 -44.67 5.02 -43.40
C MET D 420 -44.82 5.74 -42.07
N GLY D 421 -45.36 6.96 -42.13
CA GLY D 421 -45.65 7.73 -40.92
C GLY D 421 -44.72 8.89 -40.62
N VAL D 422 -43.53 8.88 -41.22
CA VAL D 422 -42.52 9.92 -40.99
C VAL D 422 -43.01 11.24 -41.61
N GLY D 423 -44.24 11.19 -42.13
CA GLY D 423 -44.90 12.27 -42.86
C GLY D 423 -45.18 13.48 -41.99
N PHE D 424 -45.92 13.28 -40.91
CA PHE D 424 -46.11 14.33 -39.93
C PHE D 424 -44.84 15.03 -39.48
N GLY D 425 -43.87 14.23 -39.05
CA GLY D 425 -42.61 14.76 -38.57
C GLY D 425 -42.05 15.68 -39.62
N THR D 426 -41.72 15.10 -40.78
CA THR D 426 -41.10 15.88 -41.88
C THR D 426 -41.94 17.10 -42.25
N ALA D 427 -43.25 16.94 -42.32
CA ALA D 427 -44.16 18.03 -42.73
C ALA D 427 -44.18 19.21 -41.78
N LEU D 428 -44.10 18.90 -40.49
CA LEU D 428 -44.21 19.88 -39.43
C LEU D 428 -43.05 20.83 -39.51
N GLY D 429 -41.87 20.23 -39.42
CA GLY D 429 -40.62 20.95 -39.55
C GLY D 429 -40.48 21.65 -40.88
N ALA D 430 -41.06 21.07 -41.92
CA ALA D 430 -41.12 21.73 -43.22
C ALA D 430 -41.79 23.12 -43.14
N GLN D 431 -42.91 23.18 -42.40
CA GLN D 431 -43.66 24.41 -42.24
C GLN D 431 -42.86 25.44 -41.51
N VAL D 432 -41.99 25.00 -40.61
CA VAL D 432 -41.21 25.96 -39.84
C VAL D 432 -40.19 26.61 -40.75
N ALA D 433 -39.72 25.87 -41.75
CA ALA D 433 -38.80 26.44 -42.73
C ALA D 433 -39.55 27.34 -43.67
N ASP D 434 -40.81 27.00 -43.88
CA ASP D 434 -41.61 27.70 -44.86
C ASP D 434 -42.18 28.99 -44.34
N LEU D 435 -42.11 29.20 -43.02
CA LEU D 435 -42.68 30.40 -42.41
C LEU D 435 -41.96 31.65 -42.89
N GLU D 436 -40.63 31.55 -43.01
CA GLU D 436 -39.81 32.63 -43.52
C GLU D 436 -40.18 33.02 -44.96
N ALA D 437 -40.30 32.01 -45.82
CA ALA D 437 -40.62 32.20 -47.25
C ALA D 437 -42.09 32.59 -47.55
N GLY D 438 -42.97 32.48 -46.57
CA GLY D 438 -44.39 32.71 -46.81
C GLY D 438 -45.06 31.53 -47.48
N ARG D 439 -44.29 30.48 -47.76
CA ARG D 439 -44.84 29.24 -48.32
C ARG D 439 -45.71 28.53 -47.30
N ARG D 440 -46.66 27.74 -47.76
CA ARG D 440 -47.49 26.98 -46.86
C ARG D 440 -47.31 25.50 -47.12
N THR D 441 -47.39 24.69 -46.07
CA THR D 441 -47.09 23.28 -46.21
C THR D 441 -48.35 22.44 -46.21
N ILE D 442 -48.35 21.45 -47.07
CA ILE D 442 -49.46 20.53 -47.20
C ILE D 442 -48.95 19.11 -47.13
N LEU D 443 -49.47 18.36 -46.17
CA LEU D 443 -49.11 16.96 -46.05
C LEU D 443 -50.17 16.07 -46.66
N VAL D 444 -49.79 15.29 -47.67
CA VAL D 444 -50.68 14.26 -48.21
C VAL D 444 -50.28 12.87 -47.72
N THR D 445 -51.02 12.33 -46.77
CA THR D 445 -50.66 11.10 -46.06
C THR D 445 -51.77 10.05 -46.17
N GLY D 446 -51.42 8.81 -45.85
CA GLY D 446 -52.38 7.71 -45.83
C GLY D 446 -53.13 7.57 -44.51
N ASP D 447 -54.23 6.81 -44.53
CA ASP D 447 -55.03 6.59 -43.31
C ASP D 447 -54.25 5.77 -42.30
N GLY D 448 -53.28 5.00 -42.79
CA GLY D 448 -52.42 4.22 -41.93
C GLY D 448 -51.32 5.08 -41.35
N SER D 449 -50.68 5.86 -42.21
CA SER D 449 -49.43 6.54 -41.85
C SER D 449 -49.64 7.70 -40.89
N VAL D 450 -50.86 8.22 -40.88
CA VAL D 450 -51.20 9.31 -39.98
C VAL D 450 -51.21 8.81 -38.53
N GLY D 451 -51.64 7.55 -38.35
CA GLY D 451 -51.75 6.91 -37.03
C GLY D 451 -50.44 6.80 -36.28
N TYR D 452 -49.34 6.90 -37.00
CA TYR D 452 -48.03 6.82 -36.38
C TYR D 452 -47.74 8.03 -35.48
N SER D 453 -48.10 9.22 -35.96
CA SER D 453 -47.78 10.45 -35.24
C SER D 453 -49.03 11.29 -35.03
N ILE D 454 -50.16 10.65 -34.76
CA ILE D 454 -51.44 11.39 -34.82
C ILE D 454 -51.52 12.50 -33.77
N GLY D 455 -50.77 12.31 -32.71
CA GLY D 455 -50.79 13.22 -31.59
C GLY D 455 -50.19 14.56 -31.92
N GLU D 456 -49.68 14.74 -33.14
CA GLU D 456 -48.90 15.95 -33.42
C GLU D 456 -49.77 17.14 -33.74
N PHE D 457 -51.06 16.85 -33.96
CA PHE D 457 -52.05 17.91 -33.99
C PHE D 457 -51.94 18.79 -32.73
N ASP D 458 -51.57 18.20 -31.59
CA ASP D 458 -51.21 18.97 -30.38
C ASP D 458 -50.07 20.00 -30.59
N THR D 459 -48.99 19.56 -31.22
CA THR D 459 -47.84 20.42 -31.48
C THR D 459 -48.21 21.53 -32.47
N LEU D 460 -48.98 21.16 -33.51
CA LEU D 460 -49.45 22.06 -34.57
C LEU D 460 -50.18 23.26 -33.97
N VAL D 461 -51.04 22.94 -33.01
CA VAL D 461 -51.88 23.89 -32.29
C VAL D 461 -51.08 24.70 -31.25
N ARG D 462 -50.36 24.01 -30.37
CA ARG D 462 -49.51 24.69 -29.38
C ARG D 462 -48.49 25.66 -29.99
N LYS D 463 -47.95 25.35 -31.17
CA LYS D 463 -46.91 26.18 -31.76
C LYS D 463 -47.43 27.06 -32.90
N GLN D 464 -48.70 26.88 -33.25
CA GLN D 464 -49.39 27.79 -34.15
C GLN D 464 -48.93 27.57 -35.58
N LEU D 465 -48.94 26.31 -36.03
CA LEU D 465 -48.40 26.00 -37.35
C LEU D 465 -49.50 25.63 -38.32
N PRO D 466 -49.65 26.41 -39.41
CA PRO D 466 -50.82 26.28 -40.26
C PRO D 466 -50.73 25.16 -41.32
N LEU D 467 -50.19 24.02 -40.91
CA LEU D 467 -50.04 22.84 -41.78
C LEU D 467 -51.38 22.17 -42.04
N ILE D 468 -51.66 21.91 -43.31
CA ILE D 468 -52.86 21.17 -43.71
C ILE D 468 -52.50 19.71 -43.95
N VAL D 469 -53.23 18.83 -43.30
CA VAL D 469 -53.02 17.42 -43.48
C VAL D 469 -54.16 16.83 -44.27
N ILE D 470 -53.86 16.25 -45.41
CA ILE D 470 -54.86 15.55 -46.21
C ILE D 470 -54.67 14.06 -46.02
N ILE D 471 -55.67 13.42 -45.43
CA ILE D 471 -55.61 11.98 -45.19
C ILE D 471 -56.43 11.25 -46.24
N MET D 472 -55.72 10.57 -47.14
CA MET D 472 -56.35 9.72 -48.14
C MET D 472 -56.73 8.39 -47.49
N ASN D 473 -57.92 8.38 -46.92
CA ASN D 473 -58.44 7.26 -46.14
C ASN D 473 -59.12 6.22 -47.01
N ASN D 474 -58.47 5.06 -47.18
CA ASN D 474 -59.10 3.93 -47.84
C ASN D 474 -59.38 2.80 -46.87
N GLN D 475 -59.55 3.17 -45.60
CA GLN D 475 -59.85 2.25 -44.49
C GLN D 475 -58.97 1.01 -44.47
N SER D 476 -57.73 1.20 -44.92
CA SER D 476 -56.68 0.16 -44.85
C SER D 476 -55.23 0.61 -45.03
N TRP D 477 -54.32 -0.21 -44.51
CA TRP D 477 -52.94 -0.21 -44.96
C TRP D 477 -52.92 -0.58 -46.45
N GLY D 478 -53.04 0.43 -47.33
CA GLY D 478 -53.25 0.26 -48.79
C GLY D 478 -52.29 -0.59 -49.59
N TRP D 479 -51.03 -0.17 -49.69
CA TRP D 479 -49.99 -0.91 -50.44
C TRP D 479 -49.86 -2.39 -50.02
N THR D 480 -49.90 -2.67 -48.71
CA THR D 480 -49.77 -4.04 -48.24
C THR D 480 -51.01 -4.90 -48.49
N LEU D 481 -52.20 -4.31 -48.45
CA LEU D 481 -53.40 -5.09 -48.67
C LEU D 481 -53.48 -5.52 -50.13
N HIS D 482 -53.02 -4.65 -51.03
CA HIS D 482 -52.88 -4.97 -52.45
C HIS D 482 -51.88 -6.09 -52.70
N PHE D 483 -50.76 -6.06 -51.97
CA PHE D 483 -49.76 -7.11 -52.10
C PHE D 483 -50.39 -8.46 -51.76
N GLN D 484 -51.32 -8.47 -50.81
CA GLN D 484 -51.91 -9.73 -50.36
C GLN D 484 -52.78 -10.46 -51.42
N GLN D 485 -53.49 -9.72 -52.26
CA GLN D 485 -54.30 -10.38 -53.29
C GLN D 485 -53.54 -10.51 -54.60
N LEU D 486 -52.69 -9.53 -54.88
CA LEU D 486 -51.92 -9.43 -56.12
C LEU D 486 -50.62 -10.26 -56.17
N ALA D 487 -50.06 -10.59 -55.01
CA ALA D 487 -48.90 -11.49 -54.97
C ALA D 487 -49.17 -12.83 -54.27
N VAL D 488 -50.27 -12.94 -53.52
CA VAL D 488 -50.57 -14.16 -52.76
C VAL D 488 -51.82 -14.89 -53.23
N GLY D 489 -52.97 -14.22 -53.16
CA GLY D 489 -54.24 -14.85 -53.49
C GLY D 489 -55.45 -14.04 -53.04
N PRO D 490 -56.56 -14.10 -53.83
CA PRO D 490 -57.74 -13.23 -53.65
C PRO D 490 -58.43 -13.24 -52.25
N ASN D 491 -58.65 -14.43 -51.70
CA ASN D 491 -59.52 -14.56 -50.54
C ASN D 491 -58.80 -14.42 -49.20
N ARG D 492 -57.50 -14.22 -49.25
CA ARG D 492 -56.70 -14.26 -48.03
C ARG D 492 -55.87 -13.01 -47.74
N VAL D 493 -56.51 -12.12 -46.97
CA VAL D 493 -55.98 -10.80 -46.61
C VAL D 493 -56.03 -10.66 -45.08
N THR D 494 -54.88 -10.45 -44.42
CA THR D 494 -54.84 -10.25 -42.95
C THR D 494 -53.87 -9.21 -42.41
N GLY D 495 -54.23 -8.63 -41.26
CA GLY D 495 -53.40 -7.63 -40.60
C GLY D 495 -53.20 -6.31 -41.34
N THR D 496 -54.09 -6.02 -42.29
CA THR D 496 -54.00 -4.83 -43.16
C THR D 496 -55.23 -3.91 -43.21
N ARG D 497 -56.40 -4.40 -42.83
CA ARG D 497 -57.60 -3.55 -42.82
C ARG D 497 -57.69 -2.60 -41.60
N LEU D 498 -58.01 -1.32 -41.87
CA LEU D 498 -58.15 -0.29 -40.84
C LEU D 498 -59.51 0.38 -40.92
N GLU D 499 -60.54 -0.40 -40.64
CA GLU D 499 -61.92 0.06 -40.83
C GLU D 499 -62.54 0.60 -39.54
N ASN D 500 -61.88 1.60 -38.98
CA ASN D 500 -62.29 2.15 -37.71
C ASN D 500 -61.72 3.57 -37.42
N GLY D 501 -62.58 4.47 -36.95
CA GLY D 501 -62.13 5.74 -36.37
C GLY D 501 -62.18 7.01 -37.22
N SER D 502 -62.66 8.08 -36.60
CA SER D 502 -62.65 9.40 -37.20
C SER D 502 -61.37 10.09 -36.92
N TYR D 503 -60.49 10.12 -37.90
CA TYR D 503 -59.25 10.89 -37.81
C TYR D 503 -59.52 12.38 -37.72
N HIS D 504 -60.58 12.83 -38.40
CA HIS D 504 -60.96 14.22 -38.28
C HIS D 504 -61.48 14.51 -36.87
N GLY D 505 -62.14 13.52 -36.25
CA GLY D 505 -62.60 13.62 -34.85
C GLY D 505 -61.45 13.79 -33.88
N VAL D 506 -60.33 13.13 -34.19
CA VAL D 506 -59.08 13.25 -33.44
C VAL D 506 -58.56 14.66 -33.54
N ALA D 507 -58.49 15.19 -34.75
CA ALA D 507 -57.82 16.46 -34.96
C ALA D 507 -58.60 17.60 -34.31
N ALA D 508 -59.93 17.49 -34.35
CA ALA D 508 -60.81 18.45 -33.71
C ALA D 508 -60.69 18.36 -32.19
N ALA D 509 -60.49 17.15 -31.68
CA ALA D 509 -60.25 16.95 -30.26
C ALA D 509 -58.89 17.46 -29.80
N PHE D 510 -57.96 17.63 -30.74
CA PHE D 510 -56.62 18.16 -30.44
C PHE D 510 -56.52 19.66 -30.69
N GLY D 511 -57.56 20.23 -31.29
CA GLY D 511 -57.65 21.67 -31.37
C GLY D 511 -57.56 22.24 -32.76
N ALA D 512 -57.32 21.38 -33.75
CA ALA D 512 -57.27 21.77 -35.17
C ALA D 512 -58.64 21.69 -35.85
N ASP D 513 -58.76 22.28 -37.06
CA ASP D 513 -59.99 22.19 -37.87
C ASP D 513 -60.27 20.75 -38.38
N GLY D 514 -61.52 20.31 -38.25
CA GLY D 514 -61.94 19.02 -38.79
C GLY D 514 -62.68 19.24 -40.08
N TYR D 515 -62.31 18.49 -41.12
CA TYR D 515 -63.10 18.43 -42.34
C TYR D 515 -63.34 16.98 -42.72
N HIS D 516 -64.57 16.66 -43.09
CA HIS D 516 -64.87 15.37 -43.66
C HIS D 516 -65.45 15.48 -45.06
N VAL D 517 -64.84 14.74 -45.98
CA VAL D 517 -65.14 14.82 -47.42
C VAL D 517 -65.05 13.45 -48.10
N ASP D 518 -65.87 13.21 -49.13
CA ASP D 518 -65.83 11.96 -49.89
C ASP D 518 -65.95 12.17 -51.39
N SER D 519 -66.62 13.24 -51.78
CA SER D 519 -66.77 13.55 -53.18
C SER D 519 -65.72 14.56 -53.59
N VAL D 520 -65.40 14.56 -54.88
CA VAL D 520 -64.47 15.50 -55.52
C VAL D 520 -64.74 16.95 -55.13
N GLU D 521 -65.99 17.38 -55.26
CA GLU D 521 -66.35 18.74 -54.91
C GLU D 521 -66.22 18.98 -53.41
N SER D 522 -66.67 18.01 -52.60
CA SER D 522 -66.57 18.08 -51.14
C SER D 522 -65.16 18.36 -50.77
N PHE D 523 -64.25 17.71 -51.48
CA PHE D 523 -62.85 17.79 -51.18
C PHE D 523 -62.25 19.11 -51.62
N SER D 524 -62.58 19.55 -52.83
CA SER D 524 -62.06 20.80 -53.35
C SER D 524 -62.57 22.00 -52.55
N ALA D 525 -63.81 21.91 -52.07
CA ALA D 525 -64.42 22.92 -51.20
C ALA D 525 -63.62 23.07 -49.92
N ALA D 526 -63.25 21.92 -49.36
CA ALA D 526 -62.54 21.87 -48.09
C ALA D 526 -61.08 22.31 -48.23
N LEU D 527 -60.41 21.88 -49.29
CA LEU D 527 -58.99 22.23 -49.45
C LEU D 527 -58.83 23.74 -49.63
N ALA D 528 -59.69 24.34 -50.46
CA ALA D 528 -59.68 25.78 -50.67
C ALA D 528 -60.04 26.52 -49.38
N GLN D 529 -60.90 25.88 -48.58
CA GLN D 529 -61.34 26.46 -47.33
C GLN D 529 -60.19 26.52 -46.35
N ALA D 530 -59.45 25.42 -46.22
CA ALA D 530 -58.37 25.30 -45.24
C ALA D 530 -57.19 26.15 -45.61
N LEU D 531 -56.98 26.31 -46.92
CA LEU D 531 -55.89 27.12 -47.45
C LEU D 531 -56.16 28.58 -47.25
N ALA D 532 -57.43 28.95 -47.32
CA ALA D 532 -57.82 30.33 -47.15
C ALA D 532 -57.57 30.75 -45.72
N HIS D 533 -57.79 29.82 -44.79
CA HIS D 533 -57.66 30.12 -43.36
C HIS D 533 -56.24 29.84 -42.90
N ASN D 534 -55.76 30.67 -41.98
CA ASN D 534 -54.36 30.60 -41.58
C ASN D 534 -54.11 29.89 -40.24
N ARG D 535 -54.66 28.69 -40.12
CA ARG D 535 -54.35 27.80 -39.01
C ARG D 535 -54.45 26.33 -39.48
N PRO D 536 -53.94 25.38 -38.65
CA PRO D 536 -53.80 23.96 -38.97
C PRO D 536 -55.12 23.30 -39.22
N ALA D 537 -55.12 22.36 -40.16
CA ALA D 537 -56.32 21.64 -40.55
C ALA D 537 -56.05 20.16 -40.79
N CYS D 538 -57.12 19.35 -40.66
CA CYS D 538 -57.12 17.95 -41.09
C CYS D 538 -58.30 17.70 -41.98
N ILE D 539 -58.02 17.13 -43.15
CA ILE D 539 -59.06 16.70 -44.06
C ILE D 539 -59.03 15.17 -44.14
N ASN D 540 -60.10 14.53 -43.65
CA ASN D 540 -60.29 13.09 -43.84
C ASN D 540 -61.02 12.83 -45.18
N VAL D 541 -60.29 12.30 -46.15
CA VAL D 541 -60.80 12.10 -47.53
C VAL D 541 -61.11 10.64 -47.82
N ALA D 542 -62.38 10.31 -48.06
CA ALA D 542 -62.73 8.93 -48.37
C ALA D 542 -62.40 8.63 -49.83
N VAL D 543 -61.49 7.68 -50.04
CA VAL D 543 -61.07 7.28 -51.39
C VAL D 543 -61.27 5.77 -51.59
N ALA D 544 -61.31 5.34 -52.85
CA ALA D 544 -61.44 3.91 -53.18
C ALA D 544 -60.15 3.15 -52.82
N LEU D 545 -60.29 1.86 -52.56
CA LEU D 545 -59.15 1.00 -52.24
C LEU D 545 -58.67 0.25 -53.49
N ASP D 546 -59.64 -0.26 -54.26
CA ASP D 546 -59.44 -1.18 -55.41
C ASP D 546 -58.47 -0.75 -56.53
N PRO D 547 -58.46 0.56 -56.90
CA PRO D 547 -57.62 1.10 -57.98
C PRO D 547 -56.14 0.90 -57.79
N ILE D 548 -55.49 0.44 -58.87
CA ILE D 548 -54.09 0.07 -58.85
C ILE D 548 -53.26 1.10 -59.61
N PRO D 549 -52.36 1.81 -58.88
CA PRO D 549 -51.45 2.80 -59.48
C PRO D 549 -50.43 2.18 -60.44
N PRO D 550 -50.02 2.94 -61.47
CA PRO D 550 -49.16 2.43 -62.52
C PRO D 550 -47.81 2.10 -61.93
N GLU D 551 -47.46 2.84 -60.89
CA GLU D 551 -46.16 2.73 -60.23
C GLU D 551 -46.01 1.46 -59.41
N GLU D 552 -47.13 0.99 -58.85
CA GLU D 552 -47.20 -0.29 -58.13
C GLU D 552 -46.85 -1.43 -59.07
N LEU D 553 -47.35 -1.32 -60.30
CA LEU D 553 -47.18 -2.36 -61.31
C LEU D 553 -45.84 -2.31 -62.04
N ILE D 554 -45.18 -1.15 -62.03
CA ILE D 554 -43.80 -1.03 -62.50
C ILE D 554 -42.85 -1.72 -61.52
N LEU D 555 -43.03 -1.44 -60.23
CA LEU D 555 -42.07 -1.90 -59.22
C LEU D 555 -42.07 -3.41 -58.91
N ILE D 556 -43.18 -4.10 -59.15
CA ILE D 556 -43.19 -5.56 -58.99
C ILE D 556 -42.62 -6.23 -60.25
N GLY D 557 -42.70 -5.50 -61.37
CA GLY D 557 -42.06 -5.88 -62.63
C GLY D 557 -42.96 -6.10 -63.84
N MET D 558 -44.13 -5.48 -63.85
CA MET D 558 -45.05 -5.61 -64.99
C MET D 558 -45.29 -4.29 -65.73
N ASP D 559 -45.95 -4.37 -66.90
CA ASP D 559 -46.31 -3.18 -67.67
C ASP D 559 -47.75 -2.82 -67.37
N PRO D 560 -48.01 -1.55 -66.98
CA PRO D 560 -49.38 -1.09 -66.86
C PRO D 560 -49.93 -0.41 -68.14
N PHE D 561 -49.23 -0.60 -69.26
CA PHE D 561 -49.57 0.11 -70.50
C PHE D 561 -49.56 -0.78 -71.74
N ALA D 562 -49.69 -2.10 -71.53
CA ALA D 562 -49.32 -3.10 -72.54
C ALA D 562 -50.32 -3.37 -73.69
N ALA E 1 2.90 -9.38 -1.18
CA ALA E 1 4.30 -9.79 -1.46
C ALA E 1 5.03 -9.92 -0.15
N MET E 2 6.29 -10.34 -0.21
CA MET E 2 7.14 -10.37 0.97
C MET E 2 8.02 -9.14 1.04
N ILE E 3 7.94 -8.42 2.16
CA ILE E 3 8.78 -7.22 2.33
C ILE E 3 9.82 -7.27 3.47
N THR E 4 10.78 -6.34 3.47
CA THR E 4 11.82 -6.19 4.52
C THR E 4 11.38 -5.32 5.69
N GLY E 5 11.76 -5.70 6.90
CA GLY E 5 11.37 -4.94 8.10
C GLY E 5 11.59 -3.44 7.94
N GLY E 6 12.61 -3.08 7.16
CA GLY E 6 12.89 -1.70 6.81
C GLY E 6 11.72 -1.06 6.05
N GLU E 7 11.18 -1.78 5.07
CA GLU E 7 9.92 -1.35 4.44
C GLU E 7 8.82 -1.13 5.46
N LEU E 8 8.73 -2.02 6.44
CA LEU E 8 7.68 -1.91 7.43
C LEU E 8 7.76 -0.61 8.25
N VAL E 9 8.98 -0.17 8.57
CA VAL E 9 9.23 1.12 9.25
C VAL E 9 8.68 2.20 8.37
N VAL E 10 9.11 2.21 7.11
CA VAL E 10 8.80 3.32 6.21
C VAL E 10 7.29 3.44 5.87
N ARG E 11 6.65 2.34 5.47
CA ARG E 11 5.18 2.33 5.36
C ARG E 11 4.46 2.95 6.58
N THR E 12 4.84 2.50 7.78
CA THR E 12 4.25 3.02 9.01
C THR E 12 4.48 4.53 9.17
N LEU E 13 5.66 5.03 8.82
CA LEU E 13 5.96 6.46 8.86
C LEU E 13 5.09 7.27 7.92
N ILE E 14 4.92 6.80 6.69
CA ILE E 14 4.12 7.56 5.73
C ILE E 14 2.68 7.61 6.24
N LYS E 15 2.20 6.50 6.85
CA LYS E 15 0.86 6.46 7.47
C LYS E 15 0.68 7.48 8.58
N ALA E 16 1.80 7.81 9.25
CA ALA E 16 1.80 8.81 10.31
C ALA E 16 1.74 10.23 9.73
N GLY E 17 2.40 10.44 8.60
CA GLY E 17 2.32 11.72 7.91
C GLY E 17 3.71 12.32 7.74
N VAL E 18 4.70 11.42 7.67
CA VAL E 18 6.08 11.82 7.67
C VAL E 18 6.51 11.97 6.23
N GLU E 19 7.32 12.98 5.99
CA GLU E 19 7.62 13.40 4.62
C GLU E 19 9.08 13.81 4.51
N HIS E 20 9.81 13.72 5.63
CA HIS E 20 11.22 14.09 5.67
C HIS E 20 12.01 13.35 6.73
N LEU E 21 13.13 12.76 6.34
CA LEU E 21 13.99 12.13 7.31
C LEU E 21 15.39 12.70 7.26
N PHE E 22 15.99 12.87 8.42
CA PHE E 22 17.37 13.33 8.50
C PHE E 22 18.18 12.17 9.06
N GLY E 23 19.33 11.90 8.46
CA GLY E 23 20.11 10.74 8.86
C GLY E 23 21.43 10.71 8.18
N LEU E 24 22.13 9.61 8.31
CA LEU E 24 23.43 9.43 7.67
C LEU E 24 23.55 7.95 7.36
N HIS E 25 23.77 7.62 6.10
CA HIS E 25 23.66 6.23 5.73
C HIS E 25 24.74 5.36 6.31
N GLY E 26 24.34 4.25 6.95
CA GLY E 26 25.20 3.08 7.26
C GLY E 26 24.57 1.78 6.74
N ILE E 27 25.36 0.71 6.61
CA ILE E 27 24.79 -0.49 6.02
C ILE E 27 23.73 -1.13 6.91
N HIS E 28 23.72 -0.79 8.19
CA HIS E 28 22.80 -1.40 9.14
C HIS E 28 21.39 -0.88 9.03
N ILE E 29 21.27 0.32 8.46
CA ILE E 29 19.99 1.01 8.30
C ILE E 29 19.60 1.14 6.82
N ASP E 30 20.26 0.36 5.98
CA ASP E 30 20.05 0.48 4.56
C ASP E 30 18.68 0.04 4.05
N THR E 31 18.05 -0.96 4.66
CA THR E 31 16.69 -1.31 4.25
C THR E 31 15.68 -0.16 4.43
N ILE E 32 15.95 0.74 5.38
CA ILE E 32 15.16 1.97 5.47
C ILE E 32 15.50 2.89 4.29
N PHE E 33 16.76 2.96 3.93
CA PHE E 33 17.17 3.84 2.85
C PHE E 33 16.58 3.46 1.52
N GLN E 34 16.64 2.17 1.22
CA GLN E 34 16.04 1.61 0.02
C GLN E 34 14.53 1.88 -0.02
N ALA E 35 13.84 1.76 1.12
CA ALA E 35 12.38 1.99 1.17
C ALA E 35 11.98 3.46 0.93
N CYS E 36 12.86 4.37 1.33
CA CYS E 36 12.66 5.78 1.07
C CYS E 36 12.90 6.10 -0.38
N LEU E 37 13.78 5.36 -1.03
CA LEU E 37 13.95 5.53 -2.46
C LEU E 37 12.67 5.16 -3.18
N ASP E 38 12.10 4.00 -2.80
CA ASP E 38 10.85 3.47 -3.35
C ASP E 38 9.68 4.43 -3.24
N HIS E 39 9.55 5.11 -2.12
CA HIS E 39 8.38 5.94 -1.86
C HIS E 39 8.65 7.47 -1.92
N ASP E 40 9.70 7.88 -2.61
CA ASP E 40 10.12 9.31 -2.67
C ASP E 40 10.01 10.15 -1.40
N VAL E 41 10.32 9.56 -0.27
CA VAL E 41 10.51 10.35 0.93
C VAL E 41 11.98 10.72 0.97
N PRO E 42 12.28 12.02 0.93
CA PRO E 42 13.66 12.49 0.93
C PRO E 42 14.37 12.21 2.28
N ILE E 43 15.63 11.76 2.24
CA ILE E 43 16.47 11.65 3.44
C ILE E 43 17.60 12.62 3.26
N ILE E 44 17.58 13.65 4.08
CA ILE E 44 18.59 14.70 4.13
C ILE E 44 19.83 14.15 4.85
N ASP E 45 20.85 13.82 4.06
CA ASP E 45 22.06 13.17 4.51
C ASP E 45 23.13 14.22 4.80
N THR E 46 23.43 14.36 6.08
CA THR E 46 24.34 15.38 6.60
C THR E 46 25.74 14.77 6.70
N ARG E 47 26.67 15.50 7.30
CA ARG E 47 28.06 15.04 7.40
C ARG E 47 28.42 14.47 8.77
N HIS E 48 27.60 14.78 9.77
CA HIS E 48 27.79 14.31 11.14
C HIS E 48 26.42 13.86 11.57
N GLU E 49 26.33 12.80 12.36
CA GLU E 49 25.02 12.32 12.82
C GLU E 49 24.27 13.35 13.71
N ALA E 50 25.05 14.00 14.57
CA ALA E 50 24.54 15.00 15.48
C ALA E 50 23.92 16.17 14.71
N ALA E 51 24.58 16.60 13.65
CA ALA E 51 23.93 17.48 12.69
C ALA E 51 22.61 16.91 12.13
N ALA E 52 22.50 15.61 11.86
CA ALA E 52 21.23 15.11 11.37
C ALA E 52 20.20 15.10 12.49
N GLY E 53 20.68 14.76 13.68
CA GLY E 53 19.83 14.69 14.87
C GLY E 53 19.28 16.07 15.16
N HIS E 54 20.14 17.08 15.19
CA HIS E 54 19.68 18.44 15.40
C HIS E 54 18.75 18.91 14.27
N ALA E 55 18.96 18.41 13.05
CA ALA E 55 18.15 18.82 11.90
C ALA E 55 16.72 18.34 12.07
N ALA E 56 16.57 17.17 12.68
CA ALA E 56 15.25 16.71 13.12
C ALA E 56 14.58 17.66 14.14
N GLU E 57 15.35 18.13 15.11
CA GLU E 57 14.84 19.07 16.10
C GLU E 57 14.33 20.34 15.47
N GLY E 58 15.13 20.93 14.62
CA GLY E 58 14.73 22.16 13.97
C GLY E 58 13.52 22.02 13.06
N TYR E 59 13.46 20.91 12.33
CA TYR E 59 12.33 20.61 11.50
C TYR E 59 11.11 20.47 12.39
N ALA E 60 11.25 19.76 13.51
CA ALA E 60 10.12 19.50 14.41
C ALA E 60 9.63 20.79 15.10
N ARG E 61 10.59 21.63 15.48
CA ARG E 61 10.29 22.88 16.12
C ARG E 61 9.68 23.88 15.12
N ALA E 62 10.36 24.09 14.00
CA ALA E 62 9.99 25.17 13.06
C ALA E 62 8.72 24.92 12.27
N GLY E 63 8.51 23.63 11.99
CA GLY E 63 7.42 23.20 11.15
C GLY E 63 6.33 22.64 12.02
N ALA E 64 6.52 22.75 13.34
CA ALA E 64 5.52 22.33 14.33
C ALA E 64 4.94 20.92 14.13
N LYS E 65 5.76 20.00 13.65
CA LYS E 65 5.36 18.60 13.45
C LYS E 65 6.36 17.69 14.14
N LEU E 66 6.28 16.38 13.87
CA LEU E 66 7.29 15.39 14.35
C LEU E 66 8.53 15.43 13.46
N GLY E 67 9.72 15.38 14.06
CA GLY E 67 10.95 15.29 13.30
C GLY E 67 11.41 13.85 13.34
N VAL E 68 11.97 13.36 12.25
CA VAL E 68 12.47 12.01 12.32
C VAL E 68 13.94 12.00 12.02
N ALA E 69 14.68 11.32 12.88
CA ALA E 69 16.12 11.13 12.75
C ALA E 69 16.42 9.67 12.49
N LEU E 70 17.22 9.40 11.47
CA LEU E 70 17.63 8.04 11.23
C LEU E 70 19.19 7.85 11.27
N VAL E 71 19.68 7.22 12.33
CA VAL E 71 21.12 6.94 12.47
C VAL E 71 21.47 5.43 12.47
N THR E 72 22.67 5.11 11.99
CA THR E 72 23.13 3.71 11.90
C THR E 72 23.60 3.18 13.26
N ALA E 73 24.17 1.98 13.28
CA ALA E 73 24.46 1.30 14.53
C ALA E 73 25.71 1.85 15.14
N GLY E 74 25.82 1.78 16.46
CA GLY E 74 27.09 2.08 17.10
C GLY E 74 27.51 3.54 17.07
N GLY E 75 28.43 3.90 16.16
CA GLY E 75 28.85 5.30 16.05
C GLY E 75 27.69 6.21 15.67
N GLY E 76 26.74 5.63 14.92
CA GLY E 76 25.58 6.35 14.41
C GLY E 76 24.77 6.84 15.58
N PHE E 77 24.54 5.93 16.51
CA PHE E 77 23.80 6.28 17.66
C PHE E 77 24.57 7.19 18.64
N THR E 78 25.77 6.82 19.05
CA THR E 78 26.51 7.69 20.00
C THR E 78 26.76 9.13 19.48
N ASN E 79 27.01 9.24 18.17
CA ASN E 79 27.11 10.53 17.53
C ASN E 79 25.78 11.29 17.57
N ALA E 80 24.68 10.59 17.86
CA ALA E 80 23.35 11.22 17.85
C ALA E 80 22.84 11.62 19.25
N VAL E 81 23.69 11.40 20.27
CA VAL E 81 23.31 11.54 21.69
C VAL E 81 23.06 12.98 22.09
N THR E 82 23.96 13.90 21.77
CA THR E 82 23.74 15.32 22.14
C THR E 82 22.38 15.86 21.65
N PRO E 83 21.94 15.48 20.41
CA PRO E 83 20.62 15.86 19.97
C PRO E 83 19.52 15.31 20.83
N ILE E 84 19.61 14.04 21.22
CA ILE E 84 18.51 13.42 21.95
C ILE E 84 18.41 14.13 23.26
N ALA E 85 19.57 14.40 23.85
CA ALA E 85 19.63 15.07 25.14
C ALA E 85 19.01 16.46 25.05
N ASN E 86 19.40 17.18 23.99
CA ASN E 86 18.94 18.53 23.73
C ASN E 86 17.40 18.52 23.54
N ALA E 87 16.91 17.63 22.70
CA ALA E 87 15.47 17.52 22.49
C ALA E 87 14.70 17.17 23.76
N TRP E 88 15.31 16.38 24.64
CA TRP E 88 14.69 15.94 25.87
C TRP E 88 14.26 17.12 26.73
N LEU E 89 15.21 18.04 26.92
CA LEU E 89 15.08 19.17 27.79
C LEU E 89 14.34 20.28 27.10
N ASP E 90 14.55 20.41 25.78
CA ASP E 90 13.83 21.39 24.96
C ASP E 90 12.36 21.02 24.82
N ARG E 91 12.04 19.79 25.19
CA ARG E 91 10.75 19.19 24.95
C ARG E 91 10.42 19.23 23.44
N THR E 92 11.27 18.61 22.62
CA THR E 92 11.09 18.58 21.15
C THR E 92 10.64 17.18 20.67
N PRO E 93 9.57 17.08 19.87
CA PRO E 93 8.95 15.80 19.48
C PRO E 93 9.56 15.12 18.22
N VAL E 94 10.48 14.19 18.47
CA VAL E 94 11.42 13.70 17.50
C VAL E 94 11.59 12.21 17.71
N LEU E 95 11.32 11.46 16.66
CA LEU E 95 11.58 10.05 16.67
C LEU E 95 13.03 9.88 16.30
N PHE E 96 13.85 9.27 17.17
CA PHE E 96 15.20 8.83 16.80
C PHE E 96 15.21 7.34 16.44
N LEU E 97 15.31 7.04 15.17
CA LEU E 97 15.42 5.64 14.77
C LEU E 97 16.86 5.20 14.60
N THR E 98 17.23 4.09 15.24
CA THR E 98 18.62 3.66 15.22
C THR E 98 18.76 2.19 14.86
N GLY E 99 19.77 1.87 14.09
CA GLY E 99 20.07 0.49 13.85
C GLY E 99 20.92 0.04 15.00
N SER E 100 20.99 -1.26 15.20
CA SER E 100 22.03 -1.82 16.04
C SER E 100 22.43 -3.16 15.47
N GLY E 101 23.34 -3.82 16.21
CA GLY E 101 23.87 -5.13 15.83
C GLY E 101 22.76 -6.14 15.68
N ALA E 102 23.01 -7.17 14.88
CA ALA E 102 22.02 -8.20 14.66
C ALA E 102 21.74 -9.00 15.93
N LEU E 103 20.48 -9.27 16.22
CA LEU E 103 20.09 -10.13 17.33
C LEU E 103 20.78 -11.50 17.31
N ARG E 104 20.91 -12.12 16.15
CA ARG E 104 21.57 -13.40 16.08
C ARG E 104 23.10 -13.27 16.15
N ASP E 105 23.62 -12.05 16.00
CA ASP E 105 25.04 -11.78 16.22
C ASP E 105 25.32 -11.20 17.62
N ASP E 106 24.39 -11.40 18.54
CA ASP E 106 24.45 -10.90 19.91
C ASP E 106 25.65 -11.46 20.65
N GLU E 107 26.48 -10.56 21.17
CA GLU E 107 27.59 -10.92 22.06
C GLU E 107 28.67 -11.72 21.33
N THR E 108 29.07 -11.21 20.17
CA THR E 108 30.14 -11.80 19.37
C THR E 108 31.20 -10.77 18.88
N ASN E 109 31.18 -9.55 19.40
CA ASN E 109 32.23 -8.57 19.12
C ASN E 109 32.36 -8.18 17.64
N THR E 110 31.21 -8.00 17.01
CA THR E 110 31.11 -7.65 15.59
C THR E 110 31.12 -6.15 15.40
N LEU E 111 30.98 -5.76 14.14
CA LEU E 111 31.04 -4.39 13.64
C LEU E 111 29.93 -3.52 14.22
N GLN E 112 30.31 -2.37 14.73
CA GLN E 112 29.38 -1.41 15.28
C GLN E 112 28.43 -2.02 16.31
N ALA E 113 28.89 -2.89 17.20
CA ALA E 113 27.95 -3.51 18.16
C ALA E 113 28.51 -3.86 19.54
N GLY E 114 27.60 -3.95 20.51
CA GLY E 114 27.95 -4.32 21.88
C GLY E 114 27.68 -3.20 22.85
N ILE E 115 27.18 -2.07 22.36
CA ILE E 115 26.89 -0.97 23.25
C ILE E 115 25.39 -0.94 23.49
N ASP E 116 24.97 -0.72 24.75
CA ASP E 116 23.56 -0.81 25.12
C ASP E 116 22.88 0.49 24.77
N GLN E 117 22.44 0.57 23.53
CA GLN E 117 21.90 1.81 23.00
C GLN E 117 20.67 2.22 23.81
N VAL E 118 19.76 1.27 24.09
CA VAL E 118 18.58 1.61 24.93
C VAL E 118 18.96 2.20 26.29
N ALA E 119 19.90 1.59 26.99
CA ALA E 119 20.23 2.06 28.35
C ALA E 119 20.75 3.50 28.39
N MET E 120 21.67 3.75 27.46
CA MET E 120 22.31 5.03 27.26
C MET E 120 21.32 6.14 26.96
N ALA E 121 20.23 5.82 26.26
CA ALA E 121 19.23 6.81 25.94
C ALA E 121 18.12 6.86 26.98
N ALA E 122 18.15 5.94 27.95
CA ALA E 122 17.06 5.80 28.96
C ALA E 122 16.74 7.09 29.71
N PRO E 123 17.77 7.73 30.30
CA PRO E 123 17.50 8.93 31.09
C PRO E 123 17.29 10.17 30.23
N ILE E 124 17.35 10.02 28.91
CA ILE E 124 17.27 11.12 27.95
C ILE E 124 15.97 11.11 27.14
N THR E 125 15.08 10.16 27.39
CA THR E 125 13.95 10.01 26.48
C THR E 125 12.68 9.66 27.22
N LYS E 126 11.57 10.15 26.66
CA LYS E 126 10.22 9.70 26.98
C LYS E 126 10.14 8.18 26.91
N TRP E 127 10.77 7.59 25.89
CA TRP E 127 10.72 6.15 25.66
C TRP E 127 11.91 5.71 24.87
N ALA E 128 12.49 4.59 25.24
CA ALA E 128 13.58 3.98 24.47
C ALA E 128 13.37 2.46 24.42
N HIS E 129 13.33 1.88 23.23
CA HIS E 129 13.00 0.48 23.15
C HIS E 129 13.72 -0.20 22.00
N ARG E 130 14.19 -1.43 22.24
CA ARG E 130 14.79 -2.23 21.21
C ARG E 130 13.73 -3.17 20.68
N VAL E 131 13.57 -3.21 19.37
CA VAL E 131 12.57 -4.11 18.76
C VAL E 131 13.10 -5.54 18.76
N MET E 132 12.25 -6.50 19.10
CA MET E 132 12.66 -7.92 19.22
C MET E 132 12.17 -8.90 18.12
N ALA E 133 11.30 -8.40 17.23
CA ALA E 133 10.68 -9.24 16.20
C ALA E 133 10.13 -8.36 15.11
N THR E 134 10.22 -8.86 13.88
CA THR E 134 10.00 -8.01 12.72
C THR E 134 8.52 -7.68 12.60
N GLU E 135 7.68 -8.59 13.06
CA GLU E 135 6.23 -8.34 13.07
C GLU E 135 5.79 -7.24 14.06
N HIS E 136 6.69 -6.82 14.93
CA HIS E 136 6.27 -5.81 15.89
C HIS E 136 6.57 -4.45 15.33
N ILE E 137 7.39 -4.39 14.29
CA ILE E 137 7.85 -3.11 13.74
C ILE E 137 6.70 -2.10 13.46
N PRO E 138 5.63 -2.51 12.76
CA PRO E 138 4.59 -1.52 12.49
C PRO E 138 3.94 -0.94 13.75
N ARG E 139 3.55 -1.79 14.69
CA ARG E 139 2.97 -1.24 15.94
C ARG E 139 3.95 -0.56 16.92
N LEU E 140 5.21 -1.02 16.98
CA LEU E 140 6.22 -0.42 17.83
C LEU E 140 6.66 0.95 17.32
N VAL E 141 6.66 1.12 16.01
CA VAL E 141 6.92 2.43 15.42
C VAL E 141 5.77 3.38 15.79
N MET E 142 4.53 2.92 15.64
CA MET E 142 3.38 3.80 15.85
C MET E 142 3.26 4.16 17.32
N GLN E 143 3.51 3.19 18.20
CA GLN E 143 3.58 3.44 19.66
C GLN E 143 4.60 4.53 19.91
N ALA E 144 5.74 4.42 19.22
CA ALA E 144 6.84 5.37 19.39
C ALA E 144 6.43 6.80 19.05
N ILE E 145 5.61 6.95 18.00
CA ILE E 145 5.20 8.26 17.56
C ILE E 145 4.25 8.88 18.57
N ARG E 146 3.29 8.10 19.05
CA ARG E 146 2.31 8.61 20.00
C ARG E 146 3.05 9.14 21.19
N ALA E 147 4.14 8.47 21.56
CA ALA E 147 4.83 8.84 22.79
C ALA E 147 5.57 10.15 22.60
N ALA E 148 6.21 10.34 21.47
CA ALA E 148 6.96 11.55 21.24
C ALA E 148 6.03 12.76 21.16
N LEU E 149 4.86 12.54 20.56
CA LEU E 149 3.93 13.65 20.29
C LEU E 149 3.01 14.05 21.41
N SER E 150 2.80 13.18 22.38
CA SER E 150 1.95 13.53 23.49
C SER E 150 2.66 14.43 24.49
N ALA E 151 1.88 15.06 25.37
CA ALA E 151 2.34 16.12 26.24
C ALA E 151 3.02 15.56 27.50
N PRO E 152 4.15 16.16 27.92
CA PRO E 152 4.90 17.19 27.19
C PRO E 152 5.71 16.52 26.08
N ARG E 153 5.85 17.15 24.93
CA ARG E 153 6.52 16.50 23.81
C ARG E 153 7.99 16.25 24.07
N GLY E 154 8.55 15.19 23.52
CA GLY E 154 9.98 14.89 23.67
C GLY E 154 10.52 13.75 22.80
N PRO E 155 11.82 13.43 22.92
CA PRO E 155 12.47 12.42 22.07
C PRO E 155 12.18 10.98 22.45
N VAL E 156 12.18 10.10 21.45
CA VAL E 156 11.91 8.67 21.63
C VAL E 156 12.96 7.95 20.81
N LEU E 157 13.56 6.91 21.37
CA LEU E 157 14.51 6.07 20.64
C LEU E 157 13.93 4.69 20.29
N LEU E 158 14.08 4.27 19.04
CA LEU E 158 13.67 2.94 18.66
C LEU E 158 14.84 2.25 17.97
N ASP E 159 15.31 1.19 18.59
CA ASP E 159 16.51 0.48 18.20
C ASP E 159 16.07 -0.69 17.32
N LEU E 160 16.51 -0.66 16.08
CA LEU E 160 16.12 -1.65 15.11
C LEU E 160 17.29 -2.54 14.72
N PRO E 161 17.48 -3.65 15.43
CA PRO E 161 18.61 -4.52 15.15
C PRO E 161 18.69 -4.80 13.66
N TRP E 162 19.88 -4.63 13.09
CA TRP E 162 20.09 -4.86 11.64
C TRP E 162 19.52 -6.18 11.15
N ASP E 163 19.30 -7.04 12.10
CA ASP E 163 18.91 -8.40 11.85
C ASP E 163 17.41 -8.42 11.56
N ILE E 164 16.66 -7.59 12.29
CA ILE E 164 15.22 -7.51 12.21
C ILE E 164 14.78 -6.66 11.04
N LEU E 165 15.62 -5.69 10.68
CA LEU E 165 15.37 -4.84 9.54
C LEU E 165 15.51 -5.56 8.23
N MET E 166 16.55 -6.38 8.11
CA MET E 166 16.83 -7.12 6.85
C MET E 166 15.89 -8.28 6.65
N ASN E 167 15.52 -8.86 7.76
CA ASN E 167 14.52 -9.88 7.81
C ASN E 167 13.30 -9.60 6.90
N GLN E 168 12.74 -10.64 6.28
CA GLN E 168 11.65 -10.41 5.34
C GLN E 168 10.40 -11.18 5.70
N ILE E 169 9.27 -10.48 5.76
CA ILE E 169 7.99 -11.14 5.95
C ILE E 169 6.98 -10.92 4.81
N ASP E 170 5.84 -11.59 4.92
CA ASP E 170 4.74 -11.48 4.00
C ASP E 170 3.91 -10.24 4.35
N GLU E 171 3.69 -9.32 3.40
CA GLU E 171 2.86 -8.10 3.60
C GLU E 171 1.60 -8.32 4.43
N ASP E 172 1.02 -9.51 4.29
CA ASP E 172 -0.32 -9.85 4.79
C ASP E 172 -0.32 -10.33 6.24
N SER E 173 0.81 -10.86 6.70
CA SER E 173 1.02 -11.25 8.09
C SER E 173 0.73 -10.13 9.09
N VAL E 174 1.21 -8.93 8.79
CA VAL E 174 1.15 -7.83 9.75
C VAL E 174 0.30 -6.70 9.19
N ILE E 175 -0.28 -5.91 10.08
CA ILE E 175 -1.07 -4.71 9.76
C ILE E 175 -0.34 -3.39 10.10
N ILE E 176 -0.02 -2.59 9.08
CA ILE E 176 0.49 -1.23 9.27
C ILE E 176 -0.70 -0.34 9.73
N PRO E 177 -0.69 0.11 11.00
CA PRO E 177 -1.88 0.75 11.58
C PRO E 177 -1.96 2.25 11.31
N ASP E 178 -3.15 2.83 11.48
CA ASP E 178 -3.31 4.26 11.26
C ASP E 178 -2.89 4.99 12.54
N LEU E 179 -2.55 6.26 12.46
CA LEU E 179 -2.20 6.99 13.70
C LEU E 179 -3.48 7.51 14.35
N VAL E 180 -3.92 6.83 15.42
CA VAL E 180 -5.18 7.17 16.09
C VAL E 180 -4.88 7.82 17.45
N LEU E 181 -4.57 9.11 17.40
CA LEU E 181 -4.42 9.96 18.57
C LEU E 181 -5.02 11.34 18.25
N SER E 182 -6.06 11.74 18.99
CA SER E 182 -6.69 13.06 18.83
C SER E 182 -5.69 14.22 18.81
N ALA E 183 -5.87 15.12 17.85
CA ALA E 183 -4.94 16.23 17.72
C ALA E 183 -5.19 17.30 18.78
N HIS E 184 -6.34 17.25 19.44
CA HIS E 184 -6.72 18.25 20.46
C HIS E 184 -6.24 17.80 21.79
N GLY E 185 -5.71 18.73 22.57
CA GLY E 185 -5.23 18.48 23.93
C GLY E 185 -6.36 18.43 24.94
N ALA E 186 -6.05 17.98 26.14
CA ALA E 186 -7.03 17.90 27.22
C ALA E 186 -7.19 19.26 27.88
N ARG E 187 -8.39 19.53 28.35
CA ARG E 187 -8.71 20.81 28.97
C ARG E 187 -8.90 20.75 30.47
N PRO E 188 -8.65 21.88 31.14
CA PRO E 188 -8.88 21.94 32.56
C PRO E 188 -10.35 21.69 32.88
N ASP E 189 -10.63 21.08 34.03
CA ASP E 189 -12.00 20.97 34.54
C ASP E 189 -12.66 22.37 34.62
N PRO E 190 -13.92 22.52 34.13
CA PRO E 190 -14.66 23.78 34.13
C PRO E 190 -14.51 24.59 35.43
N ALA E 191 -14.44 23.88 36.55
CA ALA E 191 -14.26 24.46 37.88
C ALA E 191 -12.97 25.25 38.00
N ASP E 192 -11.89 24.67 37.46
CA ASP E 192 -10.56 25.28 37.52
C ASP E 192 -10.37 26.39 36.51
N LEU E 193 -10.96 26.23 35.32
CA LEU E 193 -11.09 27.25 34.29
C LEU E 193 -11.65 28.54 34.89
N ASP E 194 -12.73 28.36 35.66
CA ASP E 194 -13.46 29.42 36.35
C ASP E 194 -12.66 30.11 37.47
N GLN E 195 -12.01 29.31 38.31
CA GLN E 195 -11.13 29.80 39.37
C GLN E 195 -10.04 30.74 38.85
N ALA E 196 -9.47 30.36 37.71
CA ALA E 196 -8.35 31.06 37.17
C ALA E 196 -8.81 32.33 36.49
N LEU E 197 -9.94 32.26 35.81
CA LEU E 197 -10.43 33.42 35.07
C LEU E 197 -10.96 34.50 36.02
N ALA E 198 -11.67 34.08 37.06
CA ALA E 198 -12.17 34.99 38.09
C ALA E 198 -11.03 35.74 38.78
N LEU E 199 -9.94 35.00 39.02
CA LEU E 199 -8.73 35.52 39.63
C LEU E 199 -8.04 36.48 38.66
N LEU E 200 -8.05 36.13 37.37
CA LEU E 200 -7.48 36.97 36.30
C LEU E 200 -8.22 38.29 36.15
N ARG E 201 -9.54 38.24 36.37
CA ARG E 201 -10.39 39.42 36.37
C ARG E 201 -10.03 40.37 37.53
N LYS E 202 -9.86 39.82 38.74
CA LYS E 202 -9.57 40.66 39.91
C LYS E 202 -8.11 41.14 39.97
N ALA E 203 -7.29 40.61 39.08
CA ALA E 203 -5.88 40.96 38.99
C ALA E 203 -5.69 42.40 38.55
N GLU E 204 -4.69 43.06 39.12
CA GLU E 204 -4.47 44.46 38.80
C GLU E 204 -3.42 44.70 37.71
N ARG E 205 -2.44 43.79 37.63
CA ARG E 205 -1.37 43.86 36.64
C ARG E 205 -0.98 42.44 36.17
N PRO E 206 -1.92 41.76 35.47
CA PRO E 206 -1.68 40.39 35.10
C PRO E 206 -0.85 40.28 33.82
N VAL E 207 -0.07 39.22 33.75
CA VAL E 207 0.72 38.87 32.57
C VAL E 207 0.57 37.38 32.25
N ILE E 208 0.95 37.00 31.04
CA ILE E 208 0.89 35.63 30.61
C ILE E 208 2.25 35.31 30.04
N VAL E 209 2.78 34.15 30.40
CA VAL E 209 4.07 33.72 29.92
C VAL E 209 3.88 32.40 29.19
N LEU E 210 4.37 32.34 27.95
CA LEU E 210 4.29 31.12 27.14
C LEU E 210 5.55 30.26 27.17
N GLY E 211 5.38 28.94 27.20
CA GLY E 211 6.52 27.99 27.16
C GLY E 211 6.65 27.28 25.83
N SER E 212 7.49 26.26 25.79
CA SER E 212 7.74 25.55 24.53
C SER E 212 6.44 24.89 24.06
N GLU E 213 5.62 24.48 25.02
CA GLU E 213 4.36 23.77 24.78
C GLU E 213 3.25 24.57 24.08
N ALA E 214 3.33 25.90 24.14
CA ALA E 214 2.40 26.79 23.44
C ALA E 214 2.64 26.68 21.93
N SER E 215 3.91 26.51 21.57
CA SER E 215 4.38 26.45 20.19
C SER E 215 4.20 25.06 19.55
N ARG E 216 4.14 24.00 20.36
CA ARG E 216 4.08 22.67 19.78
C ARG E 216 2.68 22.35 19.29
N THR E 217 1.66 22.74 20.06
CA THR E 217 0.24 22.59 19.66
C THR E 217 -0.19 23.71 18.70
N ALA E 218 0.45 24.88 18.87
CA ALA E 218 0.32 26.07 18.00
C ALA E 218 -1.12 26.53 17.73
N ARG E 219 -1.85 26.83 18.79
CA ARG E 219 -3.27 27.15 18.62
C ARG E 219 -3.54 28.68 18.50
N LYS E 220 -3.05 29.26 17.41
CA LYS E 220 -2.94 30.71 17.23
C LYS E 220 -4.29 31.43 17.26
N THR E 221 -5.22 30.99 16.44
CA THR E 221 -6.45 31.75 16.36
C THR E 221 -7.26 31.68 17.63
N ALA E 222 -7.13 30.60 18.43
CA ALA E 222 -7.86 30.53 19.71
C ALA E 222 -7.21 31.43 20.77
N LEU E 223 -5.98 31.83 20.51
CA LEU E 223 -5.23 32.70 21.40
C LEU E 223 -5.54 34.15 21.09
N SER E 224 -5.50 34.51 19.81
CA SER E 224 -5.84 35.86 19.39
C SER E 224 -7.19 36.29 19.92
N ALA E 225 -8.13 35.34 19.95
CA ALA E 225 -9.49 35.62 20.39
C ALA E 225 -9.55 35.84 21.90
N PHE E 226 -8.63 35.18 22.61
CA PHE E 226 -8.60 35.24 24.06
C PHE E 226 -7.83 36.45 24.59
N VAL E 227 -6.71 36.75 23.95
CA VAL E 227 -5.88 37.90 24.30
C VAL E 227 -6.61 39.20 23.99
N ALA E 228 -7.32 39.23 22.87
CA ALA E 228 -7.93 40.46 22.40
C ALA E 228 -9.24 40.72 23.13
N ALA E 229 -9.70 39.71 23.87
CA ALA E 229 -10.97 39.81 24.61
C ALA E 229 -10.77 40.13 26.10
N THR E 230 -9.67 39.62 26.66
CA THR E 230 -9.26 39.92 28.04
C THR E 230 -8.29 41.08 28.05
N GLY E 231 -7.49 41.16 26.98
CA GLY E 231 -6.65 42.33 26.71
C GLY E 231 -5.40 42.36 27.56
N VAL E 232 -4.88 41.17 27.84
CA VAL E 232 -3.74 40.97 28.70
C VAL E 232 -2.41 40.98 27.93
N PRO E 233 -1.34 41.56 28.50
CA PRO E 233 0.02 41.44 27.94
C PRO E 233 0.47 39.98 27.84
N VAL E 234 1.37 39.67 26.91
CA VAL E 234 1.87 38.27 26.74
C VAL E 234 3.39 38.14 26.51
N PHE E 235 4.05 37.37 27.37
CA PHE E 235 5.49 37.14 27.24
C PHE E 235 5.78 35.69 26.92
N ALA E 236 7.02 35.41 26.53
CA ALA E 236 7.52 34.03 26.37
C ALA E 236 9.03 33.90 26.56
N ASP E 237 9.48 32.69 26.89
CA ASP E 237 10.89 32.31 26.76
C ASP E 237 11.22 32.13 25.27
N TYR E 238 12.45 31.74 24.95
CA TYR E 238 12.84 31.70 23.54
C TYR E 238 11.95 30.83 22.66
N GLU E 239 11.61 29.61 23.10
CA GLU E 239 10.72 28.73 22.32
C GLU E 239 9.31 29.26 22.09
N GLY E 240 8.81 30.06 23.03
CA GLY E 240 7.42 30.55 22.98
C GLY E 240 7.22 31.78 22.13
N LEU E 241 8.29 32.50 21.83
CA LEU E 241 8.22 33.72 21.02
C LEU E 241 7.48 33.64 19.65
N SER E 242 7.54 32.50 18.93
CA SER E 242 6.85 32.34 17.64
C SER E 242 5.36 32.61 17.74
N MET E 243 4.79 32.21 18.88
CA MET E 243 3.35 32.31 19.19
C MET E 243 2.85 33.74 19.42
N LEU E 244 3.77 34.64 19.78
CA LEU E 244 3.44 36.05 20.02
C LEU E 244 3.38 36.89 18.75
N SER E 245 3.32 36.26 17.59
CA SER E 245 3.50 37.00 16.36
C SER E 245 2.17 37.21 15.63
N GLY E 246 1.11 36.64 16.17
CA GLY E 246 -0.23 36.86 15.61
C GLY E 246 -1.02 37.89 16.38
N LEU E 247 -0.33 38.73 17.14
CA LEU E 247 -1.00 39.47 18.22
C LEU E 247 -1.01 40.98 18.07
N PRO E 248 -2.16 41.64 18.46
CA PRO E 248 -2.20 43.10 18.54
C PRO E 248 -1.01 43.61 19.36
N ASP E 249 -0.46 44.74 18.91
CA ASP E 249 0.93 45.06 19.17
C ASP E 249 1.30 45.55 20.57
N ALA E 250 0.41 46.34 21.16
CA ALA E 250 0.55 46.85 22.51
C ALA E 250 0.34 45.73 23.53
N MET E 251 -0.37 44.68 23.14
CA MET E 251 -0.46 43.48 23.96
C MET E 251 0.75 42.50 23.83
N ARG E 252 1.74 42.82 22.98
CA ARG E 252 3.00 42.04 22.94
C ARG E 252 4.07 42.62 23.88
N GLY E 253 4.31 41.92 24.99
CA GLY E 253 5.36 42.29 25.95
C GLY E 253 6.75 41.72 25.68
N GLY E 254 6.82 40.66 24.87
CA GLY E 254 8.09 40.20 24.32
C GLY E 254 8.68 39.02 25.04
N LEU E 255 10.02 38.98 25.09
CA LEU E 255 10.75 37.92 25.80
C LEU E 255 10.62 38.05 27.29
N VAL E 256 10.33 36.93 27.95
CA VAL E 256 10.07 36.89 29.39
C VAL E 256 11.12 37.64 30.23
N GLN E 257 12.29 37.87 29.65
CA GLN E 257 13.41 38.40 30.38
C GLN E 257 13.34 39.90 30.48
N ASN E 258 12.17 40.44 30.15
CA ASN E 258 11.92 41.88 30.19
C ASN E 258 11.30 42.28 31.51
N LEU E 259 10.71 41.29 32.19
CA LEU E 259 10.03 41.46 33.47
C LEU E 259 11.04 41.57 34.60
N TYR E 260 12.28 41.87 34.20
CA TYR E 260 13.33 42.11 35.14
C TYR E 260 13.13 43.46 35.89
N SER E 261 13.26 44.55 35.14
CA SER E 261 13.15 45.90 35.66
C SER E 261 11.78 46.23 36.24
N PHE E 262 10.90 45.26 36.31
CA PHE E 262 9.51 45.51 36.72
C PHE E 262 9.33 45.70 38.24
N ALA E 263 10.16 45.05 39.05
CA ALA E 263 10.05 45.23 40.53
C ALA E 263 10.72 46.55 40.98
N LYS E 264 11.46 47.12 40.06
CA LYS E 264 12.37 48.21 40.30
C LYS E 264 11.66 49.48 39.90
N ALA E 265 10.36 49.35 39.63
CA ALA E 265 9.51 50.46 39.23
C ALA E 265 8.16 50.48 39.95
N ASP E 266 8.05 49.77 41.07
CA ASP E 266 6.75 49.45 41.66
C ASP E 266 5.72 49.06 40.61
N ALA E 267 6.12 48.17 39.71
CA ALA E 267 5.26 47.75 38.62
C ALA E 267 5.14 46.24 38.65
N ALA E 268 5.48 45.67 39.81
CA ALA E 268 5.57 44.23 40.03
C ALA E 268 4.31 43.51 39.53
N PRO E 269 4.45 42.57 38.55
CA PRO E 269 3.25 41.91 38.00
C PRO E 269 2.44 41.26 39.12
N ASP E 270 1.13 41.43 39.05
CA ASP E 270 0.22 41.11 40.14
C ASP E 270 -0.16 39.63 40.12
N LEU E 271 -0.37 39.15 38.91
CA LEU E 271 -0.77 37.77 38.65
C LEU E 271 0.02 37.30 37.43
N VAL E 272 0.46 36.04 37.45
CA VAL E 272 1.16 35.46 36.31
C VAL E 272 0.48 34.18 35.89
N LEU E 273 0.20 34.09 34.61
CA LEU E 273 -0.36 32.89 34.05
C LEU E 273 0.70 32.23 33.20
N MET E 274 1.09 31.03 33.58
CA MET E 274 2.18 30.38 32.94
C MET E 274 1.61 29.20 32.20
N LEU E 275 1.83 29.18 30.90
CA LEU E 275 1.26 28.15 30.06
C LEU E 275 2.40 27.46 29.37
N GLY E 276 2.90 26.40 30.01
CA GLY E 276 3.97 25.57 29.46
C GLY E 276 5.36 26.07 29.77
N ALA E 277 5.47 27.28 30.32
CA ALA E 277 6.76 27.75 30.80
C ALA E 277 6.96 27.04 32.11
N ARG E 278 8.18 26.56 32.35
CA ARG E 278 8.51 25.91 33.61
C ARG E 278 9.31 26.87 34.46
N PHE E 279 9.37 26.62 35.77
CA PHE E 279 10.22 27.42 36.66
C PHE E 279 11.65 26.99 36.40
N GLY E 280 12.48 27.90 35.91
CA GLY E 280 13.82 27.49 35.51
C GLY E 280 14.65 28.62 34.96
N LEU E 281 15.72 28.24 34.24
CA LEU E 281 16.67 29.15 33.61
C LEU E 281 16.00 30.32 32.90
N ASN E 282 15.11 30.00 31.97
CA ASN E 282 14.44 31.01 31.15
C ASN E 282 13.48 31.92 31.93
N THR E 283 12.95 31.41 33.04
CA THR E 283 12.06 32.19 33.90
C THR E 283 12.75 32.68 35.17
N GLY E 284 14.08 32.72 35.13
CA GLY E 284 14.89 33.10 36.29
C GLY E 284 14.69 32.25 37.54
N HIS E 285 14.55 30.94 37.38
CA HIS E 285 14.56 29.95 38.49
C HIS E 285 13.52 30.28 39.54
N GLY E 286 13.78 29.94 40.80
CA GLY E 286 12.85 30.28 41.87
C GLY E 286 13.18 31.60 42.52
N SER E 287 13.99 32.42 41.84
CA SER E 287 14.60 33.61 42.41
C SER E 287 13.59 34.73 42.64
N GLY E 288 12.58 34.75 41.79
CA GLY E 288 11.55 35.76 41.91
C GLY E 288 11.91 37.06 41.24
N GLN E 289 12.91 37.04 40.37
CA GLN E 289 13.30 38.23 39.61
C GLN E 289 12.29 38.54 38.51
N LEU E 290 11.91 37.53 37.74
CA LEU E 290 10.96 37.72 36.64
C LEU E 290 9.53 37.44 37.13
N ILE E 291 9.34 36.33 37.84
CA ILE E 291 8.06 35.97 38.44
C ILE E 291 8.16 36.22 39.95
N PRO E 292 7.71 37.39 40.42
CA PRO E 292 7.91 37.77 41.84
C PRO E 292 7.13 36.90 42.83
N HIS E 293 7.67 36.77 44.04
CA HIS E 293 7.07 35.90 45.07
C HIS E 293 5.71 36.40 45.55
N SER E 294 5.57 37.72 45.62
CA SER E 294 4.32 38.35 46.00
C SER E 294 3.20 38.05 45.00
N ALA E 295 3.57 37.91 43.73
CA ALA E 295 2.61 37.67 42.67
C ALA E 295 1.92 36.32 42.77
N GLN E 296 0.60 36.36 42.54
CA GLN E 296 -0.21 35.16 42.55
C GLN E 296 -0.10 34.41 41.23
N VAL E 297 0.42 33.19 41.27
CA VAL E 297 0.76 32.43 40.07
C VAL E 297 -0.27 31.34 39.77
N ILE E 298 -0.71 31.28 38.51
CA ILE E 298 -1.52 30.18 38.01
C ILE E 298 -0.69 29.48 36.95
N GLN E 299 -0.35 28.22 37.19
CA GLN E 299 0.53 27.50 36.27
C GLN E 299 -0.14 26.32 35.59
N VAL E 300 -0.08 26.31 34.26
CA VAL E 300 -0.57 25.17 33.45
C VAL E 300 0.57 24.44 32.69
N ASP E 301 0.65 23.13 32.93
CA ASP E 301 1.73 22.31 32.40
C ASP E 301 1.21 20.87 32.37
N PRO E 302 1.54 20.12 31.30
CA PRO E 302 1.05 18.74 31.22
C PRO E 302 1.71 17.86 32.28
N ASP E 303 2.91 18.26 32.66
CA ASP E 303 3.74 17.54 33.61
C ASP E 303 3.61 18.14 35.03
N ALA E 304 3.06 17.35 35.95
CA ALA E 304 2.84 17.84 37.31
C ALA E 304 4.08 18.02 38.19
N CYS E 305 5.25 17.44 37.86
CA CYS E 305 6.44 17.77 38.66
C CYS E 305 6.62 19.25 38.59
N GLU E 306 6.34 19.81 37.42
CA GLU E 306 6.73 21.18 37.09
C GLU E 306 5.93 22.25 37.79
N LEU E 307 4.78 21.85 38.31
CA LEU E 307 3.84 22.70 38.99
C LEU E 307 4.41 23.29 40.27
N GLY E 308 4.77 24.57 40.14
CA GLY E 308 5.39 25.34 41.19
C GLY E 308 6.54 24.62 41.84
N ARG E 309 7.45 24.07 41.04
CA ARG E 309 8.53 23.31 41.62
C ARG E 309 9.49 24.15 42.44
N LEU E 310 9.59 25.45 42.14
CA LEU E 310 10.52 26.31 42.86
C LEU E 310 9.82 27.38 43.69
N GLN E 311 8.68 27.87 43.20
CA GLN E 311 7.86 28.88 43.89
C GLN E 311 6.52 28.30 44.26
N GLY E 312 5.91 28.88 45.29
CA GLY E 312 4.57 28.49 45.70
C GLY E 312 3.62 29.15 44.73
N ILE E 313 2.83 28.35 44.03
CA ILE E 313 1.78 28.89 43.18
C ILE E 313 0.41 28.85 43.88
N ALA E 314 -0.54 29.60 43.35
CA ALA E 314 -1.89 29.63 43.91
C ALA E 314 -2.79 28.61 43.22
N LEU E 315 -2.52 28.36 41.94
CA LEU E 315 -3.27 27.36 41.23
C LEU E 315 -2.44 26.68 40.18
N GLY E 316 -2.35 25.36 40.26
CA GLY E 316 -1.65 24.56 39.26
C GLY E 316 -2.60 23.54 38.67
N ILE E 317 -2.72 23.53 37.33
CA ILE E 317 -3.58 22.57 36.63
C ILE E 317 -2.78 21.68 35.67
N VAL E 318 -2.94 20.38 35.76
CA VAL E 318 -2.40 19.56 34.71
C VAL E 318 -3.43 19.50 33.58
N ALA E 319 -3.06 20.07 32.42
CA ALA E 319 -3.79 19.85 31.15
C ALA E 319 -2.86 20.22 30.01
N ASP E 320 -3.28 20.01 28.77
CA ASP E 320 -2.45 20.47 27.64
C ASP E 320 -2.52 21.99 27.44
N VAL E 321 -1.38 22.59 27.13
CA VAL E 321 -1.28 24.03 26.95
C VAL E 321 -2.14 24.54 25.78
N GLY E 322 -1.98 23.93 24.61
CA GLY E 322 -2.82 24.26 23.46
C GLY E 322 -4.30 24.02 23.68
N GLY E 323 -4.64 22.86 24.22
CA GLY E 323 -6.03 22.54 24.55
C GLY E 323 -6.64 23.45 25.61
N THR E 324 -5.81 23.95 26.54
CA THR E 324 -6.25 24.90 27.59
C THR E 324 -6.68 26.22 26.94
N ILE E 325 -5.86 26.72 26.02
CA ILE E 325 -6.17 27.96 25.31
C ILE E 325 -7.49 27.90 24.53
N GLU E 326 -7.82 26.75 23.96
CA GLU E 326 -9.10 26.51 23.33
C GLU E 326 -10.25 26.78 24.31
N ALA E 327 -10.13 26.22 25.51
CA ALA E 327 -11.14 26.35 26.57
C ALA E 327 -11.21 27.80 27.08
N LEU E 328 -10.10 28.51 26.92
CA LEU E 328 -10.06 29.91 27.32
C LEU E 328 -10.77 30.89 26.36
N ALA E 329 -10.65 30.71 25.03
CA ALA E 329 -11.41 31.55 24.08
C ALA E 329 -12.90 31.23 24.20
N GLN E 330 -13.15 29.93 24.24
CA GLN E 330 -14.44 29.30 24.53
C GLN E 330 -15.22 29.98 25.65
N ALA E 331 -14.55 30.17 26.79
CA ALA E 331 -15.12 30.80 27.97
C ALA E 331 -14.98 32.33 27.97
N THR E 332 -14.34 32.88 26.94
CA THR E 332 -14.23 34.33 26.85
C THR E 332 -15.31 34.93 25.94
N ALA E 333 -15.94 34.08 25.13
CA ALA E 333 -17.09 34.49 24.32
C ALA E 333 -18.35 35.03 25.07
N GLN E 334 -18.62 34.58 26.30
CA GLN E 334 -19.81 35.03 27.10
C GLN E 334 -19.42 36.08 28.13
N ASP E 335 -18.15 36.05 28.53
CA ASP E 335 -17.57 36.96 29.51
C ASP E 335 -17.28 38.32 28.89
N ALA E 336 -18.32 39.13 28.72
CA ALA E 336 -18.20 40.40 28.01
C ALA E 336 -17.50 41.46 28.84
N ALA E 337 -17.54 41.32 30.16
CA ALA E 337 -17.17 42.44 31.03
C ALA E 337 -15.70 42.45 31.50
N TRP E 338 -14.77 42.19 30.58
CA TRP E 338 -13.32 42.25 30.87
C TRP E 338 -12.80 43.68 31.05
N PRO E 339 -12.24 44.00 32.24
CA PRO E 339 -11.63 45.34 32.41
C PRO E 339 -10.64 45.73 31.30
N ASP E 340 -10.56 47.03 31.03
CA ASP E 340 -9.63 47.63 30.08
C ASP E 340 -8.19 47.49 30.60
N ARG E 341 -7.30 46.92 29.80
CA ARG E 341 -5.93 46.83 30.25
C ARG E 341 -5.01 47.85 29.58
N GLY E 342 -5.61 48.84 28.92
CA GLY E 342 -4.87 49.90 28.25
C GLY E 342 -3.76 50.55 29.08
N ASP E 343 -4.10 50.90 30.32
CA ASP E 343 -3.14 51.54 31.24
C ASP E 343 -2.01 50.61 31.59
N TRP E 344 -2.35 49.34 31.78
CA TRP E 344 -1.36 48.32 32.07
C TRP E 344 -0.50 47.96 30.84
N CYS E 345 -1.13 47.76 29.68
CA CYS E 345 -0.40 47.42 28.44
C CYS E 345 0.59 48.50 28.03
N ALA E 346 0.28 49.75 28.38
CA ALA E 346 1.16 50.88 28.09
C ALA E 346 2.48 50.78 28.86
N LYS E 347 2.36 50.49 30.15
CA LYS E 347 3.50 50.39 31.03
C LYS E 347 4.49 49.33 30.56
N VAL E 348 3.95 48.24 30.01
CA VAL E 348 4.76 47.12 29.58
C VAL E 348 5.62 47.52 28.39
N THR E 349 5.00 48.08 27.37
CA THR E 349 5.70 48.43 26.15
C THR E 349 6.64 49.59 26.41
N ASP E 350 6.27 50.42 27.39
CA ASP E 350 7.17 51.47 27.84
C ASP E 350 8.47 50.94 28.47
N LEU E 351 8.35 49.94 29.34
CA LEU E 351 9.52 49.42 30.04
C LEU E 351 10.46 48.67 29.12
N ALA E 352 9.89 47.99 28.12
CA ALA E 352 10.68 47.26 27.14
C ALA E 352 11.43 48.25 26.27
N GLN E 353 10.87 49.46 26.18
CA GLN E 353 11.43 50.53 25.36
C GLN E 353 12.59 51.24 26.07
N GLU E 354 12.44 51.41 27.39
CA GLU E 354 13.52 51.92 28.26
C GLU E 354 14.77 51.08 28.13
N ARG E 355 14.54 49.77 28.12
CA ARG E 355 15.58 48.78 28.07
C ARG E 355 16.33 48.87 26.76
N TYR E 356 15.57 49.00 25.67
CA TYR E 356 16.13 49.11 24.32
C TYR E 356 17.01 50.35 24.21
N ALA E 357 16.51 51.48 24.73
CA ALA E 357 17.21 52.76 24.67
C ALA E 357 18.45 52.81 25.56
N SER E 358 18.33 52.28 26.77
CA SER E 358 19.45 52.18 27.71
C SER E 358 20.67 51.43 27.12
N ILE E 359 20.42 50.51 26.19
CA ILE E 359 21.46 49.66 25.64
C ILE E 359 22.08 50.30 24.40
N ALA E 360 21.23 50.74 23.47
CA ALA E 360 21.68 51.51 22.31
C ALA E 360 22.48 52.75 22.72
N ALA E 361 22.12 53.30 23.87
CA ALA E 361 22.77 54.49 24.44
C ALA E 361 24.19 54.20 24.94
N LYS E 362 24.44 52.95 25.35
CA LYS E 362 25.81 52.54 25.73
C LYS E 362 26.47 51.71 24.64
N SER E 363 26.00 51.87 23.41
CA SER E 363 26.48 51.03 22.31
C SER E 363 27.28 51.80 21.27
N SER E 364 28.62 51.77 21.43
CA SER E 364 29.61 52.43 20.57
C SER E 364 30.06 51.51 19.48
N SER E 365 30.15 52.01 18.25
CA SER E 365 30.62 51.16 17.17
C SER E 365 31.76 51.75 16.38
N GLU E 366 32.61 52.49 17.08
CA GLU E 366 33.62 53.34 16.45
C GLU E 366 34.90 52.59 16.11
N HIS E 367 35.42 51.83 17.06
CA HIS E 367 36.67 51.10 16.86
C HIS E 367 36.39 49.77 16.18
N ALA E 368 35.25 49.18 16.52
CA ALA E 368 34.88 47.84 16.03
C ALA E 368 33.38 47.66 16.17
N LEU E 369 32.78 46.91 15.24
CA LEU E 369 31.32 46.80 15.18
C LEU E 369 30.77 46.25 16.47
N HIS E 370 29.92 47.05 17.11
CA HIS E 370 29.20 46.62 18.30
C HIS E 370 28.25 45.47 17.98
N PRO E 371 28.23 44.45 18.85
CA PRO E 371 27.40 43.28 18.56
C PRO E 371 25.94 43.66 18.54
N PHE E 372 25.58 44.70 19.28
CA PHE E 372 24.19 45.08 19.34
C PHE E 372 23.82 45.78 18.05
N HIS E 373 24.71 46.64 17.58
CA HIS E 373 24.50 47.35 16.34
C HIS E 373 24.40 46.34 15.18
N ALA E 374 25.22 45.29 15.23
CA ALA E 374 25.12 44.20 14.26
C ALA E 374 23.77 43.50 14.35
N SER E 375 23.23 43.43 15.57
CA SER E 375 21.98 42.72 15.81
C SER E 375 20.80 43.45 15.23
N GLN E 376 20.81 44.78 15.35
CA GLN E 376 19.79 45.65 14.76
C GLN E 376 19.68 45.50 13.23
N VAL E 377 20.83 45.36 12.56
CA VAL E 377 20.93 45.11 11.12
C VAL E 377 20.13 43.87 10.72
N ILE E 378 20.23 42.84 11.55
CA ILE E 378 19.49 41.61 11.39
C ILE E 378 18.00 41.78 11.72
N ALA E 379 17.71 42.54 12.77
CA ALA E 379 16.33 42.70 13.26
C ALA E 379 15.44 43.35 12.20
N LYS E 380 16.02 44.27 11.43
CA LYS E 380 15.28 44.99 10.42
C LYS E 380 14.78 44.06 9.28
N HIS E 381 15.40 42.89 9.13
CA HIS E 381 15.01 41.95 8.05
C HIS E 381 14.03 40.86 8.50
N VAL E 382 13.71 40.84 9.78
CA VAL E 382 12.90 39.79 10.41
C VAL E 382 11.38 40.06 10.29
N ASP E 383 10.68 39.19 9.56
CA ASP E 383 9.20 39.24 9.50
C ASP E 383 8.57 37.84 9.55
N ALA E 384 7.26 37.76 9.31
CA ALA E 384 6.53 36.47 9.36
C ALA E 384 6.98 35.44 8.30
N GLY E 385 7.87 35.88 7.39
CA GLY E 385 8.45 35.02 6.36
C GLY E 385 9.89 34.62 6.63
N VAL E 386 10.36 34.82 7.86
CA VAL E 386 11.72 34.39 8.24
C VAL E 386 11.78 33.62 9.58
N THR E 387 12.49 32.50 9.60
CA THR E 387 12.81 31.79 10.86
C THR E 387 14.24 32.13 11.30
N VAL E 388 14.38 32.76 12.48
CA VAL E 388 15.71 33.03 13.00
C VAL E 388 16.17 31.94 13.97
N VAL E 389 17.38 31.42 13.77
CA VAL E 389 17.96 30.43 14.68
C VAL E 389 19.20 30.98 15.39
N ALA E 390 19.27 30.81 16.70
CA ALA E 390 20.33 31.45 17.52
C ALA E 390 21.18 30.44 18.28
N ASP E 391 22.51 30.61 18.20
CA ASP E 391 23.52 29.65 18.67
C ASP E 391 24.75 30.48 19.09
N GLY E 392 25.67 29.94 19.89
CA GLY E 392 26.80 30.76 20.29
C GLY E 392 26.54 31.30 21.69
N GLY E 393 27.43 32.17 22.15
CA GLY E 393 27.51 32.47 23.56
C GLY E 393 26.98 33.84 23.81
N LEU E 394 27.82 34.85 23.60
CA LEU E 394 27.42 36.23 23.77
C LEU E 394 26.48 36.58 22.63
N THR E 395 26.71 35.96 21.47
CA THR E 395 25.96 36.37 20.28
C THR E 395 24.44 36.19 20.38
N TYR E 396 23.96 35.15 21.05
CA TYR E 396 22.51 35.03 21.30
C TYR E 396 21.96 35.89 22.45
N LEU E 397 22.79 36.16 23.46
CA LEU E 397 22.43 37.07 24.53
C LEU E 397 22.30 38.52 24.05
N TRP E 398 23.07 38.88 23.02
CA TRP E 398 22.93 40.17 22.38
C TRP E 398 21.70 40.19 21.50
N LEU E 399 21.47 39.10 20.75
CA LEU E 399 20.34 39.05 19.83
C LEU E 399 18.98 39.11 20.56
N SER E 400 18.91 38.56 21.76
CA SER E 400 17.69 38.65 22.56
C SER E 400 17.19 40.08 22.72
N GLU E 401 18.13 41.03 22.77
CA GLU E 401 17.79 42.40 23.08
C GLU E 401 16.99 43.08 21.97
N VAL E 402 17.02 42.49 20.79
CA VAL E 402 16.40 43.10 19.62
C VAL E 402 15.25 42.26 19.09
N MET E 403 15.05 41.12 19.72
CA MET E 403 14.17 40.07 19.21
C MET E 403 12.73 40.25 19.61
N SER E 404 12.54 40.96 20.71
CA SER E 404 11.24 41.13 21.30
C SER E 404 10.35 41.93 20.35
N ARG E 405 11.02 42.77 19.56
CA ARG E 405 10.36 43.82 18.79
C ARG E 405 9.79 43.40 17.44
N VAL E 406 10.45 42.47 16.78
CA VAL E 406 9.95 41.92 15.52
C VAL E 406 9.13 40.65 15.73
N LYS E 407 8.25 40.39 14.77
CA LYS E 407 7.41 39.21 14.75
C LYS E 407 8.03 38.21 13.77
N PRO E 408 8.78 37.23 14.29
CA PRO E 408 9.31 36.22 13.40
C PRO E 408 8.32 35.08 13.22
N GLY E 409 8.45 34.42 12.06
CA GLY E 409 7.66 33.25 11.72
C GLY E 409 8.11 32.10 12.57
N GLY E 410 9.38 32.12 12.97
CA GLY E 410 9.92 31.12 13.91
C GLY E 410 11.16 31.65 14.58
N PHE E 411 11.34 31.31 15.86
CA PHE E 411 12.56 31.64 16.58
C PHE E 411 12.98 30.42 17.38
N LEU E 412 14.13 29.84 16.97
CA LEU E 412 14.73 28.66 17.58
C LEU E 412 16.00 29.00 18.35
N CYS E 413 15.97 28.91 19.68
CA CYS E 413 17.17 29.23 20.45
C CYS E 413 17.61 28.11 21.41
N HIS E 414 18.61 28.38 22.25
CA HIS E 414 19.10 27.38 23.18
C HIS E 414 18.06 27.06 24.23
N GLY E 415 17.87 25.77 24.48
CA GLY E 415 17.03 25.32 25.60
C GLY E 415 17.87 25.17 26.85
N TYR E 416 17.41 24.32 27.76
CA TYR E 416 18.10 24.16 29.04
C TYR E 416 19.54 23.64 28.92
N LEU E 417 19.85 22.99 27.80
CA LEU E 417 21.14 22.34 27.69
C LEU E 417 22.25 23.34 27.46
N ASN E 418 21.92 24.41 26.75
CA ASN E 418 22.92 25.39 26.36
C ASN E 418 24.15 24.75 25.70
N SER E 419 23.94 23.80 24.77
CA SER E 419 25.03 23.21 23.97
C SER E 419 25.40 24.03 22.72
N MET E 420 26.59 24.60 22.70
CA MET E 420 27.14 25.33 21.54
C MET E 420 27.35 24.47 20.27
N GLY E 421 26.93 24.99 19.11
CA GLY E 421 27.18 24.31 17.82
C GLY E 421 25.98 23.61 17.19
N VAL E 422 24.95 23.38 18.02
CA VAL E 422 23.71 22.70 17.62
C VAL E 422 22.89 23.54 16.63
N GLY E 423 23.32 24.81 16.45
CA GLY E 423 22.81 25.74 15.43
C GLY E 423 22.70 25.24 14.00
N PHE E 424 23.81 24.84 13.38
CA PHE E 424 23.76 24.24 12.02
C PHE E 424 22.76 23.09 11.89
N GLY E 425 22.87 22.10 12.77
CA GLY E 425 21.92 20.98 12.69
C GLY E 425 20.49 21.52 12.67
N THR E 426 20.11 22.16 13.77
CA THR E 426 18.76 22.69 13.93
C THR E 426 18.37 23.63 12.79
N ALA E 427 19.24 24.56 12.41
CA ALA E 427 18.87 25.57 11.42
C ALA E 427 18.68 25.01 10.03
N LEU E 428 19.46 23.98 9.71
CA LEU E 428 19.40 23.30 8.42
C LEU E 428 18.04 22.63 8.27
N GLY E 429 17.73 21.74 9.20
CA GLY E 429 16.41 21.16 9.30
C GLY E 429 15.30 22.18 9.40
N ALA E 430 15.60 23.35 9.95
CA ALA E 430 14.59 24.39 10.06
C ALA E 430 14.20 24.90 8.67
N GLN E 431 15.19 25.03 7.80
CA GLN E 431 14.98 25.54 6.46
C GLN E 431 14.15 24.55 5.67
N VAL E 432 14.28 23.27 6.02
CA VAL E 432 13.63 22.26 5.22
C VAL E 432 12.18 22.27 5.58
N ALA E 433 11.88 22.56 6.83
CA ALA E 433 10.48 22.75 7.21
C ALA E 433 9.96 24.07 6.68
N ASP E 434 10.85 25.04 6.47
CA ASP E 434 10.44 26.36 6.06
C ASP E 434 10.17 26.49 4.57
N LEU E 435 10.63 25.51 3.79
CA LEU E 435 10.46 25.58 2.35
C LEU E 435 8.99 25.55 1.92
N GLU E 436 8.20 24.72 2.59
CA GLU E 436 6.78 24.67 2.27
C GLU E 436 6.00 25.94 2.63
N ALA E 437 6.24 26.53 3.80
CA ALA E 437 5.67 27.86 4.18
C ALA E 437 6.31 29.02 3.39
N GLY E 438 7.35 28.71 2.63
CA GLY E 438 8.04 29.71 1.85
C GLY E 438 8.98 30.58 2.64
N ARG E 439 8.98 30.43 3.97
CA ARG E 439 9.85 31.20 4.90
C ARG E 439 11.33 30.91 4.68
N ARG E 440 12.20 31.89 4.94
CA ARG E 440 13.63 31.63 4.80
C ARG E 440 14.31 31.62 6.16
N THR E 441 15.39 30.85 6.28
CA THR E 441 16.03 30.68 7.58
C THR E 441 17.37 31.42 7.69
N ILE E 442 17.57 32.12 8.81
CA ILE E 442 18.85 32.73 9.14
C ILE E 442 19.35 32.19 10.47
N LEU E 443 20.60 31.75 10.46
CA LEU E 443 21.28 31.28 11.64
C LEU E 443 22.23 32.37 12.13
N VAL E 444 21.99 32.90 13.32
CA VAL E 444 22.96 33.82 13.97
C VAL E 444 23.81 33.01 14.98
N THR E 445 25.06 32.72 14.61
CA THR E 445 25.91 31.86 15.39
C THR E 445 27.23 32.52 15.82
N GLY E 446 27.94 31.90 16.74
CA GLY E 446 29.24 32.45 17.15
C GLY E 446 30.41 31.85 16.38
N ASP E 447 31.60 32.43 16.54
CA ASP E 447 32.78 31.90 15.85
C ASP E 447 33.18 30.53 16.42
N GLY E 448 32.81 30.29 17.68
CA GLY E 448 33.07 28.98 18.28
C GLY E 448 32.10 27.93 17.80
N SER E 449 30.82 28.29 17.75
CA SER E 449 29.79 27.30 17.51
C SER E 449 29.70 26.84 16.06
N VAL E 450 30.23 27.63 15.13
CA VAL E 450 30.16 27.24 13.72
C VAL E 450 31.17 26.11 13.51
N GLY E 451 32.22 26.12 14.32
CA GLY E 451 33.31 25.17 14.23
C GLY E 451 32.92 23.73 14.48
N TYR E 452 31.79 23.55 15.14
CA TYR E 452 31.33 22.23 15.56
C TYR E 452 30.88 21.42 14.36
N SER E 453 30.07 22.03 13.49
CA SER E 453 29.57 21.33 12.31
C SER E 453 29.93 22.09 11.05
N ILE E 454 31.12 22.66 10.96
CA ILE E 454 31.43 23.55 9.84
C ILE E 454 31.36 22.84 8.52
N GLY E 455 31.45 21.54 8.54
CA GLY E 455 31.33 20.83 7.31
C GLY E 455 29.91 20.74 6.83
N GLU E 456 28.95 21.40 7.48
CA GLU E 456 27.56 21.28 7.00
C GLU E 456 27.27 22.18 5.82
N PHE E 457 28.20 23.10 5.56
CA PHE E 457 28.17 23.87 4.31
C PHE E 457 28.09 22.93 3.12
N ASP E 458 28.73 21.77 3.24
CA ASP E 458 28.63 20.73 2.20
C ASP E 458 27.20 20.22 2.01
N THR E 459 26.50 19.96 3.09
CA THR E 459 25.13 19.49 3.01
C THR E 459 24.25 20.60 2.45
N LEU E 460 24.57 21.85 2.82
CA LEU E 460 23.86 23.02 2.29
C LEU E 460 23.87 23.08 0.77
N VAL E 461 25.02 22.78 0.19
CA VAL E 461 25.20 22.84 -1.25
C VAL E 461 24.58 21.62 -1.97
N ARG E 462 24.92 20.41 -1.53
CA ARG E 462 24.45 19.19 -2.20
C ARG E 462 22.95 19.13 -2.13
N LYS E 463 22.37 19.74 -1.10
CA LYS E 463 20.97 19.61 -0.87
C LYS E 463 20.18 20.86 -1.24
N GLN E 464 20.87 21.86 -1.80
CA GLN E 464 20.19 23.05 -2.34
C GLN E 464 19.42 23.85 -1.27
N LEU E 465 19.99 24.04 -0.08
CA LEU E 465 19.28 24.70 1.02
C LEU E 465 19.75 26.12 1.24
N PRO E 466 18.83 27.09 1.17
CA PRO E 466 19.26 28.48 1.09
C PRO E 466 19.38 29.16 2.45
N LEU E 467 19.99 28.45 3.39
CA LEU E 467 20.26 28.95 4.73
C LEU E 467 21.40 29.98 4.75
N ILE E 468 21.18 31.09 5.43
CA ILE E 468 22.25 32.05 5.65
C ILE E 468 22.79 31.90 7.05
N VAL E 469 24.11 31.76 7.14
CA VAL E 469 24.81 31.55 8.40
C VAL E 469 25.59 32.82 8.70
N ILE E 470 25.13 33.58 9.70
CA ILE E 470 25.84 34.76 10.18
C ILE E 470 26.68 34.41 11.41
N ILE E 471 28.00 34.44 11.23
CA ILE E 471 28.94 34.26 12.31
C ILE E 471 29.31 35.62 12.90
N MET E 472 28.95 35.84 14.15
CA MET E 472 29.42 37.00 14.87
C MET E 472 30.79 36.61 15.39
N ASN E 473 31.83 36.76 14.57
CA ASN E 473 33.21 36.43 14.95
C ASN E 473 33.79 37.44 15.97
N ASN E 474 33.96 37.02 17.24
CA ASN E 474 34.75 37.83 18.17
C ASN E 474 36.10 37.21 18.56
N GLN E 475 36.63 36.41 17.65
CA GLN E 475 37.95 35.80 17.81
C GLN E 475 38.07 34.98 19.09
N SER E 476 36.93 34.49 19.60
CA SER E 476 36.89 33.69 20.82
C SER E 476 35.56 32.98 21.14
N TRP E 477 35.69 31.95 21.98
CA TRP E 477 34.62 31.45 22.82
C TRP E 477 34.26 32.58 23.78
N GLY E 478 33.40 33.47 23.30
CA GLY E 478 33.07 34.71 23.99
C GLY E 478 32.59 34.65 25.42
N TRP E 479 31.49 33.96 25.68
CA TRP E 479 30.92 33.92 27.02
C TRP E 479 31.91 33.37 28.07
N THR E 480 32.68 32.35 27.69
CA THR E 480 33.60 31.75 28.64
C THR E 480 34.85 32.58 28.88
N LEU E 481 35.28 33.34 27.87
CA LEU E 481 36.41 34.26 28.07
C LEU E 481 36.05 35.37 29.07
N HIS E 482 34.82 35.87 28.96
CA HIS E 482 34.26 36.84 29.88
C HIS E 482 34.20 36.30 31.30
N PHE E 483 33.93 35.00 31.43
CA PHE E 483 33.88 34.39 32.75
C PHE E 483 35.26 34.42 33.40
N GLN E 484 36.27 34.10 32.62
CA GLN E 484 37.62 34.01 33.16
C GLN E 484 38.13 35.34 33.70
N GLN E 485 37.67 36.44 33.13
CA GLN E 485 38.20 37.69 33.58
C GLN E 485 37.31 38.41 34.58
N LEU E 486 36.00 38.25 34.44
CA LEU E 486 35.01 38.85 35.36
C LEU E 486 34.75 38.07 36.65
N ALA E 487 34.99 36.76 36.61
CA ALA E 487 34.77 35.90 37.78
C ALA E 487 36.06 35.35 38.39
N VAL E 488 37.19 35.46 37.66
CA VAL E 488 38.46 34.95 38.16
C VAL E 488 39.52 36.02 38.25
N GLY E 489 40.02 36.51 37.11
CA GLY E 489 41.09 37.52 37.09
C GLY E 489 41.50 38.02 35.70
N PRO E 490 41.86 39.32 35.59
CA PRO E 490 42.08 39.99 34.30
C PRO E 490 43.22 39.38 33.46
N ASN E 491 44.32 38.98 34.08
CA ASN E 491 45.44 38.48 33.31
C ASN E 491 45.39 36.96 33.11
N ARG E 492 44.47 36.28 33.76
CA ARG E 492 44.39 34.81 33.66
C ARG E 492 43.28 34.16 32.79
N VAL E 493 43.52 34.21 31.48
CA VAL E 493 42.59 33.84 30.41
C VAL E 493 43.21 32.71 29.58
N THR E 494 42.71 31.50 29.69
CA THR E 494 43.32 30.41 28.90
C THR E 494 42.35 29.49 28.20
N GLY E 495 42.77 28.96 27.05
CA GLY E 495 41.97 28.00 26.33
C GLY E 495 40.69 28.58 25.76
N THR E 496 40.54 29.90 25.81
CA THR E 496 39.32 30.56 25.30
C THR E 496 39.47 31.44 24.06
N ARG E 497 40.71 31.76 23.64
CA ARG E 497 40.88 32.58 22.44
C ARG E 497 40.88 31.75 21.15
N LEU E 498 40.20 32.29 20.13
CA LEU E 498 40.05 31.63 18.82
C LEU E 498 40.53 32.54 17.68
N GLU E 499 41.84 32.78 17.62
CA GLU E 499 42.36 33.83 16.74
C GLU E 499 42.98 33.32 15.46
N ASN E 500 42.24 32.42 14.81
CA ASN E 500 42.63 31.82 13.55
C ASN E 500 41.43 31.39 12.67
N GLY E 501 41.63 31.39 11.34
CA GLY E 501 40.65 30.82 10.37
C GLY E 501 39.66 31.76 9.66
N SER E 502 39.67 31.72 8.32
CA SER E 502 38.67 32.39 7.53
C SER E 502 37.54 31.44 7.37
N TYR E 503 36.47 31.70 8.11
CA TYR E 503 35.26 30.89 8.02
C TYR E 503 34.60 31.10 6.70
N HIS E 504 34.62 32.35 6.23
CA HIS E 504 34.08 32.68 4.92
C HIS E 504 34.86 31.92 3.87
N GLY E 505 36.17 31.77 4.11
CA GLY E 505 37.02 30.93 3.30
C GLY E 505 36.62 29.46 3.28
N VAL E 506 36.20 28.93 4.43
CA VAL E 506 35.81 27.52 4.51
C VAL E 506 34.53 27.29 3.74
N ALA E 507 33.58 28.20 3.90
CA ALA E 507 32.27 28.03 3.29
C ALA E 507 32.40 28.04 1.77
N ALA E 508 33.32 28.90 1.32
CA ALA E 508 33.60 29.09 -0.09
C ALA E 508 34.22 27.85 -0.71
N ALA E 509 35.06 27.15 0.06
CA ALA E 509 35.70 25.92 -0.42
C ALA E 509 34.72 24.76 -0.55
N PHE E 510 33.57 24.88 0.12
CA PHE E 510 32.46 23.93 0.02
C PHE E 510 31.42 24.29 -1.04
N GLY E 511 31.58 25.46 -1.66
CA GLY E 511 30.69 25.86 -2.74
C GLY E 511 29.68 26.93 -2.39
N ALA E 512 29.65 27.38 -1.14
CA ALA E 512 28.63 28.34 -0.72
C ALA E 512 29.19 29.73 -0.81
N ASP E 513 28.29 30.71 -0.95
CA ASP E 513 28.61 32.15 -1.04
C ASP E 513 29.34 32.66 0.22
N GLY E 514 30.51 33.26 0.04
CA GLY E 514 31.30 33.76 1.17
C GLY E 514 31.35 35.28 1.20
N TYR E 515 31.01 35.87 2.34
CA TYR E 515 31.12 37.32 2.51
C TYR E 515 31.93 37.67 3.77
N HIS E 516 32.88 38.61 3.66
CA HIS E 516 33.62 39.13 4.80
C HIS E 516 33.33 40.60 5.06
N VAL E 517 32.79 40.88 6.24
CA VAL E 517 32.30 42.20 6.62
C VAL E 517 32.71 42.55 8.03
N ASP E 518 32.80 43.84 8.33
CA ASP E 518 33.51 44.29 9.53
C ASP E 518 32.95 45.57 10.15
N SER E 519 32.37 46.45 9.34
CA SER E 519 31.69 47.63 9.87
C SER E 519 30.17 47.43 9.77
N VAL E 520 29.39 48.38 10.27
CA VAL E 520 27.92 48.34 10.17
C VAL E 520 27.42 48.28 8.74
N GLU E 521 27.96 49.15 7.87
CA GLU E 521 27.46 49.23 6.50
C GLU E 521 27.77 47.98 5.70
N SER E 522 28.97 47.41 5.89
CA SER E 522 29.42 46.22 5.15
C SER E 522 28.44 45.10 5.30
N PHE E 523 28.03 44.93 6.54
CA PHE E 523 27.19 43.83 6.97
C PHE E 523 25.79 43.90 6.40
N SER E 524 25.19 45.09 6.49
CA SER E 524 23.81 45.25 6.10
C SER E 524 23.68 45.07 4.61
N ALA E 525 24.76 45.40 3.91
CA ALA E 525 24.86 45.23 2.46
C ALA E 525 24.84 43.75 2.10
N ALA E 526 25.68 42.99 2.80
CA ALA E 526 25.89 41.58 2.49
C ALA E 526 24.67 40.79 2.87
N LEU E 527 23.98 41.21 3.92
CA LEU E 527 22.79 40.50 4.35
C LEU E 527 21.65 40.64 3.32
N ALA E 528 21.40 41.87 2.85
CA ALA E 528 20.32 42.11 1.87
C ALA E 528 20.65 41.47 0.52
N GLN E 529 21.95 41.40 0.22
CA GLN E 529 22.48 40.71 -0.95
C GLN E 529 22.14 39.22 -0.93
N ALA E 530 22.51 38.55 0.16
CA ALA E 530 22.40 37.09 0.26
C ALA E 530 20.93 36.70 0.35
N LEU E 531 20.12 37.64 0.82
CA LEU E 531 18.68 37.44 0.88
C LEU E 531 18.01 37.52 -0.49
N ALA E 532 18.55 38.36 -1.38
CA ALA E 532 18.04 38.41 -2.75
C ALA E 532 18.30 37.08 -3.47
N HIS E 533 19.44 36.47 -3.19
CA HIS E 533 19.77 35.20 -3.83
C HIS E 533 19.17 34.02 -3.08
N ASN E 534 18.65 33.08 -3.85
CA ASN E 534 18.06 31.85 -3.35
C ASN E 534 19.15 30.77 -3.18
N ARG E 535 20.29 31.20 -2.66
CA ARG E 535 21.47 30.36 -2.57
C ARG E 535 22.14 30.54 -1.21
N PRO E 536 22.56 29.42 -0.60
CA PRO E 536 23.16 29.28 0.74
C PRO E 536 24.37 30.13 0.91
N ALA E 537 24.52 30.73 2.08
CA ALA E 537 25.59 31.70 2.29
C ALA E 537 26.22 31.69 3.70
N CYS E 538 27.44 32.22 3.75
CA CYS E 538 28.16 32.46 4.99
C CYS E 538 28.64 33.89 5.06
N ILE E 539 28.19 34.59 6.10
CA ILE E 539 28.65 35.95 6.36
C ILE E 539 29.49 35.99 7.63
N ASN E 540 30.79 36.18 7.47
CA ASN E 540 31.71 36.27 8.59
C ASN E 540 31.75 37.70 9.13
N VAL E 541 31.08 37.94 10.25
CA VAL E 541 30.98 39.31 10.81
C VAL E 541 32.02 39.58 11.91
N ALA E 542 32.91 40.55 11.69
CA ALA E 542 33.88 40.86 12.72
C ALA E 542 33.24 41.78 13.75
N VAL E 543 33.15 41.31 15.00
CA VAL E 543 32.50 42.08 16.10
C VAL E 543 33.37 42.32 17.34
N ALA E 544 32.93 43.24 18.19
CA ALA E 544 33.65 43.56 19.42
C ALA E 544 33.50 42.46 20.47
N LEU E 545 34.45 42.40 21.41
CA LEU E 545 34.40 41.38 22.47
C LEU E 545 34.04 41.92 23.87
N ASP E 546 34.61 43.09 24.22
CA ASP E 546 34.41 43.81 25.50
C ASP E 546 32.97 43.97 26.00
N PRO E 547 32.04 44.29 25.07
CA PRO E 547 30.72 44.65 25.56
C PRO E 547 30.00 43.48 26.18
N ILE E 548 29.47 43.77 27.36
CA ILE E 548 28.79 42.81 28.17
C ILE E 548 27.30 43.03 27.94
N PRO E 549 26.61 41.99 27.45
CA PRO E 549 25.17 41.99 27.30
C PRO E 549 24.46 42.10 28.65
N PRO E 550 23.25 42.66 28.66
CA PRO E 550 22.47 42.84 29.90
C PRO E 550 22.14 41.51 30.52
N GLU E 551 21.94 40.50 29.68
CA GLU E 551 21.59 39.14 30.12
C GLU E 551 22.72 38.39 30.82
N GLU E 552 23.96 38.65 30.41
CA GLU E 552 25.14 38.06 31.05
C GLU E 552 25.17 38.50 32.51
N LEU E 553 24.74 39.73 32.76
CA LEU E 553 24.80 40.26 34.13
C LEU E 553 23.57 39.92 34.95
N ILE E 554 22.45 39.61 34.30
CA ILE E 554 21.27 39.13 35.01
C ILE E 554 21.50 37.69 35.48
N LEU E 555 22.01 36.86 34.57
CA LEU E 555 22.22 35.45 34.86
C LEU E 555 23.35 35.13 35.85
N ILE E 556 24.34 36.02 35.97
CA ILE E 556 25.43 35.93 36.97
C ILE E 556 24.88 36.25 38.36
N GLY E 557 23.75 36.97 38.36
CA GLY E 557 23.07 37.42 39.57
C GLY E 557 23.34 38.88 39.91
N MET E 558 23.40 39.73 38.89
CA MET E 558 23.71 41.16 39.07
C MET E 558 22.71 42.09 38.38
N ASP E 559 22.69 43.35 38.81
CA ASP E 559 21.92 44.36 38.11
C ASP E 559 22.87 44.96 37.09
N PRO E 560 22.44 45.03 35.81
CA PRO E 560 23.24 45.80 34.86
C PRO E 560 22.68 47.22 34.67
N PHE E 561 21.88 47.72 35.61
CA PHE E 561 21.11 48.94 35.37
C PHE E 561 21.08 49.95 36.53
N ALA E 562 22.06 49.91 37.43
CA ALA E 562 21.90 50.56 38.76
C ALA E 562 22.26 52.05 38.90
N ALA F 1 47.78 27.67 52.46
CA ALA F 1 46.66 28.29 51.67
C ALA F 1 45.39 27.42 51.61
N MET F 2 44.34 28.00 51.04
CA MET F 2 43.09 27.29 50.81
C MET F 2 42.89 27.16 49.32
N ILE F 3 42.61 25.95 48.87
CA ILE F 3 42.55 25.63 47.46
C ILE F 3 41.15 25.18 47.06
N THR F 4 40.93 25.04 45.76
CA THR F 4 39.60 24.67 45.28
C THR F 4 39.61 23.27 44.77
N GLY F 5 38.44 22.65 44.80
CA GLY F 5 38.27 21.30 44.25
C GLY F 5 38.93 21.11 42.90
N GLY F 6 38.94 22.18 42.11
CA GLY F 6 39.60 22.19 40.82
C GLY F 6 41.09 21.95 40.93
N GLU F 7 41.74 22.67 41.85
CA GLU F 7 43.15 22.50 42.15
C GLU F 7 43.47 21.08 42.59
N LEU F 8 42.66 20.57 43.48
CA LEU F 8 42.83 19.23 44.01
C LEU F 8 42.87 18.15 42.94
N VAL F 9 41.99 18.27 41.92
CA VAL F 9 42.01 17.45 40.71
C VAL F 9 43.39 17.49 40.04
N VAL F 10 43.82 18.68 39.63
CA VAL F 10 45.07 18.88 38.90
C VAL F 10 46.26 18.33 39.70
N ARG F 11 46.33 18.69 40.97
CA ARG F 11 47.41 18.20 41.86
C ARG F 11 47.47 16.67 41.85
N THR F 12 46.31 16.01 42.01
CA THR F 12 46.24 14.53 41.96
C THR F 12 46.70 13.96 40.60
N LEU F 13 46.27 14.56 39.50
CA LEU F 13 46.78 14.17 38.17
C LEU F 13 48.32 14.22 38.04
N ILE F 14 48.92 15.27 38.60
CA ILE F 14 50.36 15.47 38.48
C ILE F 14 51.13 14.33 39.16
N LYS F 15 50.71 13.97 40.39
CA LYS F 15 51.29 12.84 41.15
C LYS F 15 51.17 11.50 40.42
N ALA F 16 50.11 11.34 39.63
CA ALA F 16 49.94 10.19 38.72
C ALA F 16 50.92 10.20 37.55
N GLY F 17 51.21 11.38 37.00
CA GLY F 17 52.21 11.55 35.94
C GLY F 17 51.64 12.12 34.65
N VAL F 18 50.55 12.85 34.78
CA VAL F 18 49.81 13.31 33.62
C VAL F 18 50.45 14.58 33.15
N GLU F 19 50.77 14.61 31.87
CA GLU F 19 51.48 15.73 31.33
C GLU F 19 50.65 16.49 30.33
N HIS F 20 49.53 15.89 29.93
CA HIS F 20 48.69 16.54 28.95
C HIS F 20 47.20 16.23 29.20
N LEU F 21 46.36 17.24 29.05
CA LEU F 21 44.94 17.02 28.99
C LEU F 21 44.46 17.44 27.61
N PHE F 22 43.37 16.83 27.16
CA PHE F 22 42.66 17.28 25.99
C PHE F 22 41.28 17.66 26.47
N GLY F 23 40.78 18.81 26.02
CA GLY F 23 39.47 19.25 26.48
C GLY F 23 38.92 20.42 25.72
N LEU F 24 37.86 21.00 26.26
CA LEU F 24 37.22 22.14 25.65
C LEU F 24 36.49 22.95 26.71
N HIS F 25 36.88 24.23 26.84
CA HIS F 25 36.50 25.02 28.01
C HIS F 25 35.04 25.37 28.15
N GLY F 26 34.54 25.23 29.38
CA GLY F 26 33.26 25.77 29.83
C GLY F 26 33.41 26.21 31.30
N ILE F 27 32.63 27.19 31.73
CA ILE F 27 32.72 27.74 33.09
C ILE F 27 32.64 26.71 34.22
N HIS F 28 31.98 25.58 33.94
CA HIS F 28 31.76 24.52 34.94
C HIS F 28 33.00 23.73 35.27
N ILE F 29 33.99 23.79 34.39
CA ILE F 29 35.25 23.12 34.66
C ILE F 29 36.41 24.10 34.72
N ASP F 30 36.12 25.38 34.85
CA ASP F 30 37.18 26.34 34.68
C ASP F 30 38.23 26.23 35.80
N THR F 31 37.82 25.71 36.95
CA THR F 31 38.74 25.65 38.10
C THR F 31 39.89 24.68 37.79
N ILE F 32 39.64 23.70 36.92
CA ILE F 32 40.73 22.84 36.43
C ILE F 32 41.61 23.63 35.47
N PHE F 33 40.99 24.46 34.63
CA PHE F 33 41.75 25.22 33.64
C PHE F 33 42.70 26.18 34.34
N GLN F 34 42.20 26.83 35.39
CA GLN F 34 43.01 27.75 36.15
C GLN F 34 44.14 27.03 36.85
N ALA F 35 43.85 25.86 37.38
CA ALA F 35 44.85 25.08 38.08
C ALA F 35 45.93 24.51 37.15
N CYS F 36 45.57 24.23 35.90
CA CYS F 36 46.54 23.67 34.96
C CYS F 36 47.50 24.71 34.45
N LEU F 37 46.97 25.90 34.28
CA LEU F 37 47.75 27.01 33.88
C LEU F 37 48.81 27.25 34.96
N ASP F 38 48.41 27.18 36.23
CA ASP F 38 49.32 27.39 37.38
C ASP F 38 50.48 26.41 37.34
N HIS F 39 50.20 25.19 36.86
CA HIS F 39 51.21 24.14 36.88
C HIS F 39 51.79 23.83 35.50
N ASP F 40 51.66 24.78 34.57
CA ASP F 40 52.24 24.62 33.24
C ASP F 40 51.95 23.27 32.60
N VAL F 41 50.82 22.67 32.96
CA VAL F 41 50.36 21.49 32.24
C VAL F 41 49.38 21.89 31.16
N PRO F 42 49.76 21.67 29.91
CA PRO F 42 48.98 22.18 28.80
C PRO F 42 47.66 21.45 28.62
N ILE F 43 46.64 22.21 28.27
CA ILE F 43 45.39 21.65 27.80
C ILE F 43 45.23 21.96 26.32
N ILE F 44 45.29 20.92 25.49
CA ILE F 44 45.03 21.06 24.07
C ILE F 44 43.53 21.17 23.92
N ASP F 45 43.08 22.36 23.53
CA ASP F 45 41.66 22.61 23.33
C ASP F 45 41.24 22.50 21.86
N THR F 46 40.26 21.66 21.61
CA THR F 46 39.86 21.33 20.25
C THR F 46 38.66 22.14 19.88
N ARG F 47 38.05 21.82 18.74
CA ARG F 47 36.87 22.54 18.27
C ARG F 47 35.57 21.77 18.43
N HIS F 48 35.66 20.56 18.99
CA HIS F 48 34.50 19.72 19.28
C HIS F 48 34.88 18.88 20.48
N GLU F 49 33.95 18.58 21.38
CA GLU F 49 34.37 17.78 22.54
C GLU F 49 34.81 16.40 22.14
N ALA F 50 34.30 15.89 21.03
CA ALA F 50 34.54 14.53 20.63
C ALA F 50 35.98 14.45 20.20
N ALA F 51 36.43 15.43 19.46
CA ALA F 51 37.80 15.38 18.98
C ALA F 51 38.77 15.40 20.14
N ALA F 52 38.37 16.02 21.26
CA ALA F 52 39.22 16.04 22.45
C ALA F 52 39.25 14.66 23.07
N GLY F 53 38.08 14.03 23.10
CA GLY F 53 37.98 12.65 23.58
C GLY F 53 38.83 11.69 22.76
N HIS F 54 38.72 11.77 21.43
CA HIS F 54 39.44 10.86 20.56
C HIS F 54 40.90 11.12 20.66
N ALA F 55 41.25 12.39 20.87
CA ALA F 55 42.63 12.83 20.95
C ALA F 55 43.24 12.21 22.15
N ALA F 56 42.43 12.02 23.19
CA ALA F 56 42.90 11.37 24.41
C ALA F 56 43.11 9.92 24.17
N GLU F 57 42.22 9.28 23.40
CA GLU F 57 42.45 7.91 22.94
C GLU F 57 43.80 7.76 22.23
N GLY F 58 44.09 8.64 21.28
CA GLY F 58 45.36 8.55 20.53
C GLY F 58 46.58 8.79 21.40
N TYR F 59 46.45 9.72 22.33
CA TYR F 59 47.54 10.00 23.23
C TYR F 59 47.77 8.75 24.07
N ALA F 60 46.69 8.09 24.47
CA ALA F 60 46.77 6.93 25.35
C ALA F 60 47.35 5.77 24.59
N ARG F 61 46.97 5.67 23.32
CA ARG F 61 47.36 4.54 22.51
C ARG F 61 48.81 4.66 22.07
N ALA F 62 49.13 5.80 21.47
CA ALA F 62 50.44 5.96 20.84
C ALA F 62 51.50 6.20 21.89
N GLY F 63 51.11 6.72 23.04
CA GLY F 63 52.05 6.96 24.15
C GLY F 63 52.24 5.76 25.06
N ALA F 64 51.23 4.87 25.05
CA ALA F 64 51.15 3.70 25.91
C ALA F 64 51.09 4.11 27.38
N LYS F 65 50.28 5.13 27.64
CA LYS F 65 50.07 5.61 28.99
C LYS F 65 48.60 5.97 29.09
N LEU F 66 48.23 6.60 30.20
CA LEU F 66 46.88 7.09 30.43
C LEU F 66 46.67 8.41 29.72
N GLY F 67 45.48 8.58 29.14
CA GLY F 67 45.13 9.84 28.47
C GLY F 67 43.99 10.49 29.23
N VAL F 68 44.00 11.80 29.34
CA VAL F 68 42.96 12.45 30.10
C VAL F 68 42.16 13.33 29.15
N ALA F 69 40.84 13.28 29.34
CA ALA F 69 39.90 14.09 28.58
C ALA F 69 39.08 14.91 29.54
N LEU F 70 38.92 16.18 29.25
CA LEU F 70 38.20 17.10 30.15
C LEU F 70 37.11 17.83 29.40
N VAL F 71 35.86 17.51 29.72
CA VAL F 71 34.75 18.15 29.05
C VAL F 71 33.82 18.79 30.05
N THR F 72 33.11 19.81 29.57
CA THR F 72 32.26 20.61 30.45
C THR F 72 30.92 19.94 30.74
N ALA F 73 30.05 20.60 31.47
CA ALA F 73 28.79 19.98 31.78
C ALA F 73 27.85 19.93 30.57
N GLY F 74 26.98 18.93 30.55
CA GLY F 74 25.85 18.94 29.64
C GLY F 74 26.23 18.54 28.26
N GLY F 75 26.22 19.47 27.33
CA GLY F 75 26.57 19.17 25.96
C GLY F 75 28.00 18.70 25.91
N GLY F 76 28.78 19.16 26.88
CA GLY F 76 30.21 18.83 26.94
C GLY F 76 30.41 17.34 27.07
N PHE F 77 29.67 16.75 28.01
CA PHE F 77 29.66 15.32 28.19
C PHE F 77 29.02 14.63 26.98
N THR F 78 27.80 14.99 26.62
CA THR F 78 27.16 14.21 25.58
C THR F 78 27.91 14.24 24.25
N ASN F 79 28.62 15.33 23.99
CA ASN F 79 29.43 15.42 22.78
C ASN F 79 30.62 14.45 22.85
N ALA F 80 30.89 13.97 24.05
CA ALA F 80 32.09 13.22 24.31
C ALA F 80 31.80 11.73 24.34
N VAL F 81 30.55 11.38 24.03
CA VAL F 81 30.15 9.98 24.21
C VAL F 81 30.80 9.03 23.22
N THR F 82 30.95 9.42 21.97
CA THR F 82 31.56 8.50 21.00
C THR F 82 33.01 8.09 21.40
N PRO F 83 33.82 9.04 21.88
CA PRO F 83 35.13 8.66 22.38
C PRO F 83 35.09 7.73 23.58
N ILE F 84 34.15 7.96 24.51
CA ILE F 84 33.99 7.04 25.65
C ILE F 84 33.66 5.64 25.17
N ALA F 85 32.67 5.54 24.28
CA ALA F 85 32.23 4.25 23.80
C ALA F 85 33.35 3.59 23.04
N ASN F 86 34.07 4.37 22.22
CA ASN F 86 35.13 3.82 21.37
C ASN F 86 36.26 3.23 22.20
N ALA F 87 36.72 4.02 23.17
CA ALA F 87 37.73 3.58 24.13
C ALA F 87 37.29 2.32 24.86
N TRP F 88 35.99 2.20 25.12
CA TRP F 88 35.42 1.04 25.79
C TRP F 88 35.72 -0.24 25.04
N LEU F 89 35.43 -0.24 23.72
CA LEU F 89 35.57 -1.43 22.86
C LEU F 89 37.01 -1.74 22.41
N ASP F 90 37.76 -0.69 22.08
CA ASP F 90 39.16 -0.78 21.71
C ASP F 90 40.00 -1.10 22.91
N ARG F 91 39.42 -1.00 24.12
CA ARG F 91 40.11 -1.18 25.43
C ARG F 91 41.29 -0.25 25.59
N THR F 92 41.01 1.04 25.70
CA THR F 92 42.00 2.14 25.74
C THR F 92 41.87 2.91 27.04
N PRO F 93 42.94 2.98 27.81
CA PRO F 93 42.93 3.64 29.15
C PRO F 93 42.86 5.19 29.10
N VAL F 94 41.64 5.74 29.27
CA VAL F 94 41.40 7.17 29.17
C VAL F 94 40.50 7.58 30.32
N LEU F 95 40.99 8.48 31.17
CA LEU F 95 40.17 9.09 32.22
C LEU F 95 39.43 10.27 31.66
N PHE F 96 38.11 10.25 31.80
CA PHE F 96 37.21 11.29 31.30
C PHE F 96 36.71 12.07 32.47
N LEU F 97 37.14 13.32 32.51
CA LEU F 97 36.81 14.24 33.57
C LEU F 97 35.69 15.10 33.03
N THR F 98 34.49 14.96 33.60
CA THR F 98 33.39 15.83 33.21
C THR F 98 32.87 16.76 34.34
N GLY F 99 32.46 17.97 33.98
CA GLY F 99 31.80 18.81 34.96
C GLY F 99 30.34 18.44 34.91
N SER F 100 29.58 18.81 35.93
CA SER F 100 28.13 18.75 35.83
C SER F 100 27.59 19.91 36.66
N GLY F 101 26.26 20.01 36.77
CA GLY F 101 25.63 21.06 37.57
C GLY F 101 26.04 21.06 39.02
N ALA F 102 25.85 22.18 39.68
CA ALA F 102 26.08 22.29 41.12
C ALA F 102 25.12 21.39 41.89
N LEU F 103 25.63 20.78 42.96
CA LEU F 103 24.80 19.90 43.77
C LEU F 103 23.69 20.67 44.48
N ARG F 104 24.01 21.85 44.98
CA ARG F 104 23.00 22.72 45.60
C ARG F 104 22.01 23.31 44.59
N ASP F 105 22.34 23.26 43.31
CA ASP F 105 21.42 23.71 42.26
C ASP F 105 20.68 22.52 41.59
N ASP F 106 20.55 21.43 42.33
CA ASP F 106 20.04 20.17 41.84
C ASP F 106 18.53 20.22 41.67
N GLU F 107 18.05 19.64 40.56
CA GLU F 107 16.63 19.58 40.15
C GLU F 107 15.93 20.97 40.07
N THR F 108 16.49 21.88 39.27
CA THR F 108 15.97 23.23 39.15
C THR F 108 15.99 23.76 37.72
N ASN F 109 16.20 22.89 36.74
CA ASN F 109 16.15 23.30 35.33
C ASN F 109 17.23 24.36 34.97
N THR F 110 18.43 24.20 35.51
CA THR F 110 19.53 25.16 35.27
C THR F 110 20.28 24.78 33.99
N LEU F 111 21.15 25.70 33.54
CA LEU F 111 21.90 25.56 32.28
C LEU F 111 22.93 24.45 32.35
N GLN F 112 23.01 23.70 31.24
CA GLN F 112 23.90 22.55 31.05
C GLN F 112 23.62 21.44 32.07
N ALA F 113 22.56 21.57 32.85
CA ALA F 113 22.33 20.63 33.94
C ALA F 113 21.17 19.68 33.66
N GLY F 114 21.07 18.63 34.47
CA GLY F 114 19.91 17.78 34.45
C GLY F 114 19.97 16.48 33.66
N ILE F 115 21.02 16.23 32.89
CA ILE F 115 21.06 14.96 32.17
C ILE F 115 21.96 14.01 32.94
N ASP F 116 21.40 12.90 33.43
CA ASP F 116 22.12 11.88 34.27
C ASP F 116 23.37 11.28 33.59
N GLN F 117 24.47 12.00 33.73
CA GLN F 117 25.72 11.68 33.04
C GLN F 117 26.27 10.32 33.47
N VAL F 118 26.31 10.04 34.77
CA VAL F 118 26.83 8.75 35.20
C VAL F 118 26.06 7.54 34.62
N ALA F 119 24.72 7.62 34.61
CA ALA F 119 23.89 6.52 34.07
C ALA F 119 24.18 6.38 32.59
N MET F 120 24.24 7.53 31.93
CA MET F 120 24.51 7.59 30.50
C MET F 120 25.82 6.93 30.04
N ALA F 121 26.81 6.88 30.93
CA ALA F 121 28.08 6.28 30.59
C ALA F 121 28.27 4.88 31.23
N ALA F 122 27.30 4.45 32.03
CA ALA F 122 27.49 3.24 32.81
C ALA F 122 27.75 2.02 31.95
N PRO F 123 27.00 1.85 30.86
CA PRO F 123 27.23 0.71 30.00
C PRO F 123 28.45 0.83 29.09
N ILE F 124 29.23 1.88 29.25
CA ILE F 124 30.32 2.18 28.35
C ILE F 124 31.66 2.27 29.08
N THR F 125 31.63 2.06 30.39
CA THR F 125 32.75 2.38 31.25
C THR F 125 33.00 1.35 32.32
N LYS F 126 34.29 1.14 32.58
CA LYS F 126 34.79 0.37 33.70
C LYS F 126 34.18 0.90 35.00
N TRP F 127 34.08 2.23 35.10
CA TRP F 127 33.58 2.93 36.30
C TRP F 127 33.06 4.31 35.92
N ALA F 128 31.93 4.70 36.51
CA ALA F 128 31.38 6.04 36.32
C ALA F 128 30.91 6.42 37.69
N HIS F 129 31.28 7.60 38.14
CA HIS F 129 30.93 8.01 39.47
C HIS F 129 30.89 9.50 39.53
N ARG F 130 29.86 10.01 40.20
CA ARG F 130 29.73 11.44 40.44
C ARG F 130 30.27 11.78 41.81
N VAL F 131 31.16 12.76 41.85
CA VAL F 131 31.85 13.18 43.11
C VAL F 131 30.91 13.96 44.05
N MET F 132 30.95 13.63 45.35
CA MET F 132 29.93 14.07 46.33
C MET F 132 30.40 14.99 47.50
N ALA F 133 31.71 15.24 47.55
CA ALA F 133 32.32 16.15 48.53
C ALA F 133 33.70 16.55 48.00
N THR F 134 34.23 17.69 48.42
CA THR F 134 35.43 18.17 47.78
C THR F 134 36.63 17.36 48.20
N GLU F 135 36.54 16.83 49.42
CA GLU F 135 37.59 16.04 50.09
C GLU F 135 37.86 14.75 49.39
N HIS F 136 36.82 14.31 48.69
CA HIS F 136 36.77 13.00 48.05
C HIS F 136 37.60 13.04 46.75
N ILE F 137 37.80 14.23 46.18
CA ILE F 137 38.40 14.38 44.86
C ILE F 137 39.74 13.65 44.70
N PRO F 138 40.69 13.89 45.63
CA PRO F 138 41.98 13.25 45.38
C PRO F 138 41.91 11.73 45.33
N ARG F 139 41.12 11.12 46.21
CA ARG F 139 41.04 9.64 46.25
C ARG F 139 40.13 9.03 45.18
N LEU F 140 39.01 9.68 44.91
CA LEU F 140 38.18 9.36 43.75
C LEU F 140 38.89 9.59 42.39
N VAL F 141 39.82 10.54 42.33
CA VAL F 141 40.60 10.71 41.10
C VAL F 141 41.58 9.55 40.93
N MET F 142 42.38 9.30 41.97
CA MET F 142 43.41 8.28 41.86
C MET F 142 42.78 6.92 41.68
N GLN F 143 41.64 6.71 42.34
CA GLN F 143 40.88 5.45 42.28
C GLN F 143 40.51 5.19 40.84
N ALA F 144 39.99 6.22 40.19
CA ALA F 144 39.62 6.16 38.78
C ALA F 144 40.80 5.78 37.90
N ILE F 145 42.01 6.29 38.21
CA ILE F 145 43.20 6.04 37.38
C ILE F 145 43.55 4.57 37.45
N ARG F 146 43.53 4.04 38.66
CA ARG F 146 43.81 2.64 38.87
C ARG F 146 42.84 1.77 38.09
N ALA F 147 41.57 2.17 38.05
CA ALA F 147 40.58 1.41 37.34
C ALA F 147 40.81 1.50 35.85
N ALA F 148 41.08 2.69 35.31
CA ALA F 148 41.33 2.79 33.86
C ALA F 148 42.58 2.02 33.44
N LEU F 149 43.60 2.03 34.31
CA LEU F 149 44.92 1.43 34.02
C LEU F 149 45.09 -0.09 34.23
N SER F 150 44.29 -0.72 35.07
CA SER F 150 44.34 -2.18 35.16
C SER F 150 43.72 -2.90 33.95
N ALA F 151 44.10 -4.16 33.81
CA ALA F 151 43.66 -4.99 32.68
C ALA F 151 42.23 -5.54 32.87
N PRO F 152 41.38 -5.47 31.83
CA PRO F 152 41.62 -4.85 30.53
C PRO F 152 41.48 -3.36 30.67
N ARG F 153 42.41 -2.63 30.08
CA ARG F 153 42.38 -1.19 30.14
C ARG F 153 41.14 -0.64 29.43
N GLY F 154 40.64 0.48 29.94
CA GLY F 154 39.36 1.01 29.45
C GLY F 154 39.07 2.40 29.96
N PRO F 155 37.95 2.97 29.52
CA PRO F 155 37.50 4.30 29.96
C PRO F 155 36.89 4.31 31.37
N VAL F 156 37.05 5.44 32.08
CA VAL F 156 36.41 5.74 33.37
C VAL F 156 35.92 7.18 33.29
N LEU F 157 34.69 7.39 33.78
CA LEU F 157 34.11 8.70 33.78
C LEU F 157 33.93 9.26 35.17
N LEU F 158 34.52 10.43 35.41
CA LEU F 158 34.43 11.09 36.72
C LEU F 158 33.75 12.43 36.67
N ASP F 159 32.54 12.45 37.22
CA ASP F 159 31.63 13.59 37.13
C ASP F 159 31.85 14.52 38.28
N LEU F 160 32.29 15.74 37.98
CA LEU F 160 32.59 16.70 39.04
C LEU F 160 31.68 17.91 39.07
N PRO F 161 30.66 17.88 39.94
CA PRO F 161 29.72 18.98 40.06
C PRO F 161 30.48 20.29 40.21
N TRP F 162 30.04 21.34 39.52
CA TRP F 162 30.67 22.67 39.56
C TRP F 162 30.82 23.25 40.97
N ASP F 163 29.82 22.89 41.76
CA ASP F 163 29.67 23.15 43.15
C ASP F 163 30.92 22.73 43.91
N ILE F 164 31.44 21.57 43.53
CA ILE F 164 32.44 20.92 44.33
C ILE F 164 33.78 21.30 43.79
N LEU F 165 33.80 21.70 42.52
CA LEU F 165 35.03 22.19 41.91
C LEU F 165 35.45 23.58 42.42
N MET F 166 34.46 24.45 42.53
CA MET F 166 34.69 25.83 42.97
C MET F 166 34.87 25.91 44.46
N ASN F 167 34.15 25.03 45.14
CA ASN F 167 34.26 24.89 46.57
C ASN F 167 35.74 24.87 47.05
N GLN F 168 35.96 25.47 48.21
CA GLN F 168 37.33 25.76 48.64
C GLN F 168 37.65 25.24 50.03
N ILE F 169 38.78 24.56 50.14
CA ILE F 169 39.13 23.87 51.36
C ILE F 169 40.60 24.10 51.76
N ASP F 170 41.00 23.57 52.91
CA ASP F 170 42.37 23.70 53.38
C ASP F 170 43.31 22.64 52.80
N GLU F 171 44.52 23.05 52.39
CA GLU F 171 45.53 22.12 51.86
C GLU F 171 45.87 20.96 52.79
N ASP F 172 45.94 21.25 54.09
CA ASP F 172 46.41 20.29 55.08
C ASP F 172 45.28 19.43 55.58
N SER F 173 44.05 19.89 55.35
CA SER F 173 42.85 19.13 55.66
C SER F 173 42.81 17.78 54.92
N VAL F 174 43.15 17.83 53.62
CA VAL F 174 42.98 16.70 52.67
C VAL F 174 44.34 16.12 52.31
N ILE F 175 44.38 14.88 51.85
CA ILE F 175 45.66 14.18 51.72
C ILE F 175 45.93 13.56 50.33
N ILE F 176 46.59 14.31 49.43
CA ILE F 176 46.79 13.90 48.00
C ILE F 176 47.73 12.71 47.76
N PRO F 177 47.18 11.56 47.39
CA PRO F 177 47.96 10.30 47.38
C PRO F 177 48.83 10.03 46.14
N ASP F 178 49.87 9.22 46.34
CA ASP F 178 50.77 8.79 45.27
C ASP F 178 50.08 7.71 44.49
N LEU F 179 50.52 7.46 43.26
CA LEU F 179 49.95 6.38 42.46
C LEU F 179 50.57 5.03 42.82
N VAL F 180 50.01 4.40 43.86
CA VAL F 180 50.47 3.10 44.33
C VAL F 180 49.79 1.98 43.53
N LEU F 181 50.47 1.48 42.47
CA LEU F 181 49.97 0.39 41.60
C LEU F 181 51.09 -0.35 40.84
N SER F 182 51.15 -1.67 40.95
CA SER F 182 52.24 -2.44 40.32
C SER F 182 52.38 -2.16 38.83
N ALA F 183 53.58 -1.78 38.42
CA ALA F 183 53.86 -1.53 37.00
C ALA F 183 53.87 -2.80 36.14
N HIS F 184 54.02 -3.97 36.77
CA HIS F 184 54.16 -5.27 36.10
C HIS F 184 52.85 -6.03 36.05
N GLY F 185 52.68 -6.91 35.06
CA GLY F 185 51.43 -7.64 34.87
C GLY F 185 51.34 -8.84 35.79
N ALA F 186 50.13 -9.37 36.02
CA ALA F 186 50.00 -10.62 36.77
C ALA F 186 50.35 -11.77 35.84
N ARG F 187 51.00 -12.80 36.37
CA ARG F 187 51.56 -13.86 35.52
C ARG F 187 50.81 -15.18 35.64
N PRO F 188 50.70 -15.92 34.53
CA PRO F 188 50.11 -17.25 34.53
C PRO F 188 50.81 -18.16 35.53
N ASP F 189 50.04 -19.05 36.16
CA ASP F 189 50.59 -20.02 37.08
C ASP F 189 51.64 -20.88 36.38
N PRO F 190 52.82 -21.07 37.01
CA PRO F 190 53.88 -21.92 36.44
C PRO F 190 53.38 -23.24 35.81
N ALA F 191 52.34 -23.82 36.39
CA ALA F 191 51.77 -25.08 35.91
C ALA F 191 51.11 -24.91 34.54
N ASP F 192 50.39 -23.81 34.36
CA ASP F 192 49.67 -23.56 33.12
C ASP F 192 50.63 -23.04 32.06
N LEU F 193 51.66 -22.32 32.51
CA LEU F 193 52.69 -21.77 31.63
C LEU F 193 53.41 -22.92 30.92
N ASP F 194 53.73 -23.96 31.68
CA ASP F 194 54.50 -25.01 31.09
C ASP F 194 53.67 -25.95 30.25
N GLN F 195 52.38 -26.11 30.59
CA GLN F 195 51.44 -26.87 29.78
C GLN F 195 51.34 -26.20 28.43
N ALA F 196 51.44 -24.89 28.43
CA ALA F 196 51.34 -24.13 27.21
C ALA F 196 52.62 -24.23 26.39
N LEU F 197 53.77 -24.21 27.05
CA LEU F 197 55.05 -24.30 26.32
C LEU F 197 55.25 -25.70 25.76
N ALA F 198 54.89 -26.70 26.58
CA ALA F 198 54.86 -28.11 26.18
C ALA F 198 53.99 -28.30 24.95
N LEU F 199 52.84 -27.63 24.92
CA LEU F 199 51.91 -27.69 23.79
C LEU F 199 52.48 -27.07 22.55
N LEU F 200 53.18 -25.95 22.74
CA LEU F 200 53.77 -25.16 21.67
C LEU F 200 54.89 -25.93 20.97
N ARG F 201 55.64 -26.70 21.75
CA ARG F 201 56.81 -27.42 21.29
C ARG F 201 56.38 -28.54 20.35
N LYS F 202 55.32 -29.24 20.74
CA LYS F 202 54.78 -30.34 19.93
C LYS F 202 54.00 -29.86 18.70
N ALA F 203 53.75 -28.56 18.58
CA ALA F 203 53.07 -28.00 17.40
C ALA F 203 53.88 -28.15 16.10
N GLU F 204 53.19 -28.43 14.99
CA GLU F 204 53.87 -28.56 13.70
C GLU F 204 53.83 -27.27 12.88
N ARG F 205 52.73 -26.50 12.99
CA ARG F 205 52.63 -25.18 12.35
C ARG F 205 52.07 -24.13 13.30
N PRO F 206 52.87 -23.74 14.32
CA PRO F 206 52.37 -22.83 15.35
C PRO F 206 52.34 -21.36 14.95
N VAL F 207 51.35 -20.63 15.46
CA VAL F 207 51.18 -19.17 15.26
C VAL F 207 50.85 -18.40 16.56
N ILE F 208 51.21 -17.12 16.58
CA ILE F 208 50.95 -16.26 17.71
C ILE F 208 50.20 -15.05 17.19
N VAL F 209 49.20 -14.58 17.93
CA VAL F 209 48.41 -13.42 17.54
C VAL F 209 48.36 -12.46 18.72
N LEU F 210 48.68 -11.19 18.46
CA LEU F 210 48.62 -10.15 19.50
C LEU F 210 47.42 -9.22 19.36
N GLY F 211 46.80 -8.93 20.51
CA GLY F 211 45.70 -8.00 20.57
C GLY F 211 46.13 -6.68 21.19
N SER F 212 45.13 -5.85 21.50
CA SER F 212 45.36 -4.52 22.01
C SER F 212 46.21 -4.53 23.29
N GLU F 213 46.03 -5.52 24.15
CA GLU F 213 46.67 -5.56 25.45
C GLU F 213 48.21 -5.78 25.43
N ALA F 214 48.70 -6.21 24.27
CA ALA F 214 50.12 -6.44 24.06
C ALA F 214 50.80 -5.09 23.93
N SER F 215 50.08 -4.15 23.30
CA SER F 215 50.55 -2.80 23.05
C SER F 215 50.33 -1.84 24.22
N ARG F 216 49.45 -2.23 25.14
CA ARG F 216 49.14 -1.35 26.26
C ARG F 216 50.25 -1.45 27.28
N THR F 217 50.79 -2.65 27.49
CA THR F 217 51.96 -2.84 28.36
C THR F 217 53.27 -2.62 27.61
N ALA F 218 53.26 -2.92 26.31
CA ALA F 218 54.42 -2.82 25.39
C ALA F 218 55.72 -3.50 25.87
N ARG F 219 55.63 -4.79 26.16
CA ARG F 219 56.76 -5.52 26.69
C ARG F 219 57.60 -6.13 25.57
N LYS F 220 58.28 -5.25 24.85
CA LYS F 220 59.05 -5.60 23.66
C LYS F 220 60.25 -6.51 23.90
N THR F 221 61.22 -6.04 24.69
CA THR F 221 62.42 -6.83 24.97
C THR F 221 62.09 -8.24 25.43
N ALA F 222 60.94 -8.37 26.10
CA ALA F 222 60.50 -9.66 26.61
C ALA F 222 59.87 -10.53 25.52
N LEU F 223 59.28 -9.90 24.49
CA LEU F 223 58.72 -10.65 23.37
C LEU F 223 59.79 -11.04 22.37
N SER F 224 60.69 -10.10 22.08
CA SER F 224 61.72 -10.25 21.06
C SER F 224 62.53 -11.46 21.35
N ALA F 225 62.85 -11.59 22.64
CA ALA F 225 63.76 -12.62 23.12
C ALA F 225 63.06 -13.96 23.08
N PHE F 226 61.75 -13.94 23.26
CA PHE F 226 60.90 -15.15 23.24
C PHE F 226 60.69 -15.71 21.83
N VAL F 227 60.53 -14.82 20.86
CA VAL F 227 60.29 -15.23 19.49
C VAL F 227 61.60 -15.76 18.93
N ALA F 228 62.70 -15.09 19.27
CA ALA F 228 64.02 -15.42 18.76
C ALA F 228 64.51 -16.73 19.35
N ALA F 229 63.71 -17.30 20.23
CA ALA F 229 64.12 -18.47 20.99
C ALA F 229 63.29 -19.73 20.67
N THR F 230 61.99 -19.55 20.47
CA THR F 230 61.08 -20.65 20.06
C THR F 230 60.93 -20.65 18.53
N GLY F 231 61.14 -19.45 17.96
CA GLY F 231 61.17 -19.26 16.52
C GLY F 231 59.82 -19.36 15.82
N VAL F 232 58.76 -18.92 16.50
CA VAL F 232 57.39 -19.09 16.01
C VAL F 232 56.89 -17.76 15.46
N PRO F 233 56.17 -17.82 14.31
CA PRO F 233 55.73 -16.58 13.64
C PRO F 233 54.78 -15.77 14.51
N VAL F 234 54.58 -14.52 14.16
CA VAL F 234 53.69 -13.66 14.95
C VAL F 234 52.79 -12.79 14.08
N PHE F 235 51.52 -12.80 14.42
CA PHE F 235 50.52 -11.94 13.81
C PHE F 235 49.91 -11.05 14.89
N ALA F 236 49.22 -9.99 14.46
CA ALA F 236 48.47 -9.10 15.34
C ALA F 236 47.26 -8.52 14.61
N ASP F 237 46.26 -8.05 15.35
CA ASP F 237 45.16 -7.28 14.78
C ASP F 237 45.68 -5.87 14.68
N TYR F 238 44.81 -4.93 14.31
CA TYR F 238 45.26 -3.55 14.14
C TYR F 238 46.09 -2.98 15.29
N GLU F 239 45.57 -3.08 16.53
CA GLU F 239 46.20 -2.44 17.70
C GLU F 239 47.55 -3.09 18.02
N GLY F 240 47.67 -4.35 17.66
CA GLY F 240 48.90 -5.08 17.90
C GLY F 240 50.01 -4.92 16.87
N LEU F 241 49.78 -4.24 15.75
CA LEU F 241 50.80 -4.23 14.70
C LEU F 241 52.08 -3.53 15.09
N SER F 242 51.97 -2.56 16.00
CA SER F 242 53.09 -1.74 16.47
C SER F 242 54.09 -2.61 17.19
N MET F 243 53.57 -3.58 17.94
CA MET F 243 54.35 -4.57 18.69
C MET F 243 55.16 -5.53 17.83
N LEU F 244 54.82 -5.62 16.54
CA LEU F 244 55.55 -6.49 15.61
C LEU F 244 56.72 -5.81 14.91
N SER F 245 57.19 -4.69 15.41
CA SER F 245 58.10 -3.93 14.60
C SER F 245 59.52 -4.07 15.10
N GLY F 246 59.67 -4.76 16.22
CA GLY F 246 60.99 -5.04 16.75
C GLY F 246 61.40 -6.46 16.43
N LEU F 247 60.89 -7.03 15.35
CA LEU F 247 61.04 -8.47 15.14
C LEU F 247 61.79 -8.82 13.89
N PRO F 248 62.61 -9.89 13.95
CA PRO F 248 63.25 -10.46 12.77
C PRO F 248 62.22 -10.60 11.64
N ASP F 249 62.59 -10.26 10.42
CA ASP F 249 61.60 -10.13 9.33
C ASP F 249 60.98 -11.43 8.80
N ALA F 250 61.80 -12.48 8.76
CA ALA F 250 61.35 -13.80 8.38
C ALA F 250 60.41 -14.35 9.45
N MET F 251 60.48 -13.77 10.64
CA MET F 251 59.58 -14.16 11.74
C MET F 251 58.31 -13.27 11.89
N ARG F 252 58.14 -12.29 11.00
CA ARG F 252 56.94 -11.43 10.99
C ARG F 252 55.90 -11.95 10.02
N GLY F 253 54.70 -12.24 10.53
CA GLY F 253 53.57 -12.71 9.70
C GLY F 253 52.60 -11.62 9.33
N GLY F 254 52.65 -10.52 10.07
CA GLY F 254 51.91 -9.31 9.75
C GLY F 254 50.57 -9.27 10.44
N LEU F 255 49.55 -8.81 9.71
CA LEU F 255 48.23 -8.69 10.29
C LEU F 255 47.48 -10.03 10.33
N VAL F 256 46.72 -10.25 11.39
CA VAL F 256 46.02 -11.53 11.59
C VAL F 256 45.13 -11.90 10.40
N GLN F 257 44.84 -10.95 9.53
CA GLN F 257 44.00 -11.18 8.36
C GLN F 257 44.69 -11.93 7.25
N ASN F 258 45.86 -12.51 7.51
CA ASN F 258 46.61 -13.17 6.44
C ASN F 258 46.30 -14.63 6.44
N LEU F 259 45.87 -15.07 7.60
CA LEU F 259 45.61 -16.47 7.87
C LEU F 259 44.42 -17.00 7.09
N TYR F 260 43.97 -16.24 6.09
CA TYR F 260 42.77 -16.60 5.37
C TYR F 260 43.08 -17.69 4.37
N SER F 261 43.88 -17.36 3.37
CA SER F 261 44.19 -18.33 2.34
C SER F 261 45.10 -19.46 2.84
N PHE F 262 45.26 -19.54 4.16
CA PHE F 262 46.10 -20.57 4.77
C PHE F 262 45.44 -21.94 4.76
N ALA F 263 44.12 -21.95 4.59
CA ALA F 263 43.33 -23.18 4.52
C ALA F 263 43.56 -23.91 3.18
N LYS F 264 43.27 -23.17 2.11
CA LYS F 264 43.43 -23.64 0.73
C LYS F 264 44.86 -24.07 0.38
N ALA F 265 45.81 -23.81 1.29
CA ALA F 265 47.22 -24.17 1.06
C ALA F 265 47.74 -25.30 1.96
N ASP F 266 46.82 -25.99 2.65
CA ASP F 266 47.17 -26.97 3.70
C ASP F 266 48.27 -26.44 4.60
N ALA F 267 48.11 -25.18 4.99
CA ALA F 267 49.10 -24.51 5.80
C ALA F 267 48.37 -24.01 7.03
N ALA F 268 47.18 -24.57 7.25
CA ALA F 268 46.33 -24.11 8.33
C ALA F 268 47.08 -24.24 9.65
N PRO F 269 47.19 -23.13 10.40
CA PRO F 269 47.92 -23.13 11.67
C PRO F 269 47.46 -24.25 12.58
N ASP F 270 48.42 -24.94 13.16
CA ASP F 270 48.18 -26.15 13.92
C ASP F 270 47.79 -25.81 15.35
N LEU F 271 48.41 -24.76 15.85
CA LEU F 271 48.27 -24.29 17.21
C LEU F 271 48.33 -22.79 17.11
N VAL F 272 47.55 -22.12 17.95
CA VAL F 272 47.47 -20.67 17.98
C VAL F 272 47.59 -20.19 19.40
N LEU F 273 48.50 -19.27 19.64
CA LEU F 273 48.61 -18.61 20.93
C LEU F 273 48.07 -17.20 20.82
N MET F 274 46.98 -16.93 21.54
CA MET F 274 46.33 -15.63 21.50
C MET F 274 46.71 -14.85 22.73
N LEU F 275 47.36 -13.71 22.52
CA LEU F 275 47.82 -12.90 23.62
C LEU F 275 47.04 -11.61 23.55
N GLY F 276 45.86 -11.63 24.15
CA GLY F 276 45.04 -10.44 24.28
C GLY F 276 44.14 -10.22 23.10
N ALA F 277 44.24 -11.09 22.11
CA ALA F 277 43.33 -11.05 20.98
C ALA F 277 41.98 -11.59 21.42
N ARG F 278 40.92 -11.01 20.91
CA ARG F 278 39.59 -11.54 21.19
C ARG F 278 38.97 -12.29 19.99
N PHE F 279 38.15 -13.29 20.26
CA PHE F 279 37.32 -13.82 19.19
C PHE F 279 36.25 -12.79 18.84
N GLY F 280 36.37 -12.17 17.68
CA GLY F 280 35.47 -11.10 17.33
C GLY F 280 35.79 -10.66 15.94
N LEU F 281 35.40 -9.42 15.61
CA LEU F 281 35.47 -8.85 14.24
C LEU F 281 36.85 -9.06 13.67
N ASN F 282 37.85 -8.75 14.48
CA ASN F 282 39.25 -8.83 14.06
C ASN F 282 39.81 -10.19 13.70
N THR F 283 39.19 -11.27 14.18
CA THR F 283 39.73 -12.60 14.00
C THR F 283 38.73 -13.56 13.35
N GLY F 284 37.79 -13.00 12.59
CA GLY F 284 36.76 -13.80 11.91
C GLY F 284 35.81 -14.55 12.83
N HIS F 285 35.38 -13.85 13.90
CA HIS F 285 34.43 -14.34 14.89
C HIS F 285 34.70 -15.79 15.23
N GLY F 286 33.69 -16.64 15.15
CA GLY F 286 33.86 -18.04 15.51
C GLY F 286 33.82 -18.92 14.28
N SER F 287 33.80 -18.28 13.11
CA SER F 287 33.72 -18.94 11.80
C SER F 287 34.90 -19.88 11.48
N GLY F 288 36.07 -19.54 12.00
CA GLY F 288 37.23 -20.39 11.84
C GLY F 288 37.93 -20.20 10.51
N GLN F 289 37.68 -19.09 9.83
CA GLN F 289 38.40 -18.79 8.58
C GLN F 289 39.82 -18.30 8.90
N LEU F 290 40.00 -17.64 10.04
CA LEU F 290 41.33 -17.20 10.41
C LEU F 290 41.95 -18.16 11.44
N ILE F 291 41.21 -18.42 12.53
CA ILE F 291 41.64 -19.36 13.57
C ILE F 291 40.85 -20.67 13.43
N PRO F 292 41.47 -21.71 12.85
CA PRO F 292 40.72 -22.91 12.42
C PRO F 292 40.16 -23.75 13.56
N HIS F 293 39.04 -24.41 13.33
CA HIS F 293 38.48 -25.21 14.41
C HIS F 293 39.33 -26.45 14.62
N SER F 294 40.07 -26.86 13.60
CA SER F 294 40.93 -28.02 13.74
C SER F 294 42.13 -27.74 14.64
N ALA F 295 42.60 -26.49 14.67
CA ALA F 295 43.77 -26.12 15.49
C ALA F 295 43.47 -26.04 16.96
N GLN F 296 44.48 -26.34 17.77
CA GLN F 296 44.34 -26.19 19.22
C GLN F 296 44.69 -24.76 19.63
N VAL F 297 43.78 -24.13 20.38
CA VAL F 297 43.91 -22.70 20.66
C VAL F 297 44.26 -22.41 22.12
N ILE F 298 45.26 -21.57 22.32
CA ILE F 298 45.63 -21.23 23.67
C ILE F 298 45.40 -19.77 23.80
N GLN F 299 44.50 -19.38 24.70
CA GLN F 299 44.17 -17.95 24.86
C GLN F 299 44.48 -17.35 26.24
N VAL F 300 45.22 -16.23 26.24
CA VAL F 300 45.47 -15.45 27.44
C VAL F 300 44.77 -14.10 27.29
N ASP F 301 43.96 -13.76 28.29
CA ASP F 301 43.14 -12.55 28.30
C ASP F 301 42.84 -12.11 29.75
N PRO F 302 42.88 -10.81 30.03
CA PRO F 302 42.66 -10.45 31.42
C PRO F 302 41.20 -10.64 31.84
N ASP F 303 40.30 -10.68 30.87
CA ASP F 303 38.86 -10.86 31.12
C ASP F 303 38.37 -12.27 30.71
N ALA F 304 37.87 -13.04 31.69
CA ALA F 304 37.44 -14.43 31.50
C ALA F 304 36.28 -14.67 30.52
N CYS F 305 35.41 -13.67 30.33
CA CYS F 305 34.34 -13.77 29.31
C CYS F 305 34.93 -14.20 27.98
N GLU F 306 36.05 -13.57 27.65
CA GLU F 306 36.66 -13.69 26.36
C GLU F 306 37.29 -15.04 26.08
N LEU F 307 37.52 -15.84 27.11
CA LEU F 307 38.26 -17.07 26.95
C LEU F 307 37.36 -18.06 26.30
N GLY F 308 37.58 -18.28 25.01
CA GLY F 308 36.75 -19.15 24.19
C GLY F 308 35.34 -18.61 24.12
N ARG F 309 35.17 -17.43 23.56
CA ARG F 309 33.85 -16.86 23.51
C ARG F 309 33.06 -17.34 22.28
N LEU F 310 33.74 -17.90 21.29
CA LEU F 310 33.06 -18.27 20.08
C LEU F 310 33.54 -19.58 19.54
N GLN F 311 34.69 -20.03 20.01
CA GLN F 311 35.26 -21.32 19.60
C GLN F 311 35.78 -22.07 20.81
N GLY F 312 35.82 -23.39 20.71
CA GLY F 312 36.49 -24.20 21.72
C GLY F 312 38.00 -24.00 21.73
N ILE F 313 38.53 -23.47 22.82
CA ILE F 313 39.97 -23.35 23.01
C ILE F 313 40.47 -24.48 23.89
N ALA F 314 41.76 -24.78 23.82
CA ALA F 314 42.30 -25.93 24.55
C ALA F 314 42.77 -25.57 25.95
N LEU F 315 43.08 -24.29 26.15
CA LEU F 315 43.61 -23.79 27.42
C LEU F 315 43.33 -22.33 27.50
N GLY F 316 42.77 -21.91 28.64
CA GLY F 316 42.47 -20.50 28.91
C GLY F 316 42.98 -19.98 30.24
N ILE F 317 43.80 -18.92 30.17
CA ILE F 317 44.49 -18.32 31.30
C ILE F 317 44.00 -16.88 31.57
N VAL F 318 43.64 -16.56 32.81
CA VAL F 318 43.42 -15.15 33.18
C VAL F 318 44.73 -14.59 33.71
N ALA F 319 45.33 -13.67 32.96
CA ALA F 319 46.54 -12.97 33.40
C ALA F 319 46.75 -11.78 32.49
N ASP F 320 47.65 -10.89 32.86
CA ASP F 320 47.95 -9.79 31.97
C ASP F 320 48.82 -10.31 30.84
N VAL F 321 48.46 -9.91 29.64
CA VAL F 321 49.17 -10.27 28.42
C VAL F 321 50.63 -9.87 28.45
N GLY F 322 50.93 -8.60 28.74
CA GLY F 322 52.32 -8.17 28.83
C GLY F 322 53.11 -8.93 29.88
N GLY F 323 52.48 -9.11 31.04
CA GLY F 323 53.07 -9.88 32.13
C GLY F 323 53.25 -11.34 31.79
N THR F 324 52.32 -11.89 31.01
CA THR F 324 52.40 -13.27 30.53
C THR F 324 53.64 -13.51 29.65
N ILE F 325 53.82 -12.61 28.70
CA ILE F 325 54.97 -12.63 27.81
C ILE F 325 56.29 -12.62 28.59
N GLU F 326 56.32 -11.94 29.74
CA GLU F 326 57.54 -11.89 30.55
C GLU F 326 57.91 -13.27 31.04
N ALA F 327 56.90 -13.98 31.54
CA ALA F 327 57.06 -15.34 32.06
C ALA F 327 57.41 -16.33 30.94
N LEU F 328 56.95 -16.03 29.73
CA LEU F 328 57.30 -16.81 28.55
C LEU F 328 58.79 -16.75 28.15
N ALA F 329 59.40 -15.56 28.21
CA ALA F 329 60.84 -15.37 27.94
C ALA F 329 61.70 -16.08 29.01
N GLN F 330 61.37 -15.76 30.26
CA GLN F 330 62.04 -16.29 31.43
C GLN F 330 62.13 -17.82 31.43
N ALA F 331 61.02 -18.48 31.08
CA ALA F 331 60.96 -19.95 30.99
C ALA F 331 61.55 -20.49 29.68
N THR F 332 61.89 -19.58 28.77
CA THR F 332 62.50 -19.96 27.51
C THR F 332 64.02 -19.73 27.55
N ALA F 333 64.52 -18.94 28.50
CA ALA F 333 65.97 -18.78 28.71
C ALA F 333 66.72 -20.08 29.12
N GLN F 334 66.01 -21.01 29.76
CA GLN F 334 66.57 -22.34 30.14
C GLN F 334 66.43 -23.35 29.01
N ASP F 335 65.31 -23.27 28.29
CA ASP F 335 64.96 -24.20 27.22
C ASP F 335 65.72 -23.95 25.92
N ALA F 336 67.00 -24.34 25.87
CA ALA F 336 67.73 -24.34 24.60
C ALA F 336 67.13 -25.35 23.60
N ALA F 337 66.26 -26.25 24.08
CA ALA F 337 65.81 -27.43 23.35
C ALA F 337 64.71 -27.26 22.27
N TRP F 338 64.45 -26.02 21.81
CA TRP F 338 63.33 -25.70 20.87
C TRP F 338 63.49 -26.11 19.38
N PRO F 339 62.50 -26.85 18.80
CA PRO F 339 62.63 -27.23 17.38
C PRO F 339 62.84 -26.03 16.46
N ASP F 340 63.52 -26.26 15.35
CA ASP F 340 63.75 -25.20 14.34
C ASP F 340 62.49 -24.95 13.51
N ARG F 341 62.17 -23.69 13.25
CA ARG F 341 60.95 -23.38 12.51
C ARG F 341 61.20 -22.70 11.15
N GLY F 342 62.41 -22.88 10.62
CA GLY F 342 62.81 -22.25 9.34
C GLY F 342 61.83 -22.46 8.20
N ASP F 343 61.37 -23.71 8.05
CA ASP F 343 60.44 -24.13 6.98
C ASP F 343 59.06 -23.51 7.13
N TRP F 344 58.53 -23.58 8.35
CA TRP F 344 57.21 -23.03 8.66
C TRP F 344 57.20 -21.52 8.55
N CYS F 345 58.24 -20.86 9.07
CA CYS F 345 58.43 -19.40 8.95
C CYS F 345 58.48 -18.95 7.51
N ALA F 346 59.15 -19.75 6.68
CA ALA F 346 59.33 -19.46 5.26
C ALA F 346 58.02 -19.49 4.49
N LYS F 347 57.19 -20.51 4.70
CA LYS F 347 55.86 -20.58 4.06
C LYS F 347 54.94 -19.40 4.41
N VAL F 348 54.92 -19.01 5.68
CA VAL F 348 54.15 -17.83 6.11
C VAL F 348 54.48 -16.56 5.33
N THR F 349 55.77 -16.27 5.18
CA THR F 349 56.18 -15.09 4.46
C THR F 349 55.94 -15.24 2.97
N ASP F 350 56.05 -16.46 2.45
CA ASP F 350 55.71 -16.73 1.05
C ASP F 350 54.25 -16.45 0.79
N LEU F 351 53.39 -16.93 1.68
CA LEU F 351 51.93 -16.75 1.56
C LEU F 351 51.48 -15.29 1.66
N ALA F 352 52.09 -14.54 2.58
CA ALA F 352 51.85 -13.11 2.74
C ALA F 352 52.21 -12.34 1.46
N GLN F 353 53.15 -12.89 0.70
CA GLN F 353 53.55 -12.33 -0.58
C GLN F 353 52.61 -12.72 -1.70
N GLU F 354 52.16 -13.98 -1.73
CA GLU F 354 51.20 -14.44 -2.74
C GLU F 354 49.96 -13.53 -2.77
N ARG F 355 49.59 -13.04 -1.59
CA ARG F 355 48.52 -12.07 -1.45
C ARG F 355 48.94 -10.74 -2.05
N TYR F 356 50.14 -10.30 -1.68
CA TYR F 356 50.66 -9.02 -2.14
C TYR F 356 50.87 -8.93 -3.65
N ALA F 357 51.56 -9.91 -4.21
CA ALA F 357 51.86 -9.92 -5.65
C ALA F 357 50.62 -10.10 -6.52
N SER F 358 49.65 -10.89 -6.05
CA SER F 358 48.39 -11.11 -6.77
C SER F 358 47.51 -9.87 -6.75
N ILE F 359 47.63 -9.08 -5.68
CA ILE F 359 46.86 -7.83 -5.56
C ILE F 359 47.53 -6.72 -6.38
N ALA F 360 48.86 -6.68 -6.34
CA ALA F 360 49.62 -5.77 -7.19
C ALA F 360 49.39 -6.03 -8.67
N ALA F 361 49.04 -7.27 -9.04
CA ALA F 361 48.67 -7.64 -10.42
C ALA F 361 47.28 -7.19 -10.85
N LYS F 362 46.33 -7.28 -9.92
CA LYS F 362 44.93 -6.92 -10.19
C LYS F 362 44.72 -5.41 -10.25
N SER F 363 45.65 -4.64 -9.68
CA SER F 363 45.51 -3.20 -9.58
C SER F 363 46.10 -2.45 -10.78
N SER F 364 45.34 -1.51 -11.33
CA SER F 364 45.79 -0.61 -12.42
C SER F 364 45.32 0.82 -12.18
N SER F 365 46.25 1.74 -12.16
CA SER F 365 45.87 3.12 -11.95
C SER F 365 45.96 3.92 -13.26
N GLU F 366 45.35 3.39 -14.32
CA GLU F 366 45.43 3.99 -15.65
C GLU F 366 44.46 5.12 -15.83
N HIS F 367 43.25 4.91 -15.37
CA HIS F 367 42.23 5.92 -15.56
C HIS F 367 42.09 6.84 -14.36
N ALA F 368 42.12 6.27 -13.18
CA ALA F 368 42.27 7.04 -11.96
C ALA F 368 43.20 6.29 -11.02
N LEU F 369 43.86 7.05 -10.15
CA LEU F 369 44.77 6.48 -9.16
C LEU F 369 44.09 5.37 -8.35
N HIS F 370 44.61 4.14 -8.47
CA HIS F 370 44.10 2.98 -7.74
C HIS F 370 44.36 3.16 -6.24
N PRO F 371 43.38 2.85 -5.40
CA PRO F 371 43.58 3.09 -3.97
C PRO F 371 44.77 2.29 -3.40
N PHE F 372 45.12 1.18 -4.05
CA PHE F 372 46.22 0.34 -3.61
C PHE F 372 47.52 0.99 -4.00
N HIS F 373 47.62 1.39 -5.26
CA HIS F 373 48.77 2.12 -5.79
C HIS F 373 49.06 3.36 -4.94
N ALA F 374 47.98 4.00 -4.52
CA ALA F 374 48.02 5.11 -3.58
C ALA F 374 48.55 4.71 -2.22
N SER F 375 48.16 3.54 -1.73
CA SER F 375 48.58 3.11 -0.41
C SER F 375 50.07 2.83 -0.41
N GLN F 376 50.60 2.40 -1.55
CA GLN F 376 52.00 2.04 -1.64
C GLN F 376 52.92 3.24 -1.48
N VAL F 377 52.45 4.40 -1.93
CA VAL F 377 53.20 5.64 -1.83
C VAL F 377 53.43 6.00 -0.38
N ILE F 378 52.44 5.72 0.45
CA ILE F 378 52.56 5.95 1.89
C ILE F 378 53.45 4.90 2.55
N ALA F 379 53.39 3.66 2.08
CA ALA F 379 54.21 2.58 2.65
C ALA F 379 55.72 2.82 2.49
N LYS F 380 56.15 3.45 1.39
CA LYS F 380 57.56 3.75 1.22
C LYS F 380 58.14 4.72 2.26
N HIS F 381 57.28 5.44 2.98
CA HIS F 381 57.73 6.32 4.05
C HIS F 381 57.48 5.74 5.43
N VAL F 382 56.91 4.57 5.52
CA VAL F 382 56.59 4.05 6.84
C VAL F 382 57.75 3.32 7.49
N ASP F 383 58.37 4.01 8.44
CA ASP F 383 59.32 3.39 9.32
C ASP F 383 58.94 3.64 10.79
N ALA F 384 59.85 3.30 11.69
CA ALA F 384 59.57 3.45 13.11
C ALA F 384 59.55 4.92 13.52
N GLY F 385 59.84 5.81 12.58
CA GLY F 385 59.73 7.24 12.82
C GLY F 385 58.34 7.80 12.57
N VAL F 386 57.38 6.95 12.24
CA VAL F 386 56.03 7.41 11.87
C VAL F 386 54.94 6.65 12.60
N THR F 387 53.95 7.38 13.14
CA THR F 387 52.70 6.77 13.60
C THR F 387 51.60 7.04 12.57
N VAL F 388 51.21 6.00 11.86
CA VAL F 388 50.15 6.09 10.84
C VAL F 388 48.79 5.89 11.51
N VAL F 389 47.82 6.77 11.25
CA VAL F 389 46.45 6.61 11.75
C VAL F 389 45.52 6.36 10.56
N ALA F 390 44.58 5.42 10.71
CA ALA F 390 43.73 5.03 9.59
C ALA F 390 42.26 5.01 9.93
N ASP F 391 41.51 5.65 9.04
CA ASP F 391 40.12 5.99 9.23
C ASP F 391 39.54 5.79 7.85
N GLY F 392 38.22 5.96 7.74
CA GLY F 392 37.55 5.80 6.47
C GLY F 392 37.05 4.37 6.26
N GLY F 393 36.59 4.09 5.04
CA GLY F 393 35.88 2.85 4.77
C GLY F 393 36.76 1.95 3.98
N LEU F 394 36.77 2.14 2.67
CA LEU F 394 37.55 1.29 1.78
C LEU F 394 39.02 1.66 1.94
N THR F 395 39.28 2.94 2.13
CA THR F 395 40.64 3.42 2.26
C THR F 395 41.49 2.69 3.31
N TYR F 396 40.90 2.29 4.45
CA TYR F 396 41.68 1.54 5.45
C TYR F 396 41.80 0.06 5.15
N LEU F 397 40.85 -0.47 4.38
CA LEU F 397 40.90 -1.88 4.03
C LEU F 397 41.96 -2.04 2.96
N TRP F 398 42.28 -0.93 2.30
CA TRP F 398 43.37 -0.87 1.32
C TRP F 398 44.74 -0.83 1.98
N LEU F 399 44.92 0.04 2.98
CA LEU F 399 46.17 0.08 3.72
C LEU F 399 46.55 -1.22 4.38
N SER F 400 45.55 -1.95 4.88
CA SER F 400 45.82 -3.19 5.58
C SER F 400 46.70 -4.10 4.72
N GLU F 401 46.60 -3.93 3.41
CA GLU F 401 47.33 -4.77 2.49
C GLU F 401 48.81 -4.44 2.40
N VAL F 402 49.17 -3.19 2.63
CA VAL F 402 50.56 -2.77 2.51
C VAL F 402 51.24 -2.51 3.86
N MET F 403 50.53 -2.83 4.94
CA MET F 403 50.95 -2.49 6.29
C MET F 403 51.70 -3.62 7.00
N SER F 404 51.56 -4.83 6.47
CA SER F 404 52.19 -6.01 7.07
C SER F 404 53.65 -5.98 6.78
N ARG F 405 53.96 -5.48 5.59
CA ARG F 405 55.31 -5.32 5.08
C ARG F 405 56.20 -4.25 5.73
N VAL F 406 55.61 -3.17 6.25
CA VAL F 406 56.43 -2.10 6.83
C VAL F 406 56.39 -2.12 8.35
N LYS F 407 57.37 -1.48 8.98
CA LYS F 407 57.54 -1.48 10.44
C LYS F 407 57.26 -0.09 11.06
N PRO F 408 55.99 0.19 11.42
CA PRO F 408 55.62 1.49 11.96
C PRO F 408 55.86 1.58 13.45
N GLY F 409 56.24 2.78 13.89
CA GLY F 409 56.36 3.09 15.29
C GLY F 409 55.00 3.04 15.95
N GLY F 410 53.96 3.24 15.17
CA GLY F 410 52.63 3.16 15.73
C GLY F 410 51.61 2.96 14.65
N PHE F 411 50.51 2.29 14.99
CA PHE F 411 49.45 2.05 14.04
C PHE F 411 48.11 2.05 14.71
N LEU F 412 47.38 3.15 14.57
CA LEU F 412 46.07 3.28 15.16
C LEU F 412 44.99 3.18 14.10
N CYS F 413 44.18 2.15 14.22
CA CYS F 413 43.13 1.94 13.25
C CYS F 413 41.80 1.88 13.97
N HIS F 414 40.78 1.40 13.26
CA HIS F 414 39.44 1.34 13.81
C HIS F 414 39.33 0.27 14.80
N GLY F 415 38.55 0.58 15.82
CA GLY F 415 38.10 -0.40 16.77
C GLY F 415 36.91 -1.17 16.28
N TYR F 416 36.35 -1.97 17.18
CA TYR F 416 35.15 -2.73 16.92
C TYR F 416 33.96 -1.79 16.61
N LEU F 417 33.98 -0.58 17.18
CA LEU F 417 32.84 0.32 17.01
C LEU F 417 32.72 0.78 15.57
N ASN F 418 33.86 0.88 14.91
CA ASN F 418 33.91 1.17 13.49
C ASN F 418 33.20 2.50 13.21
N SER F 419 33.46 3.49 14.05
CA SER F 419 32.89 4.83 13.86
C SER F 419 33.79 5.68 12.95
N MET F 420 33.26 5.96 11.76
CA MET F 420 33.91 6.84 10.80
C MET F 420 34.11 8.26 11.33
N GLY F 421 35.32 8.76 11.17
CA GLY F 421 35.57 10.15 11.48
C GLY F 421 36.38 10.41 12.73
N VAL F 422 36.48 9.40 13.61
CA VAL F 422 37.24 9.49 14.87
C VAL F 422 38.73 9.63 14.58
N GLY F 423 39.05 9.55 13.30
CA GLY F 423 40.41 9.67 12.78
C GLY F 423 41.19 10.90 13.17
N PHE F 424 40.64 12.11 12.93
CA PHE F 424 41.33 13.34 13.35
C PHE F 424 41.64 13.33 14.83
N GLY F 425 40.59 13.07 15.61
CA GLY F 425 40.68 13.09 17.06
C GLY F 425 41.84 12.24 17.49
N THR F 426 41.74 10.94 17.23
CA THR F 426 42.78 9.99 17.60
C THR F 426 44.14 10.40 17.02
N ALA F 427 44.18 10.83 15.76
CA ALA F 427 45.46 11.13 15.11
C ALA F 427 46.18 12.37 15.65
N LEU F 428 45.38 13.39 15.97
CA LEU F 428 45.87 14.60 16.62
C LEU F 428 46.54 14.25 17.96
N GLY F 429 45.79 13.59 18.85
CA GLY F 429 46.33 13.16 20.12
C GLY F 429 47.55 12.25 20.02
N ALA F 430 47.59 11.48 18.94
CA ALA F 430 48.70 10.58 18.69
C ALA F 430 49.94 11.40 18.47
N GLN F 431 49.79 12.49 17.72
CA GLN F 431 50.90 13.43 17.45
C GLN F 431 51.46 14.06 18.70
N VAL F 432 50.60 14.35 19.68
CA VAL F 432 51.04 14.93 20.92
C VAL F 432 51.88 13.94 21.73
N ALA F 433 51.54 12.67 21.71
CA ALA F 433 52.42 11.68 22.35
C ALA F 433 53.67 11.43 21.52
N ASP F 434 53.55 11.62 20.21
CA ASP F 434 54.65 11.44 19.30
C ASP F 434 55.67 12.59 19.32
N LEU F 435 55.31 13.70 19.95
CA LEU F 435 56.21 14.87 19.95
C LEU F 435 57.42 14.65 20.84
N GLU F 436 57.18 14.05 22.00
CA GLU F 436 58.22 13.68 22.96
C GLU F 436 59.25 12.80 22.26
N ALA F 437 58.75 11.85 21.47
CA ALA F 437 59.58 10.88 20.75
C ALA F 437 60.13 11.42 19.42
N GLY F 438 59.53 12.48 18.90
CA GLY F 438 59.95 12.99 17.59
C GLY F 438 59.39 12.26 16.37
N ARG F 439 58.57 11.24 16.60
CA ARG F 439 57.80 10.59 15.53
C ARG F 439 56.82 11.57 14.95
N ARG F 440 56.47 11.37 13.69
CA ARG F 440 55.49 12.20 13.06
C ARG F 440 54.27 11.38 12.77
N THR F 441 53.11 12.01 12.88
CA THR F 441 51.88 11.31 12.68
C THR F 441 51.31 11.66 11.31
N ILE F 442 50.84 10.64 10.60
CA ILE F 442 50.09 10.81 9.37
C ILE F 442 48.73 10.21 9.65
N LEU F 443 47.67 10.97 9.36
CA LEU F 443 46.32 10.39 9.30
C LEU F 443 45.87 10.05 7.86
N VAL F 444 45.57 8.78 7.57
CA VAL F 444 45.04 8.36 6.25
C VAL F 444 43.55 8.10 6.39
N THR F 445 42.77 9.09 5.97
CA THR F 445 41.34 9.14 6.22
C THR F 445 40.61 9.15 4.89
N GLY F 446 39.30 8.94 4.91
CA GLY F 446 38.51 9.05 3.67
C GLY F 446 37.89 10.43 3.52
N ASP F 447 37.22 10.65 2.39
CA ASP F 447 36.58 11.93 2.15
C ASP F 447 35.34 12.14 3.02
N GLY F 448 34.67 11.05 3.40
CA GLY F 448 33.49 11.13 4.23
C GLY F 448 33.83 11.39 5.67
N SER F 449 34.84 10.68 6.16
CA SER F 449 35.25 10.76 7.56
C SER F 449 35.93 12.08 7.93
N VAL F 450 36.54 12.73 6.94
CA VAL F 450 37.28 13.97 7.23
C VAL F 450 36.26 15.04 7.56
N GLY F 451 35.04 14.85 7.04
CA GLY F 451 33.93 15.77 7.24
C GLY F 451 33.42 15.86 8.65
N TYR F 452 33.55 14.77 9.40
CA TYR F 452 33.17 14.71 10.82
C TYR F 452 33.85 15.75 11.71
N SER F 453 35.17 15.86 11.62
CA SER F 453 35.87 16.73 12.55
C SER F 453 36.64 17.84 11.83
N ILE F 454 36.17 18.27 10.68
CA ILE F 454 37.02 19.09 9.85
C ILE F 454 37.43 20.41 10.45
N GLY F 455 36.76 20.88 11.49
CA GLY F 455 37.19 22.11 12.16
C GLY F 455 38.51 21.92 12.88
N GLU F 456 39.05 20.71 12.80
CA GLU F 456 40.23 20.42 13.59
C GLU F 456 41.53 20.87 12.96
N PHE F 457 41.47 21.28 11.69
CA PHE F 457 42.60 21.93 11.08
C PHE F 457 42.94 23.16 11.88
N ASP F 458 41.91 23.78 12.47
CA ASP F 458 42.13 24.94 13.34
C ASP F 458 43.00 24.60 14.55
N THR F 459 42.78 23.45 15.14
CA THR F 459 43.56 23.05 16.28
C THR F 459 44.99 22.68 15.85
N LEU F 460 45.11 22.02 14.70
CA LEU F 460 46.40 21.70 14.16
C LEU F 460 47.24 22.96 13.91
N VAL F 461 46.59 24.05 13.46
CA VAL F 461 47.31 25.32 13.21
C VAL F 461 47.54 26.11 14.49
N ARG F 462 46.51 26.31 15.32
CA ARG F 462 46.70 26.99 16.62
C ARG F 462 47.74 26.29 17.50
N LYS F 463 47.78 24.97 17.47
CA LYS F 463 48.68 24.27 18.37
C LYS F 463 49.99 23.87 17.71
N GLN F 464 50.09 24.03 16.39
CA GLN F 464 51.33 23.71 15.68
C GLN F 464 51.61 22.20 15.71
N LEU F 465 50.60 21.42 15.39
CA LEU F 465 50.72 19.98 15.39
C LEU F 465 50.84 19.50 13.97
N PRO F 466 52.05 19.02 13.59
CA PRO F 466 52.41 18.75 12.20
C PRO F 466 51.79 17.48 11.67
N LEU F 467 50.54 17.22 12.05
CA LEU F 467 49.78 16.08 11.57
C LEU F 467 49.48 16.24 10.08
N ILE F 468 49.95 15.31 9.26
CA ILE F 468 49.65 15.30 7.84
C ILE F 468 48.37 14.51 7.72
N VAL F 469 47.35 15.12 7.12
CA VAL F 469 46.06 14.51 6.95
C VAL F 469 45.95 14.19 5.47
N ILE F 470 46.06 12.91 5.12
CA ILE F 470 45.83 12.51 3.73
C ILE F 470 44.41 12.05 3.54
N ILE F 471 43.68 12.75 2.70
CA ILE F 471 42.32 12.36 2.35
C ILE F 471 42.26 11.58 1.04
N MET F 472 41.90 10.31 1.10
CA MET F 472 41.64 9.55 -0.12
C MET F 472 40.21 9.87 -0.53
N ASN F 473 40.11 10.83 -1.44
CA ASN F 473 38.85 11.32 -1.94
C ASN F 473 38.36 10.47 -3.09
N ASN F 474 37.35 9.64 -2.84
CA ASN F 474 36.61 8.99 -3.92
C ASN F 474 35.21 9.57 -4.12
N GLN F 475 35.03 10.81 -3.66
CA GLN F 475 33.79 11.58 -3.80
C GLN F 475 32.56 10.81 -3.39
N SER F 476 32.73 9.94 -2.40
CA SER F 476 31.62 9.19 -1.83
C SER F 476 31.93 8.56 -0.48
N TRP F 477 30.88 8.20 0.24
CA TRP F 477 30.91 7.24 1.33
C TRP F 477 31.13 5.81 0.75
N GLY F 478 32.40 5.49 0.51
CA GLY F 478 32.80 4.33 -0.27
C GLY F 478 32.23 2.99 0.12
N TRP F 479 32.44 2.58 1.36
CA TRP F 479 32.12 1.24 1.78
C TRP F 479 30.61 0.95 1.72
N THR F 480 29.79 1.93 2.08
CA THR F 480 28.36 1.72 2.06
C THR F 480 27.77 1.77 0.63
N LEU F 481 28.38 2.57 -0.24
CA LEU F 481 27.95 2.65 -1.64
C LEU F 481 28.17 1.31 -2.34
N HIS F 482 29.27 0.63 -1.99
CA HIS F 482 29.59 -0.70 -2.49
C HIS F 482 28.57 -1.67 -1.99
N PHE F 483 28.10 -1.46 -0.76
CA PHE F 483 27.05 -2.32 -0.21
C PHE F 483 25.76 -2.20 -1.04
N GLN F 484 25.39 -0.97 -1.36
CA GLN F 484 24.13 -0.72 -2.07
C GLN F 484 24.14 -1.28 -3.50
N GLN F 485 25.28 -1.21 -4.17
CA GLN F 485 25.33 -1.65 -5.56
C GLN F 485 25.69 -3.12 -5.78
N LEU F 486 26.57 -3.64 -4.93
CA LEU F 486 26.96 -5.05 -4.98
C LEU F 486 25.97 -5.97 -4.23
N ALA F 487 25.15 -5.41 -3.35
CA ALA F 487 24.29 -6.25 -2.51
C ALA F 487 22.80 -5.97 -2.56
N VAL F 488 22.40 -4.79 -3.01
CA VAL F 488 20.95 -4.51 -3.12
C VAL F 488 20.59 -4.45 -4.60
N GLY F 489 21.40 -3.76 -5.40
CA GLY F 489 21.24 -3.72 -6.85
C GLY F 489 21.90 -2.47 -7.38
N PRO F 490 22.64 -2.59 -8.49
CA PRO F 490 23.50 -1.52 -9.05
C PRO F 490 22.84 -0.14 -9.28
N ASN F 491 21.63 -0.08 -9.81
CA ASN F 491 20.98 1.22 -10.05
C ASN F 491 20.33 1.88 -8.80
N ARG F 492 20.30 1.17 -7.67
CA ARG F 492 19.76 1.71 -6.39
C ARG F 492 20.78 2.10 -5.32
N VAL F 493 21.59 3.13 -5.64
CA VAL F 493 22.56 3.82 -4.77
C VAL F 493 21.99 5.18 -4.30
N THR F 494 21.73 5.33 -2.99
CA THR F 494 21.12 6.57 -2.47
C THR F 494 21.71 7.03 -1.16
N GLY F 495 21.83 8.34 -1.01
CA GLY F 495 22.41 8.93 0.21
C GLY F 495 23.86 8.59 0.56
N THR F 496 24.62 8.07 -0.41
CA THR F 496 26.02 7.71 -0.16
C THR F 496 27.06 8.43 -1.03
N ARG F 497 26.63 9.15 -2.05
CA ARG F 497 27.57 9.94 -2.84
C ARG F 497 27.87 11.30 -2.20
N LEU F 498 29.13 11.70 -2.27
CA LEU F 498 29.60 12.99 -1.76
C LEU F 498 30.38 13.79 -2.83
N GLU F 499 29.71 14.17 -3.91
CA GLU F 499 30.42 14.76 -5.08
C GLU F 499 30.76 16.28 -4.97
N ASN F 500 31.17 16.76 -3.80
CA ASN F 500 31.34 18.22 -3.56
C ASN F 500 32.53 18.68 -2.70
N GLY F 501 33.31 19.65 -3.21
CA GLY F 501 34.16 20.49 -2.36
C GLY F 501 35.64 20.24 -2.21
N SER F 502 36.40 21.32 -2.35
CA SER F 502 37.82 21.35 -2.03
C SER F 502 38.06 21.10 -0.56
N TYR F 503 38.44 19.87 -0.19
CA TYR F 503 38.94 19.69 1.18
C TYR F 503 40.28 20.38 1.37
N HIS F 504 41.09 20.42 0.31
CA HIS F 504 42.41 21.05 0.35
C HIS F 504 42.27 22.55 0.60
N GLY F 505 41.32 23.17 -0.08
CA GLY F 505 40.99 24.58 0.13
C GLY F 505 40.55 24.86 1.56
N VAL F 506 39.96 23.88 2.22
CA VAL F 506 39.41 24.11 3.57
C VAL F 506 40.56 24.28 4.55
N ALA F 507 41.58 23.45 4.35
CA ALA F 507 42.73 23.44 5.23
C ALA F 507 43.49 24.75 5.07
N ALA F 508 43.60 25.22 3.82
CA ALA F 508 44.22 26.55 3.56
C ALA F 508 43.42 27.71 4.17
N ALA F 509 42.09 27.57 4.22
CA ALA F 509 41.23 28.53 4.86
C ALA F 509 41.37 28.50 6.39
N PHE F 510 41.89 27.41 6.95
CA PHE F 510 42.19 27.35 8.39
C PHE F 510 43.68 27.61 8.69
N GLY F 511 44.53 27.61 7.67
CA GLY F 511 45.95 28.00 7.83
C GLY F 511 46.99 26.94 7.51
N ALA F 512 46.54 25.78 7.09
CA ALA F 512 47.42 24.64 6.83
C ALA F 512 47.76 24.61 5.35
N ASP F 513 48.86 23.98 4.93
CA ASP F 513 49.11 23.79 3.48
C ASP F 513 48.03 22.89 2.83
N GLY F 514 47.38 23.40 1.79
CA GLY F 514 46.46 22.58 1.02
C GLY F 514 47.13 22.00 -0.22
N TYR F 515 47.11 20.67 -0.37
CA TYR F 515 47.56 20.03 -1.62
C TYR F 515 46.45 19.25 -2.36
N HIS F 516 46.44 19.37 -3.69
CA HIS F 516 45.57 18.58 -4.56
C HIS F 516 46.41 17.76 -5.55
N VAL F 517 46.24 16.44 -5.53
CA VAL F 517 46.95 15.48 -6.39
C VAL F 517 46.06 14.36 -6.92
N ASP F 518 46.29 13.92 -8.15
CA ASP F 518 45.48 12.86 -8.73
C ASP F 518 46.20 11.60 -9.25
N SER F 519 47.48 11.70 -9.60
CA SER F 519 48.21 10.48 -10.02
C SER F 519 49.18 9.98 -8.95
N VAL F 520 49.87 8.88 -9.23
CA VAL F 520 50.97 8.37 -8.36
C VAL F 520 52.10 9.38 -8.11
N GLU F 521 52.64 9.97 -9.17
CA GLU F 521 53.78 10.88 -8.99
C GLU F 521 53.40 12.19 -8.28
N SER F 522 52.22 12.73 -8.59
CA SER F 522 51.75 13.99 -8.00
C SER F 522 51.75 13.92 -6.52
N PHE F 523 51.22 12.79 -6.04
CA PHE F 523 50.97 12.51 -4.65
C PHE F 523 52.29 12.34 -3.92
N SER F 524 53.21 11.55 -4.48
CA SER F 524 54.46 11.26 -3.80
C SER F 524 55.26 12.52 -3.67
N ALA F 525 55.05 13.42 -4.60
CA ALA F 525 55.68 14.71 -4.58
C ALA F 525 55.07 15.52 -3.45
N ALA F 526 53.75 15.47 -3.31
CA ALA F 526 53.08 16.26 -2.28
C ALA F 526 53.33 15.68 -0.89
N LEU F 527 53.39 14.36 -0.84
CA LEU F 527 53.59 13.67 0.42
C LEU F 527 54.99 13.89 0.91
N ALA F 528 55.96 13.71 0.02
CA ALA F 528 57.38 13.89 0.35
C ALA F 528 57.68 15.36 0.70
N GLN F 529 57.02 16.24 -0.02
CA GLN F 529 57.03 17.66 0.27
C GLN F 529 56.56 17.97 1.67
N ALA F 530 55.39 17.43 2.06
CA ALA F 530 54.69 17.87 3.26
C ALA F 530 55.42 17.34 4.48
N LEU F 531 56.07 16.21 4.24
CA LEU F 531 56.88 15.52 5.21
C LEU F 531 58.15 16.28 5.46
N ALA F 532 58.67 16.92 4.41
CA ALA F 532 59.81 17.81 4.59
C ALA F 532 59.53 18.99 5.53
N HIS F 533 58.33 19.59 5.48
CA HIS F 533 58.01 20.71 6.37
C HIS F 533 57.44 20.19 7.68
N ASN F 534 57.79 20.85 8.76
CA ASN F 534 57.41 20.39 10.07
C ASN F 534 56.27 21.22 10.63
N ARG F 535 55.17 21.19 9.89
CA ARG F 535 53.95 21.90 10.24
C ARG F 535 52.78 21.18 9.52
N PRO F 536 51.54 21.35 10.04
CA PRO F 536 50.35 20.65 9.57
C PRO F 536 50.11 20.80 8.08
N ALA F 537 49.81 19.67 7.42
CA ALA F 537 49.48 19.66 5.99
C ALA F 537 48.22 18.83 5.65
N CYS F 538 47.70 18.99 4.44
CA CYS F 538 46.53 18.27 3.98
C CYS F 538 46.72 17.94 2.51
N ILE F 539 46.63 16.65 2.21
CA ILE F 539 46.77 16.19 0.84
C ILE F 539 45.42 15.61 0.44
N ASN F 540 44.83 16.18 -0.61
CA ASN F 540 43.57 15.69 -1.23
C ASN F 540 43.88 14.75 -2.39
N VAL F 541 43.81 13.45 -2.15
CA VAL F 541 44.14 12.46 -3.18
C VAL F 541 42.89 11.93 -3.86
N ALA F 542 42.75 12.27 -5.13
CA ALA F 542 41.64 11.80 -5.94
C ALA F 542 41.93 10.35 -6.36
N VAL F 543 41.05 9.42 -6.00
CA VAL F 543 41.24 8.00 -6.34
C VAL F 543 39.96 7.37 -6.89
N ALA F 544 40.04 6.19 -7.51
CA ALA F 544 38.82 5.56 -8.07
C ALA F 544 37.96 4.98 -6.96
N LEU F 545 36.67 4.78 -7.25
CA LEU F 545 35.75 4.23 -6.25
C LEU F 545 35.54 2.75 -6.44
N ASP F 546 35.46 2.35 -7.71
CA ASP F 546 35.14 0.99 -8.14
C ASP F 546 35.94 -0.19 -7.57
N PRO F 547 37.26 -0.01 -7.34
CA PRO F 547 38.08 -1.12 -6.85
C PRO F 547 37.66 -1.68 -5.49
N ILE F 548 37.57 -3.01 -5.45
CA ILE F 548 37.10 -3.77 -4.29
C ILE F 548 38.28 -4.33 -3.48
N PRO F 549 38.44 -3.88 -2.20
CA PRO F 549 39.52 -4.41 -1.35
C PRO F 549 39.27 -5.87 -1.06
N PRO F 550 40.33 -6.70 -0.99
CA PRO F 550 40.09 -8.12 -0.78
C PRO F 550 39.49 -8.36 0.60
N GLU F 551 39.70 -7.41 1.53
CA GLU F 551 39.07 -7.49 2.86
C GLU F 551 37.55 -7.26 2.88
N GLU F 552 37.02 -6.50 1.92
CA GLU F 552 35.58 -6.28 1.86
C GLU F 552 34.87 -7.58 1.50
N LEU F 553 35.50 -8.36 0.61
CA LEU F 553 34.95 -9.62 0.16
C LEU F 553 35.22 -10.75 1.16
N ILE F 554 36.22 -10.59 2.01
CA ILE F 554 36.52 -11.61 3.03
C ILE F 554 35.52 -11.55 4.19
N LEU F 555 35.26 -10.35 4.70
CA LEU F 555 34.30 -10.16 5.81
C LEU F 555 32.87 -10.43 5.39
N ILE F 556 32.61 -10.31 4.10
CA ILE F 556 31.31 -10.64 3.51
C ILE F 556 31.11 -12.17 3.41
N GLY F 557 32.20 -12.93 3.52
CA GLY F 557 32.15 -14.39 3.49
C GLY F 557 32.42 -14.96 2.11
N MET F 558 32.96 -14.15 1.22
CA MET F 558 33.29 -14.58 -0.14
C MET F 558 34.81 -14.72 -0.26
N ASP F 559 35.28 -15.36 -1.32
CA ASP F 559 36.71 -15.57 -1.55
C ASP F 559 37.18 -14.62 -2.65
N PRO F 560 38.10 -13.69 -2.33
CA PRO F 560 38.57 -12.77 -3.37
C PRO F 560 39.81 -13.33 -4.09
N PHE F 561 40.01 -14.65 -4.01
CA PHE F 561 41.23 -15.27 -4.48
C PHE F 561 40.95 -16.62 -5.18
N ALA F 562 39.74 -16.82 -5.70
CA ALA F 562 39.30 -18.17 -6.17
C ALA F 562 39.57 -18.51 -7.65
N ALA G 1 17.63 -35.75 18.25
CA ALA G 1 16.20 -35.34 18.22
C ALA G 1 16.16 -33.88 18.58
N MET G 2 14.96 -33.35 18.77
CA MET G 2 14.87 -31.94 19.09
C MET G 2 14.69 -31.64 20.56
N ILE G 3 15.54 -30.77 21.07
CA ILE G 3 15.52 -30.46 22.46
C ILE G 3 14.94 -29.07 22.65
N THR G 4 14.74 -28.70 23.92
CA THR G 4 14.30 -27.35 24.25
C THR G 4 15.48 -26.55 24.80
N GLY G 5 15.61 -25.29 24.36
CA GLY G 5 16.51 -24.33 25.01
C GLY G 5 16.66 -24.52 26.51
N GLY G 6 15.61 -24.94 27.15
CA GLY G 6 15.72 -25.36 28.53
C GLY G 6 16.66 -26.52 28.77
N GLU G 7 16.60 -27.55 27.93
CA GLU G 7 17.52 -28.65 28.02
C GLU G 7 18.93 -28.16 27.74
N LEU G 8 19.08 -27.22 26.80
CA LEU G 8 20.38 -26.60 26.52
C LEU G 8 21.03 -25.98 27.76
N VAL G 9 20.24 -25.28 28.59
CA VAL G 9 20.68 -24.67 29.86
C VAL G 9 21.25 -25.73 30.79
N VAL G 10 20.43 -26.75 31.09
CA VAL G 10 20.83 -27.80 32.01
C VAL G 10 22.02 -28.61 31.49
N ARG G 11 22.04 -28.98 30.21
CA ARG G 11 23.22 -29.65 29.69
C ARG G 11 24.49 -28.78 29.88
N THR G 12 24.40 -27.50 29.58
CA THR G 12 25.53 -26.60 29.82
C THR G 12 25.97 -26.54 31.31
N LEU G 13 25.02 -26.49 32.24
CA LEU G 13 25.35 -26.44 33.65
C LEU G 13 26.02 -27.72 34.11
N ILE G 14 25.54 -28.86 33.61
CA ILE G 14 26.05 -30.15 34.03
C ILE G 14 27.52 -30.22 33.65
N LYS G 15 27.84 -29.74 32.44
CA LYS G 15 29.20 -29.74 31.91
C LYS G 15 30.12 -28.83 32.73
N ALA G 16 29.53 -27.78 33.29
CA ALA G 16 30.24 -26.90 34.18
C ALA G 16 30.52 -27.59 35.51
N GLY G 17 29.72 -28.58 35.89
CA GLY G 17 29.92 -29.28 37.15
C GLY G 17 28.87 -28.90 38.17
N VAL G 18 27.70 -28.45 37.71
CA VAL G 18 26.67 -27.99 38.64
C VAL G 18 25.77 -29.15 39.10
N GLU G 19 25.47 -29.22 40.40
CA GLU G 19 24.81 -30.40 40.96
C GLU G 19 23.66 -30.09 41.88
N HIS G 20 23.40 -28.80 42.02
CA HIS G 20 22.28 -28.30 42.81
C HIS G 20 21.83 -26.98 42.28
N LEU G 21 20.52 -26.88 42.10
CA LEU G 21 19.88 -25.59 41.84
C LEU G 21 19.01 -25.14 43.03
N PHE G 22 18.91 -23.82 43.25
CA PHE G 22 17.95 -23.30 44.25
C PHE G 22 16.97 -22.38 43.54
N GLY G 23 15.68 -22.58 43.73
CA GLY G 23 14.79 -21.81 42.89
C GLY G 23 13.39 -22.00 43.29
N LEU G 24 12.48 -21.49 42.47
CA LEU G 24 11.07 -21.55 42.77
C LEU G 24 10.23 -21.59 41.51
N HIS G 25 9.45 -22.66 41.33
CA HIS G 25 8.82 -22.94 40.05
C HIS G 25 7.85 -21.90 39.54
N GLY G 26 8.11 -21.41 38.33
CA GLY G 26 7.12 -20.70 37.50
C GLY G 26 6.90 -21.41 36.14
N ILE G 27 5.73 -21.21 35.55
CA ILE G 27 5.49 -21.78 34.25
C ILE G 27 6.47 -21.22 33.20
N HIS G 28 7.18 -20.16 33.52
CA HIS G 28 8.08 -19.48 32.57
C HIS G 28 9.40 -20.15 32.43
N ILE G 29 9.74 -20.91 33.47
CA ILE G 29 11.03 -21.55 33.59
C ILE G 29 10.88 -23.05 33.70
N ASP G 30 9.71 -23.52 33.33
CA ASP G 30 9.40 -24.93 33.42
C ASP G 30 10.28 -25.84 32.57
N THR G 31 10.72 -25.36 31.42
CA THR G 31 11.61 -26.17 30.60
C THR G 31 12.93 -26.52 31.31
N ILE G 32 13.36 -25.65 32.23
CA ILE G 32 14.47 -26.01 33.11
C ILE G 32 14.10 -27.06 34.17
N PHE G 33 12.93 -26.94 34.79
CA PHE G 33 12.50 -27.98 35.73
C PHE G 33 12.36 -29.37 35.08
N GLN G 34 11.75 -29.43 33.89
CA GLN G 34 11.61 -30.72 33.22
C GLN G 34 12.99 -31.29 32.86
N ALA G 35 13.94 -30.44 32.49
CA ALA G 35 15.29 -30.91 32.19
C ALA G 35 16.08 -31.36 33.43
N CYS G 36 15.82 -30.76 34.58
CA CYS G 36 16.53 -31.14 35.79
C CYS G 36 15.99 -32.46 36.38
N LEU G 37 14.68 -32.65 36.21
CA LEU G 37 14.02 -33.88 36.61
C LEU G 37 14.61 -35.02 35.79
N ASP G 38 14.73 -34.77 34.48
CA ASP G 38 15.41 -35.67 33.55
C ASP G 38 16.84 -36.13 33.92
N HIS G 39 17.71 -35.23 34.35
CA HIS G 39 19.11 -35.61 34.70
C HIS G 39 19.46 -35.67 36.22
N ASP G 40 18.47 -35.89 37.08
CA ASP G 40 18.69 -35.93 38.54
C ASP G 40 19.60 -34.90 39.14
N VAL G 41 19.48 -33.67 38.66
CA VAL G 41 19.92 -32.54 39.47
C VAL G 41 18.77 -32.04 40.34
N PRO G 42 18.95 -32.08 41.67
CA PRO G 42 18.04 -31.50 42.65
C PRO G 42 17.83 -30.01 42.43
N ILE G 43 16.58 -29.56 42.49
CA ILE G 43 16.28 -28.14 42.70
C ILE G 43 15.64 -27.99 44.05
N ILE G 44 16.39 -27.43 44.98
CA ILE G 44 15.87 -27.08 46.29
C ILE G 44 14.89 -25.91 46.13
N ASP G 45 13.59 -26.24 46.17
CA ASP G 45 12.50 -25.27 46.03
C ASP G 45 12.06 -24.69 47.37
N THR G 46 12.40 -23.42 47.56
CA THR G 46 12.15 -22.67 48.78
C THR G 46 10.73 -22.06 48.79
N ARG G 47 10.39 -21.37 49.89
CA ARG G 47 9.09 -20.72 49.97
C ARG G 47 9.08 -19.30 49.47
N HIS G 48 10.27 -18.74 49.24
CA HIS G 48 10.43 -17.38 48.78
C HIS G 48 11.65 -17.35 47.88
N GLU G 49 11.56 -16.61 46.78
CA GLU G 49 12.68 -16.47 45.85
C GLU G 49 13.93 -15.96 46.51
N ALA G 50 13.79 -15.08 47.48
CA ALA G 50 14.95 -14.51 48.12
C ALA G 50 15.71 -15.58 48.91
N ALA G 51 14.94 -16.46 49.57
CA ALA G 51 15.51 -17.60 50.26
C ALA G 51 16.30 -18.49 49.29
N ALA G 52 15.80 -18.61 48.05
CA ALA G 52 16.44 -19.43 47.00
C ALA G 52 17.73 -18.78 46.58
N GLY G 53 17.67 -17.46 46.40
CA GLY G 53 18.84 -16.66 46.08
C GLY G 53 19.87 -16.76 47.18
N HIS G 54 19.48 -16.50 48.43
CA HIS G 54 20.46 -16.59 49.53
C HIS G 54 21.06 -18.00 49.68
N ALA G 55 20.26 -19.03 49.36
CA ALA G 55 20.69 -20.42 49.52
C ALA G 55 21.73 -20.76 48.46
N ALA G 56 21.56 -20.21 47.27
CA ALA G 56 22.66 -20.19 46.29
C ALA G 56 23.93 -19.46 46.79
N GLU G 57 23.79 -18.32 47.47
CA GLU G 57 24.92 -17.69 48.15
C GLU G 57 25.60 -18.61 49.16
N GLY G 58 24.82 -19.18 50.07
CA GLY G 58 25.38 -20.07 51.10
C GLY G 58 26.08 -21.31 50.56
N TYR G 59 25.51 -21.88 49.50
CA TYR G 59 26.06 -23.06 48.87
C TYR G 59 27.35 -22.67 48.22
N ALA G 60 27.40 -21.53 47.53
CA ALA G 60 28.65 -21.12 46.85
C ALA G 60 29.74 -20.83 47.85
N ARG G 61 29.34 -20.29 48.99
CA ARG G 61 30.28 -19.81 49.97
C ARG G 61 30.83 -20.98 50.73
N ALA G 62 29.93 -21.79 51.30
CA ALA G 62 30.31 -22.98 52.09
C ALA G 62 31.04 -24.10 51.32
N GLY G 63 30.71 -24.28 50.04
CA GLY G 63 31.25 -25.37 49.25
C GLY G 63 32.42 -24.95 48.40
N ALA G 64 32.87 -23.72 48.57
CA ALA G 64 33.86 -23.14 47.67
C ALA G 64 33.58 -23.35 46.14
N LYS G 65 32.33 -23.53 45.73
CA LYS G 65 32.02 -23.72 44.31
C LYS G 65 31.03 -22.66 43.83
N LEU G 66 30.42 -22.87 42.66
CA LEU G 66 29.46 -21.91 42.12
C LEU G 66 28.07 -22.22 42.65
N GLY G 67 27.27 -21.17 42.86
CA GLY G 67 25.92 -21.37 43.38
C GLY G 67 24.96 -21.03 42.26
N VAL G 68 23.91 -21.82 42.09
CA VAL G 68 23.00 -21.50 41.01
C VAL G 68 21.55 -21.31 41.42
N ALA G 69 21.07 -20.09 41.15
CA ALA G 69 19.73 -19.66 41.51
C ALA G 69 18.81 -19.58 40.28
N LEU G 70 17.57 -20.04 40.46
CA LEU G 70 16.65 -20.13 39.35
C LEU G 70 15.27 -19.59 39.72
N VAL G 71 14.96 -18.41 39.16
CA VAL G 71 13.75 -17.67 39.52
C VAL G 71 12.98 -17.31 38.24
N THR G 72 11.65 -17.30 38.35
CA THR G 72 10.76 -17.07 37.20
C THR G 72 10.68 -15.60 36.76
N ALA G 73 9.83 -15.29 35.78
CA ALA G 73 9.71 -13.95 35.23
C ALA G 73 8.97 -13.03 36.17
N GLY G 74 9.28 -11.75 36.10
CA GLY G 74 8.57 -10.76 36.91
C GLY G 74 8.81 -10.85 38.40
N GLY G 75 7.86 -11.43 39.14
CA GLY G 75 7.99 -11.47 40.58
C GLY G 75 9.20 -12.28 40.99
N GLY G 76 9.58 -13.19 40.10
CA GLY G 76 10.61 -14.15 40.39
C GLY G 76 11.90 -13.40 40.45
N PHE G 77 12.11 -12.55 39.46
CA PHE G 77 13.34 -11.84 39.38
C PHE G 77 13.40 -10.78 40.46
N THR G 78 12.33 -10.02 40.65
CA THR G 78 12.38 -8.94 41.62
C THR G 78 12.51 -9.51 43.04
N ASN G 79 11.85 -10.61 43.32
CA ASN G 79 11.99 -11.24 44.64
C ASN G 79 13.41 -11.77 44.93
N ALA G 80 14.25 -11.86 43.90
CA ALA G 80 15.65 -12.31 44.01
C ALA G 80 16.67 -11.15 44.07
N VAL G 81 16.19 -9.91 44.15
CA VAL G 81 17.09 -8.76 44.09
C VAL G 81 18.03 -8.60 45.30
N THR G 82 17.55 -8.70 46.54
CA THR G 82 18.44 -8.62 47.70
C THR G 82 19.59 -9.68 47.63
N PRO G 83 19.29 -10.95 47.22
CA PRO G 83 20.38 -11.92 47.04
C PRO G 83 21.43 -11.51 46.02
N ILE G 84 21.01 -10.92 44.91
CA ILE G 84 22.00 -10.42 43.97
C ILE G 84 22.83 -9.29 44.58
N ALA G 85 22.19 -8.35 45.25
CA ALA G 85 22.91 -7.24 45.86
C ALA G 85 23.85 -7.70 46.97
N ASN G 86 23.34 -8.55 47.86
CA ASN G 86 24.20 -9.19 48.82
C ASN G 86 25.42 -9.90 48.17
N ALA G 87 25.15 -10.63 47.08
CA ALA G 87 26.21 -11.38 46.44
C ALA G 87 27.27 -10.47 45.80
N TRP G 88 26.81 -9.31 45.33
CA TRP G 88 27.65 -8.34 44.66
C TRP G 88 28.74 -7.88 45.58
N LEU G 89 28.34 -7.51 46.79
CA LEU G 89 29.25 -6.91 47.75
C LEU G 89 30.00 -7.98 48.50
N ASP G 90 29.40 -9.16 48.66
CA ASP G 90 30.04 -10.24 49.39
C ASP G 90 31.11 -10.90 48.52
N ARG G 91 31.16 -10.47 47.25
CA ARG G 91 31.89 -11.17 46.20
C ARG G 91 31.56 -12.67 46.21
N THR G 92 30.28 -13.02 46.03
CA THR G 92 29.87 -14.42 45.99
C THR G 92 29.61 -14.85 44.56
N PRO G 93 30.32 -15.89 44.09
CA PRO G 93 30.14 -16.40 42.70
C PRO G 93 28.81 -17.13 42.52
N VAL G 94 27.80 -16.43 42.02
CA VAL G 94 26.45 -16.98 41.93
C VAL G 94 25.88 -16.73 40.54
N LEU G 95 25.46 -17.80 39.88
CA LEU G 95 24.70 -17.65 38.65
C LEU G 95 23.22 -17.43 39.00
N PHE G 96 22.64 -16.35 38.51
CA PHE G 96 21.20 -16.17 38.63
C PHE G 96 20.56 -16.41 37.28
N LEU G 97 19.71 -17.39 37.22
CA LEU G 97 19.01 -17.57 36.00
C LEU G 97 17.64 -16.99 36.22
N THR G 98 17.21 -16.10 35.34
CA THR G 98 15.86 -15.56 35.47
C THR G 98 15.08 -15.79 34.19
N GLY G 99 13.79 -16.06 34.32
CA GLY G 99 12.95 -16.11 33.16
C GLY G 99 12.47 -14.73 32.90
N SER G 100 11.95 -14.48 31.70
CA SER G 100 11.25 -13.24 31.41
C SER G 100 10.19 -13.47 30.37
N GLY G 101 9.49 -12.38 30.08
CA GLY G 101 8.44 -12.30 29.07
C GLY G 101 8.94 -12.83 27.75
N ALA G 102 8.06 -13.44 26.99
CA ALA G 102 8.44 -13.98 25.72
C ALA G 102 8.81 -12.84 24.77
N LEU G 103 9.91 -12.99 24.06
CA LEU G 103 10.32 -11.98 23.07
C LEU G 103 9.24 -11.57 22.07
N ARG G 104 8.45 -12.53 21.60
CA ARG G 104 7.40 -12.25 20.65
C ARG G 104 6.20 -11.58 21.31
N ASP G 105 6.13 -11.69 22.63
CA ASP G 105 5.10 -11.00 23.42
C ASP G 105 5.61 -9.65 23.95
N ASP G 106 6.65 -9.13 23.29
CA ASP G 106 7.28 -7.90 23.70
C ASP G 106 6.34 -6.70 23.64
N GLU G 107 6.21 -6.03 24.76
CA GLU G 107 5.46 -4.80 24.85
C GLU G 107 3.96 -5.12 24.60
N THR G 108 3.46 -6.19 25.19
CA THR G 108 2.02 -6.52 25.06
C THR G 108 1.24 -6.57 26.38
N ASN G 109 1.74 -5.92 27.41
CA ASN G 109 1.08 -5.92 28.74
C ASN G 109 0.69 -7.33 29.25
N THR G 110 1.48 -8.36 28.94
CA THR G 110 1.16 -9.74 29.32
C THR G 110 1.69 -10.08 30.71
N LEU G 111 1.36 -11.27 31.22
CA LEU G 111 1.63 -11.59 32.62
C LEU G 111 3.10 -11.77 32.93
N GLN G 112 3.53 -11.16 34.02
CA GLN G 112 4.91 -11.25 34.50
C GLN G 112 5.93 -10.46 33.62
N ALA G 113 5.48 -9.91 32.50
CA ALA G 113 6.43 -9.23 31.59
C ALA G 113 6.47 -7.71 31.72
N GLY G 114 7.61 -7.11 31.37
CA GLY G 114 7.64 -5.68 31.05
C GLY G 114 8.46 -4.82 31.98
N ILE G 115 9.03 -5.43 33.00
CA ILE G 115 9.95 -4.75 33.86
C ILE G 115 11.28 -5.14 33.25
N ASP G 116 12.15 -4.13 33.05
CA ASP G 116 13.46 -4.33 32.41
C ASP G 116 14.45 -5.00 33.36
N GLN G 117 14.47 -6.32 33.33
CA GLN G 117 15.18 -7.03 34.37
C GLN G 117 16.70 -6.80 34.32
N VAL G 118 17.30 -6.85 33.14
CA VAL G 118 18.74 -6.59 33.06
C VAL G 118 19.12 -5.18 33.56
N ALA G 119 18.29 -4.17 33.36
CA ALA G 119 18.61 -2.81 33.82
C ALA G 119 18.72 -2.78 35.32
N MET G 120 17.67 -3.32 35.90
CA MET G 120 17.57 -3.52 37.32
C MET G 120 18.75 -4.31 37.93
N ALA G 121 19.32 -5.23 37.15
CA ALA G 121 20.41 -6.03 37.68
C ALA G 121 21.79 -5.43 37.30
N ALA G 122 21.80 -4.47 36.39
CA ALA G 122 23.06 -3.89 35.92
C ALA G 122 24.03 -3.44 37.01
N PRO G 123 23.53 -2.60 37.98
CA PRO G 123 24.41 -2.02 39.02
C PRO G 123 24.83 -3.00 40.06
N ILE G 124 24.36 -4.21 39.92
CA ILE G 124 24.41 -5.18 40.98
C ILE G 124 25.23 -6.40 40.61
N THR G 125 25.65 -6.48 39.35
CA THR G 125 26.27 -7.69 38.79
C THR G 125 27.52 -7.40 37.96
N LYS G 126 28.47 -8.33 37.99
CA LYS G 126 29.62 -8.33 37.11
C LYS G 126 29.12 -8.28 35.70
N TRP G 127 27.96 -8.90 35.46
CA TRP G 127 27.42 -9.06 34.11
C TRP G 127 25.94 -9.40 34.14
N ALA G 128 25.17 -8.75 33.26
CA ALA G 128 23.76 -9.09 33.11
C ALA G 128 23.40 -9.05 31.64
N HIS G 129 22.65 -10.03 31.17
CA HIS G 129 22.43 -10.10 29.75
C HIS G 129 21.21 -10.92 29.53
N ARG G 130 20.42 -10.46 28.56
CA ARG G 130 19.25 -11.16 28.13
C ARG G 130 19.54 -11.96 26.86
N VAL G 131 19.12 -13.22 26.85
CA VAL G 131 19.43 -14.09 25.71
C VAL G 131 18.49 -13.79 24.57
N MET G 132 19.05 -13.75 23.37
CA MET G 132 18.36 -13.22 22.21
C MET G 132 17.86 -14.26 21.21
N ALA G 133 18.36 -15.49 21.34
CA ALA G 133 18.11 -16.61 20.41
C ALA G 133 18.56 -17.94 21.03
N THR G 134 17.90 -19.02 20.65
CA THR G 134 18.05 -20.23 21.40
C THR G 134 19.41 -20.89 21.17
N GLU G 135 20.03 -20.63 20.02
CA GLU G 135 21.36 -21.17 19.66
C GLU G 135 22.46 -20.61 20.55
N HIS G 136 22.15 -19.55 21.24
CA HIS G 136 23.15 -18.83 21.98
C HIS G 136 23.24 -19.36 23.38
N ILE G 137 22.20 -20.06 23.84
CA ILE G 137 22.13 -20.48 25.23
C ILE G 137 23.37 -21.23 25.73
N PRO G 138 23.89 -22.23 25.00
CA PRO G 138 25.01 -22.91 25.64
C PRO G 138 26.23 -22.04 25.70
N ARG G 139 26.55 -21.28 24.66
CA ARG G 139 27.74 -20.42 24.75
C ARG G 139 27.58 -19.17 25.68
N LEU G 140 26.34 -18.66 25.78
CA LEU G 140 25.99 -17.57 26.64
C LEU G 140 25.98 -17.94 28.12
N VAL G 141 25.54 -19.16 28.44
CA VAL G 141 25.61 -19.62 29.81
C VAL G 141 27.05 -19.80 30.23
N MET G 142 27.87 -20.39 29.36
CA MET G 142 29.21 -20.70 29.77
C MET G 142 29.98 -19.41 29.96
N GLN G 143 29.69 -18.43 29.12
CA GLN G 143 30.35 -17.15 29.24
C GLN G 143 29.99 -16.60 30.61
N ALA G 144 28.73 -16.77 31.00
CA ALA G 144 28.24 -16.22 32.27
C ALA G 144 28.96 -16.86 33.43
N ILE G 145 29.24 -18.16 33.30
CA ILE G 145 29.80 -18.91 34.40
C ILE G 145 31.21 -18.44 34.59
N ARG G 146 31.92 -18.22 33.47
CA ARG G 146 33.28 -17.73 33.55
C ARG G 146 33.27 -16.38 34.26
N ALA G 147 32.24 -15.58 34.01
CA ALA G 147 32.23 -14.23 34.55
C ALA G 147 32.06 -14.28 36.04
N ALA G 148 31.21 -15.17 36.52
CA ALA G 148 30.97 -15.22 37.95
C ALA G 148 32.18 -15.80 38.69
N LEU G 149 32.87 -16.76 38.07
CA LEU G 149 34.00 -17.43 38.72
C LEU G 149 35.35 -16.73 38.64
N SER G 150 35.52 -15.81 37.70
CA SER G 150 36.78 -15.09 37.65
C SER G 150 36.86 -14.01 38.75
N ALA G 151 38.08 -13.51 39.00
CA ALA G 151 38.39 -12.65 40.15
C ALA G 151 38.08 -11.17 39.91
N PRO G 152 37.51 -10.48 40.90
CA PRO G 152 36.97 -11.05 42.14
C PRO G 152 35.59 -11.68 41.87
N ARG G 153 35.24 -12.72 42.61
CA ARG G 153 34.07 -13.48 42.25
C ARG G 153 32.78 -12.68 42.52
N GLY G 154 31.75 -12.86 41.70
CA GLY G 154 30.54 -12.10 41.92
C GLY G 154 29.35 -12.68 41.20
N PRO G 155 28.14 -12.11 41.39
CA PRO G 155 26.94 -12.61 40.73
C PRO G 155 26.81 -12.19 39.27
N VAL G 156 26.09 -13.03 38.52
CA VAL G 156 25.81 -12.77 37.10
C VAL G 156 24.35 -13.12 36.84
N LEU G 157 23.63 -12.26 36.11
CA LEU G 157 22.26 -12.54 35.73
C LEU G 157 22.18 -13.00 34.27
N LEU G 158 21.42 -14.04 34.00
CA LEU G 158 21.16 -14.39 32.64
C LEU G 158 19.64 -14.42 32.48
N ASP G 159 19.10 -13.44 31.78
CA ASP G 159 17.67 -13.35 31.50
C ASP G 159 17.28 -14.26 30.31
N LEU G 160 16.42 -15.24 30.57
CA LEU G 160 16.07 -16.18 29.56
C LEU G 160 14.59 -16.06 29.18
N PRO G 161 14.28 -15.37 28.08
CA PRO G 161 12.88 -15.22 27.66
C PRO G 161 12.12 -16.55 27.65
N TRP G 162 10.86 -16.56 28.11
CA TRP G 162 10.04 -17.78 28.10
C TRP G 162 9.94 -18.38 26.72
N ASP G 163 10.11 -17.50 25.77
CA ASP G 163 9.99 -17.75 24.36
C ASP G 163 11.19 -18.53 23.83
N ILE G 164 12.39 -18.09 24.18
CA ILE G 164 13.62 -18.76 23.81
C ILE G 164 13.86 -20.02 24.62
N LEU G 165 13.22 -20.15 25.77
CA LEU G 165 13.38 -21.36 26.56
C LEU G 165 12.52 -22.50 26.04
N MET G 166 11.26 -22.19 25.72
CA MET G 166 10.31 -23.17 25.17
C MET G 166 10.69 -23.59 23.77
N ASN G 167 11.31 -22.67 23.05
CA ASN G 167 11.75 -22.96 21.70
C ASN G 167 12.45 -24.30 21.56
N GLN G 168 12.19 -25.02 20.46
CA GLN G 168 12.85 -26.31 20.17
C GLN G 168 13.80 -26.30 18.97
N ILE G 169 14.96 -26.92 19.18
CA ILE G 169 16.02 -27.06 18.17
C ILE G 169 16.70 -28.43 18.20
N ASP G 170 17.47 -28.69 17.16
CA ASP G 170 18.20 -29.94 16.97
C ASP G 170 19.49 -29.96 17.76
N GLU G 171 19.70 -31.06 18.48
CA GLU G 171 20.87 -31.27 19.31
C GLU G 171 22.15 -30.95 18.60
N ASP G 172 22.14 -31.12 17.29
CA ASP G 172 23.39 -31.13 16.54
C ASP G 172 23.76 -29.79 15.95
N SER G 173 22.78 -28.88 15.92
CA SER G 173 22.95 -27.48 15.52
C SER G 173 24.03 -26.80 16.34
N VAL G 174 23.92 -27.00 17.64
CA VAL G 174 24.65 -26.22 18.65
C VAL G 174 25.56 -27.15 19.42
N ILE G 175 26.61 -26.60 20.03
CA ILE G 175 27.66 -27.38 20.68
C ILE G 175 27.71 -27.00 22.14
N ILE G 176 27.53 -27.94 23.06
CA ILE G 176 27.79 -27.62 24.47
C ILE G 176 29.30 -27.50 24.78
N PRO G 177 29.77 -26.29 25.08
CA PRO G 177 31.19 -26.17 25.37
C PRO G 177 31.56 -26.59 26.80
N ASP G 178 32.79 -27.05 26.97
CA ASP G 178 33.34 -27.29 28.29
C ASP G 178 33.61 -25.98 29.06
N LEU G 179 33.70 -26.06 30.38
CA LEU G 179 34.26 -24.94 31.12
C LEU G 179 35.78 -24.97 30.94
N VAL G 180 36.30 -24.21 29.99
CA VAL G 180 37.74 -24.22 29.79
C VAL G 180 38.32 -22.94 30.40
N LEU G 181 38.44 -22.95 31.72
CA LEU G 181 38.99 -21.85 32.48
C LEU G 181 39.88 -22.38 33.62
N SER G 182 41.17 -22.04 33.56
CA SER G 182 42.17 -22.46 34.54
C SER G 182 41.72 -22.31 35.98
N ALA G 183 41.73 -23.41 36.74
CA ALA G 183 41.43 -23.31 38.16
C ALA G 183 42.55 -22.59 38.98
N HIS G 184 43.74 -22.42 38.42
CA HIS G 184 44.81 -21.68 39.10
C HIS G 184 44.75 -20.17 38.84
N GLY G 185 44.95 -19.37 39.90
CA GLY G 185 44.98 -17.91 39.79
C GLY G 185 46.26 -17.33 39.21
N ALA G 186 46.22 -16.06 38.83
CA ALA G 186 47.41 -15.40 38.30
C ALA G 186 48.25 -14.94 39.48
N ARG G 187 49.56 -14.98 39.34
CA ARG G 187 50.46 -14.66 40.46
C ARG G 187 51.17 -13.32 40.28
N PRO G 188 51.58 -12.69 41.40
CA PRO G 188 52.33 -11.44 41.30
C PRO G 188 53.63 -11.61 40.53
N ASP G 189 54.04 -10.54 39.87
CA ASP G 189 55.35 -10.48 39.23
C ASP G 189 56.43 -10.76 40.29
N PRO G 190 57.41 -11.65 39.98
CA PRO G 190 58.49 -12.00 40.89
C PRO G 190 59.10 -10.81 41.62
N ALA G 191 59.21 -9.68 40.93
CA ALA G 191 59.84 -8.48 41.47
C ALA G 191 59.10 -7.92 42.68
N ASP G 192 57.77 -7.94 42.61
CA ASP G 192 56.91 -7.36 43.67
C ASP G 192 56.80 -8.31 44.83
N LEU G 193 56.73 -9.60 44.49
CA LEU G 193 56.60 -10.68 45.45
C LEU G 193 57.83 -10.59 46.33
N ASP G 194 58.92 -10.23 45.69
CA ASP G 194 60.23 -10.07 46.27
C ASP G 194 60.33 -8.88 47.21
N GLN G 195 59.81 -7.74 46.76
CA GLN G 195 59.73 -6.54 47.58
C GLN G 195 58.90 -6.82 48.80
N ALA G 196 57.86 -7.62 48.62
CA ALA G 196 56.91 -7.84 49.69
C ALA G 196 57.49 -8.78 50.72
N LEU G 197 58.31 -9.72 50.28
CA LEU G 197 58.90 -10.64 51.21
C LEU G 197 60.06 -10.02 51.98
N ALA G 198 60.90 -9.28 51.25
CA ALA G 198 61.97 -8.46 51.82
C ALA G 198 61.45 -7.49 52.90
N LEU G 199 60.31 -6.85 52.63
CA LEU G 199 59.68 -5.91 53.57
C LEU G 199 59.12 -6.60 54.79
N LEU G 200 58.48 -7.75 54.56
CA LEU G 200 57.91 -8.57 55.63
C LEU G 200 59.02 -9.09 56.52
N ARG G 201 60.20 -9.27 55.94
CA ARG G 201 61.40 -9.66 56.67
C ARG G 201 61.86 -8.56 57.66
N LYS G 202 61.92 -7.31 57.20
CA LYS G 202 62.37 -6.17 58.05
C LYS G 202 61.32 -5.79 59.09
N ALA G 203 60.11 -6.33 58.93
CA ALA G 203 59.00 -6.04 59.84
C ALA G 203 59.29 -6.52 61.26
N GLU G 204 58.97 -5.66 62.23
CA GLU G 204 59.13 -5.93 63.66
C GLU G 204 57.87 -6.58 64.23
N ARG G 205 56.70 -6.15 63.72
CA ARG G 205 55.39 -6.66 64.18
C ARG G 205 54.47 -6.87 63.01
N PRO G 206 54.76 -7.86 62.16
CA PRO G 206 53.99 -8.05 60.93
C PRO G 206 52.68 -8.81 61.16
N VAL G 207 51.64 -8.42 60.42
CA VAL G 207 50.34 -9.12 60.44
C VAL G 207 49.80 -9.42 59.03
N ILE G 208 48.96 -10.43 58.93
CA ILE G 208 48.34 -10.81 57.65
C ILE G 208 46.82 -10.77 57.81
N VAL G 209 46.15 -10.12 56.89
CA VAL G 209 44.72 -9.98 56.99
C VAL G 209 44.06 -10.56 55.73
N LEU G 210 43.17 -11.55 55.92
CA LEU G 210 42.53 -12.25 54.80
C LEU G 210 41.09 -11.84 54.67
N GLY G 211 40.67 -11.53 53.44
CA GLY G 211 39.29 -11.12 53.09
C GLY G 211 38.54 -12.23 52.36
N SER G 212 37.40 -11.89 51.77
CA SER G 212 36.48 -12.88 51.15
C SER G 212 37.17 -13.81 50.14
N GLU G 213 38.05 -13.23 49.34
CA GLU G 213 38.65 -13.90 48.19
C GLU G 213 39.61 -15.04 48.55
N ALA G 214 40.02 -15.07 49.80
CA ALA G 214 40.93 -16.10 50.25
C ALA G 214 40.17 -17.41 50.39
N SER G 215 38.88 -17.29 50.69
CA SER G 215 38.00 -18.43 50.91
C SER G 215 37.47 -18.95 49.61
N ARG G 216 37.44 -18.07 48.60
CA ARG G 216 36.86 -18.42 47.31
C ARG G 216 37.76 -19.40 46.57
N THR G 217 39.07 -19.17 46.65
CA THR G 217 40.06 -20.04 45.99
C THR G 217 40.49 -21.18 46.90
N ALA G 218 40.44 -20.93 48.22
CA ALA G 218 40.72 -21.92 49.29
C ALA G 218 42.03 -22.73 49.18
N ARG G 219 43.17 -22.04 49.19
CA ARG G 219 44.42 -22.73 48.97
C ARG G 219 45.14 -23.08 50.27
N LYS G 220 44.58 -24.06 51.00
CA LYS G 220 44.90 -24.32 52.40
C LYS G 220 46.29 -24.85 52.65
N THR G 221 46.56 -26.04 52.11
CA THR G 221 47.88 -26.64 52.27
C THR G 221 49.00 -25.68 51.86
N ALA G 222 48.71 -24.78 50.93
CA ALA G 222 49.70 -23.80 50.44
C ALA G 222 49.96 -22.70 51.46
N LEU G 223 48.97 -22.46 52.30
CA LEU G 223 49.03 -21.38 53.27
C LEU G 223 49.73 -21.89 54.51
N SER G 224 49.42 -23.12 54.89
CA SER G 224 50.05 -23.72 56.04
C SER G 224 51.57 -23.75 55.89
N ALA G 225 52.03 -24.00 54.67
CA ALA G 225 53.48 -24.10 54.41
C ALA G 225 54.12 -22.72 54.50
N PHE G 226 53.32 -21.70 54.29
CA PHE G 226 53.78 -20.32 54.29
C PHE G 226 53.78 -19.72 55.68
N VAL G 227 52.73 -20.01 56.44
CA VAL G 227 52.55 -19.46 57.77
C VAL G 227 53.47 -20.13 58.80
N ALA G 228 53.51 -21.45 58.82
CA ALA G 228 54.37 -22.16 59.76
C ALA G 228 55.85 -22.03 59.37
N ALA G 229 56.13 -21.32 58.26
CA ALA G 229 57.51 -21.13 57.76
C ALA G 229 58.06 -19.71 57.94
N THR G 230 57.19 -18.72 57.82
CA THR G 230 57.57 -17.35 58.16
C THR G 230 57.14 -17.08 59.60
N GLY G 231 56.08 -17.76 60.00
CA GLY G 231 55.58 -17.74 61.37
C GLY G 231 54.89 -16.45 61.76
N VAL G 232 54.24 -15.80 60.77
CA VAL G 232 53.55 -14.53 60.97
C VAL G 232 52.10 -14.78 61.38
N PRO G 233 51.59 -13.98 62.36
CA PRO G 233 50.18 -14.06 62.74
C PRO G 233 49.24 -13.83 61.54
N VAL G 234 47.96 -14.19 61.69
CA VAL G 234 46.99 -14.04 60.62
C VAL G 234 45.61 -13.71 61.16
N PHE G 235 45.05 -12.63 60.63
CA PHE G 235 43.74 -12.19 61.04
C PHE G 235 42.78 -12.29 59.85
N ALA G 236 41.48 -12.21 60.13
CA ALA G 236 40.52 -12.24 59.07
C ALA G 236 39.25 -11.45 59.38
N ASP G 237 38.59 -10.96 58.33
CA ASP G 237 37.22 -10.48 58.45
C ASP G 237 36.38 -11.72 58.46
N TYR G 238 35.07 -11.54 58.63
CA TYR G 238 34.15 -12.67 58.78
C TYR G 238 34.30 -13.78 57.73
N GLU G 239 34.21 -13.38 56.46
CA GLU G 239 34.33 -14.31 55.33
C GLU G 239 35.65 -15.03 55.32
N GLY G 240 36.68 -14.42 55.90
CA GLY G 240 38.05 -14.98 55.95
C GLY G 240 38.30 -16.04 57.02
N LEU G 241 37.55 -15.99 58.11
CA LEU G 241 37.81 -16.83 59.28
C LEU G 241 37.94 -18.35 59.02
N SER G 242 37.26 -18.85 57.98
CA SER G 242 37.25 -20.27 57.62
C SER G 242 38.64 -20.77 57.35
N MET G 243 39.45 -19.89 56.76
CA MET G 243 40.77 -20.24 56.25
C MET G 243 41.80 -20.33 57.36
N LEU G 244 41.49 -19.75 58.52
CA LEU G 244 42.39 -19.81 59.70
C LEU G 244 42.22 -21.05 60.59
N SER G 245 41.62 -22.11 60.06
CA SER G 245 41.26 -23.24 60.91
C SER G 245 42.16 -24.44 60.66
N GLY G 246 42.90 -24.41 59.55
CA GLY G 246 43.87 -25.45 59.28
C GLY G 246 45.24 -25.03 59.77
N LEU G 247 45.29 -24.16 60.79
CA LEU G 247 46.54 -23.49 61.20
C LEU G 247 46.99 -23.71 62.64
N PRO G 248 48.32 -23.69 62.86
CA PRO G 248 48.82 -23.72 64.23
C PRO G 248 48.20 -22.61 65.08
N ASP G 249 47.99 -22.90 66.36
CA ASP G 249 47.12 -22.09 67.22
C ASP G 249 47.64 -20.73 67.63
N ALA G 250 48.95 -20.62 67.82
CA ALA G 250 49.56 -19.35 68.22
C ALA G 250 49.65 -18.42 67.02
N MET G 251 49.64 -19.00 65.82
CA MET G 251 49.66 -18.26 64.55
C MET G 251 48.27 -17.70 64.21
N ARG G 252 47.24 -18.12 64.95
CA ARG G 252 45.87 -17.61 64.75
C ARG G 252 45.61 -16.37 65.61
N GLY G 253 45.36 -15.26 64.94
CA GLY G 253 45.11 -14.00 65.64
C GLY G 253 43.63 -13.66 65.74
N GLY G 254 42.82 -14.32 64.92
CA GLY G 254 41.37 -14.19 65.03
C GLY G 254 40.82 -13.22 64.01
N LEU G 255 39.72 -12.58 64.39
CA LEU G 255 39.08 -11.62 63.53
C LEU G 255 39.84 -10.32 63.52
N VAL G 256 39.98 -9.76 62.34
CA VAL G 256 40.68 -8.49 62.16
C VAL G 256 40.25 -7.42 63.17
N GLN G 257 39.15 -7.66 63.87
CA GLN G 257 38.55 -6.64 64.74
C GLN G 257 39.27 -6.64 66.08
N ASN G 258 40.41 -7.27 66.10
CA ASN G 258 41.16 -7.46 67.30
C ASN G 258 42.24 -6.44 67.38
N LEU G 259 42.72 -6.01 66.22
CA LEU G 259 43.82 -5.09 66.17
C LEU G 259 43.38 -3.72 66.60
N TYR G 260 42.22 -3.63 67.25
CA TYR G 260 41.75 -2.38 67.82
C TYR G 260 42.58 -1.95 69.04
N SER G 261 42.43 -2.70 70.13
CA SER G 261 43.06 -2.40 71.41
C SER G 261 44.61 -2.48 71.40
N PHE G 262 45.18 -2.54 70.20
CA PHE G 262 46.61 -2.74 70.01
C PHE G 262 47.44 -1.48 70.17
N ALA G 263 46.79 -0.33 70.00
CA ALA G 263 47.43 0.97 70.15
C ALA G 263 47.69 1.27 71.62
N LYS G 264 46.64 1.14 72.45
CA LYS G 264 46.72 1.38 73.89
C LYS G 264 47.78 0.53 74.55
N ALA G 265 48.57 -0.19 73.75
CA ALA G 265 49.67 -0.97 74.30
C ALA G 265 51.02 -0.67 73.66
N ASP G 266 51.14 0.46 72.97
CA ASP G 266 52.28 0.71 72.05
C ASP G 266 52.63 -0.54 71.26
N ALA G 267 51.62 -1.21 70.71
CA ALA G 267 51.83 -2.48 70.02
C ALA G 267 51.13 -2.51 68.69
N ALA G 268 50.70 -1.34 68.24
CA ALA G 268 50.18 -1.16 66.88
C ALA G 268 51.14 -1.80 65.87
N PRO G 269 50.65 -2.78 65.07
CA PRO G 269 51.46 -3.52 64.12
C PRO G 269 52.28 -2.66 63.15
N ASP G 270 53.45 -3.17 62.83
CA ASP G 270 54.48 -2.52 62.02
C ASP G 270 54.14 -2.52 60.52
N LEU G 271 53.64 -3.66 60.06
CA LEU G 271 53.43 -3.91 58.64
C LEU G 271 52.24 -4.85 58.48
N VAL G 272 51.41 -4.58 57.46
CA VAL G 272 50.20 -5.34 57.22
C VAL G 272 50.20 -5.89 55.79
N LEU G 273 49.89 -7.16 55.67
CA LEU G 273 49.70 -7.78 54.37
C LEU G 273 48.23 -8.13 54.23
N MET G 274 47.54 -7.37 53.38
CA MET G 274 46.13 -7.57 53.11
C MET G 274 45.91 -8.39 51.83
N LEU G 275 45.39 -9.60 52.01
CA LEU G 275 45.24 -10.54 50.91
C LEU G 275 43.77 -10.70 50.74
N GLY G 276 43.15 -9.76 50.04
CA GLY G 276 41.76 -9.91 49.72
C GLY G 276 40.81 -9.10 50.55
N ALA G 277 41.28 -8.60 51.70
CA ALA G 277 40.50 -7.65 52.47
C ALA G 277 40.52 -6.31 51.75
N ARG G 278 39.39 -5.61 51.77
CA ARG G 278 39.32 -4.25 51.24
C ARG G 278 39.32 -3.25 52.39
N PHE G 279 39.76 -2.03 52.08
CA PHE G 279 39.53 -0.92 52.99
C PHE G 279 38.03 -0.62 53.06
N GLY G 280 37.45 -0.91 54.21
CA GLY G 280 36.02 -0.76 54.34
C GLY G 280 35.57 -1.23 55.69
N LEU G 281 34.27 -1.49 55.82
CA LEU G 281 33.64 -1.70 57.10
C LEU G 281 34.40 -2.66 58.00
N ASN G 282 34.90 -3.75 57.42
CA ASN G 282 35.47 -4.81 58.23
C ASN G 282 36.89 -4.54 58.73
N THR G 283 37.60 -3.67 58.03
CA THR G 283 38.98 -3.34 58.36
C THR G 283 39.09 -1.93 58.98
N GLY G 284 37.98 -1.43 59.52
CA GLY G 284 37.88 -0.09 60.15
C GLY G 284 38.12 1.04 59.17
N HIS G 285 37.51 0.94 57.99
CA HIS G 285 37.57 1.96 56.92
C HIS G 285 38.98 2.48 56.68
N GLY G 286 39.12 3.79 56.46
CA GLY G 286 40.45 4.41 56.36
C GLY G 286 40.90 5.09 57.65
N SER G 287 40.25 4.72 58.74
CA SER G 287 40.43 5.38 60.03
C SER G 287 41.76 5.04 60.67
N GLY G 288 42.23 3.83 60.38
CA GLY G 288 43.46 3.36 60.99
C GLY G 288 43.35 2.92 62.45
N GLN G 289 42.13 2.66 62.94
CA GLN G 289 41.96 1.96 64.22
C GLN G 289 42.41 0.51 64.08
N LEU G 290 42.29 -0.07 62.90
CA LEU G 290 42.69 -1.48 62.79
C LEU G 290 44.01 -1.60 62.07
N ILE G 291 44.11 -0.90 60.95
CA ILE G 291 45.26 -0.88 60.07
C ILE G 291 45.87 0.50 60.29
N PRO G 292 46.85 0.60 61.19
CA PRO G 292 47.36 1.94 61.57
C PRO G 292 48.12 2.67 60.45
N HIS G 293 48.12 4.00 60.49
CA HIS G 293 48.75 4.74 59.40
C HIS G 293 50.28 4.65 59.44
N SER G 294 50.85 4.41 60.61
CA SER G 294 52.29 4.21 60.76
C SER G 294 52.77 2.96 60.03
N ALA G 295 51.93 1.93 60.07
CA ALA G 295 52.25 0.65 59.51
C ALA G 295 52.37 0.70 58.00
N GLN G 296 53.41 0.06 57.48
CA GLN G 296 53.58 -0.02 56.03
C GLN G 296 52.78 -1.18 55.45
N VAL G 297 51.89 -0.85 54.51
CA VAL G 297 50.83 -1.76 54.08
C VAL G 297 51.04 -2.32 52.68
N ILE G 298 50.94 -3.64 52.53
CA ILE G 298 51.00 -4.33 51.23
C ILE G 298 49.65 -4.98 50.99
N GLN G 299 48.98 -4.56 49.92
CA GLN G 299 47.61 -5.00 49.63
C GLN G 299 47.53 -5.77 48.32
N VAL G 300 47.04 -7.00 48.38
CA VAL G 300 46.81 -7.83 47.19
C VAL G 300 45.31 -8.01 46.93
N ASP G 301 44.89 -7.61 45.74
CA ASP G 301 43.47 -7.65 45.40
C ASP G 301 43.32 -7.81 43.89
N PRO G 302 42.35 -8.63 43.43
CA PRO G 302 42.15 -8.83 42.01
C PRO G 302 41.77 -7.52 41.33
N ASP G 303 41.21 -6.63 42.12
CA ASP G 303 40.58 -5.42 41.62
C ASP G 303 41.35 -4.16 42.08
N ALA G 304 41.92 -3.42 41.14
CA ALA G 304 42.79 -2.29 41.48
C ALA G 304 42.10 -1.06 42.09
N CYS G 305 40.77 -0.89 41.91
CA CYS G 305 39.99 0.12 42.66
C CYS G 305 40.37 0.10 44.12
N GLU G 306 40.41 -1.13 44.64
CA GLU G 306 40.50 -1.42 46.06
C GLU G 306 41.85 -1.13 46.71
N LEU G 307 42.90 -1.18 45.89
CA LEU G 307 44.28 -0.98 46.29
C LEU G 307 44.54 0.37 46.92
N GLY G 308 44.47 0.40 48.25
CA GLY G 308 44.65 1.61 49.03
C GLY G 308 43.66 2.69 48.65
N ARG G 309 42.37 2.37 48.71
CA ARG G 309 41.38 3.36 48.33
C ARG G 309 41.18 4.37 49.45
N LEU G 310 41.29 3.92 50.68
CA LEU G 310 41.02 4.82 51.80
C LEU G 310 42.29 5.29 52.50
N GLN G 311 43.25 4.38 52.67
CA GLN G 311 44.57 4.73 53.17
C GLN G 311 45.52 4.64 51.99
N GLY G 312 46.66 5.31 52.11
CA GLY G 312 47.78 5.09 51.22
C GLY G 312 48.45 3.79 51.64
N ILE G 313 48.75 2.95 50.68
CA ILE G 313 49.52 1.77 51.00
C ILE G 313 50.96 1.97 50.50
N ALA G 314 51.89 1.11 50.92
CA ALA G 314 53.25 1.18 50.37
C ALA G 314 53.44 0.27 49.14
N LEU G 315 52.66 -0.81 49.03
CA LEU G 315 52.70 -1.69 47.85
C LEU G 315 51.34 -2.31 47.49
N GLY G 316 50.97 -2.20 46.22
CA GLY G 316 49.65 -2.71 45.74
C GLY G 316 49.74 -3.57 44.50
N ILE G 317 49.39 -4.85 44.64
CA ILE G 317 49.58 -5.85 43.57
C ILE G 317 48.25 -6.41 43.05
N VAL G 318 48.05 -6.38 41.72
CA VAL G 318 46.90 -7.05 41.10
C VAL G 318 47.32 -8.51 40.90
N ALA G 319 46.60 -9.42 41.54
CA ALA G 319 46.74 -10.85 41.29
C ALA G 319 45.59 -11.50 41.99
N ASP G 320 45.29 -12.74 41.60
CA ASP G 320 44.37 -13.56 42.40
C ASP G 320 44.99 -13.89 43.75
N VAL G 321 44.21 -13.67 44.79
CA VAL G 321 44.65 -13.93 46.15
C VAL G 321 45.02 -15.40 46.30
N GLY G 322 44.21 -16.30 45.78
CA GLY G 322 44.47 -17.72 45.91
C GLY G 322 45.75 -18.13 45.24
N GLY G 323 45.99 -17.60 44.04
CA GLY G 323 47.20 -17.86 43.29
C GLY G 323 48.42 -17.25 43.95
N THR G 324 48.25 -16.09 44.60
CA THR G 324 49.36 -15.39 45.31
C THR G 324 49.91 -16.23 46.46
N ILE G 325 49.01 -16.80 47.26
CA ILE G 325 49.39 -17.65 48.38
C ILE G 325 50.17 -18.89 47.92
N GLU G 326 49.80 -19.43 46.77
CA GLU G 326 50.60 -20.46 46.11
C GLU G 326 52.04 -19.98 45.87
N ALA G 327 52.18 -18.77 45.32
CA ALA G 327 53.49 -18.17 45.03
C ALA G 327 54.22 -17.82 46.30
N LEU G 328 53.47 -17.60 47.38
CA LEU G 328 54.11 -17.33 48.65
C LEU G 328 54.73 -18.57 49.34
N ALA G 329 54.08 -19.74 49.26
CA ALA G 329 54.70 -20.98 49.78
C ALA G 329 55.91 -21.38 48.94
N GLN G 330 55.69 -21.33 47.62
CA GLN G 330 56.68 -21.49 46.55
C GLN G 330 58.01 -20.79 46.84
N ALA G 331 57.90 -19.49 47.11
CA ALA G 331 59.03 -18.62 47.30
C ALA G 331 59.55 -18.69 48.73
N THR G 332 58.89 -19.49 49.57
CA THR G 332 59.32 -19.70 50.96
C THR G 332 60.01 -21.07 51.18
N ALA G 333 59.78 -22.03 50.27
CA ALA G 333 60.45 -23.34 50.31
C ALA G 333 62.01 -23.32 50.33
N GLN G 334 62.63 -22.25 49.79
CA GLN G 334 64.11 -22.06 49.81
C GLN G 334 64.51 -21.01 50.84
N ASP G 335 63.62 -20.05 51.05
CA ASP G 335 63.81 -18.93 51.97
C ASP G 335 63.85 -19.35 53.44
N ALA G 336 64.97 -19.93 53.86
CA ALA G 336 65.00 -20.52 55.19
C ALA G 336 65.24 -19.49 56.28
N ALA G 337 65.80 -18.33 55.93
CA ALA G 337 66.30 -17.40 56.93
C ALA G 337 65.23 -16.52 57.64
N TRP G 338 64.03 -17.05 57.84
CA TRP G 338 62.93 -16.35 58.57
C TRP G 338 63.12 -16.26 60.08
N PRO G 339 63.12 -15.03 60.64
CA PRO G 339 63.20 -14.90 62.08
C PRO G 339 62.11 -15.67 62.83
N ASP G 340 62.41 -15.95 64.09
CA ASP G 340 61.45 -16.46 65.07
C ASP G 340 60.49 -15.33 65.41
N ARG G 341 59.19 -15.61 65.37
CA ARG G 341 58.20 -14.59 65.67
C ARG G 341 57.54 -14.89 67.01
N GLY G 342 58.31 -15.57 67.86
CA GLY G 342 57.86 -16.01 69.17
C GLY G 342 57.31 -14.89 70.03
N ASP G 343 58.06 -13.79 70.11
CA ASP G 343 57.70 -12.66 70.97
C ASP G 343 56.42 -11.99 70.51
N TRP G 344 56.30 -11.87 69.17
CA TRP G 344 55.14 -11.25 68.58
C TRP G 344 53.91 -12.16 68.64
N CYS G 345 54.08 -13.46 68.34
CA CYS G 345 52.97 -14.45 68.33
C CYS G 345 52.26 -14.59 69.67
N ALA G 346 53.04 -14.52 70.74
CA ALA G 346 52.53 -14.59 72.10
C ALA G 346 51.64 -13.40 72.44
N LYS G 347 52.11 -12.19 72.12
CA LYS G 347 51.37 -10.98 72.46
C LYS G 347 50.01 -10.91 71.77
N VAL G 348 49.95 -11.40 70.53
CA VAL G 348 48.73 -11.44 69.75
C VAL G 348 47.65 -12.30 70.42
N THR G 349 48.03 -13.52 70.78
CA THR G 349 47.09 -14.41 71.43
C THR G 349 46.79 -13.94 72.87
N ASP G 350 47.76 -13.27 73.48
CA ASP G 350 47.56 -12.63 74.79
C ASP G 350 46.49 -11.53 74.77
N LEU G 351 46.61 -10.59 73.81
CA LEU G 351 45.69 -9.45 73.72
C LEU G 351 44.25 -9.87 73.38
N ALA G 352 44.09 -10.90 72.54
CA ALA G 352 42.76 -11.40 72.18
C ALA G 352 42.15 -12.12 73.39
N GLN G 353 43.03 -12.67 74.23
CA GLN G 353 42.64 -13.33 75.48
C GLN G 353 42.27 -12.31 76.57
N GLU G 354 42.96 -11.17 76.60
CA GLU G 354 42.68 -10.07 77.52
C GLU G 354 41.30 -9.50 77.35
N ARG G 355 40.97 -9.25 76.08
CA ARG G 355 39.65 -8.79 75.66
C ARG G 355 38.58 -9.76 76.10
N TYR G 356 38.87 -11.06 75.90
CA TYR G 356 37.96 -12.14 76.23
C TYR G 356 37.62 -12.17 77.71
N ALA G 357 38.65 -12.10 78.53
CA ALA G 357 38.48 -12.09 79.97
C ALA G 357 37.80 -10.81 80.40
N SER G 358 38.10 -9.71 79.71
CA SER G 358 37.56 -8.40 80.05
C SER G 358 36.05 -8.31 79.84
N ILE G 359 35.54 -9.02 78.83
CA ILE G 359 34.11 -9.17 78.56
C ILE G 359 33.46 -10.18 79.51
N ALA G 360 34.11 -11.34 79.67
CA ALA G 360 33.57 -12.43 80.48
C ALA G 360 33.38 -11.98 81.89
N ALA G 361 34.16 -10.99 82.31
CA ALA G 361 34.14 -10.52 83.70
C ALA G 361 33.17 -9.35 83.89
N LYS G 362 32.46 -9.00 82.82
CA LYS G 362 31.45 -7.97 82.91
C LYS G 362 30.08 -8.55 82.67
N SER G 363 30.03 -9.75 82.10
CA SER G 363 28.78 -10.38 81.71
C SER G 363 28.23 -11.27 82.81
N SER G 364 26.97 -11.12 83.18
CA SER G 364 26.42 -12.09 84.11
C SER G 364 24.99 -12.31 83.74
N SER G 365 24.48 -13.47 84.11
CA SER G 365 23.13 -13.89 83.76
C SER G 365 22.33 -14.20 85.04
N GLU G 366 22.69 -13.51 86.12
CA GLU G 366 22.02 -13.61 87.41
C GLU G 366 20.51 -13.45 87.27
N HIS G 367 20.08 -12.42 86.55
CA HIS G 367 18.65 -12.23 86.23
C HIS G 367 18.20 -12.80 84.86
N ALA G 368 18.71 -12.28 83.76
CA ALA G 368 18.34 -12.79 82.44
C ALA G 368 19.57 -13.34 81.73
N LEU G 369 19.41 -14.44 80.97
CA LEU G 369 20.57 -15.05 80.30
C LEU G 369 21.33 -14.09 79.40
N HIS G 370 22.60 -13.91 79.73
CA HIS G 370 23.45 -12.97 79.03
C HIS G 370 23.76 -13.47 77.65
N PRO G 371 23.72 -12.59 76.65
CA PRO G 371 23.97 -13.01 75.26
C PRO G 371 25.35 -13.57 75.05
N PHE G 372 26.33 -13.06 75.77
CA PHE G 372 27.70 -13.56 75.65
C PHE G 372 27.84 -14.95 76.26
N HIS G 373 27.25 -15.17 77.44
CA HIS G 373 27.22 -16.50 78.06
C HIS G 373 26.50 -17.49 77.11
N ALA G 374 25.41 -17.07 76.48
CA ALA G 374 24.76 -17.89 75.46
C ALA G 374 25.65 -18.13 74.22
N SER G 375 26.49 -17.16 73.85
CA SER G 375 27.42 -17.33 72.76
C SER G 375 28.48 -18.34 73.09
N GLN G 376 28.89 -18.38 74.35
CA GLN G 376 29.79 -19.42 74.82
C GLN G 376 29.21 -20.82 74.71
N VAL G 377 27.89 -20.96 74.87
CA VAL G 377 27.26 -22.30 74.83
C VAL G 377 27.47 -22.95 73.46
N ILE G 378 27.44 -22.11 72.44
CA ILE G 378 27.58 -22.51 71.06
C ILE G 378 29.03 -22.83 70.79
N ALA G 379 29.93 -22.08 71.42
CA ALA G 379 31.36 -22.23 71.18
C ALA G 379 31.93 -23.62 71.45
N LYS G 380 31.42 -24.31 72.48
CA LYS G 380 31.91 -25.65 72.78
C LYS G 380 31.55 -26.68 71.67
N HIS G 381 30.57 -26.35 70.82
CA HIS G 381 30.15 -27.26 69.76
C HIS G 381 30.73 -26.94 68.39
N VAL G 382 31.48 -25.86 68.29
CA VAL G 382 32.11 -25.46 67.02
C VAL G 382 33.46 -26.12 66.74
N ASP G 383 33.48 -27.02 65.77
CA ASP G 383 34.73 -27.57 65.25
C ASP G 383 34.75 -27.51 63.72
N ALA G 384 35.67 -28.25 63.10
CA ALA G 384 35.74 -28.33 61.64
C ALA G 384 34.51 -29.06 61.03
N GLY G 385 33.70 -29.68 61.88
CA GLY G 385 32.51 -30.42 61.44
C GLY G 385 31.23 -29.63 61.45
N VAL G 386 31.36 -28.31 61.61
CA VAL G 386 30.24 -27.42 61.82
C VAL G 386 30.42 -26.13 60.99
N THR G 387 29.41 -25.77 60.19
CA THR G 387 29.36 -24.44 59.55
C THR G 387 28.46 -23.52 60.40
N VAL G 388 28.99 -22.41 60.89
CA VAL G 388 28.22 -21.47 61.72
C VAL G 388 27.74 -20.34 60.84
N VAL G 389 26.42 -20.18 60.70
CA VAL G 389 25.84 -19.02 59.96
C VAL G 389 25.30 -17.99 60.93
N ALA G 390 25.61 -16.71 60.72
CA ALA G 390 25.29 -15.71 61.73
C ALA G 390 24.57 -14.52 61.15
N ASP G 391 23.39 -14.26 61.70
CA ASP G 391 22.44 -13.27 61.22
C ASP G 391 21.92 -12.47 62.41
N GLY G 392 21.23 -11.35 62.20
CA GLY G 392 20.67 -10.60 63.32
C GLY G 392 21.55 -9.42 63.65
N GLY G 393 21.20 -8.69 64.70
CA GLY G 393 21.85 -7.42 64.97
C GLY G 393 22.88 -7.54 66.07
N LEU G 394 22.42 -7.48 67.32
CA LEU G 394 23.33 -7.59 68.45
C LEU G 394 23.89 -9.00 68.55
N THR G 395 23.12 -9.98 68.06
CA THR G 395 23.49 -11.35 68.29
C THR G 395 24.80 -11.72 67.58
N TYR G 396 25.06 -11.14 66.40
CA TYR G 396 26.32 -11.44 65.67
C TYR G 396 27.56 -10.67 66.13
N LEU G 397 27.35 -9.46 66.64
CA LEU G 397 28.40 -8.68 67.31
C LEU G 397 28.89 -9.35 68.60
N TRP G 398 27.99 -10.11 69.22
CA TRP G 398 28.33 -10.95 70.36
C TRP G 398 29.12 -12.22 69.95
N LEU G 399 28.65 -12.94 68.94
CA LEU G 399 29.33 -14.16 68.45
C LEU G 399 30.76 -13.90 68.01
N SER G 400 31.00 -12.74 67.43
CA SER G 400 32.32 -12.39 67.00
C SER G 400 33.36 -12.47 68.14
N GLU G 401 32.93 -12.18 69.36
CA GLU G 401 33.83 -12.24 70.49
C GLU G 401 34.20 -13.68 70.90
N VAL G 402 33.38 -14.64 70.46
CA VAL G 402 33.56 -16.06 70.80
C VAL G 402 34.13 -16.85 69.62
N MET G 403 34.13 -16.25 68.43
CA MET G 403 34.41 -16.95 67.20
C MET G 403 35.89 -17.09 66.85
N SER G 404 36.71 -16.21 67.41
CA SER G 404 38.14 -16.20 67.16
C SER G 404 38.86 -17.43 67.67
N ARG G 405 38.44 -17.96 68.82
CA ARG G 405 39.15 -19.08 69.44
C ARG G 405 38.86 -20.46 68.86
N VAL G 406 37.70 -20.61 68.25
CA VAL G 406 37.36 -21.90 67.67
C VAL G 406 37.68 -21.98 66.17
N LYS G 407 37.92 -23.21 65.72
CA LYS G 407 38.31 -23.52 64.35
C LYS G 407 37.09 -24.10 63.62
N PRO G 408 36.17 -23.24 63.12
CA PRO G 408 35.01 -23.75 62.42
C PRO G 408 35.32 -24.07 60.97
N GLY G 409 34.69 -25.13 60.47
CA GLY G 409 34.88 -25.56 59.09
C GLY G 409 34.28 -24.55 58.16
N GLY G 410 33.36 -23.74 58.65
CA GLY G 410 32.76 -22.68 57.86
C GLY G 410 32.12 -21.60 58.70
N PHE G 411 32.35 -20.34 58.33
CA PHE G 411 31.75 -19.23 59.06
C PHE G 411 31.19 -18.17 58.12
N LEU G 412 29.86 -18.10 58.05
CA LEU G 412 29.16 -17.23 57.08
C LEU G 412 28.50 -16.08 57.80
N CYS G 413 29.04 -14.89 57.62
CA CYS G 413 28.51 -13.75 58.35
C CYS G 413 28.02 -12.65 57.41
N HIS G 414 27.70 -11.48 57.97
CA HIS G 414 27.18 -10.37 57.18
C HIS G 414 28.20 -9.75 56.25
N GLY G 415 27.73 -9.37 55.06
CA GLY G 415 28.51 -8.63 54.04
C GLY G 415 28.47 -7.13 54.32
N TYR G 416 28.93 -6.34 53.35
CA TYR G 416 28.91 -4.89 53.52
C TYR G 416 27.47 -4.44 53.51
N LEU G 417 26.64 -5.26 52.86
CA LEU G 417 25.23 -4.92 52.67
C LEU G 417 24.48 -4.89 54.01
N ASN G 418 24.94 -5.76 54.91
CA ASN G 418 24.35 -5.92 56.23
C ASN G 418 22.81 -6.02 56.24
N SER G 419 22.24 -6.90 55.42
CA SER G 419 20.78 -7.04 55.36
C SER G 419 20.25 -8.14 56.31
N MET G 420 19.42 -7.76 57.27
CA MET G 420 18.87 -8.75 58.21
C MET G 420 17.88 -9.74 57.57
N GLY G 421 18.02 -11.01 57.97
CA GLY G 421 17.06 -12.01 57.54
C GLY G 421 17.60 -12.99 56.52
N VAL G 422 18.68 -12.58 55.85
CA VAL G 422 19.33 -13.39 54.81
C VAL G 422 19.96 -14.67 55.36
N GLY G 423 19.91 -14.81 56.70
CA GLY G 423 20.36 -15.99 57.47
C GLY G 423 19.86 -17.36 57.03
N PHE G 424 18.53 -17.60 57.09
CA PHE G 424 17.95 -18.87 56.56
C PHE G 424 18.41 -19.21 55.15
N GLY G 425 18.26 -18.29 54.20
CA GLY G 425 18.60 -18.62 52.83
C GLY G 425 20.00 -19.18 52.77
N THR G 426 20.95 -18.33 53.19
CA THR G 426 22.37 -18.64 53.16
C THR G 426 22.63 -19.89 53.96
N ALA G 427 22.03 -20.04 55.14
CA ALA G 427 22.23 -21.26 56.00
C ALA G 427 21.73 -22.55 55.39
N LEU G 428 20.59 -22.48 54.75
CA LEU G 428 19.95 -23.62 54.14
C LEU G 428 20.85 -24.14 53.05
N GLY G 429 21.28 -23.23 52.19
CA GLY G 429 22.14 -23.59 51.09
C GLY G 429 23.48 -24.10 51.57
N ALA G 430 23.91 -23.59 52.71
CA ALA G 430 25.19 -24.00 53.27
C ALA G 430 25.10 -25.46 53.72
N GLN G 431 23.96 -25.84 54.30
CA GLN G 431 23.72 -27.22 54.71
C GLN G 431 23.75 -28.22 53.54
N VAL G 432 23.33 -27.76 52.35
CA VAL G 432 23.28 -28.64 51.21
C VAL G 432 24.68 -28.91 50.75
N ALA G 433 25.54 -27.90 50.87
CA ALA G 433 26.95 -28.07 50.55
C ALA G 433 27.61 -28.90 51.63
N ASP G 434 27.07 -28.80 52.83
CA ASP G 434 27.63 -29.49 53.97
C ASP G 434 27.21 -30.94 54.05
N LEU G 435 26.21 -31.35 53.27
CA LEU G 435 25.80 -32.75 53.28
C LEU G 435 26.91 -33.63 52.68
N GLU G 436 27.46 -33.16 51.57
CA GLU G 436 28.52 -33.90 50.88
C GLU G 436 29.75 -34.00 51.77
N ALA G 437 30.04 -32.94 52.54
CA ALA G 437 31.12 -32.94 53.54
C ALA G 437 30.82 -33.67 54.87
N GLY G 438 29.55 -33.92 55.19
CA GLY G 438 29.16 -34.49 56.50
C GLY G 438 28.97 -33.48 57.65
N ARG G 439 29.42 -32.24 57.44
CA ARG G 439 29.34 -31.13 58.43
C ARG G 439 27.91 -30.76 58.68
N ARG G 440 27.61 -30.28 59.88
CA ARG G 440 26.27 -29.79 60.14
C ARG G 440 26.24 -28.28 60.15
N THR G 441 25.14 -27.72 59.68
CA THR G 441 25.02 -26.29 59.69
C THR G 441 24.17 -25.84 60.85
N ILE G 442 24.67 -24.85 61.59
CA ILE G 442 23.91 -24.16 62.63
C ILE G 442 23.76 -22.67 62.31
N LEU G 443 22.52 -22.18 62.23
CA LEU G 443 22.30 -20.75 62.05
C LEU G 443 21.98 -20.07 63.39
N VAL G 444 22.76 -19.02 63.71
CA VAL G 444 22.49 -18.20 64.89
C VAL G 444 21.90 -16.87 64.44
N THR G 445 20.61 -16.66 64.69
CA THR G 445 19.91 -15.48 64.18
C THR G 445 19.23 -14.68 65.31
N GLY G 446 18.78 -13.47 65.02
CA GLY G 446 17.91 -12.73 65.96
C GLY G 446 16.40 -12.97 65.83
N ASP G 447 15.60 -12.37 66.70
CA ASP G 447 14.17 -12.60 66.65
C ASP G 447 13.56 -11.80 65.51
N GLY G 448 14.23 -10.72 65.11
CA GLY G 448 13.73 -9.85 64.05
C GLY G 448 14.06 -10.47 62.72
N SER G 449 15.29 -10.96 62.63
CA SER G 449 15.79 -11.58 61.42
C SER G 449 15.18 -12.91 61.01
N VAL G 450 14.66 -13.68 61.97
CA VAL G 450 14.12 -15.00 61.61
C VAL G 450 12.80 -14.75 60.91
N GLY G 451 12.19 -13.61 61.24
CA GLY G 451 10.89 -13.22 60.71
C GLY G 451 10.83 -13.06 59.20
N TYR G 452 11.97 -12.82 58.57
CA TYR G 452 12.00 -12.50 57.16
C TYR G 452 11.65 -13.70 56.34
N SER G 453 12.20 -14.86 56.71
CA SER G 453 11.97 -16.08 55.94
C SER G 453 11.50 -17.19 56.82
N ILE G 454 10.65 -16.90 57.80
CA ILE G 454 10.26 -17.93 58.76
C ILE G 454 9.61 -19.15 58.11
N GLY G 455 9.05 -18.96 56.92
CA GLY G 455 8.34 -20.03 56.24
C GLY G 455 9.27 -21.13 55.74
N GLU G 456 10.58 -20.91 55.88
CA GLU G 456 11.54 -21.84 55.32
C GLU G 456 11.73 -23.06 56.17
N PHE G 457 11.19 -23.04 57.40
CA PHE G 457 11.11 -24.26 58.20
C PHE G 457 10.36 -25.29 57.39
N ASP G 458 9.40 -24.82 56.60
CA ASP G 458 8.66 -25.71 55.70
C ASP G 458 9.59 -26.33 54.66
N THR G 459 10.55 -25.57 54.13
CA THR G 459 11.51 -26.10 53.17
C THR G 459 12.44 -27.09 53.87
N LEU G 460 12.89 -26.78 55.07
CA LEU G 460 13.81 -27.69 55.74
C LEU G 460 13.19 -29.05 56.00
N VAL G 461 11.89 -29.05 56.28
CA VAL G 461 11.15 -30.27 56.52
C VAL G 461 10.84 -31.05 55.22
N ARG G 462 10.28 -30.39 54.21
CA ARG G 462 10.02 -31.06 52.93
C ARG G 462 11.30 -31.60 52.27
N LYS G 463 12.43 -30.97 52.53
CA LYS G 463 13.69 -31.31 51.87
C LYS G 463 14.66 -32.07 52.75
N GLN G 464 14.27 -32.37 53.99
CA GLN G 464 15.07 -33.20 54.88
C GLN G 464 16.41 -32.55 55.26
N LEU G 465 16.40 -31.28 55.65
CA LEU G 465 17.64 -30.59 55.95
C LEU G 465 17.80 -30.38 57.44
N PRO G 466 18.89 -30.91 58.02
CA PRO G 466 19.03 -30.90 59.47
C PRO G 466 19.65 -29.62 59.99
N LEU G 467 18.98 -28.48 59.83
CA LEU G 467 19.65 -27.22 60.10
C LEU G 467 19.20 -26.59 61.40
N ILE G 468 19.91 -26.84 62.48
CA ILE G 468 19.62 -26.12 63.72
C ILE G 468 19.59 -24.56 63.60
N VAL G 469 18.51 -23.93 64.07
CA VAL G 469 18.31 -22.49 63.95
C VAL G 469 18.15 -21.95 65.33
N ILE G 470 19.15 -21.24 65.78
CA ILE G 470 19.10 -20.65 67.10
C ILE G 470 18.68 -19.20 66.98
N ILE G 471 17.55 -18.86 67.62
CA ILE G 471 17.04 -17.50 67.69
C ILE G 471 17.44 -16.90 69.04
N MET G 472 18.39 -15.97 69.05
CA MET G 472 18.62 -15.18 70.26
C MET G 472 17.52 -14.12 70.30
N ASN G 473 16.49 -14.44 71.07
CA ASN G 473 15.29 -13.64 71.14
C ASN G 473 15.45 -12.59 72.25
N ASN G 474 15.66 -11.34 71.87
CA ASN G 474 15.61 -10.28 72.89
C ASN G 474 14.36 -9.43 72.76
N GLN G 475 13.34 -9.97 72.09
CA GLN G 475 12.00 -9.39 72.07
C GLN G 475 12.03 -8.04 71.40
N SER G 476 13.03 -7.85 70.55
CA SER G 476 13.17 -6.58 69.83
C SER G 476 14.15 -6.65 68.66
N TRP G 477 14.04 -5.64 67.79
CA TRP G 477 15.09 -5.29 66.85
C TRP G 477 16.18 -4.55 67.66
N GLY G 478 17.02 -5.35 68.32
CA GLY G 478 18.06 -4.91 69.25
C GLY G 478 18.99 -3.82 68.80
N TRP G 479 19.76 -4.04 67.74
CA TRP G 479 20.72 -3.05 67.30
C TRP G 479 20.12 -1.67 67.02
N THR G 480 18.93 -1.59 66.47
CA THR G 480 18.36 -0.26 66.20
C THR G 480 17.70 0.35 67.45
N LEU G 481 17.13 -0.49 68.32
CA LEU G 481 16.59 -0.01 69.59
C LEU G 481 17.70 0.62 70.46
N HIS G 482 18.88 -0.01 70.42
CA HIS G 482 20.09 0.49 71.06
C HIS G 482 20.51 1.83 70.51
N PHE G 483 20.44 2.00 69.20
CA PHE G 483 20.78 3.27 68.60
C PHE G 483 19.82 4.35 69.12
N GLN G 484 18.54 3.99 69.17
CA GLN G 484 17.51 4.97 69.55
C GLN G 484 17.72 5.52 70.99
N GLN G 485 18.30 4.73 71.86
CA GLN G 485 18.29 5.17 73.24
C GLN G 485 19.64 5.76 73.61
N LEU G 486 20.67 5.28 72.92
CA LEU G 486 22.06 5.69 73.09
C LEU G 486 22.40 6.92 72.27
N ALA G 487 21.76 7.06 71.12
CA ALA G 487 22.12 8.16 70.24
C ALA G 487 20.98 9.12 70.00
N VAL G 488 19.76 8.79 70.44
CA VAL G 488 18.68 9.79 70.41
C VAL G 488 18.21 10.15 71.81
N GLY G 489 17.65 9.18 72.52
CA GLY G 489 17.25 9.38 73.91
C GLY G 489 16.47 8.23 74.53
N PRO G 490 16.64 8.06 75.85
CA PRO G 490 16.18 6.95 76.70
C PRO G 490 14.69 6.57 76.55
N ASN G 491 13.80 7.56 76.62
CA ASN G 491 12.37 7.30 76.54
C ASN G 491 11.82 7.23 75.12
N ARG G 492 12.67 7.44 74.10
CA ARG G 492 12.16 7.55 72.73
C ARG G 492 12.56 6.43 71.74
N VAL G 493 11.91 5.31 71.99
CA VAL G 493 12.14 4.06 71.32
C VAL G 493 10.83 3.77 70.58
N THR G 494 10.83 3.80 69.25
CA THR G 494 9.61 3.44 68.49
C THR G 494 9.84 2.53 67.33
N GLY G 495 8.88 1.65 67.08
CA GLY G 495 8.98 0.68 65.99
C GLY G 495 10.08 -0.36 66.14
N THR G 496 10.60 -0.53 67.34
CA THR G 496 11.73 -1.42 67.48
C THR G 496 11.46 -2.58 68.45
N ARG G 497 10.29 -2.61 69.08
CA ARG G 497 10.02 -3.68 70.06
C ARG G 497 9.25 -4.81 69.38
N LEU G 498 9.49 -6.06 69.82
CA LEU G 498 8.85 -7.26 69.23
C LEU G 498 8.39 -8.23 70.30
N GLU G 499 7.32 -7.90 71.01
CA GLU G 499 6.99 -8.64 72.22
C GLU G 499 5.85 -9.62 72.03
N ASN G 500 5.98 -10.37 70.94
CA ASN G 500 4.97 -11.31 70.49
C ASN G 500 5.51 -12.52 69.69
N GLY G 501 4.77 -13.64 69.75
CA GLY G 501 5.01 -14.88 68.97
C GLY G 501 5.89 -16.01 69.52
N SER G 502 5.35 -17.22 69.62
CA SER G 502 6.17 -18.38 69.91
C SER G 502 6.85 -18.81 68.63
N TYR G 503 8.16 -18.54 68.49
CA TYR G 503 8.91 -19.00 67.31
C TYR G 503 9.08 -20.50 67.30
N HIS G 504 9.30 -21.07 68.48
CA HIS G 504 9.32 -22.51 68.62
C HIS G 504 7.95 -23.05 68.21
N GLY G 505 6.89 -22.29 68.45
CA GLY G 505 5.56 -22.68 67.99
C GLY G 505 5.41 -22.66 66.48
N VAL G 506 6.05 -21.68 65.83
CA VAL G 506 6.00 -21.57 64.38
C VAL G 506 6.70 -22.77 63.76
N ALA G 507 7.83 -23.14 64.34
CA ALA G 507 8.66 -24.16 63.74
C ALA G 507 8.00 -25.52 63.85
N ALA G 508 7.38 -25.76 65.00
CA ALA G 508 6.67 -27.00 65.27
C ALA G 508 5.48 -27.16 64.31
N ALA G 509 4.91 -26.04 63.89
CA ALA G 509 3.72 -26.07 63.08
C ALA G 509 4.13 -26.40 61.67
N PHE G 510 5.43 -26.31 61.39
CA PHE G 510 5.93 -26.69 60.08
C PHE G 510 6.55 -28.07 60.07
N GLY G 511 6.45 -28.79 61.18
CA GLY G 511 7.07 -30.11 61.31
C GLY G 511 8.48 -30.17 61.89
N ALA G 512 9.09 -29.04 62.26
CA ALA G 512 10.45 -29.04 62.80
C ALA G 512 10.45 -29.08 64.31
N ASP G 513 11.56 -29.53 64.89
CA ASP G 513 11.73 -29.72 66.34
C ASP G 513 11.72 -28.38 67.10
N GLY G 514 10.94 -28.29 68.17
CA GLY G 514 10.81 -27.05 68.93
C GLY G 514 11.33 -27.07 70.37
N TYR G 515 12.22 -26.13 70.68
CA TYR G 515 12.76 -26.02 72.04
C TYR G 515 12.71 -24.57 72.55
N HIS G 516 12.19 -24.34 73.76
CA HIS G 516 12.17 -22.99 74.36
C HIS G 516 12.98 -22.98 75.65
N VAL G 517 14.03 -22.17 75.67
CA VAL G 517 14.97 -22.16 76.79
C VAL G 517 15.34 -20.73 77.15
N ASP G 518 15.65 -20.48 78.42
CA ASP G 518 16.00 -19.13 78.89
C ASP G 518 17.27 -19.04 79.72
N SER G 519 17.75 -20.12 80.29
CA SER G 519 18.98 -20.02 81.07
C SER G 519 20.11 -20.68 80.31
N VAL G 520 21.33 -20.52 80.82
CA VAL G 520 22.53 -21.24 80.36
C VAL G 520 22.33 -22.75 80.33
N GLU G 521 21.82 -23.32 81.43
CA GLU G 521 21.62 -24.77 81.55
C GLU G 521 20.66 -25.31 80.50
N SER G 522 19.54 -24.61 80.32
CA SER G 522 18.47 -25.06 79.43
C SER G 522 18.95 -25.18 78.04
N PHE G 523 19.65 -24.12 77.64
CA PHE G 523 20.17 -23.93 76.31
C PHE G 523 21.19 -25.00 75.92
N SER G 524 22.13 -25.26 76.82
CA SER G 524 23.23 -26.18 76.52
C SER G 524 22.68 -27.59 76.36
N ALA G 525 21.64 -27.87 77.14
CA ALA G 525 20.93 -29.15 77.11
C ALA G 525 20.17 -29.34 75.81
N ALA G 526 19.34 -28.35 75.48
CA ALA G 526 18.54 -28.39 74.26
C ALA G 526 19.42 -28.40 73.01
N LEU G 527 20.57 -27.75 73.08
CA LEU G 527 21.46 -27.71 71.93
C LEU G 527 22.02 -29.09 71.64
N ALA G 528 22.51 -29.77 72.68
CA ALA G 528 23.18 -31.04 72.47
C ALA G 528 22.15 -32.08 72.03
N GLN G 529 20.90 -31.84 72.42
CA GLN G 529 19.75 -32.68 72.05
C GLN G 529 19.52 -32.63 70.53
N ALA G 530 19.42 -31.41 70.00
CA ALA G 530 19.10 -31.23 68.59
C ALA G 530 20.24 -31.68 67.70
N LEU G 531 21.44 -31.71 68.26
CA LEU G 531 22.62 -32.25 67.55
C LEU G 531 22.64 -33.78 67.45
N ALA G 532 22.20 -34.47 68.50
CA ALA G 532 22.10 -35.92 68.46
C ALA G 532 21.06 -36.34 67.44
N HIS G 533 20.00 -35.56 67.30
CA HIS G 533 18.93 -35.88 66.35
C HIS G 533 19.27 -35.36 64.98
N ASN G 534 19.15 -36.22 63.96
CA ASN G 534 19.47 -35.86 62.59
C ASN G 534 18.25 -35.28 61.85
N ARG G 535 17.76 -34.14 62.30
CA ARG G 535 16.66 -33.47 61.61
C ARG G 535 16.67 -32.00 61.99
N PRO G 536 15.72 -31.23 61.43
CA PRO G 536 15.73 -29.77 61.61
C PRO G 536 15.10 -29.35 62.92
N ALA G 537 15.74 -28.40 63.58
CA ALA G 537 15.21 -27.91 64.84
C ALA G 537 15.30 -26.40 65.04
N CYS G 538 14.38 -25.85 65.83
CA CYS G 538 14.42 -24.46 66.18
C CYS G 538 14.61 -24.29 67.68
N ILE G 539 15.63 -23.54 68.07
CA ILE G 539 15.91 -23.24 69.49
C ILE G 539 15.71 -21.76 69.80
N ASN G 540 14.62 -21.48 70.52
CA ASN G 540 14.21 -20.14 70.86
C ASN G 540 14.82 -19.68 72.19
N VAL G 541 15.83 -18.80 72.12
CA VAL G 541 16.63 -18.46 73.30
C VAL G 541 16.29 -17.08 73.83
N ALA G 542 15.80 -17.03 75.07
CA ALA G 542 15.66 -15.77 75.80
C ALA G 542 17.02 -15.23 76.22
N VAL G 543 17.37 -14.04 75.71
CA VAL G 543 18.58 -13.30 76.09
C VAL G 543 18.27 -11.87 76.54
N ALA G 544 19.16 -11.29 77.35
CA ALA G 544 19.07 -9.86 77.71
C ALA G 544 19.27 -8.96 76.51
N LEU G 545 18.65 -7.78 76.57
CA LEU G 545 18.73 -6.81 75.47
C LEU G 545 19.79 -5.77 75.76
N ASP G 546 19.89 -5.40 77.04
CA ASP G 546 20.64 -4.21 77.49
C ASP G 546 22.17 -4.27 77.32
N PRO G 547 22.80 -5.46 77.52
CA PRO G 547 24.22 -5.61 77.26
C PRO G 547 24.66 -5.14 75.86
N ILE G 548 25.60 -4.19 75.86
CA ILE G 548 26.16 -3.64 74.64
C ILE G 548 27.42 -4.43 74.26
N PRO G 549 27.41 -5.02 73.06
CA PRO G 549 28.61 -5.69 72.56
C PRO G 549 29.68 -4.66 72.27
N PRO G 550 30.97 -5.02 72.43
CA PRO G 550 32.06 -4.07 72.34
C PRO G 550 32.13 -3.45 70.95
N GLU G 551 31.70 -4.25 69.97
CA GLU G 551 31.75 -3.88 68.56
C GLU G 551 30.72 -2.83 68.22
N GLU G 552 29.62 -2.83 68.98
CA GLU G 552 28.62 -1.77 68.87
C GLU G 552 29.21 -0.43 69.28
N LEU G 553 29.99 -0.41 70.35
CA LEU G 553 30.65 0.81 70.85
C LEU G 553 31.90 1.19 70.03
N ILE G 554 32.48 0.23 69.34
CA ILE G 554 33.61 0.51 68.47
C ILE G 554 33.16 1.13 67.14
N LEU G 555 32.21 0.47 66.47
CA LEU G 555 31.75 0.92 65.15
C LEU G 555 31.02 2.27 65.19
N ILE G 556 30.57 2.64 66.39
CA ILE G 556 29.93 3.93 66.63
C ILE G 556 31.06 4.98 66.80
N GLY G 557 32.25 4.51 67.13
CA GLY G 557 33.44 5.35 67.27
C GLY G 557 33.87 5.58 68.71
N MET G 558 33.23 4.89 69.66
CA MET G 558 33.47 5.08 71.11
C MET G 558 34.46 4.05 71.67
N ASP G 559 34.94 4.27 72.89
CA ASP G 559 35.80 3.29 73.54
C ASP G 559 35.03 2.41 74.52
N PRO G 560 35.03 1.08 74.28
CA PRO G 560 34.40 0.12 75.19
C PRO G 560 35.28 -0.27 76.39
N PHE G 561 36.61 -0.22 76.27
CA PHE G 561 37.50 -0.62 77.37
C PHE G 561 38.24 0.59 77.96
N ALA G 562 38.19 0.74 79.30
CA ALA G 562 38.81 1.86 80.01
C ALA G 562 39.70 1.35 81.13
N ALA H 1 13.56 26.99 65.89
CA ALA H 1 14.62 26.04 66.33
C ALA H 1 15.29 25.42 65.12
N MET H 2 16.33 24.64 65.36
CA MET H 2 16.90 23.90 64.28
C MET H 2 16.28 22.51 64.29
N ILE H 3 16.02 21.99 63.10
CA ILE H 3 15.32 20.75 62.93
C ILE H 3 16.17 19.86 62.03
N THR H 4 15.85 18.57 62.03
CA THR H 4 16.57 17.56 61.24
C THR H 4 15.92 17.39 59.87
N GLY H 5 16.74 17.18 58.85
CA GLY H 5 16.22 16.88 57.50
C GLY H 5 15.17 15.80 57.55
N GLY H 6 15.31 14.92 58.54
CA GLY H 6 14.28 13.96 58.88
C GLY H 6 12.95 14.60 59.25
N GLU H 7 12.96 15.58 60.15
CA GLU H 7 11.80 16.42 60.42
C GLU H 7 11.20 17.04 59.16
N LEU H 8 12.08 17.57 58.31
CA LEU H 8 11.66 18.25 57.10
C LEU H 8 10.78 17.36 56.23
N VAL H 9 11.11 16.06 56.21
CA VAL H 9 10.35 15.04 55.49
C VAL H 9 8.95 14.94 56.06
N VAL H 10 8.86 14.65 57.35
CA VAL H 10 7.59 14.45 58.00
C VAL H 10 6.69 15.68 57.91
N ARG H 11 7.25 16.85 58.20
CA ARG H 11 6.48 18.10 58.06
C ARG H 11 5.94 18.24 56.64
N THR H 12 6.76 17.99 55.60
CA THR H 12 6.25 18.04 54.22
C THR H 12 5.09 17.03 53.96
N LEU H 13 5.21 15.79 54.45
CA LEU H 13 4.18 14.77 54.23
C LEU H 13 2.89 15.12 54.96
N ILE H 14 3.00 15.63 56.18
CA ILE H 14 1.81 16.03 56.97
C ILE H 14 1.10 17.12 56.22
N LYS H 15 1.84 18.06 55.63
CA LYS H 15 1.25 19.08 54.74
C LYS H 15 0.48 18.54 53.52
N ALA H 16 0.91 17.40 52.96
CA ALA H 16 0.12 16.68 51.96
C ALA H 16 -1.19 16.07 52.51
N GLY H 17 -1.18 15.61 53.76
CA GLY H 17 -2.34 14.92 54.36
C GLY H 17 -2.09 13.44 54.68
N VAL H 18 -0.81 13.10 54.82
CA VAL H 18 -0.40 11.76 55.11
C VAL H 18 -0.58 11.45 56.58
N GLU H 19 -1.34 10.41 56.88
CA GLU H 19 -1.71 10.09 58.23
C GLU H 19 -1.19 8.73 58.61
N HIS H 20 -0.55 8.05 57.67
CA HIS H 20 0.00 6.73 57.94
C HIS H 20 1.24 6.55 57.10
N LEU H 21 2.21 5.80 57.59
CA LEU H 21 3.35 5.34 56.80
C LEU H 21 3.54 3.88 57.08
N PHE H 22 4.07 3.14 56.13
CA PHE H 22 4.33 1.76 56.36
C PHE H 22 5.81 1.58 56.21
N GLY H 23 6.42 0.78 57.06
CA GLY H 23 7.85 0.64 56.95
C GLY H 23 8.49 -0.30 57.91
N LEU H 24 9.81 -0.19 58.06
CA LEU H 24 10.53 -1.10 58.93
C LEU H 24 11.82 -0.40 59.33
N HIS H 25 12.10 -0.41 60.62
CA HIS H 25 13.13 0.48 61.13
C HIS H 25 14.53 0.04 60.77
N GLY H 26 15.33 1.02 60.33
CA GLY H 26 16.81 0.96 60.30
C GLY H 26 17.34 2.28 60.84
N ILE H 27 18.57 2.31 61.35
CA ILE H 27 19.06 3.55 61.96
C ILE H 27 19.18 4.73 60.98
N HIS H 28 19.26 4.42 59.69
CA HIS H 28 19.56 5.39 58.63
C HIS H 28 18.39 6.29 58.38
N ILE H 29 17.24 5.81 58.84
CA ILE H 29 15.99 6.51 58.61
C ILE H 29 15.32 6.87 59.94
N ASP H 30 16.01 6.60 61.06
CA ASP H 30 15.49 6.93 62.37
C ASP H 30 15.09 8.39 62.55
N THR H 31 15.77 9.32 61.88
CA THR H 31 15.36 10.72 61.97
C THR H 31 13.87 10.97 61.55
N ILE H 32 13.37 10.16 60.62
CA ILE H 32 11.98 10.26 60.25
C ILE H 32 11.14 9.59 61.33
N PHE H 33 11.64 8.50 61.89
CA PHE H 33 10.89 7.81 62.93
C PHE H 33 10.63 8.69 64.16
N GLN H 34 11.67 9.41 64.58
CA GLN H 34 11.54 10.30 65.70
C GLN H 34 10.58 11.43 65.37
N ALA H 35 10.67 11.97 64.16
CA ALA H 35 9.73 13.02 63.79
C ALA H 35 8.26 12.57 63.69
N CYS H 36 8.02 11.29 63.44
CA CYS H 36 6.65 10.80 63.36
C CYS H 36 6.08 10.57 64.73
N LEU H 37 6.94 10.16 65.64
CA LEU H 37 6.56 9.98 67.02
C LEU H 37 6.12 11.32 67.55
N ASP H 38 6.88 12.37 67.23
CA ASP H 38 6.63 13.76 67.61
C ASP H 38 5.23 14.22 67.21
N HIS H 39 4.81 13.83 66.01
CA HIS H 39 3.52 14.22 65.44
C HIS H 39 2.47 13.12 65.41
N ASP H 40 2.63 12.10 66.25
CA ASP H 40 1.65 11.02 66.35
C ASP H 40 1.07 10.55 65.00
N VAL H 41 1.86 10.65 63.92
CA VAL H 41 1.57 9.90 62.66
C VAL H 41 2.18 8.50 62.77
N PRO H 42 1.31 7.48 62.70
CA PRO H 42 1.67 6.09 62.98
C PRO H 42 2.54 5.57 61.89
N ILE H 43 3.56 4.82 62.25
CA ILE H 43 4.24 3.97 61.31
C ILE H 43 3.91 2.54 61.63
N ILE H 44 3.18 1.90 60.73
CA ILE H 44 2.97 0.45 60.81
C ILE H 44 4.20 -0.31 60.31
N ASP H 45 4.86 -0.99 61.24
CA ASP H 45 6.09 -1.65 60.93
C ASP H 45 5.93 -3.14 60.78
N THR H 46 6.28 -3.63 59.59
CA THR H 46 6.10 -5.04 59.25
C THR H 46 7.32 -5.90 59.58
N ARG H 47 7.26 -7.17 59.27
CA ARG H 47 8.39 -8.07 59.55
C ARG H 47 9.32 -8.27 58.33
N HIS H 48 9.03 -7.52 57.26
CA HIS H 48 9.74 -7.62 55.98
C HIS H 48 9.53 -6.29 55.22
N GLU H 49 10.58 -5.68 54.65
CA GLU H 49 10.34 -4.47 53.84
C GLU H 49 9.32 -4.64 52.70
N ALA H 50 9.25 -5.84 52.12
CA ALA H 50 8.37 -6.09 50.98
C ALA H 50 6.93 -6.03 51.41
N ALA H 51 6.65 -6.66 52.53
CA ALA H 51 5.32 -6.60 53.04
C ALA H 51 4.94 -5.15 53.32
N ALA H 52 5.92 -4.29 53.59
CA ALA H 52 5.60 -2.90 53.96
C ALA H 52 5.27 -2.13 52.68
N GLY H 53 6.03 -2.38 51.64
CA GLY H 53 5.73 -1.82 50.36
C GLY H 53 4.38 -2.24 49.86
N HIS H 54 4.02 -3.51 49.98
CA HIS H 54 2.71 -3.94 49.47
C HIS H 54 1.59 -3.34 50.28
N ALA H 55 1.85 -3.13 51.57
CA ALA H 55 0.85 -2.59 52.47
C ALA H 55 0.60 -1.16 52.10
N ALA H 56 1.63 -0.44 51.69
CA ALA H 56 1.37 0.92 51.21
C ALA H 56 0.67 0.92 49.87
N GLU H 57 0.94 -0.04 48.99
CA GLU H 57 0.08 -0.23 47.81
C GLU H 57 -1.40 -0.46 48.20
N GLY H 58 -1.63 -1.37 49.14
CA GLY H 58 -3.00 -1.70 49.60
C GLY H 58 -3.72 -0.51 50.20
N TYR H 59 -2.98 0.31 50.91
CA TYR H 59 -3.51 1.52 51.52
C TYR H 59 -3.93 2.48 50.45
N ALA H 60 -3.05 2.75 49.50
CA ALA H 60 -3.29 3.71 48.44
C ALA H 60 -4.47 3.27 47.58
N ARG H 61 -4.60 1.97 47.42
CA ARG H 61 -5.53 1.40 46.48
C ARG H 61 -6.91 1.40 47.09
N ALA H 62 -7.01 0.75 48.24
CA ALA H 62 -8.27 0.66 48.94
C ALA H 62 -8.69 1.97 49.59
N GLY H 63 -7.75 2.86 49.88
CA GLY H 63 -8.09 4.17 50.42
C GLY H 63 -8.41 5.19 49.34
N ALA H 64 -8.03 4.89 48.10
CA ALA H 64 -8.06 5.86 47.00
C ALA H 64 -7.31 7.19 47.29
N LYS H 65 -6.13 7.06 47.87
CA LYS H 65 -5.19 8.16 48.18
C LYS H 65 -3.75 7.73 47.84
N LEU H 66 -2.79 8.54 48.27
CA LEU H 66 -1.38 8.21 48.14
C LEU H 66 -0.94 7.36 49.32
N GLY H 67 0.01 6.48 49.12
CA GLY H 67 0.49 5.69 50.24
C GLY H 67 1.99 5.85 50.35
N VAL H 68 2.49 5.89 51.58
CA VAL H 68 3.92 6.07 51.76
C VAL H 68 4.60 4.85 52.34
N ALA H 69 5.78 4.54 51.78
CA ALA H 69 6.52 3.35 52.17
C ALA H 69 7.92 3.76 52.55
N LEU H 70 8.39 3.34 53.73
CA LEU H 70 9.62 3.90 54.28
C LEU H 70 10.60 2.81 54.62
N VAL H 71 11.72 2.76 53.92
CA VAL H 71 12.62 1.63 54.04
C VAL H 71 14.05 2.11 54.22
N THR H 72 14.87 1.31 54.90
CA THR H 72 16.22 1.77 55.23
C THR H 72 17.23 1.60 54.07
N ALA H 73 18.50 1.88 54.27
CA ALA H 73 19.41 1.75 53.16
C ALA H 73 19.79 0.29 52.93
N GLY H 74 20.17 -0.03 51.69
CA GLY H 74 20.74 -1.32 51.37
C GLY H 74 19.66 -2.35 51.25
N GLY H 75 19.63 -3.28 52.19
CA GLY H 75 18.65 -4.34 52.17
C GLY H 75 17.26 -3.79 52.29
N GLY H 76 17.15 -2.64 52.96
CA GLY H 76 15.84 -2.03 53.18
C GLY H 76 15.20 -1.68 51.86
N PHE H 77 16.00 -1.06 51.01
CA PHE H 77 15.57 -0.70 49.69
C PHE H 77 15.39 -1.96 48.86
N THR H 78 16.39 -2.83 48.82
CA THR H 78 16.32 -3.91 47.85
C THR H 78 15.17 -4.85 48.11
N ASN H 79 14.83 -5.05 49.38
CA ASN H 79 13.62 -5.78 49.76
C ASN H 79 12.35 -5.14 49.29
N ALA H 80 12.40 -3.87 48.97
CA ALA H 80 11.17 -3.21 48.58
C ALA H 80 11.00 -3.18 47.07
N VAL H 81 11.85 -3.89 46.34
CA VAL H 81 11.80 -3.75 44.89
C VAL H 81 10.54 -4.36 44.25
N THR H 82 10.15 -5.53 44.73
CA THR H 82 8.93 -6.18 44.23
C THR H 82 7.68 -5.29 44.38
N PRO H 83 7.47 -4.65 45.56
CA PRO H 83 6.37 -3.73 45.66
C PRO H 83 6.49 -2.59 44.69
N ILE H 84 7.71 -2.10 44.43
CA ILE H 84 7.78 -0.99 43.45
C ILE H 84 7.40 -1.47 42.07
N ALA H 85 7.88 -2.65 41.71
CA ALA H 85 7.56 -3.22 40.42
C ALA H 85 6.07 -3.42 40.34
N ASN H 86 5.47 -3.89 41.44
CA ASN H 86 4.05 -4.17 41.45
C ASN H 86 3.24 -2.88 41.33
N ALA H 87 3.58 -1.89 42.13
CA ALA H 87 3.02 -0.56 41.99
C ALA H 87 3.19 0.02 40.58
N TRP H 88 4.32 -0.28 39.96
CA TRP H 88 4.61 0.34 38.69
C TRP H 88 3.63 -0.11 37.60
N LEU H 89 3.41 -1.43 37.50
CA LEU H 89 2.51 -1.97 36.49
C LEU H 89 1.05 -1.82 36.85
N ASP H 90 0.74 -1.81 38.15
CA ASP H 90 -0.61 -1.76 38.65
C ASP H 90 -1.11 -0.36 38.54
N ARG H 91 -0.22 0.58 38.25
CA ARG H 91 -0.54 2.01 38.30
C ARG H 91 -1.07 2.42 39.70
N THR H 92 -0.25 2.24 40.73
CA THR H 92 -0.64 2.46 42.13
C THR H 92 0.17 3.63 42.70
N PRO H 93 -0.47 4.71 43.15
CA PRO H 93 0.33 5.85 43.56
C PRO H 93 0.93 5.70 44.96
N VAL H 94 2.22 5.36 45.02
CA VAL H 94 2.90 5.12 46.28
C VAL H 94 4.22 5.90 46.36
N LEU H 95 4.45 6.66 47.42
CA LEU H 95 5.77 7.25 47.60
C LEU H 95 6.65 6.35 48.43
N PHE H 96 7.76 5.94 47.84
CA PHE H 96 8.73 5.14 48.51
C PHE H 96 9.83 6.05 49.02
N LEU H 97 9.95 6.13 50.34
CA LEU H 97 11.05 6.83 50.96
C LEU H 97 12.17 5.89 51.39
N THR H 98 13.32 6.02 50.74
CA THR H 98 14.48 5.18 51.07
C THR H 98 15.68 5.96 51.64
N GLY H 99 16.36 5.38 52.62
CA GLY H 99 17.58 6.00 53.08
C GLY H 99 18.68 5.43 52.23
N SER H 100 19.84 6.06 52.24
CA SER H 100 21.07 5.45 51.72
C SER H 100 22.23 5.88 52.60
N GLY H 101 23.42 5.35 52.31
CA GLY H 101 24.65 5.75 52.99
C GLY H 101 24.89 7.24 52.88
N ALA H 102 25.68 7.76 53.79
CA ALA H 102 25.92 9.18 53.82
C ALA H 102 26.79 9.62 52.65
N LEU H 103 26.48 10.78 52.10
CA LEU H 103 27.29 11.33 51.04
C LEU H 103 28.76 11.53 51.42
N ARG H 104 29.04 11.91 52.66
CA ARG H 104 30.41 12.07 53.12
C ARG H 104 31.13 10.75 53.30
N ASP H 105 30.37 9.66 53.36
CA ASP H 105 30.94 8.34 53.57
C ASP H 105 30.96 7.62 52.22
N ASP H 106 31.01 8.40 51.16
CA ASP H 106 30.81 7.91 49.81
C ASP H 106 32.00 7.12 49.34
N GLU H 107 31.71 5.98 48.75
CA GLU H 107 32.72 5.12 48.13
C GLU H 107 33.82 4.70 49.14
N THR H 108 33.38 4.25 50.32
CA THR H 108 34.30 3.83 51.37
C THR H 108 33.97 2.44 51.87
N ASN H 109 33.14 1.72 51.13
CA ASN H 109 32.77 0.34 51.44
C ASN H 109 32.09 0.22 52.80
N THR H 110 31.21 1.16 53.13
CA THR H 110 30.54 1.15 54.45
C THR H 110 29.27 0.30 54.48
N LEU H 111 28.71 0.24 55.69
CA LEU H 111 27.48 -0.42 56.05
C LEU H 111 26.32 0.07 55.20
N GLN H 112 25.62 -0.91 54.62
CA GLN H 112 24.37 -0.73 53.87
C GLN H 112 24.50 0.21 52.65
N ALA H 113 25.71 0.59 52.30
CA ALA H 113 25.90 1.53 51.20
C ALA H 113 26.48 0.84 49.98
N GLY H 114 26.53 1.56 48.85
CA GLY H 114 27.21 1.07 47.65
C GLY H 114 26.40 0.51 46.49
N ILE H 115 25.19 0.03 46.76
CA ILE H 115 24.38 -0.44 45.67
C ILE H 115 23.55 0.74 45.14
N ASP H 116 23.67 1.09 43.83
CA ASP H 116 23.03 2.31 43.27
C ASP H 116 21.49 2.26 43.23
N GLN H 117 20.86 2.82 44.25
CA GLN H 117 19.46 2.52 44.46
C GLN H 117 18.58 3.15 43.41
N VAL H 118 18.85 4.41 43.09
CA VAL H 118 18.00 5.06 42.11
C VAL H 118 18.12 4.36 40.77
N ALA H 119 19.33 3.91 40.43
CA ALA H 119 19.57 3.30 39.13
C ALA H 119 18.75 1.98 38.95
N MET H 120 18.81 1.13 39.97
CA MET H 120 17.99 -0.07 40.11
C MET H 120 16.48 0.16 40.01
N ALA H 121 15.99 1.29 40.52
CA ALA H 121 14.56 1.61 40.50
C ALA H 121 14.16 2.52 39.35
N ALA H 122 15.12 2.98 38.56
CA ALA H 122 14.79 3.90 37.48
C ALA H 122 13.78 3.34 36.45
N PRO H 123 13.93 2.04 36.02
CA PRO H 123 12.97 1.44 35.07
C PRO H 123 11.62 1.08 35.68
N ILE H 124 11.47 1.29 36.98
CA ILE H 124 10.34 0.77 37.73
C ILE H 124 9.39 1.87 38.17
N THR H 125 9.77 3.10 37.89
CA THR H 125 9.16 4.21 38.60
C THR H 125 9.00 5.40 37.71
N LYS H 126 7.91 6.14 37.96
CA LYS H 126 7.64 7.42 37.31
C LYS H 126 8.80 8.37 37.53
N TRP H 127 9.35 8.32 38.73
CA TRP H 127 10.48 9.16 39.12
C TRP H 127 11.27 8.49 40.24
N ALA H 128 12.58 8.60 40.13
CA ALA H 128 13.48 8.00 41.06
C ALA H 128 14.51 9.09 41.25
N HIS H 129 14.80 9.49 42.48
CA HIS H 129 15.77 10.58 42.67
C HIS H 129 16.48 10.59 44.00
N ARG H 130 17.78 10.86 43.96
CA ARG H 130 18.55 11.00 45.20
C ARG H 130 18.77 12.46 45.64
N VAL H 131 18.27 12.77 46.85
CA VAL H 131 18.31 14.12 47.46
C VAL H 131 19.77 14.58 47.82
N MET H 132 20.15 15.80 47.45
CA MET H 132 21.56 16.18 47.46
C MET H 132 21.97 17.26 48.49
N ALA H 133 20.96 17.92 49.05
CA ALA H 133 21.13 18.98 50.01
C ALA H 133 19.96 18.90 50.98
N THR H 134 20.17 19.34 52.22
CA THR H 134 19.12 19.24 53.21
C THR H 134 17.96 20.20 52.95
N GLU H 135 18.25 21.37 52.39
CA GLU H 135 17.21 22.39 52.06
C GLU H 135 16.25 21.96 50.97
N HIS H 136 16.66 20.98 50.20
CA HIS H 136 15.90 20.52 49.06
C HIS H 136 14.71 19.64 49.46
N ILE H 137 14.76 19.12 50.69
CA ILE H 137 13.85 18.05 51.12
C ILE H 137 12.36 18.41 50.95
N PRO H 138 11.93 19.58 51.47
CA PRO H 138 10.54 19.93 51.33
C PRO H 138 10.11 20.01 49.88
N ARG H 139 10.91 20.59 48.99
CA ARG H 139 10.44 20.66 47.60
C ARG H 139 10.59 19.35 46.80
N LEU H 140 11.63 18.58 47.08
CA LEU H 140 11.82 17.33 46.40
C LEU H 140 10.86 16.27 46.89
N VAL H 141 10.40 16.39 48.13
CA VAL H 141 9.33 15.52 48.57
C VAL H 141 8.04 15.86 47.84
N MET H 142 7.70 17.14 47.81
CA MET H 142 6.41 17.56 47.28
C MET H 142 6.37 17.27 45.78
N GLN H 143 7.48 17.53 45.12
CA GLN H 143 7.64 17.26 43.70
C GLN H 143 7.39 15.78 43.46
N ALA H 144 7.97 14.91 44.31
CA ALA H 144 7.74 13.47 44.24
C ALA H 144 6.25 13.14 44.39
N ILE H 145 5.57 13.85 45.29
CA ILE H 145 4.16 13.61 45.56
C ILE H 145 3.30 13.91 44.35
N ARG H 146 3.59 15.03 43.67
CA ARG H 146 2.85 15.42 42.46
C ARG H 146 3.02 14.36 41.42
N ALA H 147 4.24 13.87 41.28
CA ALA H 147 4.54 12.91 40.24
C ALA H 147 3.79 11.61 40.44
N ALA H 148 3.72 11.14 41.68
CA ALA H 148 3.06 9.87 41.94
C ALA H 148 1.56 9.98 41.70
N LEU H 149 0.99 11.15 42.01
CA LEU H 149 -0.45 11.34 42.04
C LEU H 149 -1.10 11.76 40.73
N SER H 150 -0.32 12.39 39.85
CA SER H 150 -0.79 12.71 38.51
C SER H 150 -0.99 11.44 37.65
N ALA H 151 -1.86 11.55 36.65
CA ALA H 151 -2.20 10.40 35.81
C ALA H 151 -1.14 10.16 34.73
N PRO H 152 -0.74 8.89 34.55
CA PRO H 152 -1.27 7.76 35.31
C PRO H 152 -0.56 7.60 36.64
N ARG H 153 -1.34 7.33 37.69
CA ARG H 153 -0.79 7.17 39.01
C ARG H 153 0.22 6.05 39.05
N GLY H 154 1.31 6.24 39.79
CA GLY H 154 2.39 5.25 39.84
C GLY H 154 3.34 5.46 41.00
N PRO H 155 4.32 4.56 41.16
CA PRO H 155 5.23 4.71 42.28
C PRO H 155 6.38 5.67 42.01
N VAL H 156 6.92 6.29 43.07
CA VAL H 156 8.09 7.18 42.97
C VAL H 156 9.08 6.83 44.08
N LEU H 157 10.37 6.89 43.76
CA LEU H 157 11.41 6.63 44.75
C LEU H 157 12.18 7.89 45.16
N LEU H 158 12.27 8.16 46.46
CA LEU H 158 13.08 9.28 46.90
C LEU H 158 14.17 8.81 47.83
N ASP H 159 15.42 8.96 47.40
CA ASP H 159 16.58 8.45 48.13
C ASP H 159 17.16 9.49 49.06
N LEU H 160 17.15 9.18 50.35
CA LEU H 160 17.56 10.20 51.30
C LEU H 160 18.81 9.77 52.05
N PRO H 161 19.99 10.17 51.56
CA PRO H 161 21.23 9.77 52.23
C PRO H 161 21.20 10.08 53.73
N TRP H 162 21.73 9.17 54.55
CA TRP H 162 21.70 9.25 56.05
C TRP H 162 22.24 10.55 56.62
N ASP H 163 23.22 11.03 55.89
CA ASP H 163 23.92 12.24 56.14
C ASP H 163 23.01 13.46 56.10
N ILE H 164 22.13 13.48 55.11
CA ILE H 164 21.26 14.61 54.84
C ILE H 164 20.04 14.57 55.76
N LEU H 165 19.67 13.38 56.22
CA LEU H 165 18.57 13.21 57.15
C LEU H 165 18.94 13.63 58.56
N MET H 166 20.13 13.24 59.02
CA MET H 166 20.62 13.57 60.38
C MET H 166 20.97 15.03 60.54
N ASN H 167 21.53 15.55 59.46
CA ASN H 167 21.81 16.94 59.25
C ASN H 167 20.75 17.91 59.81
N GLN H 168 21.19 19.06 60.32
CA GLN H 168 20.29 20.01 61.00
C GLN H 168 20.39 21.41 60.44
N ILE H 169 19.24 22.05 60.33
CA ILE H 169 19.11 23.42 59.80
C ILE H 169 18.02 24.19 60.54
N ASP H 170 17.92 25.50 60.24
CA ASP H 170 16.89 26.37 60.80
C ASP H 170 15.52 26.25 60.10
N GLU H 171 14.43 26.15 60.87
CA GLU H 171 13.05 26.04 60.35
C GLU H 171 12.67 27.11 59.35
N ASP H 172 13.05 28.36 59.65
CA ASP H 172 12.59 29.50 58.84
C ASP H 172 13.45 29.67 57.61
N SER H 173 14.54 28.89 57.56
CA SER H 173 15.49 28.90 56.47
C SER H 173 14.83 28.42 55.16
N VAL H 174 14.07 27.34 55.28
CA VAL H 174 13.46 26.56 54.21
C VAL H 174 11.96 26.77 54.25
N ILE H 175 11.27 26.67 53.10
CA ILE H 175 9.79 26.78 53.07
C ILE H 175 9.07 25.43 52.80
N ILE H 176 8.33 24.97 53.81
CA ILE H 176 7.55 23.74 53.69
C ILE H 176 6.30 24.05 52.87
N PRO H 177 6.25 23.59 51.61
CA PRO H 177 5.21 24.09 50.70
C PRO H 177 3.91 23.30 50.77
N ASP H 178 2.81 23.91 50.32
CA ASP H 178 1.52 23.21 50.28
C ASP H 178 1.44 22.29 49.06
N LEU H 179 0.52 21.33 49.09
CA LEU H 179 0.27 20.51 47.92
C LEU H 179 -0.72 21.21 47.02
N VAL H 180 -0.19 21.89 45.99
CA VAL H 180 -1.03 22.63 45.05
C VAL H 180 -0.98 21.94 43.70
N LEU H 181 -1.90 21.00 43.51
CA LEU H 181 -2.29 20.53 42.19
C LEU H 181 -3.80 20.24 42.23
N SER H 182 -4.50 20.59 41.16
CA SER H 182 -5.96 20.44 41.10
C SER H 182 -6.43 19.02 41.40
N ALA H 183 -7.46 18.92 42.25
CA ALA H 183 -8.15 17.65 42.56
C ALA H 183 -8.83 17.03 41.34
N HIS H 184 -9.18 17.87 40.36
CA HIS H 184 -9.92 17.49 39.17
C HIS H 184 -9.02 17.04 38.04
N GLY H 185 -9.41 16.00 37.32
CA GLY H 185 -8.66 15.55 36.14
C GLY H 185 -8.89 16.37 34.89
N ALA H 186 -8.06 16.12 33.88
CA ALA H 186 -8.21 16.83 32.61
C ALA H 186 -9.33 16.22 31.78
N ARG H 187 -10.02 17.07 31.02
CA ARG H 187 -11.20 16.65 30.29
C ARG H 187 -10.98 16.65 28.78
N PRO H 188 -11.53 15.65 28.07
CA PRO H 188 -11.43 15.58 26.63
C PRO H 188 -12.07 16.79 26.00
N ASP H 189 -11.55 17.16 24.85
CA ASP H 189 -12.06 18.28 24.13
C ASP H 189 -13.51 18.02 23.70
N PRO H 190 -14.40 19.01 23.84
CA PRO H 190 -15.81 18.80 23.48
C PRO H 190 -16.03 18.15 22.12
N ALA H 191 -15.09 18.33 21.20
CA ALA H 191 -15.25 17.81 19.84
C ALA H 191 -15.11 16.30 19.83
N ASP H 192 -14.20 15.79 20.64
CA ASP H 192 -13.98 14.33 20.77
C ASP H 192 -15.07 13.74 21.66
N LEU H 193 -15.48 14.51 22.64
CA LEU H 193 -16.54 14.10 23.56
C LEU H 193 -17.84 13.92 22.78
N ASP H 194 -18.09 14.80 21.84
CA ASP H 194 -19.31 14.68 21.04
C ASP H 194 -19.24 13.56 20.00
N GLN H 195 -18.06 13.35 19.40
CA GLN H 195 -17.80 12.18 18.55
C GLN H 195 -18.13 10.92 19.31
N ALA H 196 -17.81 10.92 20.59
CA ALA H 196 -17.94 9.72 21.36
C ALA H 196 -19.38 9.51 21.78
N LEU H 197 -20.10 10.60 22.05
CA LEU H 197 -21.46 10.43 22.51
C LEU H 197 -22.37 10.13 21.32
N ALA H 198 -22.10 10.76 20.19
CA ALA H 198 -22.79 10.50 18.93
C ALA H 198 -22.61 9.05 18.51
N LEU H 199 -21.39 8.53 18.68
CA LEU H 199 -21.08 7.12 18.41
C LEU H 199 -21.80 6.20 19.36
N LEU H 200 -21.88 6.61 20.62
CA LEU H 200 -22.49 5.80 21.66
C LEU H 200 -24.00 5.68 21.46
N ARG H 201 -24.61 6.76 20.98
CA ARG H 201 -26.02 6.77 20.69
C ARG H 201 -26.28 5.86 19.49
N LYS H 202 -25.40 5.89 18.49
CA LYS H 202 -25.55 5.11 17.26
C LYS H 202 -25.23 3.62 17.46
N ALA H 203 -24.64 3.26 18.60
CA ALA H 203 -24.31 1.87 18.91
C ALA H 203 -25.55 1.01 19.21
N GLU H 204 -25.48 -0.27 18.88
CA GLU H 204 -26.60 -1.17 19.14
C GLU H 204 -26.38 -1.99 20.37
N ARG H 205 -25.11 -2.34 20.57
CA ARG H 205 -24.74 -3.15 21.70
C ARG H 205 -23.53 -2.53 22.34
N PRO H 206 -23.67 -1.35 22.95
CA PRO H 206 -22.49 -0.70 23.49
C PRO H 206 -22.17 -1.18 24.89
N VAL H 207 -20.89 -1.16 25.23
CA VAL H 207 -20.37 -1.51 26.55
C VAL H 207 -19.33 -0.50 27.01
N ILE H 208 -19.09 -0.49 28.32
CA ILE H 208 -18.13 0.40 28.99
C ILE H 208 -17.27 -0.49 29.88
N VAL H 209 -15.95 -0.28 29.81
CA VAL H 209 -14.98 -1.03 30.60
C VAL H 209 -14.23 -0.03 31.46
N LEU H 210 -14.08 -0.34 32.74
CA LEU H 210 -13.30 0.49 33.65
C LEU H 210 -12.00 -0.20 33.99
N GLY H 211 -10.90 0.57 33.90
CA GLY H 211 -9.55 0.12 34.32
C GLY H 211 -9.17 0.67 35.69
N SER H 212 -7.90 0.51 36.09
CA SER H 212 -7.42 0.93 37.42
C SER H 212 -7.68 2.41 37.73
N GLU H 213 -7.43 3.24 36.72
CA GLU H 213 -7.59 4.70 36.78
C GLU H 213 -9.00 5.22 37.08
N ALA H 214 -10.01 4.37 36.90
CA ALA H 214 -11.37 4.74 37.26
C ALA H 214 -11.54 4.75 38.78
N SER H 215 -10.85 3.83 39.47
CA SER H 215 -10.90 3.72 40.93
C SER H 215 -9.92 4.65 41.60
N ARG H 216 -9.03 5.26 40.84
CA ARG H 216 -7.99 6.07 41.48
C ARG H 216 -8.55 7.44 41.78
N THR H 217 -9.34 7.96 40.84
CA THR H 217 -10.02 9.23 41.00
C THR H 217 -11.37 9.07 41.73
N ALA H 218 -11.92 7.85 41.64
CA ALA H 218 -13.25 7.42 42.15
C ALA H 218 -14.38 8.35 41.81
N ARG H 219 -14.64 8.60 40.54
CA ARG H 219 -15.60 9.67 40.22
C ARG H 219 -17.06 9.21 40.16
N LYS H 220 -17.47 8.61 41.28
CA LYS H 220 -18.67 7.78 41.47
C LYS H 220 -19.99 8.39 41.09
N THR H 221 -20.43 9.36 41.87
CA THR H 221 -21.79 9.85 41.68
C THR H 221 -21.95 10.48 40.28
N ALA H 222 -20.85 10.93 39.70
CA ALA H 222 -20.87 11.42 38.32
C ALA H 222 -20.94 10.30 37.29
N LEU H 223 -20.53 9.08 37.66
CA LEU H 223 -20.69 7.92 36.79
C LEU H 223 -22.10 7.38 36.84
N SER H 224 -22.62 7.28 38.06
CA SER H 224 -23.94 6.73 38.27
C SER H 224 -24.89 7.57 37.53
N ALA H 225 -24.58 8.85 37.46
CA ALA H 225 -25.47 9.80 36.80
C ALA H 225 -25.40 9.65 35.28
N PHE H 226 -24.26 9.21 34.78
CA PHE H 226 -24.06 9.01 33.35
C PHE H 226 -24.63 7.68 32.81
N VAL H 227 -24.48 6.62 33.59
CA VAL H 227 -25.07 5.33 33.28
C VAL H 227 -26.60 5.48 33.32
N ALA H 228 -27.08 6.29 34.27
CA ALA H 228 -28.50 6.46 34.54
C ALA H 228 -29.17 7.25 33.44
N ALA H 229 -28.38 7.80 32.53
CA ALA H 229 -28.94 8.59 31.45
C ALA H 229 -28.87 7.87 30.11
N THR H 230 -27.79 7.13 29.86
CA THR H 230 -27.58 6.46 28.57
C THR H 230 -28.03 5.01 28.61
N GLY H 231 -28.01 4.44 29.81
CA GLY H 231 -28.48 3.08 30.03
C GLY H 231 -27.60 2.01 29.43
N VAL H 232 -26.32 2.31 29.26
CA VAL H 232 -25.35 1.34 28.70
C VAL H 232 -24.69 0.50 29.79
N PRO H 233 -24.54 -0.81 29.54
CA PRO H 233 -23.95 -1.73 30.52
C PRO H 233 -22.53 -1.31 30.83
N VAL H 234 -21.97 -1.77 31.95
CA VAL H 234 -20.64 -1.34 32.39
C VAL H 234 -19.85 -2.51 32.98
N PHE H 235 -18.65 -2.76 32.44
CA PHE H 235 -17.76 -3.81 32.92
C PHE H 235 -16.43 -3.27 33.48
N ALA H 236 -15.65 -4.16 34.09
CA ALA H 236 -14.34 -3.79 34.62
C ALA H 236 -13.29 -4.90 34.73
N ASP H 237 -12.02 -4.53 34.67
CA ASP H 237 -10.99 -5.43 35.17
C ASP H 237 -11.03 -5.36 36.71
N TYR H 238 -10.16 -6.11 37.36
CA TYR H 238 -10.26 -6.22 38.81
C TYR H 238 -10.25 -4.91 39.56
N GLU H 239 -9.30 -4.03 39.23
CA GLU H 239 -9.12 -2.77 39.94
C GLU H 239 -10.34 -1.87 39.80
N GLY H 240 -11.06 -2.06 38.72
CA GLY H 240 -12.29 -1.31 38.49
C GLY H 240 -13.59 -1.89 39.03
N LEU H 241 -13.56 -3.06 39.67
CA LEU H 241 -14.81 -3.67 40.10
C LEU H 241 -15.50 -2.91 41.25
N SER H 242 -14.70 -2.25 42.09
CA SER H 242 -15.21 -1.47 43.25
C SER H 242 -16.13 -0.38 42.77
N MET H 243 -15.81 0.19 41.60
CA MET H 243 -16.60 1.19 40.88
C MET H 243 -17.94 0.69 40.37
N LEU H 244 -18.07 -0.62 40.15
CA LEU H 244 -19.36 -1.18 39.78
C LEU H 244 -20.33 -1.53 40.92
N SER H 245 -20.18 -0.88 42.08
CA SER H 245 -20.90 -1.36 43.25
C SER H 245 -22.07 -0.46 43.64
N GLY H 246 -21.99 0.80 43.29
CA GLY H 246 -23.13 1.67 43.51
C GLY H 246 -23.97 1.85 42.25
N LEU H 247 -24.32 0.77 41.57
CA LEU H 247 -24.98 0.91 40.28
C LEU H 247 -26.25 0.13 40.19
N PRO H 248 -27.20 0.61 39.38
CA PRO H 248 -28.32 -0.24 38.98
C PRO H 248 -27.83 -1.63 38.56
N ASP H 249 -28.52 -2.68 39.03
CA ASP H 249 -28.08 -4.08 38.92
C ASP H 249 -28.05 -4.63 37.51
N ALA H 250 -29.05 -4.22 36.73
CA ALA H 250 -29.26 -4.69 35.37
C ALA H 250 -28.24 -4.03 34.47
N MET H 251 -27.75 -2.87 34.88
CA MET H 251 -26.74 -2.18 34.12
C MET H 251 -25.30 -2.58 34.53
N ARG H 252 -25.17 -3.51 35.48
CA ARG H 252 -23.83 -4.04 35.89
C ARG H 252 -23.49 -5.28 35.08
N GLY H 253 -22.26 -5.29 34.59
CA GLY H 253 -21.76 -6.36 33.75
C GLY H 253 -20.79 -7.27 34.47
N GLY H 254 -20.06 -6.71 35.42
CA GLY H 254 -19.21 -7.51 36.25
C GLY H 254 -17.82 -7.35 35.72
N LEU H 255 -17.05 -8.42 35.85
CA LEU H 255 -15.71 -8.44 35.32
C LEU H 255 -15.66 -8.57 33.78
N VAL H 256 -14.75 -7.80 33.18
CA VAL H 256 -14.55 -7.76 31.75
C VAL H 256 -14.36 -9.16 31.17
N GLN H 257 -14.10 -10.15 32.02
CA GLN H 257 -13.86 -11.52 31.56
C GLN H 257 -15.15 -12.27 31.25
N ASN H 258 -16.26 -11.54 31.18
CA ASN H 258 -17.54 -12.17 30.89
C ASN H 258 -17.80 -11.99 29.45
N LEU H 259 -17.04 -11.08 28.85
CA LEU H 259 -17.19 -10.72 27.46
C LEU H 259 -16.72 -11.83 26.55
N TYR H 260 -16.48 -13.01 27.13
CA TYR H 260 -15.97 -14.14 26.36
C TYR H 260 -17.09 -14.79 25.56
N SER H 261 -18.05 -15.43 26.25
CA SER H 261 -19.07 -16.23 25.55
C SER H 261 -20.02 -15.38 24.71
N PHE H 262 -19.61 -14.13 24.52
CA PHE H 262 -20.39 -13.13 23.82
C PHE H 262 -20.33 -13.27 22.31
N ALA H 263 -19.27 -13.93 21.82
CA ALA H 263 -19.15 -14.24 20.40
C ALA H 263 -20.07 -15.43 20.02
N LYS H 264 -19.94 -16.58 20.68
CA LYS H 264 -20.81 -17.71 20.34
C LYS H 264 -22.28 -17.48 20.76
N ALA H 265 -22.58 -16.31 21.29
CA ALA H 265 -23.97 -15.91 21.43
C ALA H 265 -24.41 -14.83 20.41
N ASP H 266 -23.61 -14.62 19.36
CA ASP H 266 -23.80 -13.52 18.40
C ASP H 266 -24.15 -12.23 19.13
N ALA H 267 -23.42 -11.93 20.19
CA ALA H 267 -23.75 -10.82 21.07
C ALA H 267 -22.51 -9.99 21.37
N ALA H 268 -21.44 -10.20 20.61
CA ALA H 268 -20.22 -9.42 20.80
C ALA H 268 -20.51 -7.93 20.62
N PRO H 269 -20.05 -7.10 21.57
CA PRO H 269 -20.33 -5.68 21.56
C PRO H 269 -20.10 -4.97 20.24
N ASP H 270 -21.10 -4.18 19.85
CA ASP H 270 -21.07 -3.25 18.74
C ASP H 270 -20.00 -2.16 18.89
N LEU H 271 -19.80 -1.71 20.14
CA LEU H 271 -18.95 -0.55 20.47
C LEU H 271 -18.38 -0.75 21.86
N VAL H 272 -17.11 -0.43 22.06
CA VAL H 272 -16.46 -0.60 23.36
C VAL H 272 -15.90 0.73 23.85
N LEU H 273 -16.40 1.19 24.98
CA LEU H 273 -15.84 2.37 25.61
C LEU H 273 -14.88 2.00 26.76
N MET H 274 -13.59 2.23 26.53
CA MET H 274 -12.56 1.86 27.47
C MET H 274 -12.09 3.04 28.27
N LEU H 275 -12.43 3.07 29.55
CA LEU H 275 -12.01 4.17 30.42
C LEU H 275 -10.88 3.77 31.37
N GLY H 276 -9.65 3.88 30.86
CA GLY H 276 -8.46 3.58 31.63
C GLY H 276 -7.99 2.15 31.54
N ALA H 277 -8.75 1.31 30.85
CA ALA H 277 -8.33 -0.06 30.66
C ALA H 277 -7.31 -0.05 29.55
N ARG H 278 -6.29 -0.88 29.71
CA ARG H 278 -5.22 -1.01 28.75
C ARG H 278 -5.40 -2.31 27.97
N PHE H 279 -4.97 -2.33 26.71
CA PHE H 279 -4.95 -3.58 25.97
C PHE H 279 -3.82 -4.38 26.57
N GLY H 280 -4.17 -5.44 27.29
CA GLY H 280 -3.18 -6.16 28.06
C GLY H 280 -3.80 -7.40 28.61
N LEU H 281 -3.13 -8.02 29.59
CA LEU H 281 -3.55 -9.31 30.13
C LEU H 281 -5.04 -9.32 30.49
N ASN H 282 -5.52 -8.23 31.07
CA ASN H 282 -6.89 -8.17 31.57
C ASN H 282 -7.98 -8.13 30.51
N THR H 283 -7.65 -7.60 29.35
CA THR H 283 -8.64 -7.37 28.34
C THR H 283 -8.44 -8.25 27.11
N GLY H 284 -7.77 -9.39 27.30
CA GLY H 284 -7.59 -10.38 26.26
C GLY H 284 -6.71 -9.92 25.11
N HIS H 285 -5.61 -9.26 25.48
CA HIS H 285 -4.56 -8.75 24.58
C HIS H 285 -5.14 -8.10 23.32
N GLY H 286 -4.49 -8.36 22.19
CA GLY H 286 -5.02 -7.95 20.89
C GLY H 286 -5.85 -9.01 20.17
N SER H 287 -6.12 -10.12 20.86
CA SER H 287 -6.73 -11.31 20.28
C SER H 287 -8.18 -11.08 19.88
N GLY H 288 -8.83 -10.18 20.58
CA GLY H 288 -10.17 -9.83 20.24
C GLY H 288 -11.20 -10.81 20.78
N GLN H 289 -10.81 -11.66 21.72
CA GLN H 289 -11.82 -12.48 22.42
C GLN H 289 -12.66 -11.70 23.43
N LEU H 290 -12.11 -10.66 24.06
CA LEU H 290 -12.92 -9.83 24.95
C LEU H 290 -13.48 -8.60 24.23
N ILE H 291 -12.60 -7.88 23.56
CA ILE H 291 -12.95 -6.64 22.88
C ILE H 291 -12.84 -6.95 21.40
N PRO H 292 -13.98 -7.24 20.72
CA PRO H 292 -13.94 -7.77 19.33
C PRO H 292 -13.29 -6.84 18.31
N HIS H 293 -12.54 -7.42 17.37
CA HIS H 293 -11.94 -6.64 16.28
C HIS H 293 -13.04 -5.98 15.42
N SER H 294 -14.19 -6.64 15.32
CA SER H 294 -15.33 -6.11 14.58
C SER H 294 -15.92 -4.83 15.21
N ALA H 295 -15.91 -4.72 16.54
CA ALA H 295 -16.42 -3.53 17.25
C ALA H 295 -15.58 -2.26 17.09
N GLN H 296 -16.25 -1.11 17.12
CA GLN H 296 -15.58 0.18 17.19
C GLN H 296 -15.16 0.49 18.61
N VAL H 297 -13.87 0.70 18.81
CA VAL H 297 -13.32 0.94 20.16
C VAL H 297 -12.97 2.42 20.42
N ILE H 298 -13.48 2.94 21.53
CA ILE H 298 -13.15 4.31 21.92
C ILE H 298 -12.36 4.19 23.20
N GLN H 299 -11.10 4.62 23.17
CA GLN H 299 -10.27 4.42 24.34
C GLN H 299 -9.74 5.71 24.97
N VAL H 300 -9.93 5.85 26.27
CA VAL H 300 -9.41 6.98 27.03
C VAL H 300 -8.39 6.52 28.03
N ASP H 301 -7.23 7.15 27.98
CA ASP H 301 -6.14 6.75 28.82
C ASP H 301 -5.23 7.93 29.00
N PRO H 302 -4.67 8.12 30.21
CA PRO H 302 -3.82 9.29 30.46
C PRO H 302 -2.59 9.27 29.59
N ASP H 303 -2.20 8.06 29.23
CA ASP H 303 -0.90 7.77 28.66
C ASP H 303 -1.05 7.39 27.16
N ALA H 304 -0.58 8.27 26.27
CA ALA H 304 -0.78 8.09 24.84
C ALA H 304 -0.17 6.84 24.18
N CYS H 305 0.82 6.18 24.79
CA CYS H 305 1.38 4.94 24.23
C CYS H 305 0.25 3.94 24.11
N GLU H 306 -0.55 3.88 25.18
CA GLU H 306 -1.60 2.87 25.34
C GLU H 306 -2.71 2.90 24.31
N LEU H 307 -2.82 4.03 23.60
CA LEU H 307 -3.97 4.33 22.78
C LEU H 307 -4.02 3.42 21.61
N GLY H 308 -4.75 2.35 21.82
CA GLY H 308 -4.79 1.24 20.91
C GLY H 308 -3.43 0.64 20.61
N ARG H 309 -2.68 0.23 21.63
CA ARG H 309 -1.37 -0.36 21.35
C ARG H 309 -1.46 -1.74 20.70
N LEU H 310 -2.55 -2.46 20.95
CA LEU H 310 -2.65 -3.86 20.49
C LEU H 310 -3.67 -4.14 19.41
N GLN H 311 -4.80 -3.45 19.46
CA GLN H 311 -5.74 -3.40 18.35
C GLN H 311 -5.75 -1.96 17.90
N GLY H 312 -6.15 -1.75 16.65
CA GLY H 312 -6.46 -0.42 16.14
C GLY H 312 -7.83 -0.03 16.67
N ILE H 313 -7.92 1.19 17.20
CA ILE H 313 -9.16 1.67 17.79
C ILE H 313 -9.82 2.71 16.90
N ALA H 314 -11.05 3.10 17.23
CA ALA H 314 -11.77 4.11 16.42
C ALA H 314 -11.50 5.57 16.83
N LEU H 315 -11.15 5.79 18.11
CA LEU H 315 -10.80 7.12 18.59
C LEU H 315 -10.08 6.98 19.87
N GLY H 316 -9.02 7.76 20.01
CA GLY H 316 -8.21 7.76 21.24
C GLY H 316 -7.98 9.14 21.83
N ILE H 317 -8.36 9.30 23.11
CA ILE H 317 -8.28 10.60 23.79
C ILE H 317 -7.32 10.53 24.98
N VAL H 318 -6.39 11.48 25.07
CA VAL H 318 -5.54 11.61 26.27
C VAL H 318 -6.17 12.57 27.24
N ALA H 319 -6.56 12.04 28.40
CA ALA H 319 -7.08 12.80 29.54
C ALA H 319 -7.31 11.86 30.72
N ASP H 320 -7.69 12.44 31.85
CA ASP H 320 -7.90 11.65 33.05
C ASP H 320 -9.22 10.91 32.95
N VAL H 321 -9.18 9.61 33.26
CA VAL H 321 -10.40 8.82 33.28
C VAL H 321 -11.47 9.38 34.21
N GLY H 322 -11.10 9.78 35.42
CA GLY H 322 -12.05 10.35 36.36
C GLY H 322 -12.65 11.62 35.82
N GLY H 323 -11.79 12.45 35.26
CA GLY H 323 -12.21 13.72 34.69
C GLY H 323 -13.09 13.53 33.48
N THR H 324 -12.89 12.44 32.74
CA THR H 324 -13.68 12.15 31.55
C THR H 324 -15.12 11.83 31.91
N ILE H 325 -15.29 11.01 32.94
CA ILE H 325 -16.62 10.69 33.45
C ILE H 325 -17.41 11.93 33.86
N GLU H 326 -16.72 12.94 34.38
CA GLU H 326 -17.35 14.23 34.68
C GLU H 326 -17.95 14.89 33.44
N ALA H 327 -17.16 15.01 32.37
CA ALA H 327 -17.58 15.59 31.09
C ALA H 327 -18.71 14.78 30.49
N LEU H 328 -18.79 13.53 30.90
CA LEU H 328 -19.80 12.62 30.38
C LEU H 328 -21.21 12.81 30.93
N ALA H 329 -21.36 13.00 32.26
CA ALA H 329 -22.68 13.32 32.84
C ALA H 329 -23.16 14.72 32.36
N GLN H 330 -22.24 15.66 32.51
CA GLN H 330 -22.27 17.03 31.98
C GLN H 330 -23.03 17.24 30.67
N ALA H 331 -22.57 16.54 29.64
CA ALA H 331 -23.14 16.72 28.32
C ALA H 331 -24.30 15.75 28.08
N THR H 332 -24.62 14.93 29.09
CA THR H 332 -25.70 13.95 28.99
C THR H 332 -26.95 14.40 29.75
N ALA H 333 -26.81 15.42 30.59
CA ALA H 333 -28.00 16.04 31.18
C ALA H 333 -28.94 16.78 30.17
N GLN H 334 -28.40 17.21 29.02
CA GLN H 334 -29.20 17.85 27.95
C GLN H 334 -29.63 16.86 26.86
N ASP H 335 -28.84 15.79 26.73
CA ASP H 335 -29.09 14.77 25.73
C ASP H 335 -30.29 13.92 26.17
N ALA H 336 -31.50 14.40 25.90
CA ALA H 336 -32.70 13.78 26.45
C ALA H 336 -33.02 12.46 25.75
N ALA H 337 -32.50 12.29 24.54
CA ALA H 337 -32.96 11.21 23.67
C ALA H 337 -32.05 9.96 23.64
N TRP H 338 -31.76 9.37 24.80
CA TRP H 338 -30.94 8.15 24.78
C TRP H 338 -31.77 6.88 24.52
N PRO H 339 -31.40 6.07 23.50
CA PRO H 339 -32.20 4.86 23.21
C PRO H 339 -32.31 3.96 24.42
N ASP H 340 -33.37 3.17 24.47
CA ASP H 340 -33.57 2.21 25.56
C ASP H 340 -32.66 0.99 25.38
N ARG H 341 -32.03 0.57 26.48
CA ARG H 341 -31.12 -0.57 26.41
C ARG H 341 -31.61 -1.79 27.20
N GLY H 342 -32.86 -1.76 27.66
CA GLY H 342 -33.46 -2.89 28.41
C GLY H 342 -33.23 -4.27 27.81
N ASP H 343 -33.46 -4.40 26.50
CA ASP H 343 -33.19 -5.63 25.73
C ASP H 343 -31.73 -6.06 25.76
N TRP H 344 -30.86 -5.09 25.54
CA TRP H 344 -29.41 -5.32 25.50
C TRP H 344 -28.89 -5.61 26.89
N CYS H 345 -29.37 -4.84 27.87
CA CYS H 345 -28.97 -5.01 29.27
C CYS H 345 -29.40 -6.37 29.80
N ALA H 346 -30.55 -6.87 29.33
CA ALA H 346 -31.09 -8.17 29.73
C ALA H 346 -30.20 -9.30 29.26
N LYS H 347 -29.82 -9.28 27.97
CA LYS H 347 -28.89 -10.26 27.37
C LYS H 347 -27.60 -10.41 28.16
N VAL H 348 -27.07 -9.28 28.60
CA VAL H 348 -25.80 -9.22 29.31
C VAL H 348 -25.87 -9.96 30.62
N THR H 349 -26.85 -9.60 31.44
CA THR H 349 -26.96 -10.19 32.78
C THR H 349 -27.38 -11.65 32.66
N ASP H 350 -28.13 -11.94 31.60
CA ASP H 350 -28.48 -13.31 31.29
C ASP H 350 -27.25 -14.16 30.98
N LEU H 351 -26.32 -13.63 30.18
CA LEU H 351 -25.14 -14.38 29.77
C LEU H 351 -24.17 -14.62 30.91
N ALA H 352 -24.04 -13.64 31.81
CA ALA H 352 -23.14 -13.73 32.98
C ALA H 352 -23.74 -14.73 33.94
N GLN H 353 -25.06 -14.84 33.92
CA GLN H 353 -25.71 -15.78 34.78
C GLN H 353 -25.77 -17.19 34.17
N GLU H 354 -25.88 -17.29 32.85
CA GLU H 354 -25.78 -18.60 32.15
C GLU H 354 -24.43 -19.22 32.45
N ARG H 355 -23.42 -18.35 32.53
CA ARG H 355 -22.05 -18.72 32.86
C ARG H 355 -21.98 -19.21 34.26
N TYR H 356 -22.65 -18.48 35.16
CA TYR H 356 -22.62 -18.83 36.57
C TYR H 356 -23.29 -20.17 36.81
N ALA H 357 -24.40 -20.43 36.13
CA ALA H 357 -25.15 -21.66 36.35
C ALA H 357 -24.39 -22.85 35.80
N SER H 358 -23.69 -22.57 34.70
CA SER H 358 -22.87 -23.56 34.03
C SER H 358 -21.73 -24.09 34.92
N ILE H 359 -21.21 -23.25 35.82
CA ILE H 359 -20.13 -23.65 36.75
C ILE H 359 -20.66 -24.39 37.96
N ALA H 360 -21.72 -23.82 38.55
CA ALA H 360 -22.34 -24.31 39.78
C ALA H 360 -22.83 -25.74 39.64
N ALA H 361 -23.35 -26.04 38.45
CA ALA H 361 -23.94 -27.33 38.14
C ALA H 361 -22.88 -28.38 37.91
N LYS H 362 -21.70 -27.93 37.47
CA LYS H 362 -20.61 -28.82 37.12
C LYS H 362 -19.62 -28.99 38.28
N SER H 363 -19.98 -28.48 39.46
CA SER H 363 -19.11 -28.54 40.63
C SER H 363 -19.66 -29.48 41.70
N SER H 364 -18.93 -30.59 41.87
CA SER H 364 -19.16 -31.63 42.88
C SER H 364 -18.28 -31.36 44.09
N SER H 365 -18.89 -31.34 45.26
CA SER H 365 -18.16 -31.09 46.49
C SER H 365 -18.22 -32.31 47.39
N GLU H 366 -18.54 -33.47 46.80
CA GLU H 366 -18.85 -34.67 47.59
C GLU H 366 -17.62 -35.40 48.14
N HIS H 367 -16.49 -35.37 47.43
CA HIS H 367 -15.29 -36.01 47.95
C HIS H 367 -14.41 -35.05 48.72
N ALA H 368 -14.23 -33.86 48.17
CA ALA H 368 -13.50 -32.83 48.86
C ALA H 368 -13.98 -31.49 48.32
N LEU H 369 -13.94 -30.48 49.18
CA LEU H 369 -14.61 -29.21 48.93
C LEU H 369 -14.07 -28.55 47.70
N HIS H 370 -15.02 -28.23 46.83
CA HIS H 370 -14.73 -27.73 45.53
C HIS H 370 -14.42 -26.26 45.64
N PRO H 371 -13.35 -25.81 44.99
CA PRO H 371 -12.89 -24.44 45.17
C PRO H 371 -13.99 -23.44 44.80
N PHE H 372 -14.93 -23.84 43.95
CA PHE H 372 -16.02 -22.93 43.59
C PHE H 372 -17.04 -22.79 44.73
N HIS H 373 -17.49 -23.93 45.27
CA HIS H 373 -18.36 -24.01 46.45
C HIS H 373 -17.74 -23.26 47.61
N ALA H 374 -16.45 -23.47 47.82
CA ALA H 374 -15.66 -22.66 48.75
C ALA H 374 -15.64 -21.14 48.46
N SER H 375 -15.60 -20.73 47.19
CA SER H 375 -15.72 -19.33 46.84
C SER H 375 -17.10 -18.79 47.16
N GLN H 376 -18.14 -19.57 46.94
CA GLN H 376 -19.50 -19.11 47.21
C GLN H 376 -19.71 -18.82 48.69
N VAL H 377 -18.99 -19.51 49.56
CA VAL H 377 -19.21 -19.32 50.99
C VAL H 377 -18.69 -17.97 51.37
N ILE H 378 -17.65 -17.54 50.66
CA ILE H 378 -17.09 -16.22 50.85
C ILE H 378 -18.01 -15.17 50.22
N ALA H 379 -18.65 -15.49 49.11
CA ALA H 379 -19.42 -14.46 48.40
C ALA H 379 -20.64 -14.04 49.20
N LYS H 380 -21.22 -14.93 49.99
CA LYS H 380 -22.45 -14.54 50.67
C LYS H 380 -22.20 -13.49 51.79
N HIS H 381 -20.94 -13.21 52.08
CA HIS H 381 -20.58 -12.17 53.09
C HIS H 381 -20.03 -10.89 52.44
N VAL H 382 -20.02 -10.83 51.12
CA VAL H 382 -19.46 -9.67 50.47
C VAL H 382 -20.53 -8.61 50.19
N ASP H 383 -20.49 -7.53 50.96
CA ASP H 383 -21.26 -6.31 50.67
C ASP H 383 -20.36 -5.08 50.64
N ALA H 384 -20.99 -3.93 50.65
CA ALA H 384 -20.30 -2.64 50.61
C ALA H 384 -19.37 -2.40 51.82
N GLY H 385 -19.44 -3.29 52.83
CA GLY H 385 -18.67 -3.13 54.08
C GLY H 385 -17.46 -4.04 54.19
N VAL H 386 -17.15 -4.73 53.09
CA VAL H 386 -16.02 -5.67 53.01
C VAL H 386 -15.12 -5.33 51.83
N THR H 387 -13.82 -5.30 52.07
CA THR H 387 -12.82 -5.14 51.01
C THR H 387 -12.14 -6.48 50.83
N VAL H 388 -12.44 -7.20 49.76
CA VAL H 388 -11.78 -8.50 49.55
C VAL H 388 -10.48 -8.37 48.74
N VAL H 389 -9.41 -8.97 49.28
CA VAL H 389 -8.10 -9.06 48.63
C VAL H 389 -7.82 -10.49 48.19
N ALA H 390 -7.29 -10.65 46.97
CA ALA H 390 -7.05 -11.96 46.37
C ALA H 390 -5.62 -12.14 45.90
N ASP H 391 -5.13 -13.35 46.15
CA ASP H 391 -3.78 -13.75 45.87
C ASP H 391 -3.95 -15.23 45.58
N GLY H 392 -2.84 -15.92 45.30
CA GLY H 392 -2.89 -17.33 44.95
C GLY H 392 -2.95 -17.54 43.44
N GLY H 393 -2.95 -18.81 43.04
CA GLY H 393 -2.93 -19.12 41.61
C GLY H 393 -4.31 -19.46 41.09
N LEU H 394 -4.74 -20.68 41.37
CA LEU H 394 -6.05 -21.12 40.97
C LEU H 394 -7.08 -20.39 41.81
N THR H 395 -6.71 -20.02 43.03
CA THR H 395 -7.75 -19.56 43.94
C THR H 395 -8.42 -18.26 43.51
N TYR H 396 -7.65 -17.34 42.91
CA TYR H 396 -8.22 -16.04 42.49
C TYR H 396 -8.95 -16.18 41.18
N LEU H 397 -8.55 -17.21 40.44
CA LEU H 397 -9.20 -17.59 39.21
C LEU H 397 -10.56 -18.18 39.47
N TRP H 398 -10.71 -18.90 40.59
CA TRP H 398 -12.03 -19.40 40.98
C TRP H 398 -12.94 -18.29 41.52
N LEU H 399 -12.37 -17.39 42.32
CA LEU H 399 -13.09 -16.31 42.95
C LEU H 399 -13.77 -15.39 41.96
N SER H 400 -13.11 -15.12 40.86
CA SER H 400 -13.68 -14.23 39.85
C SER H 400 -15.08 -14.63 39.43
N GLU H 401 -15.37 -15.93 39.41
CA GLU H 401 -16.68 -16.40 38.95
C GLU H 401 -17.79 -16.07 39.95
N VAL H 402 -17.41 -15.84 41.20
CA VAL H 402 -18.38 -15.47 42.25
C VAL H 402 -18.45 -13.96 42.54
N MET H 403 -17.53 -13.19 41.95
CA MET H 403 -17.34 -11.76 42.28
C MET H 403 -18.14 -10.75 41.45
N SER H 404 -18.75 -11.19 40.35
CA SER H 404 -19.45 -10.23 39.49
C SER H 404 -20.79 -9.88 40.08
N ARG H 405 -21.41 -10.87 40.73
CA ARG H 405 -22.75 -10.67 41.28
C ARG H 405 -22.81 -9.97 42.64
N VAL H 406 -21.71 -9.98 43.40
CA VAL H 406 -21.71 -9.29 44.70
C VAL H 406 -21.05 -7.91 44.58
N LYS H 407 -21.45 -6.98 45.43
CA LYS H 407 -21.02 -5.60 45.32
C LYS H 407 -20.09 -5.23 46.49
N PRO H 408 -18.76 -5.36 46.32
CA PRO H 408 -17.82 -5.08 47.42
C PRO H 408 -17.39 -3.61 47.58
N GLY H 409 -17.01 -3.26 48.81
CA GLY H 409 -16.47 -1.95 49.11
C GLY H 409 -15.10 -1.78 48.46
N GLY H 410 -14.44 -2.88 48.21
CA GLY H 410 -13.12 -2.80 47.63
C GLY H 410 -12.75 -4.19 47.17
N PHE H 411 -12.05 -4.25 46.04
CA PHE H 411 -11.54 -5.49 45.51
C PHE H 411 -10.17 -5.30 44.89
N LEU H 412 -9.18 -5.89 45.53
CA LEU H 412 -7.80 -5.76 45.12
C LEU H 412 -7.27 -7.13 44.73
N CYS H 413 -7.02 -7.31 43.45
CA CYS H 413 -6.56 -8.59 42.94
C CYS H 413 -5.24 -8.39 42.21
N HIS H 414 -4.81 -9.40 41.45
CA HIS H 414 -3.50 -9.38 40.83
C HIS H 414 -3.38 -8.39 39.70
N GLY H 415 -2.26 -7.66 39.66
CA GLY H 415 -1.89 -6.81 38.52
C GLY H 415 -1.24 -7.59 37.39
N TYR H 416 -0.59 -6.89 36.46
CA TYR H 416 0.12 -7.56 35.39
C TYR H 416 1.32 -8.37 35.87
N LEU H 417 1.94 -7.93 36.96
CA LEU H 417 3.16 -8.59 37.45
C LEU H 417 2.85 -9.99 37.94
N ASN H 418 1.63 -10.18 38.43
CA ASN H 418 1.10 -11.48 38.83
C ASN H 418 2.07 -12.23 39.74
N SER H 419 2.53 -11.50 40.75
CA SER H 419 3.55 -11.97 41.65
C SER H 419 2.83 -12.59 42.86
N MET H 420 3.07 -13.89 43.06
CA MET H 420 2.47 -14.63 44.15
C MET H 420 3.01 -14.18 45.52
N GLY H 421 2.12 -14.05 46.48
CA GLY H 421 2.55 -13.70 47.82
C GLY H 421 2.38 -12.24 48.25
N VAL H 422 2.16 -11.32 47.30
CA VAL H 422 1.95 -9.88 47.58
C VAL H 422 0.69 -9.61 48.40
N GLY H 423 -0.10 -10.67 48.56
CA GLY H 423 -1.31 -10.75 49.42
C GLY H 423 -1.35 -10.13 50.81
N PHE H 424 -0.54 -10.61 51.76
CA PHE H 424 -0.60 -10.02 53.12
C PHE H 424 -0.29 -8.54 53.07
N GLY H 425 0.79 -8.19 52.36
CA GLY H 425 1.27 -6.83 52.34
C GLY H 425 0.09 -5.97 51.97
N THR H 426 -0.47 -6.22 50.80
CA THR H 426 -1.57 -5.42 50.29
C THR H 426 -2.76 -5.51 51.21
N ALA H 427 -3.11 -6.69 51.72
CA ALA H 427 -4.37 -6.84 52.46
C ALA H 427 -4.32 -6.15 53.80
N LEU H 428 -3.11 -6.14 54.33
CA LEU H 428 -2.79 -5.48 55.60
C LEU H 428 -3.02 -3.97 55.49
N GLY H 429 -2.27 -3.35 54.60
CA GLY H 429 -2.46 -1.94 54.30
C GLY H 429 -3.87 -1.56 53.89
N ALA H 430 -4.59 -2.45 53.22
CA ALA H 430 -5.97 -2.15 52.88
C ALA H 430 -6.80 -2.01 54.16
N GLN H 431 -6.50 -2.86 55.15
CA GLN H 431 -7.28 -2.91 56.37
C GLN H 431 -7.06 -1.63 57.16
N VAL H 432 -5.88 -1.05 56.99
CA VAL H 432 -5.57 0.21 57.61
C VAL H 432 -6.37 1.36 57.00
N ALA H 433 -6.50 1.42 55.68
CA ALA H 433 -7.38 2.42 55.08
C ALA H 433 -8.86 2.10 55.32
N ASP H 434 -9.17 0.83 55.51
CA ASP H 434 -10.53 0.41 55.81
C ASP H 434 -10.99 0.67 57.26
N LEU H 435 -10.06 0.97 58.16
CA LEU H 435 -10.42 1.26 59.55
C LEU H 435 -11.23 2.52 59.64
N GLU H 436 -10.80 3.53 58.90
CA GLU H 436 -11.42 4.84 58.95
C GLU H 436 -12.88 4.71 58.59
N ALA H 437 -13.18 3.82 57.65
CA ALA H 437 -14.55 3.58 57.17
C ALA H 437 -15.31 2.55 58.04
N GLY H 438 -14.58 1.76 58.79
CA GLY H 438 -15.19 0.63 59.48
C GLY H 438 -15.29 -0.65 58.67
N ARG H 439 -14.94 -0.61 57.38
CA ARG H 439 -14.99 -1.80 56.49
C ARG H 439 -13.98 -2.84 56.93
N ARG H 440 -14.27 -4.09 56.67
CA ARG H 440 -13.45 -5.20 57.13
C ARG H 440 -12.70 -5.77 55.94
N THR H 441 -11.45 -6.18 56.16
CA THR H 441 -10.68 -6.73 55.08
C THR H 441 -10.53 -8.24 55.22
N ILE H 442 -10.78 -8.94 54.12
CA ILE H 442 -10.61 -10.37 54.03
C ILE H 442 -9.57 -10.57 52.94
N LEU H 443 -8.50 -11.32 53.21
CA LEU H 443 -7.59 -11.76 52.13
C LEU H 443 -7.88 -13.19 51.77
N VAL H 444 -8.26 -13.47 50.52
CA VAL H 444 -8.38 -14.85 50.04
C VAL H 444 -7.15 -15.30 49.22
N THR H 445 -6.32 -16.15 49.81
CA THR H 445 -4.99 -16.47 49.29
C THR H 445 -4.85 -17.98 49.16
N GLY H 446 -3.90 -18.47 48.38
CA GLY H 446 -3.62 -19.90 48.28
C GLY H 446 -2.55 -20.32 49.27
N ASP H 447 -2.32 -21.62 49.36
CA ASP H 447 -1.40 -22.16 50.34
C ASP H 447 0.06 -21.81 50.04
N GLY H 448 0.40 -21.61 48.77
CA GLY H 448 1.77 -21.33 48.42
C GLY H 448 2.09 -19.88 48.69
N SER H 449 1.13 -19.03 48.34
CA SER H 449 1.30 -17.58 48.39
C SER H 449 1.38 -17.03 49.80
N VAL H 450 0.81 -17.75 50.76
CA VAL H 450 0.78 -17.24 52.12
C VAL H 450 2.17 -17.40 52.66
N GLY H 451 2.90 -18.37 52.11
CA GLY H 451 4.25 -18.70 52.57
C GLY H 451 5.26 -17.59 52.42
N TYR H 452 5.00 -16.68 51.48
CA TYR H 452 5.90 -15.55 51.22
C TYR H 452 5.93 -14.59 52.39
N SER H 453 4.76 -14.26 52.93
CA SER H 453 4.72 -13.22 53.92
C SER H 453 4.25 -13.69 55.32
N ILE H 454 4.46 -14.97 55.64
CA ILE H 454 3.78 -15.57 56.78
C ILE H 454 4.07 -14.98 58.16
N GLY H 455 5.21 -14.34 58.37
CA GLY H 455 5.51 -13.74 59.68
C GLY H 455 4.66 -12.52 60.01
N GLU H 456 3.92 -12.06 59.02
CA GLU H 456 3.13 -10.84 59.16
C GLU H 456 1.91 -11.06 60.03
N PHE H 457 1.64 -12.34 60.34
CA PHE H 457 0.66 -12.63 61.36
C PHE H 457 1.05 -11.91 62.64
N ASP H 458 2.37 -11.75 62.82
CA ASP H 458 2.86 -11.02 63.97
C ASP H 458 2.45 -9.54 63.91
N THR H 459 2.50 -8.94 62.72
CA THR H 459 2.15 -7.52 62.56
C THR H 459 0.66 -7.39 62.80
N LEU H 460 -0.07 -8.38 62.35
CA LEU H 460 -1.50 -8.42 62.55
C LEU H 460 -1.88 -8.42 64.03
N VAL H 461 -1.18 -9.18 64.87
CA VAL H 461 -1.50 -9.21 66.28
C VAL H 461 -0.92 -7.99 67.00
N ARG H 462 0.33 -7.63 66.69
CA ARG H 462 0.97 -6.50 67.35
C ARG H 462 0.19 -5.21 67.11
N LYS H 463 -0.43 -5.10 65.93
CA LYS H 463 -1.10 -3.86 65.60
C LYS H 463 -2.59 -4.00 65.71
N GLN H 464 -3.02 -5.19 66.13
CA GLN H 464 -4.43 -5.55 66.14
C GLN H 464 -5.20 -5.22 64.83
N LEU H 465 -4.61 -5.56 63.68
CA LEU H 465 -5.29 -5.40 62.40
C LEU H 465 -6.16 -6.63 62.12
N PRO H 466 -7.48 -6.45 62.10
CA PRO H 466 -8.37 -7.59 62.13
C PRO H 466 -8.62 -8.19 60.74
N LEU H 467 -7.53 -8.41 60.00
CA LEU H 467 -7.57 -9.00 58.68
C LEU H 467 -7.87 -10.47 58.86
N ILE H 468 -8.91 -10.94 58.18
CA ILE H 468 -9.20 -12.37 58.16
C ILE H 468 -8.48 -12.96 56.96
N VAL H 469 -7.61 -13.94 57.20
CA VAL H 469 -6.77 -14.49 56.13
C VAL H 469 -7.27 -15.89 55.78
N ILE H 470 -7.99 -16.02 54.68
CA ILE H 470 -8.53 -17.33 54.27
C ILE H 470 -7.57 -17.99 53.29
N ILE H 471 -7.05 -19.15 53.66
CA ILE H 471 -6.12 -19.88 52.79
C ILE H 471 -6.77 -21.10 52.13
N MET H 472 -6.80 -21.11 50.80
CA MET H 472 -7.41 -22.21 50.08
C MET H 472 -6.31 -23.20 49.80
N ASN H 473 -6.21 -24.19 50.67
CA ASN H 473 -5.10 -25.11 50.72
C ASN H 473 -5.37 -26.33 49.88
N ASN H 474 -4.70 -26.39 48.74
CA ASN H 474 -4.67 -27.62 47.92
C ASN H 474 -3.32 -28.32 47.94
N GLN H 475 -2.56 -28.07 49.01
CA GLN H 475 -1.28 -28.70 49.26
C GLN H 475 -0.34 -28.60 48.07
N SER H 476 -0.54 -27.55 47.28
CA SER H 476 0.39 -27.29 46.19
C SER H 476 0.37 -25.87 45.64
N TRP H 477 1.48 -25.51 44.99
CA TRP H 477 1.47 -24.45 43.99
C TRP H 477 0.50 -24.82 42.84
N GLY H 478 -0.75 -24.40 42.98
CA GLY H 478 -1.85 -24.88 42.14
C GLY H 478 -1.71 -24.57 40.68
N TRP H 479 -1.50 -23.31 40.34
CA TRP H 479 -1.57 -22.91 38.94
C TRP H 479 -0.47 -23.55 38.12
N THR H 480 0.69 -23.70 38.74
CA THR H 480 1.85 -24.15 38.01
C THR H 480 1.85 -25.64 37.89
N LEU H 481 1.31 -26.34 38.89
CA LEU H 481 1.23 -27.79 38.85
C LEU H 481 0.30 -28.20 37.74
N HIS H 482 -0.75 -27.41 37.55
CA HIS H 482 -1.77 -27.70 36.54
C HIS H 482 -1.16 -27.51 35.18
N PHE H 483 -0.24 -26.56 35.07
CA PHE H 483 0.48 -26.35 33.80
C PHE H 483 1.35 -27.57 33.52
N GLN H 484 2.04 -28.02 34.56
CA GLN H 484 2.97 -29.13 34.45
C GLN H 484 2.34 -30.43 33.97
N GLN H 485 1.14 -30.71 34.46
CA GLN H 485 0.53 -31.98 34.17
C GLN H 485 -0.46 -31.87 33.00
N LEU H 486 -1.22 -30.79 32.98
CA LEU H 486 -2.18 -30.65 31.89
C LEU H 486 -1.61 -29.99 30.60
N ALA H 487 -0.33 -29.62 30.59
CA ALA H 487 0.27 -29.00 29.39
C ALA H 487 1.58 -29.63 28.95
N VAL H 488 2.28 -30.29 29.86
CA VAL H 488 3.58 -30.86 29.56
C VAL H 488 3.51 -32.39 29.66
N GLY H 489 3.04 -32.91 30.79
CA GLY H 489 2.86 -34.34 30.95
C GLY H 489 2.45 -34.76 32.35
N PRO H 490 1.37 -35.56 32.46
CA PRO H 490 0.79 -36.07 33.71
C PRO H 490 1.79 -36.60 34.76
N ASN H 491 2.80 -37.35 34.35
CA ASN H 491 3.77 -37.95 35.31
C ASN H 491 4.87 -37.01 35.79
N ARG H 492 5.11 -35.90 35.08
CA ARG H 492 6.23 -35.01 35.40
C ARG H 492 5.83 -33.69 36.08
N VAL H 493 5.32 -33.85 37.30
CA VAL H 493 5.04 -32.78 38.23
C VAL H 493 6.26 -32.78 39.13
N THR H 494 6.98 -31.66 39.20
CA THR H 494 8.09 -31.51 40.16
C THR H 494 8.23 -30.10 40.66
N GLY H 495 8.66 -30.00 41.91
CA GLY H 495 8.82 -28.71 42.58
C GLY H 495 7.55 -27.87 42.74
N THR H 496 6.38 -28.50 42.53
CA THR H 496 5.11 -27.80 42.72
C THR H 496 4.24 -28.35 43.87
N ARG H 497 4.68 -29.44 44.50
CA ARG H 497 3.91 -29.97 45.62
C ARG H 497 4.36 -29.35 46.93
N LEU H 498 3.40 -29.06 47.80
CA LEU H 498 3.66 -28.50 49.12
C LEU H 498 2.91 -29.31 50.16
N GLU H 499 3.30 -30.57 50.35
CA GLU H 499 2.51 -31.47 51.21
C GLU H 499 2.89 -31.41 52.69
N ASN H 500 2.82 -30.19 53.26
CA ASN H 500 3.31 -29.93 54.62
C ASN H 500 2.73 -28.71 55.34
N GLY H 501 2.40 -28.90 56.63
CA GLY H 501 2.30 -27.80 57.63
C GLY H 501 0.95 -27.22 58.00
N SER H 502 0.64 -27.21 59.30
CA SER H 502 -0.48 -26.43 59.82
C SER H 502 -0.22 -24.95 59.65
N TYR H 503 -0.88 -24.33 58.68
CA TYR H 503 -0.83 -22.88 58.60
C TYR H 503 -1.64 -22.31 59.76
N HIS H 504 -2.68 -23.03 60.16
CA HIS H 504 -3.51 -22.57 61.25
C HIS H 504 -2.75 -22.62 62.57
N GLY H 505 -1.97 -23.67 62.77
CA GLY H 505 -1.08 -23.72 63.91
C GLY H 505 -0.04 -22.60 63.93
N VAL H 506 0.36 -22.14 62.74
CA VAL H 506 1.31 -21.03 62.67
C VAL H 506 0.71 -19.75 63.18
N ALA H 507 -0.55 -19.44 62.84
CA ALA H 507 -1.14 -18.17 63.25
C ALA H 507 -1.36 -18.17 64.75
N ALA H 508 -1.73 -19.31 65.29
CA ALA H 508 -1.86 -19.48 66.75
C ALA H 508 -0.52 -19.30 67.45
N ALA H 509 0.56 -19.67 66.78
CA ALA H 509 1.88 -19.41 67.32
C ALA H 509 2.25 -17.93 67.23
N PHE H 510 1.51 -17.15 66.44
CA PHE H 510 1.76 -15.73 66.35
C PHE H 510 0.69 -14.92 67.11
N GLY H 511 -0.30 -15.64 67.63
CA GLY H 511 -1.33 -15.07 68.50
C GLY H 511 -2.66 -14.84 67.83
N ALA H 512 -2.79 -15.22 66.57
CA ALA H 512 -4.09 -15.10 65.87
C ALA H 512 -4.91 -16.38 65.98
N ASP H 513 -6.20 -16.30 65.74
CA ASP H 513 -7.05 -17.47 65.84
C ASP H 513 -6.73 -18.39 64.68
N GLY H 514 -6.44 -19.66 64.98
CA GLY H 514 -6.26 -20.63 63.91
C GLY H 514 -7.53 -21.44 63.71
N TYR H 515 -8.02 -21.51 62.48
CA TYR H 515 -9.14 -22.38 62.18
C TYR H 515 -8.74 -23.42 61.11
N HIS H 516 -9.19 -24.67 61.29
CA HIS H 516 -9.03 -25.71 60.25
C HIS H 516 -10.38 -26.29 59.78
N VAL H 517 -10.77 -25.98 58.55
CA VAL H 517 -12.03 -26.47 58.00
C VAL H 517 -11.86 -27.21 56.67
N ASP H 518 -12.82 -28.05 56.33
CA ASP H 518 -12.71 -28.84 55.12
C ASP H 518 -13.96 -28.97 54.24
N SER H 519 -15.14 -28.88 54.84
CA SER H 519 -16.37 -28.90 54.04
C SER H 519 -16.98 -27.50 53.92
N VAL H 520 -18.06 -27.41 53.17
CA VAL H 520 -18.87 -26.18 53.07
C VAL H 520 -19.36 -25.67 54.45
N GLU H 521 -19.91 -26.59 55.25
CA GLU H 521 -20.49 -26.25 56.55
C GLU H 521 -19.43 -25.79 57.56
N SER H 522 -18.35 -26.55 57.67
CA SER H 522 -17.25 -26.23 58.58
C SER H 522 -16.80 -24.80 58.37
N PHE H 523 -16.74 -24.45 57.10
CA PHE H 523 -16.13 -23.24 56.67
C PHE H 523 -17.02 -22.04 56.95
N SER H 524 -18.32 -22.17 56.66
CA SER H 524 -19.23 -21.04 56.76
C SER H 524 -19.38 -20.70 58.21
N ALA H 525 -19.26 -21.75 59.03
CA ALA H 525 -19.24 -21.61 60.47
C ALA H 525 -17.95 -20.94 60.94
N ALA H 526 -16.79 -21.39 60.51
CA ALA H 526 -15.57 -20.70 60.89
C ALA H 526 -15.44 -19.31 60.27
N LEU H 527 -16.02 -19.09 59.08
CA LEU H 527 -15.95 -17.76 58.48
C LEU H 527 -16.81 -16.78 59.27
N ALA H 528 -18.07 -17.18 59.51
CA ALA H 528 -19.02 -16.41 60.34
C ALA H 528 -18.46 -16.10 61.72
N GLN H 529 -17.65 -17.03 62.20
CA GLN H 529 -17.04 -16.99 63.50
C GLN H 529 -16.03 -15.85 63.57
N ALA H 530 -15.09 -15.84 62.63
CA ALA H 530 -13.98 -14.91 62.65
C ALA H 530 -14.47 -13.50 62.34
N LEU H 531 -15.57 -13.43 61.60
CA LEU H 531 -16.22 -12.16 61.22
C LEU H 531 -16.93 -11.46 62.39
N ALA H 532 -17.61 -12.20 63.26
CA ALA H 532 -18.17 -11.54 64.42
C ALA H 532 -17.09 -11.02 65.40
N HIS H 533 -15.92 -11.70 65.52
CA HIS H 533 -14.82 -11.13 66.31
C HIS H 533 -14.09 -10.06 65.52
N ASN H 534 -13.86 -8.92 66.14
CA ASN H 534 -13.05 -7.90 65.51
C ASN H 534 -11.53 -8.04 65.79
N ARG H 535 -11.00 -9.23 65.55
CA ARG H 535 -9.57 -9.50 65.73
C ARG H 535 -9.03 -10.34 64.55
N PRO H 536 -7.72 -10.33 64.34
CA PRO H 536 -7.20 -11.08 63.18
C PRO H 536 -7.43 -12.60 63.28
N ALA H 537 -7.83 -13.22 62.16
CA ALA H 537 -7.96 -14.69 62.08
C ALA H 537 -7.32 -15.33 60.84
N CYS H 538 -7.14 -16.64 60.93
CA CYS H 538 -6.61 -17.43 59.86
C CYS H 538 -7.49 -18.64 59.67
N ILE H 539 -8.09 -18.75 58.51
CA ILE H 539 -8.86 -19.95 58.20
C ILE H 539 -8.10 -20.82 57.19
N ASN H 540 -7.68 -22.01 57.62
CA ASN H 540 -7.08 -23.00 56.72
C ASN H 540 -8.12 -23.90 56.02
N VAL H 541 -8.51 -23.56 54.80
CA VAL H 541 -9.44 -24.42 54.03
C VAL H 541 -8.81 -25.50 53.17
N ALA H 542 -9.14 -26.75 53.48
CA ALA H 542 -8.82 -27.90 52.59
C ALA H 542 -9.68 -27.90 51.33
N VAL H 543 -9.05 -27.83 50.18
CA VAL H 543 -9.79 -27.77 48.91
C VAL H 543 -9.26 -28.73 47.82
N ALA H 544 -10.13 -29.14 46.91
CA ALA H 544 -9.77 -29.98 45.78
C ALA H 544 -8.78 -29.29 44.83
N LEU H 545 -7.92 -30.08 44.20
CA LEU H 545 -6.90 -29.52 43.31
C LEU H 545 -7.23 -29.63 41.84
N ASP H 546 -7.74 -30.80 41.43
CA ASP H 546 -7.99 -31.16 40.02
C ASP H 546 -8.88 -30.19 39.22
N PRO H 547 -9.87 -29.54 39.89
CA PRO H 547 -10.78 -28.61 39.23
C PRO H 547 -10.09 -27.50 38.44
N ILE H 548 -10.45 -27.39 37.16
CA ILE H 548 -9.89 -26.39 36.23
C ILE H 548 -10.79 -25.13 36.17
N PRO H 549 -10.26 -23.97 36.61
CA PRO H 549 -11.05 -22.75 36.57
C PRO H 549 -11.25 -22.38 35.12
N PRO H 550 -12.48 -21.97 34.74
CA PRO H 550 -12.75 -21.59 33.37
C PRO H 550 -11.78 -20.53 32.87
N GLU H 551 -11.22 -19.72 33.77
CA GLU H 551 -10.24 -18.74 33.33
C GLU H 551 -8.89 -19.39 32.99
N GLU H 552 -8.64 -20.63 33.41
CA GLU H 552 -7.34 -21.21 33.15
C GLU H 552 -7.24 -21.64 31.70
N LEU H 553 -8.34 -22.19 31.19
CA LEU H 553 -8.46 -22.65 29.81
C LEU H 553 -8.70 -21.50 28.82
N ILE H 554 -9.33 -20.41 29.31
CA ILE H 554 -9.62 -19.21 28.51
C ILE H 554 -8.35 -18.38 28.29
N LEU H 555 -7.47 -18.35 29.28
CA LEU H 555 -6.19 -17.63 29.22
C LEU H 555 -5.15 -18.30 28.31
N ILE H 556 -5.12 -19.63 28.33
CA ILE H 556 -4.27 -20.40 27.40
C ILE H 556 -4.78 -20.30 25.95
N GLY H 557 -6.01 -19.82 25.77
CA GLY H 557 -6.56 -19.58 24.46
C GLY H 557 -7.50 -20.67 23.99
N MET H 558 -7.81 -21.62 24.86
CA MET H 558 -8.83 -22.64 24.54
C MET H 558 -10.20 -22.28 25.10
N ASP H 559 -11.20 -23.11 24.81
CA ASP H 559 -12.55 -22.90 25.34
C ASP H 559 -12.78 -23.71 26.61
N PRO H 560 -13.54 -23.14 27.57
CA PRO H 560 -13.81 -23.88 28.80
C PRO H 560 -15.11 -24.66 28.74
N PHE H 561 -15.97 -24.35 27.77
CA PHE H 561 -17.25 -25.03 27.56
C PHE H 561 -17.15 -26.00 26.34
N ALA H 562 -18.25 -26.47 25.76
CA ALA H 562 -18.16 -27.42 24.63
C ALA H 562 -19.51 -27.87 24.13
MG MG I . 16.49 0.15 -30.30
N1' TPP J . 3.90 -1.43 -29.19
C2' TPP J . 3.39 -0.97 -30.34
CM2 TPP J . 2.78 -1.95 -31.32
N3' TPP J . 3.41 0.33 -30.63
C4' TPP J . 3.96 1.24 -29.77
N4' TPP J . 3.98 2.62 -30.09
C5' TPP J . 4.52 0.79 -28.53
C6' TPP J . 4.46 -0.61 -28.26
C7' TPP J . 5.17 1.79 -27.48
N3 TPP J . 6.54 2.14 -27.89
C2 TPP J . 6.76 3.27 -28.57
S1 TPP J . 8.43 3.40 -28.90
C5 TPP J . 8.92 1.96 -28.13
C4 TPP J . 7.70 1.37 -27.62
CM4 TPP J . 7.70 0.07 -26.85
C6 TPP J . 10.39 1.51 -28.11
C7 TPP J . 10.86 1.19 -29.56
O7 TPP J . 12.08 0.42 -29.52
PA TPP J . 13.01 0.15 -30.79
O1A TPP J . 14.21 -0.69 -30.43
O2A TPP J . 12.19 -0.46 -31.89
O3A TPP J . 13.48 1.60 -31.18
PB TPP J . 14.49 2.40 -30.27
O1B TPP J . 15.74 2.62 -31.10
O2B TPP J . 13.79 3.69 -29.89
O3B TPP J . 14.83 1.55 -29.08
MG MG K . 4.70 -28.18 -41.54
N1' TPP L . -4.61 -20.06 -39.32
C2' TPP L . -4.00 -18.93 -39.65
CM2 TPP L . -3.74 -17.87 -38.60
N3' TPP L . -3.62 -18.70 -40.90
C4' TPP L . -3.81 -19.60 -41.90
N4' TPP L . -3.38 -19.32 -43.22
C5' TPP L . -4.46 -20.82 -41.59
C6' TPP L . -4.86 -21.03 -40.23
C7' TPP L . -4.69 -21.91 -42.68
N3 TPP L . -3.80 -23.04 -42.39
C2 TPP L . -4.24 -24.07 -41.66
S1 TPP L . -2.99 -25.20 -41.50
C5 TPP L . -1.83 -24.37 -42.40
C4 TPP L . -2.46 -23.16 -42.83
CM4 TPP L . -1.75 -22.11 -43.67
C6 TPP L . -0.41 -24.93 -42.62
C7 TPP L . 0.32 -25.11 -41.27
O7 TPP L . 1.69 -25.37 -41.53
PA TPP L . 2.63 -25.89 -40.37
O1A TPP L . 4.02 -26.09 -40.93
O2A TPP L . 2.61 -24.88 -39.25
O3A TPP L . 2.03 -27.26 -39.92
PB TPP L . 2.10 -28.49 -40.91
O1B TPP L . 2.92 -29.55 -40.22
O2B TPP L . 0.71 -28.96 -41.21
O3B TPP L . 2.81 -28.05 -42.18
MG MG M . -48.81 14.69 -16.32
N1' TPP N . -38.85 11.10 -23.36
C2' TPP N . -38.74 9.82 -23.00
CM2 TPP N . -39.04 8.73 -24.04
N3' TPP N . -38.39 9.49 -21.77
C4' TPP N . -38.13 10.46 -20.84
N4' TPP N . -37.76 10.07 -19.52
C5' TPP N . -38.23 11.86 -21.17
C6' TPP N . -38.62 12.13 -22.51
C7' TPP N . -37.93 13.03 -20.15
N3 TPP N . -38.99 13.08 -19.14
C2 TPP N . -38.84 12.42 -17.98
S1 TPP N . -40.25 12.62 -17.04
C5 TPP N . -41.09 13.59 -18.18
C4 TPP N . -40.21 13.75 -19.32
CM4 TPP N . -40.56 14.54 -20.57
C6 TPP N . -42.51 14.15 -17.96
C7 TPP N . -43.56 13.02 -18.07
O7 TPP N . -44.82 13.63 -18.34
PA TPP N . -46.18 12.86 -18.03
O1A TPP N . -47.38 13.76 -18.21
O2A TPP N . -46.29 11.65 -18.92
O3A TPP N . -46.07 12.46 -16.51
PB TPP N . -46.24 13.54 -15.36
O1B TPP N . -47.48 13.19 -14.59
O2B TPP N . -45.02 13.49 -14.48
O3B TPP N . -46.38 14.90 -15.99
MG MG O . -54.74 4.06 -47.00
N1' TPP P . -42.68 1.48 -43.25
C2' TPP P . -42.89 1.24 -41.95
CM2 TPP P . -42.28 2.14 -40.89
N3' TPP P . -43.64 0.24 -41.55
C4' TPP P . -44.23 -0.60 -42.44
N4' TPP P . -45.03 -1.67 -41.97
C5' TPP P . -44.03 -0.38 -43.83
C6' TPP P . -43.22 0.71 -44.22
C7' TPP P . -44.67 -1.31 -44.90
N3 TPP P . -45.75 -0.60 -45.59
C2 TPP P . -45.49 -0.07 -46.79
S1 TPP P . -46.93 0.64 -47.36
C5 TPP P . -47.92 0.25 -46.04
C4 TPP P . -47.06 -0.47 -45.13
CM4 TPP P . -47.56 -1.02 -43.80
C6 TPP P . -49.41 0.65 -45.95
C7 TPP P . -49.58 2.18 -45.82
O7 TPP P . -50.96 2.51 -45.62
PA TPP P . -51.43 4.01 -45.77
O1A TPP P . -52.87 4.15 -45.35
O2A TPP P . -50.50 4.91 -44.99
O3A TPP P . -51.35 4.37 -47.30
PB TPP P . -52.28 3.65 -48.34
O1B TPP P . -53.06 4.68 -49.11
O2B TPP P . -51.35 2.88 -49.23
O3B TPP P . -53.24 2.75 -47.58
MG MG Q . 32.31 34.39 19.31
N1' TPP R . 30.49 23.05 24.84
C2' TPP R . 29.20 22.95 24.63
CM2 TPP R . 28.67 21.84 23.73
N3' TPP R . 28.35 23.80 25.19
C4' TPP R . 28.79 24.80 25.99
N4' TPP R . 27.88 25.70 26.58
C5' TPP R . 30.16 24.95 26.25
C6' TPP R . 31.02 24.01 25.63
C7' TPP R . 30.70 26.08 27.17
N3 TPP R . 30.40 27.39 26.59
C2 TPP R . 29.32 28.08 27.01
S1 TPP R . 29.27 29.55 26.16
C5 TPP R . 30.68 29.30 25.21
C4 TPP R . 31.19 28.01 25.61
CM4 TPP R . 32.45 27.37 25.04
C6 TPP R . 31.25 30.30 24.17
C7 TPP R . 30.75 30.01 22.74
O7 TPP R . 31.56 30.71 21.77
PA TPP R . 30.85 31.35 20.48
O1A TPP R . 31.95 31.92 19.62
O2A TPP R . 29.99 30.32 19.75
O3A TPP R . 29.91 32.52 21.00
PB TPP R . 30.50 33.89 21.56
O1B TPP R . 30.05 35.05 20.70
O2B TPP R . 29.97 34.04 22.96
O3B TPP R . 32.00 33.73 21.55
MG MG S . 35.88 8.04 0.31
N1' TPP T . 30.15 4.82 11.41
C2' TPP T . 29.56 6.01 11.54
CM2 TPP T . 29.85 6.89 12.73
N3' TPP T . 28.73 6.45 10.62
C4' TPP T . 28.42 5.73 9.49
N4' TPP T . 27.51 6.27 8.55
C5' TPP T . 29.00 4.44 9.31
C6' TPP T . 29.89 4.02 10.34
C7' TPP T . 28.70 3.55 8.04
N3 TPP T . 29.82 3.69 7.09
C2 TPP T . 30.83 2.80 7.11
S1 TPP T . 31.99 3.21 5.92
C5 TPP T . 31.17 4.58 5.36
C4 TPP T . 29.97 4.70 6.13
CM4 TPP T . 28.96 5.82 5.92
C6 TPP T . 31.71 5.46 4.23
C7 TPP T . 33.11 5.97 4.60
O7 TPP T . 33.40 7.06 3.72
PA TPP T . 34.90 7.55 3.60
O1A TPP T . 35.00 8.52 2.44
O2A TPP T . 35.40 8.14 4.90
O3A TPP T . 35.70 6.24 3.29
PB TPP T . 35.50 5.50 1.92
O1B TPP T . 36.82 5.44 1.17
O2B TPP T . 35.02 4.10 2.18
O3B TPP T . 34.53 6.31 1.10
MG MG U . 16.85 -10.08 68.63
N1' TPP V . 16.36 -4.10 57.15
C2' TPP V . 17.31 -4.82 56.53
CM2 TPP V . 16.95 -5.74 55.37
N3' TPP V . 18.57 -4.77 56.93
C4' TPP V . 18.94 -3.98 57.95
N4' TPP V . 20.30 -3.97 58.32
C5' TPP V . 17.99 -3.19 58.64
C6' TPP V . 16.64 -3.29 58.19
C7' TPP V . 18.37 -2.26 59.84
N3 TPP V . 18.72 -3.08 61.01
C2 TPP V . 19.99 -3.46 61.19
S1 TPP V . 20.07 -4.42 62.59
C5 TPP V . 18.42 -4.36 63.02
C4 TPP V . 17.81 -3.55 61.99
CM4 TPP V . 16.32 -3.23 61.96
C6 TPP V . 17.84 -5.10 64.26
C7 TPP V . 17.96 -6.64 64.13
O7 TPP V . 17.14 -7.30 65.11
PA TPP V . 17.39 -8.84 65.47
O1A TPP V . 16.38 -9.30 66.51
O2A TPP V . 17.37 -9.63 64.19
O3A TPP V . 18.83 -8.97 66.11
PB TPP V . 19.14 -8.31 67.53
O1B TPP V . 19.61 -9.39 68.46
O2B TPP V . 20.15 -7.21 67.31
O3B TPP V . 17.84 -7.76 68.05
MG MG W . -2.74 -23.66 46.45
N1' TPP X . 4.97 -14.95 40.91
C2' TPP X . 5.95 -15.17 41.79
CM2 TPP X . 6.49 -14.05 42.67
N3' TPP X . 6.47 -16.38 41.92
C4' TPP X . 6.06 -17.45 41.19
N4' TPP X . 6.69 -18.69 41.41
C5' TPP X . 5.01 -17.28 40.23
C6' TPP X . 4.47 -15.95 40.12
C7' TPP X . 4.46 -18.47 39.35
N3 TPP X . 3.19 -18.97 39.90
C2 TPP X . 2.04 -18.44 39.47
S1 TPP X . 0.75 -19.20 40.29
C5 TPP X . 1.68 -20.24 41.24
C4 TPP X . 3.05 -19.97 40.88
CM4 TPP X . 4.20 -20.73 41.54
C6 TPP X . 1.07 -21.24 42.24
C7 TPP X . 0.31 -20.48 43.35
O7 TPP X . 0.03 -21.42 44.38
PA TPP X . -1.01 -21.01 45.51
O1A TPP X . -1.16 -22.15 46.48
O2A TPP X . -0.68 -19.73 46.20
O3A TPP X . -2.35 -20.80 44.72
PB TPP X . -3.07 -22.04 44.08
O1B TPP X . -4.41 -22.15 44.77
O2B TPP X . -3.22 -21.79 42.61
O3B TPP X . -2.26 -23.27 44.35
#